data_2L69
#
_entry.id   2L69
#
_entity_poly.entity_id   1
_entity_poly.type   'polypeptide(L)'
_entity_poly.pdbx_seq_one_letter_code
;MNIVIVVFSTDEETLRKFKDIIKKNGFKVRTVRSPQELKDSIEELVKKYNATIVVVVVDDKEWAEKAIRFVKSLGAQVLI
IIYDQDQNRLEEFSREVRRRGFEVRTVTSPDDFKKSLERLIREVGSLEHHHHHH
;
_entity_poly.pdbx_strand_id   A
#
# COMPACT_ATOMS: atom_id res chain seq x y z
N MET A 1 -11.35 0.61 -5.63
CA MET A 1 -11.13 0.10 -4.25
C MET A 1 -9.82 0.62 -3.65
N ASN A 2 -9.69 0.57 -2.32
CA ASN A 2 -8.51 1.09 -1.61
C ASN A 2 -7.23 0.28 -1.91
N ILE A 3 -6.07 0.90 -1.66
CA ILE A 3 -4.77 0.28 -1.90
C ILE A 3 -3.73 0.67 -0.82
N VAL A 4 -2.90 -0.29 -0.40
CA VAL A 4 -1.87 -0.05 0.62
C VAL A 4 -0.45 -0.25 0.06
N ILE A 5 0.50 0.55 0.53
CA ILE A 5 1.90 0.44 0.08
C ILE A 5 2.88 0.26 1.25
N VAL A 6 3.63 -0.83 1.23
CA VAL A 6 4.63 -1.10 2.28
C VAL A 6 6.07 -0.87 1.75
N VAL A 7 6.78 0.08 2.35
CA VAL A 7 8.13 0.44 1.88
C VAL A 7 9.20 0.07 2.93
N PHE A 8 10.10 -0.85 2.57
CA PHE A 8 11.20 -1.25 3.47
C PHE A 8 12.35 -0.23 3.47
N SER A 9 12.29 0.73 2.55
CA SER A 9 13.32 1.77 2.45
C SER A 9 13.12 2.86 3.50
N THR A 10 14.00 2.87 4.51
CA THR A 10 13.97 3.90 5.55
C THR A 10 14.52 5.23 5.03
N ASP A 11 15.14 5.19 3.85
CA ASP A 11 15.68 6.39 3.20
C ASP A 11 14.56 7.20 2.52
N GLU A 12 14.45 8.48 2.90
CA GLU A 12 13.37 9.36 2.45
C GLU A 12 13.35 9.52 0.92
N GLU A 13 14.54 9.62 0.30
CA GLU A 13 14.66 9.84 -1.15
C GLU A 13 13.84 8.83 -1.96
N THR A 14 13.91 7.55 -1.60
CA THR A 14 13.13 6.50 -2.29
C THR A 14 11.62 6.71 -2.09
N LEU A 15 11.24 6.96 -0.83
CA LEU A 15 9.82 7.21 -0.49
C LEU A 15 9.29 8.46 -1.21
N ARG A 16 10.17 9.43 -1.43
CA ARG A 16 9.82 10.68 -2.10
C ARG A 16 9.23 10.42 -3.49
N LYS A 17 9.87 9.54 -4.27
CA LYS A 17 9.37 9.15 -5.59
C LYS A 17 7.94 8.58 -5.48
N PHE A 18 7.74 7.69 -4.51
CA PHE A 18 6.43 7.07 -4.28
C PHE A 18 5.34 8.13 -4.02
N LYS A 19 5.62 9.03 -3.07
CA LYS A 19 4.67 10.10 -2.71
C LYS A 19 4.37 11.02 -3.91
N ASP A 20 5.39 11.30 -4.72
CA ASP A 20 5.24 12.17 -5.88
C ASP A 20 4.30 11.55 -6.93
N ILE A 21 4.53 10.28 -7.25
CA ILE A 21 3.70 9.56 -8.23
C ILE A 21 2.24 9.44 -7.75
N ILE A 22 2.05 9.24 -6.45
CA ILE A 22 0.70 9.16 -5.87
C ILE A 22 -0.07 10.48 -6.05
N LYS A 23 0.47 11.58 -5.51
CA LYS A 23 -0.18 12.89 -5.60
C LYS A 23 -0.34 13.34 -7.06
N LYS A 24 0.55 12.86 -7.93
CA LYS A 24 0.44 13.10 -9.38
C LYS A 24 -0.95 12.70 -9.89
N ASN A 25 -1.47 11.58 -9.38
CA ASN A 25 -2.79 11.07 -9.79
C ASN A 25 -3.93 11.76 -9.02
N GLY A 26 -3.58 12.59 -8.04
CA GLY A 26 -4.59 13.35 -7.30
C GLY A 26 -5.03 12.69 -5.98
N PHE A 27 -4.30 11.67 -5.55
CA PHE A 27 -4.63 10.97 -4.30
C PHE A 27 -3.90 11.56 -3.09
N LYS A 28 -4.51 11.43 -1.91
CA LYS A 28 -3.87 11.87 -0.66
C LYS A 28 -2.99 10.73 -0.09
N VAL A 29 -2.05 11.08 0.80
CA VAL A 29 -1.08 10.10 1.32
C VAL A 29 -1.03 10.08 2.85
N ARG A 30 -0.79 8.90 3.43
CA ARG A 30 -0.51 8.77 4.86
C ARG A 30 0.68 7.83 5.12
N THR A 31 1.81 8.39 5.55
CA THR A 31 3.00 7.58 5.85
C THR A 31 2.96 7.05 7.29
N VAL A 32 2.72 5.75 7.44
CA VAL A 32 2.65 5.13 8.78
C VAL A 32 4.05 4.85 9.35
N ARG A 33 4.25 5.23 10.61
CA ARG A 33 5.51 4.95 11.31
C ARG A 33 5.26 4.20 12.64
N SER A 34 3.98 4.05 13.01
CA SER A 34 3.58 3.38 14.26
C SER A 34 2.23 2.67 14.08
N PRO A 35 1.98 1.58 14.84
CA PRO A 35 0.76 0.77 14.68
C PRO A 35 -0.54 1.60 14.77
N GLN A 36 -0.61 2.52 15.72
CA GLN A 36 -1.80 3.37 15.87
C GLN A 36 -1.99 4.29 14.65
N GLU A 37 -0.90 4.62 13.97
CA GLU A 37 -0.96 5.43 12.74
C GLU A 37 -1.68 4.69 11.61
N LEU A 38 -1.69 3.36 11.69
CA LEU A 38 -2.43 2.54 10.73
C LEU A 38 -3.91 2.43 11.13
N LYS A 39 -4.15 2.03 12.38
CA LYS A 39 -5.52 1.93 12.93
C LYS A 39 -6.27 3.27 12.82
N ASP A 40 -5.56 4.35 13.15
CA ASP A 40 -6.15 5.70 13.13
C ASP A 40 -6.70 6.06 11.75
N SER A 41 -6.07 5.54 10.70
CA SER A 41 -6.56 5.73 9.33
C SER A 41 -7.97 5.16 9.17
N ILE A 42 -8.19 3.96 9.71
CA ILE A 42 -9.51 3.33 9.70
C ILE A 42 -10.50 4.12 10.58
N GLU A 43 -10.03 4.61 11.72
CA GLU A 43 -10.84 5.48 12.59
C GLU A 43 -11.37 6.70 11.82
N GLU A 44 -10.57 7.18 10.87
CA GLU A 44 -11.00 8.26 9.98
C GLU A 44 -11.94 7.75 8.87
N LEU A 45 -11.57 6.64 8.22
CA LEU A 45 -12.34 6.09 7.10
C LEU A 45 -13.79 5.77 7.49
N VAL A 46 -14.01 5.30 8.72
CA VAL A 46 -15.37 4.99 9.19
C VAL A 46 -16.22 6.27 9.33
N LYS A 47 -15.56 7.42 9.47
CA LYS A 47 -16.25 8.71 9.56
C LYS A 47 -16.38 9.37 8.18
N LYS A 48 -15.25 9.48 7.47
CA LYS A 48 -15.21 10.05 6.13
C LYS A 48 -14.23 9.27 5.24
N TYR A 49 -14.73 8.70 4.15
CA TYR A 49 -13.90 7.91 3.23
C TYR A 49 -13.56 8.69 1.95
N ASN A 50 -12.37 9.29 1.94
CA ASN A 50 -11.86 10.03 0.77
C ASN A 50 -10.59 9.36 0.23
N ALA A 51 -10.23 9.65 -1.01
CA ALA A 51 -9.09 9.00 -1.68
C ALA A 51 -7.75 9.30 -0.97
N THR A 52 -7.36 8.41 -0.05
CA THR A 52 -6.07 8.51 0.65
C THR A 52 -5.32 7.17 0.63
N ILE A 53 -4.20 7.11 -0.09
CA ILE A 53 -3.37 5.90 -0.13
C ILE A 53 -2.43 5.86 1.09
N VAL A 54 -2.54 4.80 1.89
CA VAL A 54 -1.73 4.65 3.10
C VAL A 54 -0.41 3.90 2.82
N VAL A 55 0.70 4.59 3.06
CA VAL A 55 2.03 4.02 2.85
C VAL A 55 2.70 3.67 4.19
N VAL A 56 2.79 2.37 4.49
CA VAL A 56 3.43 1.91 5.72
C VAL A 56 4.96 1.79 5.52
N VAL A 57 5.70 2.67 6.17
CA VAL A 57 7.16 2.64 6.09
C VAL A 57 7.74 1.73 7.18
N VAL A 58 8.42 0.66 6.75
CA VAL A 58 8.91 -0.36 7.69
C VAL A 58 10.45 -0.45 7.70
N ASP A 59 10.99 -0.76 8.88
CA ASP A 59 12.44 -0.93 9.06
C ASP A 59 12.85 -2.42 9.05
N ASP A 60 11.93 -3.29 9.49
CA ASP A 60 12.15 -4.73 9.40
C ASP A 60 10.89 -5.48 8.92
N LYS A 61 11.05 -6.76 8.56
CA LYS A 61 9.95 -7.56 7.98
C LYS A 61 8.85 -7.90 9.00
N GLU A 62 9.18 -7.93 10.29
CA GLU A 62 8.19 -8.24 11.33
C GLU A 62 7.29 -7.02 11.63
N TRP A 63 7.89 -5.83 11.60
CA TRP A 63 7.11 -4.59 11.68
C TRP A 63 6.16 -4.51 10.47
N ALA A 64 6.64 -4.95 9.31
CA ALA A 64 5.78 -5.10 8.13
C ALA A 64 4.64 -6.09 8.39
N GLU A 65 4.97 -7.22 9.05
CA GLU A 65 3.96 -8.20 9.46
C GLU A 65 2.88 -7.56 10.35
N LYS A 66 3.32 -6.83 11.38
CA LYS A 66 2.41 -6.14 12.32
C LYS A 66 1.29 -5.39 11.57
N ALA A 67 1.66 -4.67 10.52
CA ALA A 67 0.70 -3.95 9.69
C ALA A 67 -0.27 -4.90 8.98
N ILE A 68 0.29 -5.90 8.28
CA ILE A 68 -0.52 -6.87 7.54
C ILE A 68 -1.43 -7.70 8.47
N ARG A 69 -0.98 -7.89 9.72
CA ARG A 69 -1.76 -8.62 10.72
C ARG A 69 -2.99 -7.80 11.14
N PHE A 70 -2.85 -6.47 11.14
CA PHE A 70 -3.99 -5.59 11.41
C PHE A 70 -4.94 -5.55 10.19
N VAL A 71 -4.37 -5.36 9.00
CA VAL A 71 -5.16 -5.35 7.76
C VAL A 71 -5.95 -6.66 7.61
N LYS A 72 -5.33 -7.78 7.98
CA LYS A 72 -6.00 -9.09 8.00
C LYS A 72 -7.27 -9.05 8.86
N SER A 73 -7.22 -8.27 9.94
CA SER A 73 -8.38 -8.13 10.85
C SER A 73 -9.51 -7.33 10.19
N LEU A 74 -9.15 -6.49 9.22
CA LEU A 74 -10.15 -5.68 8.49
C LEU A 74 -11.00 -6.54 7.56
N GLY A 75 -10.37 -7.54 6.93
CA GLY A 75 -11.11 -8.51 6.13
C GLY A 75 -11.33 -8.10 4.67
N ALA A 76 -11.43 -6.79 4.41
CA ALA A 76 -11.69 -6.29 3.05
C ALA A 76 -10.57 -6.65 2.06
N GLN A 77 -10.91 -6.61 0.78
CA GLN A 77 -9.95 -6.90 -0.30
C GLN A 77 -9.23 -5.63 -0.76
N VAL A 78 -7.91 -5.59 -0.56
CA VAL A 78 -7.09 -4.44 -0.97
C VAL A 78 -5.79 -4.89 -1.65
N LEU A 79 -5.32 -4.09 -2.61
CA LEU A 79 -4.03 -4.35 -3.26
C LEU A 79 -2.88 -3.78 -2.42
N ILE A 80 -1.83 -4.57 -2.23
CA ILE A 80 -0.70 -4.13 -1.41
C ILE A 80 0.62 -4.12 -2.20
N ILE A 81 1.14 -2.93 -2.48
CA ILE A 81 2.42 -2.79 -3.19
C ILE A 81 3.58 -2.71 -2.19
N ILE A 82 4.54 -3.62 -2.32
CA ILE A 82 5.68 -3.68 -1.39
C ILE A 82 7.01 -3.44 -2.12
N TYR A 83 7.90 -2.68 -1.47
CA TYR A 83 9.21 -2.34 -2.06
C TYR A 83 10.37 -2.79 -1.15
N ASP A 84 11.28 -3.60 -1.70
CA ASP A 84 12.51 -3.98 -1.01
C ASP A 84 13.61 -4.35 -2.03
N GLN A 85 14.88 -4.17 -1.64
CA GLN A 85 16.01 -4.36 -2.56
C GLN A 85 16.46 -5.83 -2.66
N ASP A 86 15.89 -6.71 -1.83
CA ASP A 86 16.26 -8.13 -1.84
C ASP A 86 15.06 -9.03 -2.15
N GLN A 87 15.08 -9.68 -3.32
CA GLN A 87 14.02 -10.61 -3.71
C GLN A 87 13.81 -11.71 -2.65
N ASN A 88 14.90 -12.16 -2.03
CA ASN A 88 14.85 -13.15 -0.96
C ASN A 88 13.88 -12.72 0.15
N ARG A 89 13.90 -11.42 0.48
CA ARG A 89 13.01 -10.85 1.49
C ARG A 89 11.65 -10.47 0.87
N LEU A 90 11.70 -9.55 -0.09
CA LEU A 90 10.51 -9.03 -0.79
C LEU A 90 9.55 -10.14 -1.26
N GLU A 91 10.08 -11.10 -2.01
CA GLU A 91 9.26 -12.16 -2.61
C GLU A 91 8.74 -13.14 -1.54
N GLU A 92 9.51 -13.33 -0.46
CA GLU A 92 9.12 -14.28 0.59
C GLU A 92 8.10 -13.66 1.57
N PHE A 93 8.25 -12.38 1.87
CA PHE A 93 7.24 -11.65 2.67
C PHE A 93 5.91 -11.59 1.89
N SER A 94 6.04 -11.46 0.56
CA SER A 94 4.90 -11.52 -0.35
C SER A 94 4.09 -12.81 -0.15
N ARG A 95 4.79 -13.90 0.19
CA ARG A 95 4.14 -15.19 0.46
C ARG A 95 3.08 -15.05 1.54
N GLU A 96 3.49 -14.48 2.67
CA GLU A 96 2.59 -14.26 3.81
C GLU A 96 1.40 -13.37 3.43
N VAL A 97 1.68 -12.19 2.90
CA VAL A 97 0.63 -11.24 2.52
C VAL A 97 -0.39 -11.89 1.56
N ARG A 98 0.12 -12.60 0.56
CA ARG A 98 -0.73 -13.28 -0.43
C ARG A 98 -1.56 -14.40 0.22
N ARG A 99 -0.92 -15.20 1.07
CA ARG A 99 -1.63 -16.29 1.78
C ARG A 99 -2.77 -15.75 2.65
N ARG A 100 -2.63 -14.51 3.12
CA ARG A 100 -3.63 -13.91 4.01
C ARG A 100 -4.79 -13.25 3.23
N GLY A 101 -4.84 -13.50 1.91
CA GLY A 101 -5.97 -13.06 1.10
C GLY A 101 -5.75 -11.71 0.41
N PHE A 102 -4.55 -11.15 0.52
CA PHE A 102 -4.26 -9.84 -0.08
C PHE A 102 -3.35 -9.98 -1.32
N GLU A 103 -3.85 -9.55 -2.48
CA GLU A 103 -3.06 -9.60 -3.71
C GLU A 103 -1.92 -8.57 -3.67
N VAL A 104 -0.72 -9.06 -3.38
CA VAL A 104 0.46 -8.20 -3.21
C VAL A 104 1.26 -8.04 -4.52
N ARG A 105 1.68 -6.80 -4.79
CA ARG A 105 2.53 -6.49 -5.95
C ARG A 105 3.90 -5.99 -5.52
N THR A 106 4.95 -6.66 -5.97
CA THR A 106 6.33 -6.35 -5.56
C THR A 106 7.05 -5.48 -6.60
N VAL A 107 7.70 -4.41 -6.13
CA VAL A 107 8.44 -3.49 -7.00
C VAL A 107 9.90 -3.31 -6.54
N THR A 108 10.82 -3.31 -7.51
CA THR A 108 12.27 -3.23 -7.23
C THR A 108 12.86 -1.83 -7.46
N SER A 109 12.27 -1.08 -8.38
CA SER A 109 12.76 0.27 -8.70
C SER A 109 11.62 1.30 -8.77
N PRO A 110 11.91 2.60 -8.54
CA PRO A 110 10.90 3.68 -8.57
C PRO A 110 10.10 3.72 -9.88
N ASP A 111 10.79 3.55 -11.01
CA ASP A 111 10.11 3.53 -12.32
C ASP A 111 9.17 2.32 -12.47
N ASP A 112 9.60 1.16 -11.97
CA ASP A 112 8.73 -0.03 -11.96
C ASP A 112 7.48 0.21 -11.10
N PHE A 113 7.66 0.87 -9.96
CA PHE A 113 6.54 1.29 -9.11
C PHE A 113 5.65 2.29 -9.86
N LYS A 114 6.28 3.26 -10.52
CA LYS A 114 5.57 4.27 -11.31
C LYS A 114 4.63 3.63 -12.34
N LYS A 115 5.17 2.70 -13.12
CA LYS A 115 4.38 2.01 -14.15
C LYS A 115 3.27 1.14 -13.54
N SER A 116 3.64 0.30 -12.57
CA SER A 116 2.67 -0.61 -11.93
C SER A 116 1.55 0.14 -11.23
N LEU A 117 1.88 1.22 -10.53
CA LEU A 117 0.87 2.05 -9.84
C LEU A 117 -0.13 2.65 -10.85
N GLU A 118 0.41 3.27 -11.90
CA GLU A 118 -0.44 3.83 -12.97
C GLU A 118 -1.44 2.79 -13.49
N ARG A 119 -0.97 1.55 -13.64
CA ARG A 119 -1.82 0.45 -14.09
C ARG A 119 -2.89 0.12 -13.04
N LEU A 120 -2.45 -0.25 -11.84
CA LEU A 120 -3.35 -0.66 -10.76
C LEU A 120 -4.44 0.39 -10.47
N ILE A 121 -4.04 1.66 -10.37
CA ILE A 121 -5.00 2.75 -10.11
C ILE A 121 -6.16 2.72 -11.11
N ARG A 122 -5.87 2.52 -12.39
CA ARG A 122 -6.90 2.48 -13.43
C ARG A 122 -7.73 1.18 -13.36
N GLU A 123 -7.12 0.10 -12.86
CA GLU A 123 -7.80 -1.19 -12.76
C GLU A 123 -8.69 -1.28 -11.50
N VAL A 124 -8.08 -1.07 -10.32
CA VAL A 124 -8.77 -1.21 -9.05
C VAL A 124 -9.82 -0.09 -8.82
N GLY A 125 -9.59 1.08 -9.42
CA GLY A 125 -10.55 2.18 -9.30
C GLY A 125 -9.90 3.49 -8.86
N SER A 126 -9.73 4.43 -9.79
CA SER A 126 -9.09 5.71 -9.50
C SER A 126 -10.09 6.71 -8.89
N LEU A 127 -9.60 7.94 -8.64
CA LEU A 127 -10.46 9.04 -8.19
C LEU A 127 -11.53 9.36 -9.26
N GLU A 128 -11.26 8.97 -10.49
CA GLU A 128 -12.22 9.09 -11.58
C GLU A 128 -13.24 7.94 -11.50
N HIS A 129 -14.42 8.23 -10.98
CA HIS A 129 -15.41 7.19 -10.68
C HIS A 129 -16.02 6.55 -11.94
N HIS A 130 -15.91 7.24 -13.08
CA HIS A 130 -16.43 6.75 -14.37
C HIS A 130 -17.95 6.57 -14.35
N HIS A 131 -18.43 5.48 -13.75
CA HIS A 131 -19.86 5.18 -13.69
C HIS A 131 -20.64 6.24 -12.90
N HIS A 132 -21.23 7.18 -13.64
CA HIS A 132 -22.01 8.27 -13.03
C HIS A 132 -23.51 8.09 -13.32
N HIS A 133 -24.35 8.52 -12.37
CA HIS A 133 -25.81 8.44 -12.53
C HIS A 133 -26.36 9.63 -13.33
N HIS A 134 -25.69 10.77 -13.22
CA HIS A 134 -26.07 11.97 -13.95
C HIS A 134 -25.62 11.92 -15.43
N MET A 1 -12.06 1.82 -3.68
CA MET A 1 -10.72 2.47 -3.76
C MET A 1 -9.99 2.41 -2.40
N ASN A 2 -8.94 1.59 -2.33
CA ASN A 2 -8.09 1.50 -1.14
C ASN A 2 -6.89 0.56 -1.41
N ILE A 3 -5.69 1.03 -1.10
CA ILE A 3 -4.47 0.26 -1.42
C ILE A 3 -3.35 0.54 -0.39
N VAL A 4 -2.72 -0.53 0.09
CA VAL A 4 -1.64 -0.44 1.09
C VAL A 4 -0.26 -0.63 0.44
N ILE A 5 0.65 0.31 0.67
CA ILE A 5 2.00 0.23 0.11
C ILE A 5 3.07 0.05 1.22
N VAL A 6 3.62 -1.16 1.32
CA VAL A 6 4.64 -1.48 2.32
C VAL A 6 6.06 -1.18 1.80
N VAL A 7 6.69 -0.14 2.37
CA VAL A 7 8.04 0.26 1.95
C VAL A 7 9.11 -0.18 2.97
N PHE A 8 10.04 -1.02 2.54
CA PHE A 8 11.16 -1.46 3.38
C PHE A 8 12.35 -0.48 3.33
N SER A 9 12.23 0.55 2.50
CA SER A 9 13.27 1.59 2.42
C SER A 9 12.99 2.71 3.42
N THR A 10 13.79 2.75 4.50
CA THR A 10 13.61 3.74 5.57
C THR A 10 13.89 5.17 5.10
N ASP A 11 14.62 5.30 3.98
CA ASP A 11 14.95 6.62 3.43
C ASP A 11 13.71 7.42 3.04
N GLU A 12 13.41 8.48 3.78
CA GLU A 12 12.29 9.37 3.45
C GLU A 12 12.43 9.90 2.01
N GLU A 13 13.67 10.04 1.55
CA GLU A 13 13.94 10.47 0.18
C GLU A 13 13.33 9.49 -0.84
N THR A 14 13.55 8.20 -0.62
CA THR A 14 12.93 7.17 -1.46
C THR A 14 11.41 7.28 -1.41
N LEU A 15 10.88 7.40 -0.19
CA LEU A 15 9.44 7.60 0.02
C LEU A 15 8.93 8.88 -0.66
N ARG A 16 9.77 9.91 -0.69
CA ARG A 16 9.40 11.20 -1.28
C ARG A 16 8.99 11.03 -2.76
N LYS A 17 9.65 10.11 -3.45
CA LYS A 17 9.28 9.77 -4.84
C LYS A 17 7.88 9.16 -4.88
N PHE A 18 7.64 8.18 -4.01
CA PHE A 18 6.31 7.52 -3.90
C PHE A 18 5.21 8.55 -3.63
N LYS A 19 5.46 9.45 -2.68
CA LYS A 19 4.50 10.50 -2.34
C LYS A 19 4.17 11.36 -3.56
N ASP A 20 5.22 11.76 -4.29
CA ASP A 20 5.06 12.59 -5.49
C ASP A 20 4.28 11.84 -6.59
N ILE A 21 4.55 10.55 -6.76
CA ILE A 21 3.84 9.74 -7.76
C ILE A 21 2.33 9.68 -7.45
N ILE A 22 2.00 9.42 -6.18
CA ILE A 22 0.59 9.41 -5.73
C ILE A 22 -0.07 10.78 -5.98
N LYS A 23 0.64 11.85 -5.63
CA LYS A 23 0.18 13.22 -5.93
C LYS A 23 -0.03 13.40 -7.44
N LYS A 24 0.90 12.87 -8.23
CA LYS A 24 0.87 12.99 -9.68
C LYS A 24 -0.28 12.16 -10.30
N ASN A 25 -0.83 11.23 -9.52
CA ASN A 25 -2.02 10.47 -9.94
C ASN A 25 -3.31 11.15 -9.45
N GLY A 26 -3.17 12.04 -8.45
CA GLY A 26 -4.32 12.79 -7.96
C GLY A 26 -4.94 12.22 -6.68
N PHE A 27 -4.12 11.53 -5.87
CA PHE A 27 -4.58 10.98 -4.59
C PHE A 27 -3.80 11.56 -3.41
N LYS A 28 -4.33 11.43 -2.20
CA LYS A 28 -3.67 11.96 -1.00
C LYS A 28 -2.71 10.91 -0.42
N VAL A 29 -1.65 11.36 0.25
CA VAL A 29 -0.60 10.45 0.75
C VAL A 29 -0.64 10.31 2.28
N ARG A 30 -0.93 9.10 2.77
CA ARG A 30 -0.90 8.80 4.21
C ARG A 30 0.33 7.96 4.57
N THR A 31 1.33 8.58 5.20
CA THR A 31 2.57 7.88 5.56
C THR A 31 2.48 7.25 6.97
N VAL A 32 2.84 5.97 7.05
CA VAL A 32 2.82 5.23 8.32
C VAL A 32 4.23 4.76 8.71
N ARG A 33 4.57 4.90 9.99
CA ARG A 33 5.84 4.39 10.54
C ARG A 33 5.56 3.52 11.78
N SER A 34 4.62 3.99 12.60
CA SER A 34 4.18 3.28 13.80
C SER A 34 2.75 2.76 13.62
N PRO A 35 2.33 1.74 14.42
CA PRO A 35 0.97 1.17 14.33
C PRO A 35 -0.14 2.22 14.49
N GLN A 36 0.14 3.27 15.27
CA GLN A 36 -0.83 4.35 15.50
C GLN A 36 -1.26 5.03 14.18
N GLU A 37 -0.29 5.39 13.34
CA GLU A 37 -0.61 6.05 12.04
C GLU A 37 -1.56 5.19 11.20
N LEU A 38 -1.30 3.89 11.15
CA LEU A 38 -2.14 2.95 10.38
C LEU A 38 -3.58 2.89 10.93
N LYS A 39 -3.69 2.68 12.25
CA LYS A 39 -5.00 2.60 12.90
C LYS A 39 -5.75 3.95 12.82
N ASP A 40 -5.10 5.01 13.29
CA ASP A 40 -5.67 6.37 13.23
C ASP A 40 -6.06 6.74 11.79
N SER A 41 -5.31 6.23 10.80
CA SER A 41 -5.65 6.43 9.40
C SER A 41 -7.05 5.87 9.10
N ILE A 42 -7.26 4.61 9.45
CA ILE A 42 -8.56 3.95 9.24
C ILE A 42 -9.69 4.71 9.98
N GLU A 43 -9.41 5.13 11.20
CA GLU A 43 -10.38 5.88 12.02
C GLU A 43 -10.89 7.14 11.29
N GLU A 44 -10.00 7.76 10.51
CA GLU A 44 -10.35 8.96 9.74
C GLU A 44 -10.95 8.59 8.36
N LEU A 45 -10.26 7.72 7.62
CA LEU A 45 -10.67 7.34 6.26
C LEU A 45 -12.13 6.84 6.19
N VAL A 46 -12.55 6.10 7.22
CA VAL A 46 -13.93 5.58 7.27
C VAL A 46 -14.97 6.72 7.27
N LYS A 47 -14.56 7.88 7.79
CA LYS A 47 -15.46 9.05 7.91
C LYS A 47 -15.21 10.07 6.79
N LYS A 48 -13.94 10.30 6.46
CA LYS A 48 -13.55 11.40 5.56
C LYS A 48 -12.19 11.10 4.90
N TYR A 49 -11.88 11.81 3.80
CA TYR A 49 -10.60 11.66 3.09
C TYR A 49 -10.46 10.28 2.40
N ASN A 50 -11.55 9.79 1.82
CA ASN A 50 -11.57 8.47 1.18
C ASN A 50 -10.74 8.41 -0.12
N ALA A 51 -10.16 9.54 -0.53
CA ALA A 51 -9.29 9.58 -1.71
C ALA A 51 -7.80 9.52 -1.32
N THR A 52 -7.50 8.85 -0.21
CA THR A 52 -6.13 8.79 0.34
C THR A 52 -5.53 7.38 0.23
N ILE A 53 -4.29 7.30 -0.23
CA ILE A 53 -3.53 6.03 -0.28
C ILE A 53 -2.61 5.90 0.94
N VAL A 54 -2.61 4.72 1.56
CA VAL A 54 -1.81 4.50 2.78
C VAL A 54 -0.48 3.78 2.48
N VAL A 55 0.63 4.44 2.80
CA VAL A 55 1.97 3.88 2.59
C VAL A 55 2.66 3.58 3.93
N VAL A 56 2.85 2.29 4.22
CA VAL A 56 3.47 1.86 5.48
C VAL A 56 4.98 1.63 5.32
N VAL A 57 5.79 2.58 5.80
CA VAL A 57 7.24 2.47 5.75
C VAL A 57 7.77 1.67 6.94
N VAL A 58 8.03 0.39 6.72
CA VAL A 58 8.42 -0.52 7.80
C VAL A 58 9.92 -0.43 8.14
N ASP A 59 10.37 -1.31 9.01
CA ASP A 59 11.76 -1.31 9.48
C ASP A 59 12.23 -2.74 9.80
N ASP A 60 11.30 -3.55 10.28
CA ASP A 60 11.57 -4.95 10.58
C ASP A 60 10.60 -5.87 9.81
N LYS A 61 11.10 -7.02 9.36
CA LYS A 61 10.30 -8.00 8.60
C LYS A 61 9.01 -8.40 9.33
N GLU A 62 9.15 -8.73 10.62
CA GLU A 62 8.00 -9.13 11.44
C GLU A 62 7.05 -7.94 11.67
N TRP A 63 7.62 -6.74 11.84
CA TRP A 63 6.82 -5.51 11.92
C TRP A 63 5.92 -5.37 10.69
N ALA A 64 6.48 -5.62 9.50
CA ALA A 64 5.69 -5.62 8.27
C ALA A 64 4.53 -6.63 8.36
N GLU A 65 4.80 -7.81 8.91
CA GLU A 65 3.77 -8.83 9.13
C GLU A 65 2.70 -8.35 10.12
N LYS A 66 3.12 -7.71 11.20
CA LYS A 66 2.20 -7.19 12.22
C LYS A 66 1.20 -6.20 11.62
N ALA A 67 1.65 -5.42 10.64
CA ALA A 67 0.78 -4.48 9.93
C ALA A 67 -0.23 -5.19 9.03
N ILE A 68 0.25 -6.09 8.17
CA ILE A 68 -0.61 -6.84 7.25
C ILE A 68 -1.63 -7.71 8.01
N ARG A 69 -1.17 -8.31 9.11
CA ARG A 69 -2.04 -9.12 9.97
C ARG A 69 -3.20 -8.28 10.54
N PHE A 70 -2.90 -7.02 10.89
CA PHE A 70 -3.93 -6.08 11.34
C PHE A 70 -4.92 -5.80 10.20
N VAL A 71 -4.40 -5.58 8.99
CA VAL A 71 -5.24 -5.38 7.81
C VAL A 71 -6.15 -6.60 7.54
N LYS A 72 -5.61 -7.79 7.77
CA LYS A 72 -6.38 -9.03 7.61
C LYS A 72 -7.55 -9.08 8.60
N SER A 73 -7.35 -8.51 9.79
CA SER A 73 -8.40 -8.43 10.81
C SER A 73 -9.57 -7.56 10.35
N LEU A 74 -9.29 -6.60 9.47
CA LEU A 74 -10.32 -5.71 8.92
C LEU A 74 -11.28 -6.46 7.99
N GLY A 75 -10.73 -7.39 7.21
CA GLY A 75 -11.54 -8.16 6.27
C GLY A 75 -11.79 -7.44 4.94
N ALA A 76 -11.12 -6.31 4.74
CA ALA A 76 -11.27 -5.52 3.51
C ALA A 76 -10.31 -5.99 2.40
N GLN A 77 -10.87 -6.49 1.30
CA GLN A 77 -10.05 -6.97 0.17
C GLN A 77 -9.45 -5.78 -0.61
N VAL A 78 -8.15 -5.56 -0.42
CA VAL A 78 -7.44 -4.44 -1.05
C VAL A 78 -6.13 -4.88 -1.71
N LEU A 79 -5.57 -4.01 -2.57
CA LEU A 79 -4.29 -4.27 -3.20
C LEU A 79 -3.14 -3.86 -2.26
N ILE A 80 -2.07 -4.64 -2.24
CA ILE A 80 -0.90 -4.35 -1.40
C ILE A 80 0.40 -4.36 -2.19
N ILE A 81 1.04 -3.19 -2.31
CA ILE A 81 2.32 -3.07 -3.03
C ILE A 81 3.50 -3.11 -2.04
N ILE A 82 4.49 -3.96 -2.33
CA ILE A 82 5.67 -4.09 -1.47
C ILE A 82 6.94 -3.63 -2.20
N TYR A 83 7.68 -2.72 -1.56
CA TYR A 83 8.94 -2.20 -2.14
C TYR A 83 10.14 -2.55 -1.25
N ASP A 84 11.06 -3.33 -1.81
CA ASP A 84 12.31 -3.68 -1.11
C ASP A 84 13.45 -3.88 -2.11
N GLN A 85 14.69 -3.86 -1.62
CA GLN A 85 15.89 -3.96 -2.47
C GLN A 85 16.55 -5.34 -2.36
N ASP A 86 15.94 -6.25 -1.61
CA ASP A 86 16.47 -7.60 -1.45
C ASP A 86 15.50 -8.64 -2.06
N GLN A 87 15.88 -9.20 -3.20
CA GLN A 87 14.99 -10.11 -3.97
C GLN A 87 14.53 -11.33 -3.14
N ASN A 88 15.24 -11.63 -2.06
CA ASN A 88 14.89 -12.75 -1.18
C ASN A 88 13.82 -12.32 -0.14
N ARG A 89 14.11 -11.27 0.63
CA ARG A 89 13.16 -10.78 1.65
C ARG A 89 11.87 -10.26 1.01
N LEU A 90 12.02 -9.49 -0.07
CA LEU A 90 10.88 -8.97 -0.83
C LEU A 90 9.84 -10.07 -1.13
N GLU A 91 10.29 -11.15 -1.76
CA GLU A 91 9.40 -12.26 -2.12
C GLU A 91 8.98 -13.10 -0.90
N GLU A 92 9.91 -13.32 0.05
CA GLU A 92 9.58 -14.06 1.27
C GLU A 92 8.33 -13.49 1.96
N PHE A 93 8.31 -12.17 2.12
CA PHE A 93 7.15 -11.48 2.70
C PHE A 93 5.97 -11.43 1.71
N SER A 94 6.30 -11.19 0.44
CA SER A 94 5.29 -11.12 -0.64
C SER A 94 4.39 -12.37 -0.68
N ARG A 95 5.01 -13.55 -0.76
CA ARG A 95 4.24 -14.80 -0.89
C ARG A 95 3.33 -15.00 0.33
N GLU A 96 3.80 -14.58 1.50
CA GLU A 96 3.01 -14.61 2.73
C GLU A 96 1.76 -13.73 2.62
N VAL A 97 1.95 -12.49 2.17
CA VAL A 97 0.83 -11.55 2.02
C VAL A 97 -0.27 -12.13 1.12
N ARG A 98 0.10 -12.68 -0.03
CA ARG A 98 -0.87 -13.29 -0.94
C ARG A 98 -1.43 -14.60 -0.36
N ARG A 99 -0.59 -15.33 0.36
CA ARG A 99 -1.01 -16.59 1.01
C ARG A 99 -2.15 -16.33 2.01
N ARG A 100 -2.22 -15.10 2.54
CA ARG A 100 -3.26 -14.73 3.50
C ARG A 100 -4.52 -14.18 2.81
N GLY A 101 -4.49 -14.09 1.47
CA GLY A 101 -5.68 -13.72 0.71
C GLY A 101 -5.56 -12.40 -0.06
N PHE A 102 -4.58 -11.58 0.27
CA PHE A 102 -4.46 -10.24 -0.34
C PHE A 102 -3.72 -10.26 -1.68
N GLU A 103 -4.19 -9.46 -2.63
CA GLU A 103 -3.55 -9.33 -3.95
C GLU A 103 -2.30 -8.43 -3.85
N VAL A 104 -1.13 -9.06 -3.72
CA VAL A 104 0.12 -8.33 -3.52
C VAL A 104 0.87 -8.09 -4.84
N ARG A 105 1.49 -6.92 -4.96
CA ARG A 105 2.32 -6.56 -6.12
C ARG A 105 3.70 -6.07 -5.64
N THR A 106 4.77 -6.72 -6.09
CA THR A 106 6.14 -6.37 -5.66
C THR A 106 6.88 -5.51 -6.68
N VAL A 107 7.62 -4.52 -6.19
CA VAL A 107 8.40 -3.61 -7.05
C VAL A 107 9.80 -3.37 -6.46
N THR A 108 10.80 -3.25 -7.34
CA THR A 108 12.20 -3.09 -6.89
C THR A 108 12.75 -1.67 -7.14
N SER A 109 12.01 -0.85 -7.87
CA SER A 109 12.42 0.53 -8.15
C SER A 109 11.21 1.46 -8.27
N PRO A 110 11.38 2.77 -7.95
CA PRO A 110 10.29 3.77 -8.05
C PRO A 110 9.56 3.74 -9.40
N ASP A 111 10.31 3.53 -10.49
CA ASP A 111 9.72 3.45 -11.83
C ASP A 111 8.83 2.22 -11.99
N ASP A 112 9.23 1.08 -11.40
CA ASP A 112 8.39 -0.12 -11.39
C ASP A 112 7.04 0.20 -10.74
N PHE A 113 7.11 0.76 -9.53
CA PHE A 113 5.93 1.19 -8.78
C PHE A 113 5.08 2.17 -9.60
N LYS A 114 5.73 3.16 -10.20
CA LYS A 114 5.06 4.18 -11.02
C LYS A 114 4.24 3.54 -12.16
N LYS A 115 4.90 2.74 -12.99
CA LYS A 115 4.25 2.13 -14.16
C LYS A 115 3.16 1.12 -13.73
N SER A 116 3.39 0.43 -12.62
CA SER A 116 2.41 -0.52 -12.09
C SER A 116 1.19 0.22 -11.50
N LEU A 117 1.46 1.29 -10.76
CA LEU A 117 0.42 2.06 -10.06
C LEU A 117 -0.65 2.57 -11.03
N GLU A 118 -0.22 3.03 -12.22
CA GLU A 118 -1.14 3.51 -13.26
C GLU A 118 -2.32 2.55 -13.48
N ARG A 119 -2.01 1.25 -13.54
CA ARG A 119 -3.01 0.21 -13.80
C ARG A 119 -3.67 -0.29 -12.50
N LEU A 120 -2.86 -0.47 -11.46
CA LEU A 120 -3.36 -0.99 -10.18
C LEU A 120 -4.45 -0.09 -9.58
N ILE A 121 -4.25 1.23 -9.63
CA ILE A 121 -5.28 2.18 -9.18
C ILE A 121 -6.61 1.96 -9.91
N ARG A 122 -6.53 1.69 -11.22
CA ARG A 122 -7.72 1.41 -12.03
C ARG A 122 -8.41 0.11 -11.56
N GLU A 123 -7.62 -0.92 -11.28
CA GLU A 123 -8.17 -2.21 -10.85
C GLU A 123 -8.84 -2.12 -9.46
N VAL A 124 -8.20 -1.43 -8.52
CA VAL A 124 -8.74 -1.28 -7.16
C VAL A 124 -9.89 -0.26 -7.12
N GLY A 125 -9.89 0.68 -8.06
CA GLY A 125 -10.96 1.66 -8.15
C GLY A 125 -12.21 1.12 -8.83
N SER A 126 -12.03 0.45 -9.96
CA SER A 126 -13.14 -0.11 -10.73
C SER A 126 -13.28 -1.62 -10.51
N LEU A 127 -14.30 -2.01 -9.76
CA LEU A 127 -14.61 -3.44 -9.54
C LEU A 127 -15.38 -4.06 -10.72
N GLU A 128 -15.39 -3.34 -11.85
CA GLU A 128 -16.14 -3.74 -13.05
C GLU A 128 -15.46 -4.89 -13.81
N HIS A 129 -14.51 -5.57 -13.17
CA HIS A 129 -13.83 -6.71 -13.78
C HIS A 129 -14.85 -7.78 -14.20
N HIS A 130 -15.09 -7.87 -15.50
CA HIS A 130 -16.16 -8.72 -16.05
C HIS A 130 -15.84 -10.22 -15.94
N HIS A 131 -16.75 -10.96 -15.31
CA HIS A 131 -16.63 -12.42 -15.21
C HIS A 131 -16.87 -13.07 -16.57
N HIS A 132 -15.81 -13.15 -17.37
CA HIS A 132 -15.87 -13.67 -18.74
C HIS A 132 -16.23 -15.17 -18.78
N HIS A 133 -17.38 -15.48 -19.38
CA HIS A 133 -17.82 -16.87 -19.54
C HIS A 133 -17.15 -17.54 -20.76
N HIS A 134 -17.47 -18.82 -20.98
CA HIS A 134 -16.95 -19.56 -22.13
C HIS A 134 -17.71 -20.89 -22.34
N MET A 1 -10.42 2.35 -2.96
CA MET A 1 -10.67 2.88 -1.59
C MET A 1 -9.50 2.55 -0.65
N ASN A 2 -9.36 1.27 -0.29
CA ASN A 2 -8.32 0.85 0.65
C ASN A 2 -7.09 0.29 -0.07
N ILE A 3 -5.97 1.02 -0.01
CA ILE A 3 -4.71 0.59 -0.62
C ILE A 3 -3.52 0.90 0.29
N VAL A 4 -2.68 -0.12 0.53
CA VAL A 4 -1.55 0.01 1.46
C VAL A 4 -0.21 -0.28 0.76
N ILE A 5 0.76 0.61 0.94
CA ILE A 5 2.09 0.45 0.34
C ILE A 5 3.17 0.19 1.42
N VAL A 6 3.71 -1.02 1.44
CA VAL A 6 4.75 -1.40 2.42
C VAL A 6 6.16 -1.13 1.86
N VAL A 7 6.84 -0.11 2.38
CA VAL A 7 8.16 0.30 1.88
C VAL A 7 9.30 -0.13 2.82
N PHE A 8 10.07 -1.13 2.40
CA PHE A 8 11.26 -1.55 3.16
C PHE A 8 12.42 -0.56 2.98
N SER A 9 12.40 0.52 3.74
CA SER A 9 13.47 1.54 3.72
C SER A 9 13.13 2.72 4.64
N THR A 10 13.86 2.83 5.75
CA THR A 10 13.66 3.94 6.70
C THR A 10 14.25 5.26 6.16
N ASP A 11 13.67 5.77 5.08
CA ASP A 11 14.14 7.01 4.47
C ASP A 11 12.96 7.83 3.92
N GLU A 12 13.15 9.15 3.85
CA GLU A 12 12.14 10.06 3.31
C GLU A 12 12.53 10.56 1.91
N GLU A 13 13.81 10.49 1.58
CA GLU A 13 14.32 11.01 0.31
C GLU A 13 13.90 10.10 -0.87
N THR A 14 14.32 8.83 -0.83
CA THR A 14 13.86 7.84 -1.81
C THR A 14 12.35 7.65 -1.75
N LEU A 15 11.78 7.76 -0.54
CA LEU A 15 10.33 7.69 -0.35
C LEU A 15 9.64 8.90 -1.02
N ARG A 16 10.33 10.04 -1.06
CA ARG A 16 9.80 11.25 -1.70
C ARG A 16 9.41 10.97 -3.16
N LYS A 17 10.15 10.07 -3.81
CA LYS A 17 9.79 9.61 -5.16
C LYS A 17 8.36 9.06 -5.18
N PHE A 18 8.07 8.15 -4.26
CA PHE A 18 6.73 7.54 -4.15
C PHE A 18 5.67 8.59 -3.78
N LYS A 19 6.02 9.47 -2.84
CA LYS A 19 5.13 10.55 -2.40
C LYS A 19 4.73 11.47 -3.57
N ASP A 20 5.71 11.79 -4.42
CA ASP A 20 5.46 12.62 -5.60
C ASP A 20 4.58 11.89 -6.62
N ILE A 21 4.88 10.63 -6.89
CA ILE A 21 4.12 9.82 -7.85
C ILE A 21 2.62 9.77 -7.50
N ILE A 22 2.31 9.44 -6.25
CA ILE A 22 0.92 9.37 -5.79
C ILE A 22 0.18 10.72 -6.02
N LYS A 23 0.82 11.82 -5.61
CA LYS A 23 0.24 13.15 -5.80
C LYS A 23 0.16 13.53 -7.29
N LYS A 24 1.15 13.06 -8.07
CA LYS A 24 1.20 13.33 -9.52
C LYS A 24 -0.02 12.71 -10.24
N ASN A 25 -0.50 11.58 -9.74
CA ASN A 25 -1.70 10.94 -10.28
C ASN A 25 -2.99 11.63 -9.77
N GLY A 26 -2.94 12.19 -8.57
CA GLY A 26 -4.09 12.92 -8.02
C GLY A 26 -4.52 12.48 -6.62
N PHE A 27 -3.89 11.42 -6.11
CA PHE A 27 -4.26 10.86 -4.79
C PHE A 27 -3.43 11.49 -3.66
N LYS A 28 -3.90 11.33 -2.42
CA LYS A 28 -3.20 11.87 -1.25
C LYS A 28 -2.31 10.80 -0.59
N VAL A 29 -1.31 11.25 0.18
CA VAL A 29 -0.31 10.34 0.77
C VAL A 29 -0.30 10.41 2.31
N ARG A 30 -0.35 9.25 2.96
CA ARG A 30 -0.16 9.17 4.42
C ARG A 30 0.88 8.10 4.78
N THR A 31 2.06 8.54 5.25
CA THR A 31 3.16 7.63 5.57
C THR A 31 3.13 7.19 7.04
N VAL A 32 2.91 5.90 7.27
CA VAL A 32 2.82 5.34 8.62
C VAL A 32 4.18 5.26 9.31
N ARG A 33 4.23 5.70 10.57
CA ARG A 33 5.45 5.66 11.39
C ARG A 33 5.29 4.67 12.56
N SER A 34 4.03 4.42 12.94
CA SER A 34 3.71 3.51 14.07
C SER A 34 2.41 2.75 13.78
N PRO A 35 2.21 1.55 14.37
CA PRO A 35 1.01 0.73 14.09
C PRO A 35 -0.30 1.49 14.36
N GLN A 36 -0.30 2.31 15.41
CA GLN A 36 -1.45 3.15 15.76
C GLN A 36 -1.85 4.08 14.60
N GLU A 37 -0.86 4.53 13.83
CA GLU A 37 -1.09 5.48 12.73
C GLU A 37 -1.85 4.81 11.58
N LEU A 38 -1.51 3.55 11.29
CA LEU A 38 -2.21 2.78 10.25
C LEU A 38 -3.68 2.57 10.62
N LYS A 39 -3.91 2.12 11.86
CA LYS A 39 -5.25 1.93 12.39
C LYS A 39 -6.08 3.23 12.30
N ASP A 40 -5.48 4.33 12.76
CA ASP A 40 -6.14 5.64 12.73
C ASP A 40 -6.44 6.08 11.28
N SER A 41 -5.48 5.86 10.38
CA SER A 41 -5.62 6.18 8.96
C SER A 41 -6.83 5.45 8.33
N ILE A 42 -6.98 4.17 8.65
CA ILE A 42 -8.10 3.38 8.13
C ILE A 42 -9.44 3.90 8.67
N GLU A 43 -9.46 4.31 9.95
CA GLU A 43 -10.66 4.91 10.54
C GLU A 43 -11.04 6.23 9.84
N GLU A 44 -10.07 6.87 9.20
CA GLU A 44 -10.36 8.01 8.34
C GLU A 44 -10.96 7.55 7.01
N LEU A 45 -10.37 6.51 6.41
CA LEU A 45 -10.81 5.98 5.12
C LEU A 45 -12.28 5.49 5.15
N VAL A 46 -12.68 4.87 6.26
CA VAL A 46 -14.05 4.36 6.41
C VAL A 46 -15.10 5.48 6.38
N LYS A 47 -14.66 6.72 6.60
CA LYS A 47 -15.56 7.89 6.58
C LYS A 47 -15.20 8.88 5.46
N LYS A 48 -13.98 9.43 5.52
CA LYS A 48 -13.52 10.44 4.56
C LYS A 48 -12.31 9.92 3.76
N TYR A 49 -11.69 10.81 2.97
CA TYR A 49 -10.37 10.55 2.34
C TYR A 49 -10.32 9.22 1.54
N ASN A 50 -11.42 8.87 0.87
CA ASN A 50 -11.49 7.63 0.08
C ASN A 50 -10.51 7.62 -1.11
N ALA A 51 -9.90 8.77 -1.40
CA ALA A 51 -8.87 8.88 -2.45
C ALA A 51 -7.48 9.13 -1.86
N THR A 52 -7.23 8.55 -0.69
CA THR A 52 -5.94 8.72 0.01
C THR A 52 -5.20 7.38 0.15
N ILE A 53 -4.02 7.29 -0.44
CA ILE A 53 -3.18 6.09 -0.35
C ILE A 53 -2.26 6.14 0.89
N VAL A 54 -2.23 5.05 1.66
CA VAL A 54 -1.43 5.01 2.89
C VAL A 54 -0.15 4.16 2.71
N VAL A 55 1.00 4.77 2.99
CA VAL A 55 2.30 4.12 2.80
C VAL A 55 2.94 3.72 4.14
N VAL A 56 3.00 2.43 4.41
CA VAL A 56 3.61 1.92 5.65
C VAL A 56 5.14 1.77 5.48
N VAL A 57 5.89 2.68 6.11
CA VAL A 57 7.36 2.64 6.03
C VAL A 57 7.94 1.64 7.05
N VAL A 58 8.58 0.59 6.56
CA VAL A 58 9.07 -0.49 7.42
C VAL A 58 10.59 -0.70 7.32
N ASP A 59 11.16 -1.33 8.34
CA ASP A 59 12.57 -1.69 8.38
C ASP A 59 12.76 -3.22 8.47
N ASP A 60 12.06 -3.83 9.42
CA ASP A 60 12.19 -5.27 9.69
C ASP A 60 10.92 -6.03 9.25
N LYS A 61 11.08 -7.33 8.98
CA LYS A 61 9.97 -8.16 8.50
C LYS A 61 8.78 -8.18 9.49
N GLU A 62 9.08 -8.25 10.79
CA GLU A 62 8.02 -8.31 11.81
C GLU A 62 7.20 -7.01 11.85
N TRP A 63 7.86 -5.87 11.70
CA TRP A 63 7.16 -4.58 11.62
C TRP A 63 6.30 -4.50 10.35
N ALA A 64 6.82 -5.03 9.25
CA ALA A 64 6.05 -5.12 8.01
C ALA A 64 4.82 -6.04 8.17
N GLU A 65 5.02 -7.18 8.83
CA GLU A 65 3.95 -8.13 9.09
C GLU A 65 2.93 -7.54 10.09
N LYS A 66 3.43 -6.71 11.00
CA LYS A 66 2.58 -6.02 11.98
C LYS A 66 1.41 -5.30 11.29
N ALA A 67 1.68 -4.74 10.12
CA ALA A 67 0.67 -4.06 9.31
C ALA A 67 -0.22 -5.08 8.56
N ILE A 68 0.42 -6.04 7.89
CA ILE A 68 -0.30 -7.04 7.08
C ILE A 68 -1.26 -7.88 7.95
N ARG A 69 -0.76 -8.38 9.08
CA ARG A 69 -1.60 -9.09 10.04
C ARG A 69 -2.83 -8.27 10.44
N PHE A 70 -2.62 -6.99 10.75
CA PHE A 70 -3.72 -6.09 11.11
C PHE A 70 -4.76 -6.02 9.97
N VAL A 71 -4.28 -5.88 8.74
CA VAL A 71 -5.15 -5.89 7.56
C VAL A 71 -5.99 -7.18 7.50
N LYS A 72 -5.35 -8.32 7.72
CA LYS A 72 -6.04 -9.61 7.76
C LYS A 72 -7.05 -9.65 8.92
N SER A 73 -6.68 -9.03 10.04
CA SER A 73 -7.57 -8.95 11.22
C SER A 73 -8.79 -8.07 10.96
N LEU A 74 -8.76 -7.31 9.86
CA LEU A 74 -9.92 -6.53 9.42
C LEU A 74 -10.89 -7.40 8.61
N GLY A 75 -10.34 -8.17 7.66
CA GLY A 75 -11.15 -9.07 6.84
C GLY A 75 -11.37 -8.54 5.42
N ALA A 76 -11.67 -7.25 5.31
CA ALA A 76 -11.91 -6.60 4.02
C ALA A 76 -10.73 -6.77 3.04
N GLN A 77 -11.02 -7.21 1.81
CA GLN A 77 -9.97 -7.40 0.81
C GLN A 77 -9.46 -6.05 0.28
N VAL A 78 -8.16 -5.80 0.43
CA VAL A 78 -7.55 -4.53 0.03
C VAL A 78 -6.39 -4.76 -0.95
N LEU A 79 -5.98 -3.71 -1.63
CA LEU A 79 -4.85 -3.77 -2.58
C LEU A 79 -3.56 -3.31 -1.91
N ILE A 80 -2.52 -4.15 -1.96
CA ILE A 80 -1.25 -3.86 -1.29
C ILE A 80 -0.06 -3.87 -2.27
N ILE A 81 0.83 -2.88 -2.13
CA ILE A 81 2.07 -2.83 -2.91
C ILE A 81 3.28 -2.87 -1.98
N ILE A 82 4.23 -3.76 -2.23
CA ILE A 82 5.40 -3.91 -1.38
C ILE A 82 6.71 -3.56 -2.11
N TYR A 83 7.43 -2.59 -1.57
CA TYR A 83 8.75 -2.19 -2.09
C TYR A 83 9.88 -2.81 -1.27
N ASP A 84 10.79 -3.50 -1.94
CA ASP A 84 12.00 -4.04 -1.29
C ASP A 84 13.14 -4.20 -2.31
N GLN A 85 14.37 -4.20 -1.80
CA GLN A 85 15.57 -4.26 -2.65
C GLN A 85 16.18 -5.67 -2.66
N ASP A 86 16.05 -6.40 -1.54
CA ASP A 86 16.62 -7.73 -1.42
C ASP A 86 15.56 -8.82 -1.62
N GLN A 87 15.45 -9.30 -2.87
CA GLN A 87 14.37 -10.23 -3.28
C GLN A 87 14.18 -11.40 -2.30
N ASN A 88 15.24 -11.77 -1.58
CA ASN A 88 15.15 -12.82 -0.54
C ASN A 88 14.03 -12.48 0.47
N ARG A 89 14.01 -11.24 0.92
CA ARG A 89 12.99 -10.77 1.87
C ARG A 89 11.65 -10.56 1.16
N LEU A 90 11.67 -9.79 0.07
CA LEU A 90 10.48 -9.50 -0.74
C LEU A 90 9.68 -10.76 -1.09
N GLU A 91 10.34 -11.75 -1.70
CA GLU A 91 9.66 -12.98 -2.13
C GLU A 91 9.04 -13.76 -0.96
N GLU A 92 9.81 -13.99 0.10
CA GLU A 92 9.33 -14.73 1.26
C GLU A 92 8.12 -14.04 1.90
N PHE A 93 8.26 -12.76 2.18
CA PHE A 93 7.21 -11.96 2.82
C PHE A 93 5.96 -11.86 1.92
N SER A 94 6.16 -11.51 0.65
CA SER A 94 5.07 -11.41 -0.34
C SER A 94 4.25 -12.71 -0.39
N ARG A 95 4.94 -13.84 -0.33
CA ARG A 95 4.29 -15.16 -0.35
C ARG A 95 3.31 -15.33 0.81
N GLU A 96 3.73 -14.92 2.01
CA GLU A 96 2.88 -14.99 3.21
C GLU A 96 1.72 -13.99 3.13
N VAL A 97 2.00 -12.79 2.63
CA VAL A 97 0.98 -11.75 2.47
C VAL A 97 -0.12 -12.17 1.49
N ARG A 98 0.29 -12.66 0.31
CA ARG A 98 -0.67 -13.08 -0.72
C ARG A 98 -1.58 -14.20 -0.21
N ARG A 99 -1.00 -15.17 0.51
CA ARG A 99 -1.73 -16.33 1.01
C ARG A 99 -2.82 -15.94 2.04
N ARG A 100 -2.80 -14.69 2.51
CA ARG A 100 -3.83 -14.20 3.43
C ARG A 100 -5.14 -13.84 2.69
N GLY A 101 -5.10 -13.87 1.36
CA GLY A 101 -6.30 -13.59 0.57
C GLY A 101 -6.38 -12.14 0.07
N PHE A 102 -5.23 -11.49 -0.05
CA PHE A 102 -5.17 -10.09 -0.51
C PHE A 102 -4.36 -9.96 -1.81
N GLU A 103 -4.71 -8.98 -2.63
CA GLU A 103 -3.97 -8.71 -3.88
C GLU A 103 -2.72 -7.86 -3.60
N VAL A 104 -1.58 -8.51 -3.49
CA VAL A 104 -0.30 -7.82 -3.29
C VAL A 104 0.50 -7.73 -4.59
N ARG A 105 1.20 -6.61 -4.79
CA ARG A 105 2.06 -6.41 -5.95
C ARG A 105 3.47 -5.94 -5.52
N THR A 106 4.51 -6.58 -6.05
CA THR A 106 5.89 -6.30 -5.64
C THR A 106 6.60 -5.34 -6.61
N VAL A 107 7.32 -4.35 -6.06
CA VAL A 107 8.09 -3.39 -6.85
C VAL A 107 9.50 -3.18 -6.28
N THR A 108 10.48 -2.92 -7.14
CA THR A 108 11.87 -2.73 -6.69
C THR A 108 12.38 -1.30 -6.96
N SER A 109 11.92 -0.70 -8.06
CA SER A 109 12.29 0.68 -8.40
C SER A 109 11.05 1.60 -8.41
N PRO A 110 11.24 2.94 -8.24
CA PRO A 110 10.12 3.91 -8.29
C PRO A 110 9.34 3.82 -9.61
N ASP A 111 10.06 3.58 -10.71
CA ASP A 111 9.45 3.36 -12.02
C ASP A 111 8.48 2.18 -11.99
N ASP A 112 8.93 1.06 -11.41
CA ASP A 112 8.09 -0.13 -11.23
C ASP A 112 6.80 0.23 -10.49
N PHE A 113 6.96 0.93 -9.36
CA PHE A 113 5.83 1.37 -8.54
C PHE A 113 4.82 2.19 -9.37
N LYS A 114 5.33 3.16 -10.13
CA LYS A 114 4.46 4.01 -10.94
C LYS A 114 3.74 3.21 -12.03
N LYS A 115 4.48 2.38 -12.77
CA LYS A 115 3.89 1.59 -13.85
C LYS A 115 2.92 0.53 -13.33
N SER A 116 3.06 0.16 -12.06
CA SER A 116 2.07 -0.69 -11.39
C SER A 116 0.85 0.15 -10.98
N LEU A 117 1.12 1.30 -10.36
CA LEU A 117 0.07 2.18 -9.84
C LEU A 117 -0.85 2.70 -10.96
N GLU A 118 -0.27 3.09 -12.10
CA GLU A 118 -1.06 3.60 -13.24
C GLU A 118 -2.17 2.62 -13.66
N ARG A 119 -1.95 1.33 -13.41
CA ARG A 119 -2.97 0.31 -13.66
C ARG A 119 -3.83 0.05 -12.40
N LEU A 120 -3.15 -0.16 -11.27
CA LEU A 120 -3.82 -0.54 -10.02
C LEU A 120 -4.83 0.51 -9.52
N ILE A 121 -4.61 1.77 -9.86
CA ILE A 121 -5.57 2.83 -9.54
C ILE A 121 -6.96 2.49 -10.08
N ARG A 122 -7.00 1.95 -11.29
CA ARG A 122 -8.25 1.55 -11.95
C ARG A 122 -8.91 0.38 -11.21
N GLU A 123 -8.08 -0.46 -10.57
CA GLU A 123 -8.56 -1.65 -9.87
C GLU A 123 -8.96 -1.34 -8.42
N VAL A 124 -8.32 -0.35 -7.81
CA VAL A 124 -8.59 0.00 -6.41
C VAL A 124 -9.77 0.97 -6.26
N GLY A 125 -10.05 1.76 -7.30
CA GLY A 125 -11.20 2.65 -7.25
C GLY A 125 -11.40 3.50 -8.50
N SER A 126 -10.62 4.56 -8.63
CA SER A 126 -10.81 5.54 -9.70
C SER A 126 -10.41 5.01 -11.09
N LEU A 127 -11.40 4.82 -11.96
CA LEU A 127 -11.15 4.42 -13.36
C LEU A 127 -10.48 5.56 -14.15
N GLU A 128 -10.53 6.78 -13.59
CA GLU A 128 -9.90 7.95 -14.19
C GLU A 128 -8.38 7.91 -14.05
N HIS A 129 -7.68 7.79 -15.19
CA HIS A 129 -6.23 7.90 -15.20
C HIS A 129 -5.72 8.26 -16.61
N HIS A 130 -5.91 9.52 -17.00
CA HIS A 130 -5.35 10.02 -18.25
C HIS A 130 -3.82 10.15 -18.14
N HIS A 131 -3.11 9.74 -19.18
CA HIS A 131 -1.65 9.77 -19.17
C HIS A 131 -1.09 11.10 -19.72
N HIS A 132 -1.98 12.08 -19.94
CA HIS A 132 -1.56 13.43 -20.36
C HIS A 132 -0.52 13.98 -19.39
N HIS A 133 -0.79 13.86 -18.08
CA HIS A 133 0.27 14.05 -17.08
C HIS A 133 1.07 12.74 -16.95
N HIS A 134 2.19 12.67 -17.66
CA HIS A 134 2.96 11.42 -17.81
C HIS A 134 3.35 10.79 -16.46
N MET A 1 -10.14 3.23 2.73
CA MET A 1 -9.29 2.98 1.54
C MET A 1 -9.05 1.48 1.34
N ASN A 2 -8.84 1.06 0.08
CA ASN A 2 -8.62 -0.35 -0.23
C ASN A 2 -7.22 -0.59 -0.85
N ILE A 3 -6.31 0.36 -0.66
CA ILE A 3 -4.94 0.24 -1.19
C ILE A 3 -3.89 0.56 -0.11
N VAL A 4 -2.97 -0.39 0.12
CA VAL A 4 -1.92 -0.25 1.14
C VAL A 4 -0.52 -0.47 0.53
N ILE A 5 0.42 0.42 0.84
CA ILE A 5 1.79 0.29 0.33
C ILE A 5 2.80 0.04 1.49
N VAL A 6 3.43 -1.12 1.49
CA VAL A 6 4.44 -1.47 2.50
C VAL A 6 5.86 -1.14 2.00
N VAL A 7 6.47 -0.11 2.57
CA VAL A 7 7.79 0.37 2.11
C VAL A 7 8.91 0.07 3.12
N PHE A 8 9.88 -0.75 2.69
CA PHE A 8 11.03 -1.12 3.55
C PHE A 8 12.19 -0.11 3.46
N SER A 9 12.07 0.91 2.61
CA SER A 9 13.17 1.87 2.41
C SER A 9 13.39 2.76 3.62
N THR A 10 12.32 3.01 4.39
CA THR A 10 12.33 3.86 5.61
C THR A 10 12.61 5.35 5.30
N ASP A 11 13.77 5.64 4.72
CA ASP A 11 14.17 7.02 4.40
C ASP A 11 13.17 7.73 3.46
N GLU A 12 12.72 8.92 3.89
CA GLU A 12 11.81 9.76 3.10
C GLU A 12 12.41 10.17 1.75
N GLU A 13 13.72 10.06 1.61
CA GLU A 13 14.39 10.38 0.34
C GLU A 13 13.85 9.53 -0.83
N THR A 14 13.98 8.22 -0.71
CA THR A 14 13.43 7.29 -1.72
C THR A 14 11.90 7.27 -1.67
N LEU A 15 11.34 7.30 -0.47
CA LEU A 15 9.89 7.28 -0.28
C LEU A 15 9.19 8.45 -1.00
N ARG A 16 9.84 9.61 -1.00
CA ARG A 16 9.29 10.80 -1.66
C ARG A 16 8.91 10.54 -3.13
N LYS A 17 9.72 9.74 -3.81
CA LYS A 17 9.46 9.36 -5.21
C LYS A 17 8.06 8.71 -5.34
N PHE A 18 7.76 7.78 -4.44
CA PHE A 18 6.46 7.11 -4.42
C PHE A 18 5.34 8.11 -4.08
N LYS A 19 5.60 8.95 -3.08
CA LYS A 19 4.65 9.97 -2.65
C LYS A 19 4.29 10.94 -3.79
N ASP A 20 5.30 11.35 -4.58
CA ASP A 20 5.07 12.25 -5.71
C ASP A 20 4.31 11.56 -6.86
N ILE A 21 4.58 10.28 -7.11
CA ILE A 21 3.82 9.51 -8.11
C ILE A 21 2.33 9.46 -7.74
N ILE A 22 2.05 9.30 -6.44
CA ILE A 22 0.68 9.37 -5.93
C ILE A 22 0.09 10.77 -6.14
N LYS A 23 0.85 11.80 -5.75
CA LYS A 23 0.46 13.20 -5.96
C LYS A 23 0.17 13.51 -7.43
N LYS A 24 0.95 12.91 -8.33
CA LYS A 24 0.79 13.10 -9.77
C LYS A 24 -0.64 12.75 -10.23
N ASN A 25 -1.17 11.66 -9.69
CA ASN A 25 -2.53 11.20 -10.05
C ASN A 25 -3.62 11.87 -9.19
N GLY A 26 -3.23 12.87 -8.40
CA GLY A 26 -4.19 13.66 -7.64
C GLY A 26 -4.64 13.00 -6.32
N PHE A 27 -4.01 11.90 -5.94
CA PHE A 27 -4.37 11.20 -4.70
C PHE A 27 -3.61 11.76 -3.48
N LYS A 28 -4.04 11.37 -2.29
CA LYS A 28 -3.39 11.79 -1.04
C LYS A 28 -2.51 10.68 -0.46
N VAL A 29 -1.46 11.06 0.26
CA VAL A 29 -0.50 10.09 0.81
C VAL A 29 -0.62 9.99 2.34
N ARG A 30 -1.08 8.83 2.82
CA ARG A 30 -1.13 8.56 4.26
C ARG A 30 0.09 7.77 4.71
N THR A 31 1.11 8.47 5.20
CA THR A 31 2.34 7.83 5.69
C THR A 31 2.15 7.29 7.12
N VAL A 32 2.46 6.01 7.32
CA VAL A 32 2.33 5.37 8.62
C VAL A 32 3.69 4.89 9.15
N ARG A 33 3.98 5.18 10.42
CA ARG A 33 5.22 4.72 11.06
C ARG A 33 4.95 3.84 12.29
N SER A 34 3.90 4.16 13.05
CA SER A 34 3.53 3.37 14.24
C SER A 34 2.22 2.60 14.01
N PRO A 35 1.97 1.51 14.78
CA PRO A 35 0.70 0.77 14.69
C PRO A 35 -0.50 1.65 15.05
N GLN A 36 -0.27 2.62 15.93
CA GLN A 36 -1.29 3.61 16.29
C GLN A 36 -1.68 4.46 15.07
N GLU A 37 -0.68 4.94 14.33
CA GLU A 37 -0.92 5.67 13.08
C GLU A 37 -1.79 4.83 12.12
N LEU A 38 -1.47 3.54 12.01
CA LEU A 38 -2.20 2.61 11.13
C LEU A 38 -3.64 2.39 11.61
N LYS A 39 -3.83 2.25 12.92
CA LYS A 39 -5.15 2.03 13.50
C LYS A 39 -6.05 3.27 13.35
N ASP A 40 -5.55 4.42 13.81
CA ASP A 40 -6.28 5.68 13.76
C ASP A 40 -6.50 6.19 12.31
N SER A 41 -5.61 5.81 11.40
CA SER A 41 -5.71 6.24 9.99
C SER A 41 -7.09 5.95 9.42
N ILE A 42 -7.59 4.74 9.63
CA ILE A 42 -8.91 4.33 9.14
C ILE A 42 -10.01 5.30 9.59
N GLU A 43 -10.01 5.64 10.89
CA GLU A 43 -11.03 6.54 11.47
C GLU A 43 -10.92 7.98 10.92
N GLU A 44 -9.74 8.39 10.49
CA GLU A 44 -9.55 9.73 9.93
C GLU A 44 -9.87 9.75 8.42
N LEU A 45 -9.29 8.82 7.68
CA LEU A 45 -9.48 8.74 6.22
C LEU A 45 -10.97 8.70 5.84
N VAL A 46 -11.75 7.90 6.55
CA VAL A 46 -13.20 7.83 6.34
C VAL A 46 -13.85 9.23 6.47
N LYS A 47 -13.31 10.05 7.36
CA LYS A 47 -13.85 11.39 7.60
C LYS A 47 -13.21 12.45 6.69
N LYS A 48 -12.04 12.12 6.11
CA LYS A 48 -11.34 13.04 5.20
C LYS A 48 -11.47 12.58 3.74
N TYR A 49 -10.67 11.58 3.35
CA TYR A 49 -10.67 11.07 1.97
C TYR A 49 -10.45 9.54 1.93
N ASN A 50 -11.45 8.82 1.44
CA ASN A 50 -11.33 7.36 1.26
C ASN A 50 -10.38 7.02 0.11
N ALA A 51 -10.09 8.01 -0.74
CA ALA A 51 -9.19 7.82 -1.89
C ALA A 51 -7.71 8.07 -1.50
N THR A 52 -7.45 8.17 -0.21
CA THR A 52 -6.08 8.37 0.30
C THR A 52 -5.32 7.04 0.36
N ILE A 53 -4.17 6.99 -0.32
CA ILE A 53 -3.34 5.78 -0.32
C ILE A 53 -2.50 5.67 0.96
N VAL A 54 -2.72 4.62 1.74
CA VAL A 54 -2.01 4.44 3.01
C VAL A 54 -0.67 3.72 2.80
N VAL A 55 0.42 4.46 2.97
CA VAL A 55 1.77 3.94 2.83
C VAL A 55 2.38 3.63 4.21
N VAL A 56 2.50 2.34 4.53
CA VAL A 56 3.08 1.90 5.80
C VAL A 56 4.61 1.76 5.69
N VAL A 57 5.34 2.68 6.32
CA VAL A 57 6.79 2.68 6.27
C VAL A 57 7.38 1.72 7.33
N VAL A 58 7.91 0.60 6.87
CA VAL A 58 8.41 -0.46 7.75
C VAL A 58 9.94 -0.57 7.70
N ASP A 59 10.54 -0.96 8.84
CA ASP A 59 11.99 -1.13 8.94
C ASP A 59 12.39 -2.61 8.96
N ASP A 60 11.75 -3.40 9.83
CA ASP A 60 12.08 -4.83 9.96
C ASP A 60 10.86 -5.72 9.66
N LYS A 61 11.09 -7.03 9.62
CA LYS A 61 10.09 -8.02 9.21
C LYS A 61 8.84 -8.03 10.12
N GLU A 62 9.06 -8.16 11.43
CA GLU A 62 7.96 -8.28 12.39
C GLU A 62 7.00 -7.06 12.34
N TRP A 63 7.55 -5.87 12.16
CA TRP A 63 6.74 -4.67 11.96
C TRP A 63 6.05 -4.70 10.58
N ALA A 64 6.74 -5.22 9.57
CA ALA A 64 6.18 -5.36 8.23
C ALA A 64 4.94 -6.27 8.22
N GLU A 65 5.07 -7.47 8.78
CA GLU A 65 3.97 -8.41 8.87
C GLU A 65 2.90 -7.94 9.87
N LYS A 66 3.30 -7.12 10.85
CA LYS A 66 2.35 -6.53 11.80
C LYS A 66 1.25 -5.74 11.07
N ALA A 67 1.64 -5.02 10.03
CA ALA A 67 0.68 -4.29 9.19
C ALA A 67 -0.33 -5.26 8.53
N ILE A 68 0.20 -6.31 7.92
CA ILE A 68 -0.62 -7.35 7.28
C ILE A 68 -1.52 -8.06 8.31
N ARG A 69 -0.97 -8.27 9.52
CA ARG A 69 -1.73 -8.88 10.62
C ARG A 69 -2.94 -8.00 10.98
N PHE A 70 -2.73 -6.69 11.02
CA PHE A 70 -3.80 -5.74 11.30
C PHE A 70 -4.90 -5.81 10.22
N VAL A 71 -4.49 -5.73 8.95
CA VAL A 71 -5.44 -5.81 7.83
C VAL A 71 -6.21 -7.14 7.84
N LYS A 72 -5.49 -8.24 8.07
CA LYS A 72 -6.11 -9.56 8.20
C LYS A 72 -7.08 -9.60 9.40
N SER A 73 -6.74 -8.86 10.45
CA SER A 73 -7.59 -8.75 11.64
C SER A 73 -8.87 -7.94 11.35
N LEU A 74 -8.79 -7.03 10.38
CA LEU A 74 -9.95 -6.25 9.94
C LEU A 74 -11.02 -7.17 9.32
N GLY A 75 -10.57 -8.23 8.65
CA GLY A 75 -11.48 -9.13 7.96
C GLY A 75 -11.89 -8.62 6.59
N ALA A 76 -10.90 -8.22 5.79
CA ALA A 76 -11.15 -7.71 4.43
C ALA A 76 -9.92 -7.90 3.54
N GLN A 77 -10.15 -8.03 2.24
CA GLN A 77 -9.07 -8.19 1.26
C GLN A 77 -8.78 -6.86 0.55
N VAL A 78 -7.58 -6.31 0.76
CA VAL A 78 -7.20 -5.04 0.14
C VAL A 78 -6.04 -5.22 -0.86
N LEU A 79 -5.83 -4.21 -1.69
CA LEU A 79 -4.78 -4.20 -2.70
C LEU A 79 -3.46 -3.64 -2.11
N ILE A 80 -2.42 -4.48 -2.07
CA ILE A 80 -1.17 -4.13 -1.41
C ILE A 80 0.01 -4.00 -2.39
N ILE A 81 0.88 -3.00 -2.14
CA ILE A 81 2.11 -2.81 -2.92
C ILE A 81 3.33 -2.86 -1.98
N ILE A 82 4.27 -3.74 -2.25
CA ILE A 82 5.45 -3.92 -1.38
C ILE A 82 6.74 -3.48 -2.07
N TYR A 83 7.55 -2.68 -1.37
CA TYR A 83 8.83 -2.18 -1.90
C TYR A 83 10.02 -2.54 -0.99
N ASP A 84 10.92 -3.36 -1.52
CA ASP A 84 12.17 -3.71 -0.81
C ASP A 84 13.32 -3.90 -1.82
N GLN A 85 14.54 -3.59 -1.40
CA GLN A 85 15.72 -3.72 -2.25
C GLN A 85 16.26 -5.15 -2.24
N ASP A 86 16.34 -5.73 -1.04
CA ASP A 86 16.79 -7.12 -0.89
C ASP A 86 15.68 -8.10 -1.30
N GLN A 87 15.66 -8.45 -2.58
CA GLN A 87 14.62 -9.33 -3.14
C GLN A 87 14.45 -10.63 -2.34
N ASN A 88 15.50 -11.03 -1.59
CA ASN A 88 15.44 -12.21 -0.74
C ASN A 88 14.22 -12.18 0.19
N ARG A 89 13.99 -11.04 0.86
CA ARG A 89 12.81 -10.90 1.72
C ARG A 89 11.57 -10.47 0.92
N LEU A 90 11.79 -9.57 -0.05
CA LEU A 90 10.70 -9.05 -0.89
C LEU A 90 9.81 -10.17 -1.44
N GLU A 91 10.41 -11.09 -2.19
CA GLU A 91 9.66 -12.19 -2.81
C GLU A 91 9.26 -13.27 -1.80
N GLU A 92 10.08 -13.47 -0.77
CA GLU A 92 9.74 -14.41 0.33
C GLU A 92 8.42 -14.00 1.00
N PHE A 93 8.41 -12.79 1.56
CA PHE A 93 7.22 -12.23 2.21
C PHE A 93 6.06 -12.09 1.21
N SER A 94 6.39 -11.77 -0.04
CA SER A 94 5.39 -11.69 -1.12
C SER A 94 4.59 -12.99 -1.25
N ARG A 95 5.30 -14.13 -1.27
CA ARG A 95 4.65 -15.44 -1.36
C ARG A 95 3.62 -15.62 -0.23
N GLU A 96 3.99 -15.18 0.97
CA GLU A 96 3.08 -15.28 2.11
C GLU A 96 1.85 -14.39 1.92
N VAL A 97 2.05 -13.14 1.53
CA VAL A 97 0.94 -12.21 1.28
C VAL A 97 -0.08 -12.80 0.28
N ARG A 98 0.43 -13.37 -0.81
CA ARG A 98 -0.43 -14.06 -1.78
C ARG A 98 -1.10 -15.29 -1.14
N ARG A 99 -0.34 -16.00 -0.31
CA ARG A 99 -0.82 -17.19 0.39
C ARG A 99 -1.97 -16.87 1.36
N ARG A 100 -1.91 -15.69 1.98
CA ARG A 100 -2.93 -15.26 2.96
C ARG A 100 -4.18 -14.71 2.26
N GLY A 101 -4.17 -14.71 0.93
CA GLY A 101 -5.33 -14.28 0.16
C GLY A 101 -5.41 -12.77 -0.04
N PHE A 102 -4.26 -12.11 -0.22
CA PHE A 102 -4.24 -10.68 -0.53
C PHE A 102 -3.69 -10.38 -1.94
N GLU A 103 -4.33 -9.45 -2.64
CA GLU A 103 -3.82 -8.94 -3.92
C GLU A 103 -2.56 -8.09 -3.68
N VAL A 104 -1.46 -8.41 -4.37
CA VAL A 104 -0.18 -7.73 -4.10
C VAL A 104 0.61 -7.39 -5.37
N ARG A 105 1.37 -6.30 -5.30
CA ARG A 105 2.33 -5.91 -6.34
C ARG A 105 3.71 -5.61 -5.73
N THR A 106 4.71 -6.38 -6.14
CA THR A 106 6.08 -6.20 -5.62
C THR A 106 6.94 -5.36 -6.57
N VAL A 107 7.47 -4.26 -6.05
CA VAL A 107 8.28 -3.33 -6.84
C VAL A 107 9.70 -3.18 -6.24
N THR A 108 10.72 -3.24 -7.11
CA THR A 108 12.12 -3.07 -6.67
C THR A 108 12.64 -1.65 -6.95
N SER A 109 11.87 -0.89 -7.73
CA SER A 109 12.26 0.47 -8.12
C SER A 109 11.05 1.41 -8.20
N PRO A 110 11.24 2.72 -7.92
CA PRO A 110 10.18 3.73 -8.06
C PRO A 110 9.59 3.75 -9.48
N ASP A 111 10.45 3.58 -10.49
CA ASP A 111 10.02 3.50 -11.89
C ASP A 111 9.07 2.32 -12.14
N ASP A 112 9.39 1.16 -11.57
CA ASP A 112 8.51 -0.01 -11.68
C ASP A 112 7.17 0.27 -10.96
N PHE A 113 7.26 0.91 -9.80
CA PHE A 113 6.07 1.34 -9.05
C PHE A 113 5.19 2.28 -9.88
N LYS A 114 5.84 3.16 -10.64
CA LYS A 114 5.13 4.12 -11.51
C LYS A 114 4.05 3.44 -12.36
N LYS A 115 4.42 2.39 -13.09
CA LYS A 115 3.46 1.62 -13.89
C LYS A 115 2.58 0.72 -13.01
N SER A 116 3.19 0.08 -12.00
CA SER A 116 2.44 -0.79 -11.08
C SER A 116 1.24 -0.06 -10.47
N LEU A 117 1.41 1.23 -10.16
CA LEU A 117 0.35 2.04 -9.57
C LEU A 117 -0.77 2.31 -10.59
N GLU A 118 -0.42 2.86 -11.75
CA GLU A 118 -1.42 3.21 -12.77
C GLU A 118 -2.23 1.97 -13.22
N ARG A 119 -1.57 0.81 -13.27
CA ARG A 119 -2.24 -0.47 -13.54
C ARG A 119 -3.33 -0.73 -12.50
N LEU A 120 -2.95 -0.67 -11.23
CA LEU A 120 -3.86 -0.96 -10.12
C LEU A 120 -5.00 0.06 -10.04
N ILE A 121 -4.71 1.33 -10.34
CA ILE A 121 -5.76 2.36 -10.40
C ILE A 121 -6.84 1.99 -11.43
N ARG A 122 -6.41 1.43 -12.56
CA ARG A 122 -7.34 0.95 -13.58
C ARG A 122 -8.08 -0.34 -13.14
N GLU A 123 -7.44 -1.11 -12.24
CA GLU A 123 -8.06 -2.35 -11.73
C GLU A 123 -9.21 -2.05 -10.75
N VAL A 124 -8.93 -1.24 -9.72
CA VAL A 124 -9.94 -0.91 -8.70
C VAL A 124 -10.78 0.31 -9.07
N GLY A 125 -10.15 1.36 -9.60
CA GLY A 125 -10.87 2.58 -9.97
C GLY A 125 -11.58 2.49 -11.31
N SER A 126 -10.83 2.08 -12.34
CA SER A 126 -11.37 1.94 -13.71
C SER A 126 -12.00 3.25 -14.23
N LEU A 127 -11.50 4.38 -13.72
CA LEU A 127 -12.03 5.70 -14.11
C LEU A 127 -11.61 6.12 -15.53
N GLU A 128 -10.82 5.28 -16.19
CA GLU A 128 -10.34 5.56 -17.55
C GLU A 128 -11.39 5.25 -18.62
N HIS A 129 -11.91 6.29 -19.27
CA HIS A 129 -12.86 6.15 -20.38
C HIS A 129 -12.37 6.93 -21.61
N HIS A 130 -12.27 8.25 -21.45
CA HIS A 130 -11.79 9.15 -22.51
C HIS A 130 -11.55 10.56 -21.92
N HIS A 131 -10.28 10.94 -21.76
CA HIS A 131 -9.89 12.24 -21.16
C HIS A 131 -10.14 12.29 -19.64
N HIS A 132 -11.17 11.59 -19.17
CA HIS A 132 -11.56 11.59 -17.76
C HIS A 132 -10.49 10.96 -16.84
N HIS A 133 -9.73 11.82 -16.17
CA HIS A 133 -8.75 11.38 -15.17
C HIS A 133 -9.08 11.96 -13.77
N HIS A 134 -8.35 11.49 -12.76
CA HIS A 134 -8.58 11.92 -11.37
C HIS A 134 -7.86 13.25 -11.05
N MET A 1 -8.23 4.38 -1.03
CA MET A 1 -9.07 3.61 -0.06
C MET A 1 -8.50 2.20 0.16
N ASN A 2 -8.90 1.23 -0.68
CA ASN A 2 -8.46 -0.17 -0.51
C ASN A 2 -7.09 -0.41 -1.14
N ILE A 3 -6.07 0.31 -0.66
CA ILE A 3 -4.70 0.17 -1.17
C ILE A 3 -3.66 0.54 -0.10
N VAL A 4 -2.70 -0.36 0.13
CA VAL A 4 -1.64 -0.15 1.12
C VAL A 4 -0.27 -0.48 0.53
N ILE A 5 0.66 0.47 0.58
CA ILE A 5 2.01 0.30 0.02
C ILE A 5 3.06 0.08 1.11
N VAL A 6 3.81 -1.01 1.00
CA VAL A 6 4.82 -1.38 2.00
C VAL A 6 6.25 -1.08 1.50
N VAL A 7 6.96 -0.22 2.22
CA VAL A 7 8.33 0.16 1.84
C VAL A 7 9.38 -0.34 2.84
N PHE A 8 10.25 -1.26 2.41
CA PHE A 8 11.35 -1.76 3.26
C PHE A 8 12.53 -0.77 3.30
N SER A 9 12.23 0.48 3.68
CA SER A 9 13.24 1.52 3.78
C SER A 9 12.73 2.70 4.60
N THR A 10 13.33 2.92 5.77
CA THR A 10 12.95 4.03 6.65
C THR A 10 13.46 5.38 6.13
N ASP A 11 14.21 5.36 5.03
CA ASP A 11 14.75 6.59 4.44
C ASP A 11 13.65 7.42 3.77
N GLU A 12 13.36 8.59 4.35
CA GLU A 12 12.27 9.44 3.86
C GLU A 12 12.52 9.93 2.43
N GLU A 13 13.78 10.09 2.04
CA GLU A 13 14.11 10.51 0.67
C GLU A 13 13.70 9.45 -0.35
N THR A 14 14.04 8.19 -0.09
CA THR A 14 13.58 7.08 -0.92
C THR A 14 12.05 7.02 -0.91
N LEU A 15 11.47 7.18 0.27
CA LEU A 15 10.01 7.24 0.44
C LEU A 15 9.40 8.44 -0.32
N ARG A 16 10.18 9.52 -0.45
CA ARG A 16 9.75 10.73 -1.15
C ARG A 16 9.38 10.42 -2.62
N LYS A 17 10.11 9.48 -3.22
CA LYS A 17 9.83 9.04 -4.60
C LYS A 17 8.40 8.52 -4.74
N PHE A 18 7.99 7.68 -3.79
CA PHE A 18 6.63 7.12 -3.77
C PHE A 18 5.58 8.23 -3.58
N LYS A 19 5.83 9.11 -2.61
CA LYS A 19 4.91 10.21 -2.31
C LYS A 19 4.72 11.14 -3.51
N ASP A 20 5.81 11.41 -4.23
CA ASP A 20 5.75 12.28 -5.42
C ASP A 20 4.87 11.66 -6.52
N ILE A 21 5.07 10.36 -6.79
CA ILE A 21 4.30 9.65 -7.82
C ILE A 21 2.80 9.63 -7.50
N ILE A 22 2.45 9.24 -6.28
CA ILE A 22 1.03 9.16 -5.87
C ILE A 22 0.35 10.54 -5.96
N LYS A 23 1.03 11.57 -5.44
CA LYS A 23 0.52 12.94 -5.57
C LYS A 23 0.47 13.38 -7.04
N LYS A 24 1.43 12.89 -7.82
CA LYS A 24 1.49 13.16 -9.27
C LYS A 24 0.26 12.57 -9.98
N ASN A 25 -0.17 11.39 -9.54
CA ASN A 25 -1.39 10.75 -10.07
C ASN A 25 -2.65 11.51 -9.63
N GLY A 26 -2.64 12.00 -8.40
CA GLY A 26 -3.75 12.81 -7.89
C GLY A 26 -4.44 12.20 -6.67
N PHE A 27 -3.65 11.63 -5.76
CA PHE A 27 -4.19 11.06 -4.51
C PHE A 27 -3.45 11.60 -3.29
N LYS A 28 -4.10 11.55 -2.12
CA LYS A 28 -3.49 12.02 -0.87
C LYS A 28 -2.71 10.89 -0.20
N VAL A 29 -1.42 11.13 0.09
CA VAL A 29 -0.55 10.11 0.68
C VAL A 29 -0.48 10.23 2.21
N ARG A 30 -0.42 9.08 2.90
CA ARG A 30 -0.14 9.09 4.35
C ARG A 30 0.84 7.97 4.71
N THR A 31 2.03 8.34 5.16
CA THR A 31 3.08 7.36 5.48
C THR A 31 3.08 7.00 6.97
N VAL A 32 2.73 5.74 7.25
CA VAL A 32 2.65 5.25 8.64
C VAL A 32 3.94 4.53 9.06
N ARG A 33 4.43 4.83 10.25
CA ARG A 33 5.62 4.19 10.81
C ARG A 33 5.34 3.66 12.23
N SER A 34 4.35 4.24 12.89
CA SER A 34 3.94 3.81 14.24
C SER A 34 2.57 3.12 14.20
N PRO A 35 2.39 1.99 14.92
CA PRO A 35 1.14 1.22 14.92
C PRO A 35 -0.09 2.07 15.32
N GLN A 36 0.11 2.99 16.25
CA GLN A 36 -0.95 3.94 16.65
C GLN A 36 -1.47 4.75 15.46
N GLU A 37 -0.58 5.13 14.54
CA GLU A 37 -0.98 5.86 13.33
C GLU A 37 -1.82 4.99 12.40
N LEU A 38 -1.51 3.70 12.33
CA LEU A 38 -2.29 2.74 11.53
C LEU A 38 -3.76 2.72 12.00
N LYS A 39 -3.95 2.77 13.31
CA LYS A 39 -5.28 2.85 13.92
C LYS A 39 -6.07 4.06 13.41
N ASP A 40 -5.40 5.20 13.29
CA ASP A 40 -6.05 6.47 12.93
C ASP A 40 -6.45 6.54 11.45
N SER A 41 -6.05 5.55 10.66
CA SER A 41 -6.37 5.52 9.22
C SER A 41 -7.87 5.30 8.99
N ILE A 42 -8.43 4.33 9.73
CA ILE A 42 -9.85 3.97 9.61
C ILE A 42 -10.77 5.18 9.89
N GLU A 43 -10.54 5.85 11.02
CA GLU A 43 -11.39 6.98 11.42
C GLU A 43 -11.44 8.09 10.36
N GLU A 44 -10.40 8.18 9.53
CA GLU A 44 -10.38 9.12 8.42
C GLU A 44 -11.32 8.67 7.30
N LEU A 45 -11.08 7.47 6.77
CA LEU A 45 -11.82 6.94 5.61
C LEU A 45 -13.32 6.76 5.90
N VAL A 46 -13.66 6.41 7.14
CA VAL A 46 -15.07 6.19 7.52
C VAL A 46 -15.88 7.50 7.54
N LYS A 47 -15.26 8.58 8.02
CA LYS A 47 -15.95 9.88 8.15
C LYS A 47 -15.82 10.72 6.88
N LYS A 48 -14.61 10.79 6.34
CA LYS A 48 -14.33 11.54 5.11
C LYS A 48 -13.83 10.61 4.00
N TYR A 49 -14.66 10.38 2.99
CA TYR A 49 -14.27 9.54 1.85
C TYR A 49 -13.24 10.27 0.97
N ASN A 50 -12.01 10.36 1.48
CA ASN A 50 -10.92 11.05 0.79
C ASN A 50 -10.17 10.09 -0.15
N ALA A 51 -9.69 10.60 -1.28
CA ALA A 51 -8.86 9.80 -2.20
C ALA A 51 -7.49 9.54 -1.58
N THR A 52 -7.44 8.69 -0.56
CA THR A 52 -6.22 8.47 0.23
C THR A 52 -5.53 7.14 -0.10
N ILE A 53 -4.21 7.20 -0.27
CA ILE A 53 -3.38 6.00 -0.41
C ILE A 53 -2.32 5.98 0.72
N VAL A 54 -2.39 4.97 1.59
CA VAL A 54 -1.53 4.91 2.77
C VAL A 54 -0.28 4.02 2.52
N VAL A 55 0.88 4.52 2.94
CA VAL A 55 2.15 3.80 2.77
C VAL A 55 2.76 3.42 4.12
N VAL A 56 2.88 2.13 4.38
CA VAL A 56 3.48 1.63 5.62
C VAL A 56 5.01 1.47 5.47
N VAL A 57 5.75 2.29 6.19
CA VAL A 57 7.21 2.25 6.15
C VAL A 57 7.76 1.21 7.15
N VAL A 58 8.41 0.17 6.62
CA VAL A 58 8.90 -0.93 7.44
C VAL A 58 10.42 -1.11 7.35
N ASP A 59 11.00 -1.65 8.42
CA ASP A 59 12.44 -1.96 8.44
C ASP A 59 12.70 -3.44 8.11
N ASP A 60 11.88 -4.34 8.67
CA ASP A 60 12.02 -5.77 8.43
C ASP A 60 10.63 -6.44 8.20
N LYS A 61 10.54 -7.75 8.40
CA LYS A 61 9.39 -8.54 7.96
C LYS A 61 8.20 -8.49 8.95
N GLU A 62 8.46 -8.72 10.24
CA GLU A 62 7.36 -8.85 11.22
C GLU A 62 6.58 -7.54 11.38
N TRP A 63 7.28 -6.42 11.47
CA TRP A 63 6.62 -5.10 11.53
C TRP A 63 5.62 -4.94 10.37
N ALA A 64 6.02 -5.34 9.17
CA ALA A 64 5.12 -5.34 8.01
C ALA A 64 3.97 -6.34 8.20
N GLU A 65 4.29 -7.51 8.74
CA GLU A 65 3.29 -8.55 9.05
C GLU A 65 2.17 -8.01 9.95
N LYS A 66 2.56 -7.24 10.97
CA LYS A 66 1.60 -6.63 11.90
C LYS A 66 0.57 -5.76 11.17
N ALA A 67 1.06 -4.94 10.24
CA ALA A 67 0.20 -4.06 9.45
C ALA A 67 -0.76 -4.86 8.55
N ILE A 68 -0.22 -5.83 7.81
CA ILE A 68 -1.03 -6.68 6.94
C ILE A 68 -2.04 -7.50 7.76
N ARG A 69 -1.63 -7.89 8.97
CA ARG A 69 -2.51 -8.62 9.89
C ARG A 69 -3.70 -7.77 10.32
N PHE A 70 -3.43 -6.49 10.62
CA PHE A 70 -4.49 -5.55 11.01
C PHE A 70 -5.55 -5.43 9.89
N VAL A 71 -5.10 -5.35 8.65
CA VAL A 71 -6.00 -5.32 7.49
C VAL A 71 -6.78 -6.65 7.36
N LYS A 72 -6.10 -7.75 7.68
CA LYS A 72 -6.75 -9.06 7.73
C LYS A 72 -7.87 -9.08 8.79
N SER A 73 -7.59 -8.45 9.93
CA SER A 73 -8.60 -8.29 11.00
C SER A 73 -9.82 -7.53 10.50
N LEU A 74 -9.58 -6.50 9.69
CA LEU A 74 -10.66 -5.74 9.04
C LEU A 74 -11.48 -6.66 8.11
N GLY A 75 -10.78 -7.54 7.40
CA GLY A 75 -11.45 -8.49 6.51
C GLY A 75 -11.72 -7.93 5.12
N ALA A 76 -10.76 -7.20 4.58
CA ALA A 76 -10.88 -6.61 3.24
C ALA A 76 -9.59 -6.75 2.44
N GLN A 77 -9.65 -7.47 1.32
CA GLN A 77 -8.49 -7.64 0.44
C GLN A 77 -8.15 -6.32 -0.28
N VAL A 78 -7.09 -5.67 0.18
CA VAL A 78 -6.63 -4.40 -0.41
C VAL A 78 -5.46 -4.64 -1.37
N LEU A 79 -5.15 -3.64 -2.21
CA LEU A 79 -4.01 -3.74 -3.12
C LEU A 79 -2.70 -3.40 -2.39
N ILE A 80 -1.88 -4.41 -2.18
CA ILE A 80 -0.63 -4.26 -1.45
C ILE A 80 0.59 -4.25 -2.38
N ILE A 81 1.26 -3.11 -2.48
CA ILE A 81 2.48 -3.00 -3.29
C ILE A 81 3.73 -2.96 -2.39
N ILE A 82 4.60 -3.94 -2.54
CA ILE A 82 5.81 -4.04 -1.71
C ILE A 82 7.07 -3.59 -2.48
N TYR A 83 7.90 -2.79 -1.81
CA TYR A 83 9.19 -2.36 -2.37
C TYR A 83 10.35 -2.74 -1.44
N ASP A 84 11.40 -3.29 -2.03
CA ASP A 84 12.61 -3.69 -1.30
C ASP A 84 13.87 -3.39 -2.11
N GLN A 85 15.01 -3.40 -1.43
CA GLN A 85 16.30 -3.07 -2.02
C GLN A 85 16.74 -4.10 -3.07
N ASP A 86 16.16 -5.30 -3.00
CA ASP A 86 16.51 -6.38 -3.92
C ASP A 86 15.34 -7.34 -4.15
N GLN A 87 15.63 -8.54 -4.67
CA GLN A 87 14.58 -9.52 -4.99
C GLN A 87 14.45 -10.60 -3.90
N ASN A 88 15.47 -10.76 -3.05
CA ASN A 88 15.46 -11.81 -2.01
C ASN A 88 14.48 -11.45 -0.88
N ARG A 89 14.72 -10.31 -0.24
CA ARG A 89 13.89 -9.87 0.88
C ARG A 89 12.49 -9.44 0.39
N LEU A 90 12.45 -8.90 -0.83
CA LEU A 90 11.18 -8.54 -1.49
C LEU A 90 10.22 -9.74 -1.58
N GLU A 91 10.64 -10.79 -2.29
CA GLU A 91 9.79 -11.95 -2.56
C GLU A 91 9.52 -12.78 -1.29
N GLU A 92 10.38 -12.65 -0.27
CA GLU A 92 10.18 -13.37 0.99
C GLU A 92 8.84 -12.98 1.64
N PHE A 93 8.58 -11.67 1.74
CA PHE A 93 7.36 -11.18 2.39
C PHE A 93 6.14 -11.25 1.45
N SER A 94 6.37 -11.18 0.13
CA SER A 94 5.28 -11.27 -0.86
C SER A 94 4.53 -12.60 -0.69
N ARG A 95 5.29 -13.67 -0.47
CA ARG A 95 4.72 -14.99 -0.16
C ARG A 95 3.81 -14.93 1.07
N GLU A 96 4.31 -14.30 2.13
CA GLU A 96 3.57 -14.18 3.39
C GLU A 96 2.21 -13.50 3.18
N VAL A 97 2.21 -12.38 2.45
CA VAL A 97 0.99 -11.66 2.14
C VAL A 97 -0.03 -12.56 1.41
N ARG A 98 0.44 -13.30 0.42
CA ARG A 98 -0.41 -14.23 -0.33
C ARG A 98 -0.88 -15.41 0.53
N ARG A 99 -0.10 -15.75 1.56
CA ARG A 99 -0.49 -16.78 2.53
C ARG A 99 -1.69 -16.34 3.38
N ARG A 100 -1.86 -15.04 3.56
CA ARG A 100 -2.94 -14.50 4.40
C ARG A 100 -4.20 -14.17 3.58
N GLY A 101 -4.21 -14.59 2.32
CA GLY A 101 -5.34 -14.30 1.45
C GLY A 101 -5.43 -12.84 1.05
N PHE A 102 -4.33 -12.30 0.51
CA PHE A 102 -4.29 -10.92 0.03
C PHE A 102 -3.75 -10.82 -1.40
N GLU A 103 -3.93 -9.65 -2.01
CA GLU A 103 -3.43 -9.39 -3.36
C GLU A 103 -2.18 -8.49 -3.28
N VAL A 104 -1.02 -9.03 -3.65
CA VAL A 104 0.24 -8.28 -3.53
C VAL A 104 1.01 -8.18 -4.86
N ARG A 105 1.47 -6.97 -5.16
CA ARG A 105 2.31 -6.71 -6.33
C ARG A 105 3.67 -6.15 -5.88
N THR A 106 4.75 -6.81 -6.28
CA THR A 106 6.10 -6.40 -5.86
C THR A 106 6.79 -5.54 -6.92
N VAL A 107 7.53 -4.52 -6.46
CA VAL A 107 8.25 -3.61 -7.36
C VAL A 107 9.71 -3.41 -6.91
N THR A 108 10.62 -3.38 -7.88
CA THR A 108 12.06 -3.23 -7.58
C THR A 108 12.60 -1.84 -7.96
N SER A 109 11.82 -1.10 -8.75
CA SER A 109 12.25 0.22 -9.23
C SER A 109 11.12 1.24 -9.10
N PRO A 110 11.43 2.52 -8.80
CA PRO A 110 10.41 3.58 -8.67
C PRO A 110 9.55 3.73 -9.94
N ASP A 111 10.18 3.65 -11.10
CA ASP A 111 9.47 3.67 -12.39
C ASP A 111 8.50 2.48 -12.50
N ASP A 112 9.01 1.28 -12.19
CA ASP A 112 8.20 0.06 -12.19
C ASP A 112 7.02 0.18 -11.20
N PHE A 113 7.28 0.83 -10.06
CA PHE A 113 6.24 1.13 -9.07
C PHE A 113 5.13 1.99 -9.68
N LYS A 114 5.52 3.08 -10.34
CA LYS A 114 4.56 3.97 -11.02
C LYS A 114 3.70 3.17 -12.01
N LYS A 115 4.34 2.26 -12.75
CA LYS A 115 3.62 1.41 -13.70
C LYS A 115 2.55 0.55 -13.01
N SER A 116 2.96 -0.21 -12.00
CA SER A 116 2.04 -1.07 -11.25
C SER A 116 0.91 -0.27 -10.60
N LEU A 117 1.27 0.80 -9.91
CA LEU A 117 0.31 1.64 -9.17
C LEU A 117 -0.84 2.14 -10.06
N GLU A 118 -0.50 2.87 -11.12
CA GLU A 118 -1.50 3.48 -12.00
C GLU A 118 -2.45 2.43 -12.62
N ARG A 119 -1.91 1.28 -13.02
CA ARG A 119 -2.74 0.19 -13.54
C ARG A 119 -3.74 -0.31 -12.48
N LEU A 120 -3.25 -0.53 -11.25
CA LEU A 120 -4.10 -0.99 -10.15
C LEU A 120 -5.21 0.02 -9.82
N ILE A 121 -4.92 1.31 -10.02
CA ILE A 121 -5.91 2.38 -9.81
C ILE A 121 -7.19 2.11 -10.63
N ARG A 122 -7.02 1.57 -11.85
CA ARG A 122 -8.16 1.19 -12.70
C ARG A 122 -8.90 -0.05 -12.14
N GLU A 123 -8.12 -1.01 -11.63
CA GLU A 123 -8.67 -2.27 -11.13
C GLU A 123 -9.55 -2.07 -9.89
N VAL A 124 -9.14 -1.15 -9.00
CA VAL A 124 -9.91 -0.88 -7.76
C VAL A 124 -10.76 0.40 -7.88
N GLY A 125 -10.20 1.45 -8.47
CA GLY A 125 -10.92 2.72 -8.56
C GLY A 125 -11.84 2.82 -9.77
N SER A 126 -13.05 2.29 -9.63
CA SER A 126 -14.06 2.36 -10.70
C SER A 126 -14.55 3.80 -10.92
N LEU A 127 -14.48 4.27 -12.16
CA LEU A 127 -14.90 5.65 -12.49
C LEU A 127 -16.42 5.85 -12.30
N GLU A 128 -17.16 4.76 -12.12
CA GLU A 128 -18.60 4.82 -11.83
C GLU A 128 -18.89 5.60 -10.55
N HIS A 129 -19.28 6.87 -10.70
CA HIS A 129 -19.70 7.69 -9.56
C HIS A 129 -21.22 7.62 -9.39
N HIS A 130 -21.93 7.77 -10.50
CA HIS A 130 -23.38 7.60 -10.55
C HIS A 130 -23.74 6.51 -11.58
N HIS A 131 -24.59 5.58 -11.18
CA HIS A 131 -24.90 4.41 -12.02
C HIS A 131 -26.00 4.71 -13.06
N HIS A 132 -25.99 3.94 -14.14
CA HIS A 132 -26.92 4.14 -15.25
C HIS A 132 -28.28 3.46 -14.99
N HIS A 133 -29.34 4.00 -15.58
CA HIS A 133 -30.68 3.42 -15.47
C HIS A 133 -31.32 3.27 -16.86
N HIS A 134 -32.09 2.21 -17.07
CA HIS A 134 -32.75 1.97 -18.36
C HIS A 134 -34.13 2.66 -18.43
N MET A 1 -8.20 5.33 -0.27
CA MET A 1 -8.84 4.17 -0.94
C MET A 1 -8.26 2.84 -0.40
N ASN A 2 -8.78 1.72 -0.90
CA ASN A 2 -8.35 0.39 -0.43
C ASN A 2 -7.03 -0.05 -1.09
N ILE A 3 -5.94 0.61 -0.72
CA ILE A 3 -4.61 0.29 -1.27
C ILE A 3 -3.49 0.63 -0.25
N VAL A 4 -2.61 -0.34 -0.01
CA VAL A 4 -1.51 -0.18 0.95
C VAL A 4 -0.15 -0.31 0.27
N ILE A 5 0.75 0.64 0.53
CA ILE A 5 2.09 0.62 -0.03
C ILE A 5 3.16 0.38 1.05
N VAL A 6 3.82 -0.77 0.99
CA VAL A 6 4.85 -1.13 1.99
C VAL A 6 6.25 -0.76 1.50
N VAL A 7 6.93 0.13 2.23
CA VAL A 7 8.28 0.58 1.84
C VAL A 7 9.35 0.09 2.82
N PHE A 8 10.23 -0.79 2.36
CA PHE A 8 11.38 -1.27 3.16
C PHE A 8 12.58 -0.32 3.04
N SER A 9 12.33 0.98 3.12
CA SER A 9 13.39 2.00 3.04
C SER A 9 13.00 3.27 3.80
N THR A 10 13.71 3.52 4.91
CA THR A 10 13.47 4.71 5.74
C THR A 10 14.04 5.99 5.09
N ASP A 11 14.81 5.83 4.03
CA ASP A 11 15.43 6.95 3.31
C ASP A 11 14.40 7.99 2.83
N GLU A 12 14.63 9.25 3.19
CA GLU A 12 13.73 10.35 2.82
C GLU A 12 13.53 10.43 1.29
N GLU A 13 14.62 10.28 0.54
CA GLU A 13 14.59 10.38 -0.93
C GLU A 13 13.83 9.21 -1.56
N THR A 14 14.04 8.01 -1.04
CA THR A 14 13.32 6.83 -1.53
C THR A 14 11.81 7.00 -1.34
N LEU A 15 11.39 7.36 -0.13
CA LEU A 15 9.98 7.61 0.18
C LEU A 15 9.47 8.84 -0.60
N ARG A 16 10.36 9.79 -0.83
CA ARG A 16 10.07 10.99 -1.64
C ARG A 16 9.55 10.61 -3.03
N LYS A 17 10.17 9.59 -3.63
CA LYS A 17 9.76 9.09 -4.96
C LYS A 17 8.27 8.72 -4.97
N PHE A 18 7.83 7.99 -3.94
CA PHE A 18 6.42 7.61 -3.82
C PHE A 18 5.53 8.87 -3.74
N LYS A 19 5.96 9.86 -2.99
CA LYS A 19 5.22 11.12 -2.85
C LYS A 19 5.08 11.85 -4.19
N ASP A 20 6.17 11.87 -4.97
CA ASP A 20 6.17 12.50 -6.30
C ASP A 20 5.19 11.78 -7.25
N ILE A 21 5.20 10.45 -7.24
CA ILE A 21 4.32 9.66 -8.11
C ILE A 21 2.84 9.81 -7.71
N ILE A 22 2.54 9.64 -6.42
CA ILE A 22 1.17 9.71 -5.93
C ILE A 22 0.56 11.10 -6.12
N LYS A 23 1.34 12.16 -5.84
CA LYS A 23 0.85 13.53 -6.04
C LYS A 23 0.59 13.81 -7.52
N LYS A 24 1.43 13.24 -8.38
CA LYS A 24 1.28 13.39 -9.83
C LYS A 24 -0.06 12.83 -10.32
N ASN A 25 -0.44 11.66 -9.81
CA ASN A 25 -1.74 11.05 -10.14
C ASN A 25 -2.90 11.83 -9.48
N GLY A 26 -2.65 12.43 -8.32
CA GLY A 26 -3.66 13.25 -7.67
C GLY A 26 -4.27 12.62 -6.41
N PHE A 27 -3.44 11.99 -5.59
CA PHE A 27 -3.90 11.36 -4.34
C PHE A 27 -3.07 11.83 -3.13
N LYS A 28 -3.65 11.75 -1.94
CA LYS A 28 -2.94 12.14 -0.71
C LYS A 28 -2.09 11.00 -0.16
N VAL A 29 -0.90 11.33 0.35
CA VAL A 29 0.04 10.33 0.85
C VAL A 29 0.03 10.25 2.39
N ARG A 30 -0.19 9.05 2.93
CA ARG A 30 -0.07 8.82 4.37
C ARG A 30 1.10 7.88 4.70
N THR A 31 2.20 8.45 5.18
CA THR A 31 3.39 7.64 5.51
C THR A 31 3.34 7.15 6.97
N VAL A 32 2.93 5.89 7.15
CA VAL A 32 2.80 5.30 8.48
C VAL A 32 4.17 4.94 9.09
N ARG A 33 4.37 5.32 10.35
CA ARG A 33 5.64 5.08 11.05
C ARG A 33 5.48 4.06 12.20
N SER A 34 4.26 3.92 12.72
CA SER A 34 4.01 3.05 13.88
C SER A 34 2.59 2.47 13.86
N PRO A 35 2.35 1.32 14.54
CA PRO A 35 1.03 0.67 14.61
C PRO A 35 -0.13 1.64 14.89
N GLN A 36 0.00 2.47 15.93
CA GLN A 36 -1.03 3.46 16.27
C GLN A 36 -1.38 4.37 15.08
N GLU A 37 -0.36 4.77 14.32
CA GLU A 37 -0.55 5.63 13.15
C GLU A 37 -1.38 4.92 12.07
N LEU A 38 -1.21 3.60 11.97
CA LEU A 38 -2.00 2.77 11.07
C LEU A 38 -3.45 2.63 11.58
N LYS A 39 -3.59 2.21 12.83
CA LYS A 39 -4.90 2.09 13.49
C LYS A 39 -5.72 3.38 13.35
N ASP A 40 -5.03 4.52 13.49
CA ASP A 40 -5.65 5.84 13.34
C ASP A 40 -6.26 6.02 11.93
N SER A 41 -5.56 5.54 10.90
CA SER A 41 -6.07 5.62 9.51
C SER A 41 -7.31 4.74 9.34
N ILE A 42 -7.24 3.50 9.85
CA ILE A 42 -8.38 2.58 9.85
C ILE A 42 -9.62 3.23 10.51
N GLU A 43 -9.41 3.88 11.65
CA GLU A 43 -10.47 4.61 12.34
C GLU A 43 -11.16 5.63 11.42
N GLU A 44 -10.39 6.23 10.52
CA GLU A 44 -10.94 7.19 9.55
C GLU A 44 -11.61 6.49 8.37
N LEU A 45 -10.89 5.56 7.74
CA LEU A 45 -11.39 4.84 6.55
C LEU A 45 -12.70 4.07 6.83
N VAL A 46 -12.80 3.47 8.01
CA VAL A 46 -14.00 2.69 8.38
C VAL A 46 -15.26 3.58 8.47
N LYS A 47 -15.05 4.87 8.72
CA LYS A 47 -16.15 5.84 8.78
C LYS A 47 -16.30 6.57 7.44
N LYS A 48 -15.23 7.24 7.00
CA LYS A 48 -15.22 8.01 5.76
C LYS A 48 -13.99 7.65 4.92
N TYR A 49 -14.15 6.78 3.94
CA TYR A 49 -13.04 6.36 3.08
C TYR A 49 -12.83 7.33 1.90
N ASN A 50 -11.69 8.00 1.89
CA ASN A 50 -11.37 9.01 0.86
C ASN A 50 -10.30 8.50 -0.14
N ALA A 51 -9.85 9.40 -1.02
CA ALA A 51 -8.87 9.05 -2.06
C ALA A 51 -7.43 8.99 -1.53
N THR A 52 -7.26 9.05 -0.21
CA THR A 52 -5.92 8.99 0.40
C THR A 52 -5.32 7.57 0.32
N ILE A 53 -4.04 7.48 0.00
CA ILE A 53 -3.31 6.21 -0.05
C ILE A 53 -2.40 6.07 1.18
N VAL A 54 -2.43 4.89 1.81
CA VAL A 54 -1.64 4.64 3.02
C VAL A 54 -0.31 3.92 2.71
N VAL A 55 0.79 4.67 2.82
CA VAL A 55 2.13 4.14 2.60
C VAL A 55 2.79 3.74 3.94
N VAL A 56 2.87 2.45 4.20
CA VAL A 56 3.46 1.95 5.45
C VAL A 56 4.99 1.85 5.33
N VAL A 57 5.71 2.77 5.98
CA VAL A 57 7.17 2.76 5.99
C VAL A 57 7.68 1.83 7.11
N VAL A 58 8.26 0.70 6.72
CA VAL A 58 8.69 -0.31 7.70
C VAL A 58 10.22 -0.32 7.90
N ASP A 59 10.62 -0.28 9.17
CA ASP A 59 12.03 -0.45 9.55
C ASP A 59 12.29 -1.89 10.02
N ASP A 60 11.24 -2.55 10.50
CA ASP A 60 11.35 -3.91 11.02
C ASP A 60 10.41 -4.89 10.28
N LYS A 61 10.76 -6.18 10.31
CA LYS A 61 10.01 -7.21 9.59
C LYS A 61 8.72 -7.62 10.32
N GLU A 62 8.76 -7.69 11.66
CA GLU A 62 7.56 -8.03 12.44
C GLU A 62 6.50 -6.93 12.29
N TRP A 63 6.93 -5.67 12.37
CA TRP A 63 6.05 -4.54 12.08
C TRP A 63 5.42 -4.67 10.68
N ALA A 64 6.23 -5.04 9.69
CA ALA A 64 5.74 -5.24 8.33
C ALA A 64 4.58 -6.24 8.26
N GLU A 65 4.76 -7.43 8.84
CA GLU A 65 3.72 -8.45 8.83
C GLU A 65 2.54 -8.05 9.73
N LYS A 66 2.85 -7.38 10.84
CA LYS A 66 1.84 -6.92 11.79
C LYS A 66 0.84 -5.97 11.12
N ALA A 67 1.34 -5.01 10.35
CA ALA A 67 0.49 -4.08 9.59
C ALA A 67 -0.47 -4.85 8.67
N ILE A 68 0.08 -5.74 7.85
CA ILE A 68 -0.71 -6.54 6.91
C ILE A 68 -1.69 -7.47 7.66
N ARG A 69 -1.26 -7.95 8.84
CA ARG A 69 -2.10 -8.84 9.66
C ARG A 69 -3.21 -8.06 10.38
N PHE A 70 -3.02 -6.75 10.54
CA PHE A 70 -4.06 -5.88 11.09
C PHE A 70 -5.15 -5.61 10.02
N VAL A 71 -4.72 -5.43 8.78
CA VAL A 71 -5.63 -5.14 7.66
C VAL A 71 -6.70 -6.25 7.45
N LYS A 72 -6.32 -7.51 7.69
CA LYS A 72 -7.25 -8.63 7.48
C LYS A 72 -8.47 -8.53 8.40
N SER A 73 -8.37 -7.73 9.46
CA SER A 73 -9.47 -7.55 10.42
C SER A 73 -10.55 -6.60 9.88
N LEU A 74 -10.24 -5.89 8.80
CA LEU A 74 -11.17 -4.91 8.21
C LEU A 74 -12.28 -5.57 7.38
N GLY A 75 -12.06 -6.82 6.96
CA GLY A 75 -13.04 -7.53 6.14
C GLY A 75 -13.21 -6.92 4.75
N ALA A 76 -12.11 -6.47 4.16
CA ALA A 76 -12.16 -5.81 2.84
C ALA A 76 -10.97 -6.24 1.96
N GLN A 77 -11.11 -6.06 0.65
CA GLN A 77 -10.04 -6.36 -0.30
C GLN A 77 -9.18 -5.11 -0.56
N VAL A 78 -7.86 -5.25 -0.53
CA VAL A 78 -6.94 -4.13 -0.75
C VAL A 78 -5.78 -4.51 -1.67
N LEU A 79 -5.29 -3.55 -2.46
CA LEU A 79 -4.08 -3.76 -3.28
C LEU A 79 -2.83 -3.40 -2.48
N ILE A 80 -1.94 -4.38 -2.29
CA ILE A 80 -0.73 -4.15 -1.49
C ILE A 80 0.53 -4.18 -2.37
N ILE A 81 1.12 -3.01 -2.59
CA ILE A 81 2.37 -2.90 -3.37
C ILE A 81 3.58 -2.78 -2.44
N ILE A 82 4.47 -3.77 -2.51
CA ILE A 82 5.66 -3.80 -1.65
C ILE A 82 6.93 -3.41 -2.44
N TYR A 83 7.61 -2.38 -1.95
CA TYR A 83 8.87 -1.92 -2.56
C TYR A 83 10.07 -2.33 -1.70
N ASP A 84 10.91 -3.20 -2.25
CA ASP A 84 12.10 -3.69 -1.52
C ASP A 84 13.26 -3.93 -2.50
N GLN A 85 14.48 -3.72 -2.01
CA GLN A 85 15.69 -3.93 -2.81
C GLN A 85 16.20 -5.37 -2.67
N ASP A 86 15.97 -5.97 -1.51
CA ASP A 86 16.35 -7.37 -1.25
C ASP A 86 15.33 -8.34 -1.88
N GLN A 87 15.68 -8.91 -3.03
CA GLN A 87 14.78 -9.84 -3.73
C GLN A 87 14.44 -11.05 -2.84
N ASN A 88 15.42 -11.50 -2.05
CA ASN A 88 15.22 -12.62 -1.13
C ASN A 88 14.20 -12.30 -0.02
N ARG A 89 14.23 -11.06 0.48
CA ARG A 89 13.26 -10.63 1.50
C ARG A 89 11.90 -10.35 0.87
N LEU A 90 11.91 -9.62 -0.24
CA LEU A 90 10.70 -9.26 -0.99
C LEU A 90 9.87 -10.51 -1.35
N GLU A 91 10.50 -11.50 -1.97
CA GLU A 91 9.81 -12.75 -2.33
C GLU A 91 9.32 -13.50 -1.09
N GLU A 92 10.08 -13.45 0.00
CA GLU A 92 9.68 -14.09 1.26
C GLU A 92 8.38 -13.46 1.81
N PHE A 93 8.45 -12.18 2.15
CA PHE A 93 7.33 -11.48 2.77
C PHE A 93 6.07 -11.47 1.89
N SER A 94 6.25 -11.36 0.57
CA SER A 94 5.12 -11.36 -0.37
C SER A 94 4.24 -12.61 -0.21
N ARG A 95 4.86 -13.75 0.10
CA ARG A 95 4.12 -15.01 0.27
C ARG A 95 3.20 -14.94 1.49
N GLU A 96 3.72 -14.46 2.62
CA GLU A 96 2.92 -14.27 3.83
C GLU A 96 1.74 -13.31 3.59
N VAL A 97 1.96 -12.30 2.77
CA VAL A 97 0.89 -11.35 2.41
C VAL A 97 -0.15 -12.01 1.50
N ARG A 98 0.30 -12.68 0.45
CA ARG A 98 -0.60 -13.34 -0.51
C ARG A 98 -1.47 -14.40 0.17
N ARG A 99 -0.85 -15.23 1.01
CA ARG A 99 -1.55 -16.32 1.71
C ARG A 99 -2.66 -15.78 2.65
N ARG A 100 -2.56 -14.51 3.02
CA ARG A 100 -3.58 -13.86 3.86
C ARG A 100 -4.79 -13.38 3.02
N GLY A 101 -4.79 -13.70 1.73
CA GLY A 101 -5.89 -13.34 0.86
C GLY A 101 -5.73 -11.97 0.20
N PHE A 102 -4.54 -11.39 0.34
CA PHE A 102 -4.28 -10.05 -0.21
C PHE A 102 -3.53 -10.13 -1.55
N GLU A 103 -3.92 -9.27 -2.50
CA GLU A 103 -3.28 -9.22 -3.80
C GLU A 103 -2.03 -8.33 -3.76
N VAL A 104 -0.87 -8.96 -3.61
CA VAL A 104 0.40 -8.25 -3.44
C VAL A 104 1.18 -8.12 -4.77
N ARG A 105 1.81 -6.96 -4.96
CA ARG A 105 2.70 -6.73 -6.10
C ARG A 105 4.13 -6.40 -5.63
N THR A 106 5.11 -7.12 -6.14
CA THR A 106 6.52 -6.95 -5.74
C THR A 106 7.30 -6.06 -6.73
N VAL A 107 7.81 -4.93 -6.24
CA VAL A 107 8.59 -4.01 -7.07
C VAL A 107 9.92 -3.63 -6.41
N THR A 108 10.98 -3.53 -7.21
CA THR A 108 12.32 -3.16 -6.71
C THR A 108 12.75 -1.77 -7.25
N SER A 109 12.21 -1.39 -8.40
CA SER A 109 12.50 -0.09 -9.02
C SER A 109 11.28 0.84 -8.98
N PRO A 110 11.47 2.14 -8.68
CA PRO A 110 10.36 3.12 -8.53
C PRO A 110 9.43 3.22 -9.76
N ASP A 111 9.98 2.98 -10.96
CA ASP A 111 9.16 3.03 -12.17
C ASP A 111 8.21 1.82 -12.29
N ASP A 112 8.66 0.65 -11.84
CA ASP A 112 7.78 -0.53 -11.79
C ASP A 112 6.61 -0.28 -10.81
N PHE A 113 6.91 0.41 -9.72
CA PHE A 113 5.87 0.88 -8.79
C PHE A 113 4.88 1.82 -9.51
N LYS A 114 5.44 2.78 -10.25
CA LYS A 114 4.64 3.76 -11.00
C LYS A 114 3.64 3.09 -11.95
N LYS A 115 4.14 2.24 -12.87
CA LYS A 115 3.28 1.57 -13.85
C LYS A 115 2.27 0.61 -13.18
N SER A 116 2.68 -0.03 -12.08
CA SER A 116 1.77 -0.90 -11.32
C SER A 116 0.63 -0.10 -10.69
N LEU A 117 0.98 1.04 -10.09
CA LEU A 117 0.01 1.92 -9.43
C LEU A 117 -1.07 2.41 -10.42
N GLU A 118 -0.62 3.02 -11.52
CA GLU A 118 -1.54 3.56 -12.53
C GLU A 118 -2.48 2.48 -13.09
N ARG A 119 -1.94 1.28 -13.31
CA ARG A 119 -2.75 0.15 -13.79
C ARG A 119 -3.85 -0.23 -12.77
N LEU A 120 -3.45 -0.45 -11.53
CA LEU A 120 -4.39 -0.84 -10.47
C LEU A 120 -5.52 0.19 -10.29
N ILE A 121 -5.17 1.47 -10.26
CA ILE A 121 -6.15 2.56 -10.10
C ILE A 121 -7.27 2.49 -11.16
N ARG A 122 -6.87 2.38 -12.43
CA ARG A 122 -7.84 2.36 -13.53
C ARG A 122 -8.79 1.15 -13.44
N GLU A 123 -8.30 0.05 -12.87
CA GLU A 123 -9.08 -1.19 -12.75
C GLU A 123 -9.97 -1.20 -11.50
N VAL A 124 -9.38 -0.96 -10.33
CA VAL A 124 -10.13 -0.98 -9.06
C VAL A 124 -11.23 0.10 -9.03
N GLY A 125 -10.97 1.24 -9.66
CA GLY A 125 -11.95 2.32 -9.74
C GLY A 125 -12.98 2.10 -10.84
N SER A 126 -13.09 0.87 -11.35
CA SER A 126 -14.05 0.55 -12.42
C SER A 126 -14.70 -0.83 -12.21
N LEU A 127 -16.02 -0.88 -12.29
CA LEU A 127 -16.74 -2.15 -12.29
C LEU A 127 -16.58 -2.86 -13.63
N GLU A 128 -17.17 -2.28 -14.66
CA GLU A 128 -17.13 -2.87 -15.99
C GLU A 128 -16.31 -1.99 -16.95
N HIS A 129 -14.99 -2.08 -16.86
CA HIS A 129 -14.09 -1.30 -17.71
C HIS A 129 -14.16 -1.81 -19.16
N HIS A 130 -14.37 -3.12 -19.32
CA HIS A 130 -14.64 -3.71 -20.63
C HIS A 130 -16.08 -4.21 -20.68
N HIS A 131 -16.97 -3.43 -21.31
CA HIS A 131 -18.40 -3.78 -21.39
C HIS A 131 -18.60 -5.18 -21.99
N HIS A 132 -19.47 -5.98 -21.37
CA HIS A 132 -19.70 -7.36 -21.81
C HIS A 132 -21.17 -7.78 -21.69
N HIS A 133 -21.77 -8.11 -22.82
CA HIS A 133 -23.15 -8.65 -22.88
C HIS A 133 -23.26 -9.99 -22.15
N HIS A 134 -24.49 -10.51 -22.06
CA HIS A 134 -24.72 -11.85 -21.51
C HIS A 134 -24.63 -12.92 -22.62
N MET A 1 -11.04 5.26 -3.22
CA MET A 1 -10.00 4.19 -3.36
C MET A 1 -9.31 3.91 -2.01
N ASN A 2 -8.84 2.68 -1.83
CA ASN A 2 -8.10 2.29 -0.61
C ASN A 2 -6.95 1.34 -0.97
N ILE A 3 -5.72 1.75 -0.63
CA ILE A 3 -4.53 0.97 -0.97
C ILE A 3 -3.38 1.20 0.03
N VAL A 4 -2.73 0.12 0.46
CA VAL A 4 -1.62 0.18 1.42
C VAL A 4 -0.26 -0.05 0.74
N ILE A 5 0.75 0.73 1.10
CA ILE A 5 2.10 0.57 0.54
C ILE A 5 3.14 0.30 1.65
N VAL A 6 3.75 -0.88 1.62
CA VAL A 6 4.78 -1.26 2.60
C VAL A 6 6.19 -0.99 2.04
N VAL A 7 6.93 -0.09 2.69
CA VAL A 7 8.28 0.28 2.24
C VAL A 7 9.35 -0.11 3.27
N PHE A 8 10.30 -0.97 2.87
CA PHE A 8 11.39 -1.40 3.77
C PHE A 8 12.53 -0.37 3.84
N SER A 9 12.51 0.62 2.95
CA SER A 9 13.56 1.65 2.93
C SER A 9 13.26 2.77 3.94
N THR A 10 14.11 2.88 4.96
CA THR A 10 13.96 3.92 5.99
C THR A 10 14.44 5.30 5.47
N ASP A 11 15.04 5.31 4.28
CA ASP A 11 15.53 6.55 3.66
C ASP A 11 14.37 7.35 3.05
N GLU A 12 14.11 8.54 3.60
CA GLU A 12 13.01 9.39 3.12
C GLU A 12 13.24 9.87 1.68
N GLU A 13 14.48 10.17 1.31
CA GLU A 13 14.80 10.69 -0.03
C GLU A 13 14.21 9.80 -1.13
N THR A 14 14.42 8.49 -1.01
CA THR A 14 13.83 7.52 -1.96
C THR A 14 12.29 7.56 -1.89
N LEU A 15 11.73 7.42 -0.69
CA LEU A 15 10.28 7.42 -0.49
C LEU A 15 9.64 8.72 -1.01
N ARG A 16 10.39 9.82 -0.92
CA ARG A 16 9.91 11.15 -1.33
C ARG A 16 9.50 11.14 -2.82
N LYS A 17 10.23 10.39 -3.63
CA LYS A 17 9.92 10.22 -5.05
C LYS A 17 8.61 9.43 -5.22
N PHE A 18 8.44 8.39 -4.41
CA PHE A 18 7.22 7.57 -4.44
C PHE A 18 5.98 8.39 -4.07
N LYS A 19 6.13 9.29 -3.10
CA LYS A 19 5.03 10.17 -2.68
C LYS A 19 4.61 11.14 -3.79
N ASP A 20 5.56 11.56 -4.61
CA ASP A 20 5.25 12.47 -5.71
C ASP A 20 4.45 11.75 -6.81
N ILE A 21 4.69 10.45 -6.98
CA ILE A 21 3.91 9.62 -7.90
C ILE A 21 2.44 9.57 -7.46
N ILE A 22 2.22 9.51 -6.15
CA ILE A 22 0.86 9.57 -5.58
C ILE A 22 0.22 10.95 -5.86
N LYS A 23 1.01 12.01 -5.66
CA LYS A 23 0.59 13.38 -6.02
C LYS A 23 0.19 13.47 -7.50
N LYS A 24 1.05 12.94 -8.37
CA LYS A 24 0.80 12.91 -9.82
C LYS A 24 -0.56 12.29 -10.16
N ASN A 25 -0.84 11.12 -9.59
CA ASN A 25 -2.07 10.39 -9.90
C ASN A 25 -3.30 10.99 -9.20
N GLY A 26 -3.08 11.99 -8.34
CA GLY A 26 -4.18 12.72 -7.72
C GLY A 26 -4.73 12.05 -6.47
N PHE A 27 -3.85 11.64 -5.55
CA PHE A 27 -4.25 11.04 -4.28
C PHE A 27 -3.50 11.64 -3.09
N LYS A 28 -4.09 11.52 -1.91
CA LYS A 28 -3.49 12.04 -0.66
C LYS A 28 -2.47 11.04 -0.09
N VAL A 29 -1.43 11.56 0.56
CA VAL A 29 -0.37 10.70 1.11
C VAL A 29 -0.43 10.62 2.65
N ARG A 30 -0.48 9.40 3.18
CA ARG A 30 -0.45 9.18 4.64
C ARG A 30 0.78 8.33 5.04
N THR A 31 1.71 8.94 5.78
CA THR A 31 2.91 8.23 6.24
C THR A 31 2.68 7.54 7.59
N VAL A 32 2.99 6.25 7.66
CA VAL A 32 2.81 5.47 8.90
C VAL A 32 4.13 4.80 9.35
N ARG A 33 4.45 4.92 10.64
CA ARG A 33 5.62 4.24 11.22
C ARG A 33 5.21 3.22 12.28
N SER A 34 4.07 3.48 12.95
CA SER A 34 3.57 2.61 14.02
C SER A 34 2.11 2.18 13.76
N PRO A 35 1.67 1.02 14.32
CA PRO A 35 0.33 0.45 14.06
C PRO A 35 -0.82 1.42 14.36
N GLN A 36 -0.63 2.25 15.39
CA GLN A 36 -1.65 3.23 15.79
C GLN A 36 -2.01 4.18 14.63
N GLU A 37 -1.02 4.57 13.83
CA GLU A 37 -1.25 5.43 12.66
C GLU A 37 -1.99 4.69 11.54
N LEU A 38 -1.71 3.40 11.40
CA LEU A 38 -2.41 2.57 10.41
C LEU A 38 -3.90 2.42 10.79
N LYS A 39 -4.16 2.24 12.08
CA LYS A 39 -5.53 2.20 12.60
C LYS A 39 -6.22 3.56 12.41
N ASP A 40 -5.56 4.63 12.86
CA ASP A 40 -6.10 5.99 12.77
C ASP A 40 -6.40 6.39 11.32
N SER A 41 -5.56 5.96 10.39
CA SER A 41 -5.74 6.26 8.97
C SER A 41 -6.91 5.48 8.36
N ILE A 42 -6.82 4.14 8.39
CA ILE A 42 -7.85 3.26 7.82
C ILE A 42 -9.26 3.58 8.37
N GLU A 43 -9.39 3.63 9.69
CA GLU A 43 -10.69 3.93 10.34
C GLU A 43 -11.24 5.29 9.92
N GLU A 44 -10.35 6.19 9.52
CA GLU A 44 -10.76 7.52 9.06
C GLU A 44 -11.24 7.49 7.60
N LEU A 45 -10.44 6.83 6.75
CA LEU A 45 -10.71 6.78 5.30
C LEU A 45 -12.03 6.04 4.99
N VAL A 46 -12.32 5.00 5.75
CA VAL A 46 -13.54 4.21 5.52
C VAL A 46 -14.82 4.97 5.91
N LYS A 47 -14.75 5.75 6.99
CA LYS A 47 -15.92 6.51 7.47
C LYS A 47 -16.06 7.85 6.71
N LYS A 48 -14.99 8.62 6.69
CA LYS A 48 -14.96 9.92 5.99
C LYS A 48 -14.59 9.74 4.51
N TYR A 49 -14.18 10.83 3.87
CA TYR A 49 -13.62 10.77 2.51
C TYR A 49 -12.26 10.03 2.52
N ASN A 50 -12.08 9.06 1.63
CA ASN A 50 -10.82 8.34 1.55
C ASN A 50 -9.80 9.06 0.64
N ALA A 51 -9.74 8.68 -0.65
CA ALA A 51 -8.85 9.33 -1.63
C ALA A 51 -7.39 9.41 -1.14
N THR A 52 -7.03 8.58 -0.16
CA THR A 52 -5.69 8.63 0.45
C THR A 52 -4.98 7.29 0.39
N ILE A 53 -3.72 7.31 -0.04
CA ILE A 53 -2.87 6.12 -0.05
C ILE A 53 -2.01 6.06 1.23
N VAL A 54 -2.18 5.00 2.01
CA VAL A 54 -1.45 4.86 3.27
C VAL A 54 -0.11 4.13 3.08
N VAL A 55 0.98 4.89 3.19
CA VAL A 55 2.33 4.34 3.04
C VAL A 55 2.94 3.96 4.41
N VAL A 56 3.04 2.66 4.66
CA VAL A 56 3.61 2.15 5.91
C VAL A 56 5.12 1.90 5.76
N VAL A 57 5.93 2.76 6.36
CA VAL A 57 7.39 2.61 6.33
C VAL A 57 7.84 1.61 7.41
N VAL A 58 8.31 0.44 6.99
CA VAL A 58 8.68 -0.63 7.93
C VAL A 58 10.20 -0.76 8.08
N ASP A 59 10.65 -1.03 9.30
CA ASP A 59 12.08 -1.15 9.62
C ASP A 59 12.50 -2.62 9.85
N ASP A 60 11.76 -3.34 10.69
CA ASP A 60 12.03 -4.75 10.97
C ASP A 60 10.93 -5.66 10.37
N LYS A 61 11.30 -6.89 10.02
CA LYS A 61 10.37 -7.85 9.39
C LYS A 61 9.08 -8.04 10.20
N GLU A 62 9.18 -8.02 11.53
CA GLU A 62 8.01 -8.21 12.38
C GLU A 62 6.96 -7.11 12.18
N TRP A 63 7.40 -5.85 12.14
CA TRP A 63 6.51 -4.72 11.89
C TRP A 63 5.85 -4.82 10.51
N ALA A 64 6.64 -5.18 9.50
CA ALA A 64 6.10 -5.39 8.14
C ALA A 64 4.93 -6.38 8.14
N GLU A 65 5.13 -7.51 8.82
CA GLU A 65 4.11 -8.55 8.92
C GLU A 65 2.94 -8.09 9.84
N LYS A 66 3.28 -7.35 10.89
CA LYS A 66 2.28 -6.84 11.84
C LYS A 66 1.29 -5.88 11.14
N ALA A 67 1.82 -5.00 10.27
CA ALA A 67 0.99 -4.10 9.49
C ALA A 67 -0.04 -4.88 8.65
N ILE A 68 0.45 -5.87 7.90
CA ILE A 68 -0.42 -6.73 7.08
C ILE A 68 -1.36 -7.56 7.97
N ARG A 69 -0.92 -7.89 9.18
CA ARG A 69 -1.75 -8.61 10.16
C ARG A 69 -2.96 -7.76 10.58
N PHE A 70 -2.72 -6.48 10.88
CA PHE A 70 -3.80 -5.54 11.21
C PHE A 70 -4.76 -5.39 10.02
N VAL A 71 -4.19 -5.21 8.82
CA VAL A 71 -4.99 -5.14 7.60
C VAL A 71 -5.85 -6.41 7.42
N LYS A 72 -5.29 -7.56 7.76
CA LYS A 72 -6.02 -8.84 7.70
C LYS A 72 -7.18 -8.87 8.72
N SER A 73 -7.06 -8.06 9.79
CA SER A 73 -8.06 -8.04 10.87
C SER A 73 -9.33 -7.25 10.46
N LEU A 74 -9.22 -6.43 9.42
CA LEU A 74 -10.32 -5.55 9.00
C LEU A 74 -11.54 -6.34 8.49
N GLY A 75 -11.31 -7.33 7.64
CA GLY A 75 -12.40 -8.12 7.07
C GLY A 75 -12.69 -7.78 5.61
N ALA A 76 -11.81 -6.98 5.00
CA ALA A 76 -11.96 -6.57 3.60
C ALA A 76 -10.63 -6.68 2.84
N GLN A 77 -10.66 -7.33 1.68
CA GLN A 77 -9.46 -7.47 0.84
C GLN A 77 -9.12 -6.16 0.12
N VAL A 78 -7.98 -5.57 0.48
CA VAL A 78 -7.54 -4.29 -0.10
C VAL A 78 -6.28 -4.47 -0.95
N LEU A 79 -5.95 -3.45 -1.76
CA LEU A 79 -4.77 -3.51 -2.63
C LEU A 79 -3.51 -3.14 -1.83
N ILE A 80 -2.50 -4.00 -1.88
CA ILE A 80 -1.26 -3.77 -1.12
C ILE A 80 -0.02 -3.82 -2.01
N ILE A 81 0.72 -2.71 -2.08
CA ILE A 81 1.99 -2.66 -2.82
C ILE A 81 3.17 -2.70 -1.85
N ILE A 82 4.18 -3.53 -2.14
CA ILE A 82 5.35 -3.67 -1.28
C ILE A 82 6.65 -3.37 -2.05
N TYR A 83 7.54 -2.57 -1.46
CA TYR A 83 8.79 -2.18 -2.11
C TYR A 83 10.03 -2.59 -1.30
N ASP A 84 10.88 -3.39 -1.92
CA ASP A 84 12.20 -3.72 -1.37
C ASP A 84 13.22 -3.88 -2.52
N GLN A 85 14.49 -3.59 -2.24
CA GLN A 85 15.53 -3.64 -3.27
C GLN A 85 15.89 -5.09 -3.68
N ASP A 86 15.77 -6.02 -2.74
CA ASP A 86 16.05 -7.44 -3.01
C ASP A 86 14.76 -8.27 -3.11
N GLN A 87 14.52 -8.87 -4.27
CA GLN A 87 13.39 -9.79 -4.45
C GLN A 87 13.50 -10.99 -3.49
N ASN A 88 14.74 -11.26 -3.05
CA ASN A 88 14.99 -12.32 -2.07
C ASN A 88 14.24 -12.07 -0.75
N ARG A 89 14.18 -10.81 -0.32
CA ARG A 89 13.39 -10.42 0.87
C ARG A 89 11.94 -10.18 0.46
N LEU A 90 11.79 -9.35 -0.57
CA LEU A 90 10.48 -8.92 -1.10
C LEU A 90 9.52 -10.10 -1.30
N GLU A 91 9.93 -11.09 -2.11
CA GLU A 91 9.10 -12.26 -2.38
C GLU A 91 8.95 -13.16 -1.15
N GLU A 92 10.01 -13.25 -0.33
CA GLU A 92 9.96 -14.00 0.94
C GLU A 92 8.76 -13.57 1.79
N PHE A 93 8.59 -12.26 1.92
CA PHE A 93 7.45 -11.69 2.65
C PHE A 93 6.16 -11.73 1.81
N SER A 94 6.30 -11.50 0.51
CA SER A 94 5.16 -11.49 -0.42
C SER A 94 4.33 -12.77 -0.35
N ARG A 95 5.01 -13.91 -0.22
CA ARG A 95 4.33 -15.22 -0.17
C ARG A 95 3.31 -15.29 0.98
N GLU A 96 3.71 -14.83 2.16
CA GLU A 96 2.82 -14.86 3.33
C GLU A 96 1.65 -13.89 3.17
N VAL A 97 1.93 -12.69 2.66
CA VAL A 97 0.87 -11.70 2.40
C VAL A 97 -0.16 -12.25 1.40
N ARG A 98 0.34 -12.91 0.35
CA ARG A 98 -0.52 -13.54 -0.66
C ARG A 98 -1.49 -14.54 -0.02
N ARG A 99 -0.97 -15.37 0.89
CA ARG A 99 -1.76 -16.42 1.54
C ARG A 99 -2.86 -15.86 2.47
N ARG A 100 -2.88 -14.55 2.67
CA ARG A 100 -3.89 -13.92 3.53
C ARG A 100 -5.10 -13.42 2.72
N GLY A 101 -5.10 -13.71 1.42
CA GLY A 101 -6.23 -13.33 0.57
C GLY A 101 -6.22 -11.88 0.13
N PHE A 102 -5.04 -11.27 0.04
CA PHE A 102 -4.91 -9.88 -0.40
C PHE A 102 -4.19 -9.75 -1.74
N GLU A 103 -4.69 -8.86 -2.59
CA GLU A 103 -4.03 -8.53 -3.86
C GLU A 103 -2.75 -7.73 -3.60
N VAL A 104 -1.63 -8.43 -3.51
CA VAL A 104 -0.34 -7.78 -3.24
C VAL A 104 0.52 -7.67 -4.51
N ARG A 105 1.05 -6.47 -4.76
CA ARG A 105 1.95 -6.22 -5.88
C ARG A 105 3.33 -5.76 -5.39
N THR A 106 4.34 -6.53 -5.75
CA THR A 106 5.72 -6.26 -5.33
C THR A 106 6.53 -5.57 -6.43
N VAL A 107 7.24 -4.51 -6.05
CA VAL A 107 8.09 -3.75 -6.99
C VAL A 107 9.49 -3.51 -6.41
N THR A 108 10.49 -3.39 -7.29
CA THR A 108 11.89 -3.21 -6.87
C THR A 108 12.48 -1.86 -7.33
N SER A 109 11.67 -1.00 -7.94
CA SER A 109 12.13 0.31 -8.42
C SER A 109 10.98 1.32 -8.48
N PRO A 110 11.30 2.63 -8.46
CA PRO A 110 10.27 3.69 -8.62
C PRO A 110 9.57 3.61 -9.99
N ASP A 111 10.31 3.15 -11.01
CA ASP A 111 9.75 2.97 -12.35
C ASP A 111 8.68 1.87 -12.36
N ASP A 112 9.05 0.67 -11.91
CA ASP A 112 8.10 -0.44 -11.81
C ASP A 112 6.92 -0.08 -10.88
N PHE A 113 7.22 0.64 -9.80
CA PHE A 113 6.18 1.12 -8.87
C PHE A 113 5.17 2.02 -9.58
N LYS A 114 5.66 3.08 -10.23
CA LYS A 114 4.79 4.03 -10.95
C LYS A 114 3.86 3.32 -11.95
N LYS A 115 4.46 2.56 -12.86
CA LYS A 115 3.73 1.90 -13.93
C LYS A 115 2.70 0.89 -13.37
N SER A 116 3.14 0.06 -12.42
CA SER A 116 2.26 -0.94 -11.81
C SER A 116 1.13 -0.26 -11.01
N LEU A 117 1.47 0.79 -10.28
CA LEU A 117 0.49 1.55 -9.48
C LEU A 117 -0.66 2.06 -10.35
N GLU A 118 -0.33 2.81 -11.41
CA GLU A 118 -1.35 3.39 -12.30
C GLU A 118 -2.23 2.30 -12.96
N ARG A 119 -1.68 1.10 -13.15
CA ARG A 119 -2.44 -0.04 -13.64
C ARG A 119 -3.42 -0.54 -12.57
N LEU A 120 -2.94 -0.61 -11.33
CA LEU A 120 -3.75 -1.08 -10.18
C LEU A 120 -4.86 -0.07 -9.83
N ILE A 121 -4.56 1.22 -9.95
CA ILE A 121 -5.54 2.28 -9.67
C ILE A 121 -6.83 2.09 -10.50
N ARG A 122 -6.69 1.63 -11.74
CA ARG A 122 -7.84 1.38 -12.61
C ARG A 122 -8.67 0.18 -12.10
N GLU A 123 -8.02 -0.74 -11.41
CA GLU A 123 -8.68 -1.94 -10.88
C GLU A 123 -9.44 -1.65 -9.57
N VAL A 124 -8.71 -1.13 -8.58
CA VAL A 124 -9.31 -0.79 -7.28
C VAL A 124 -10.20 0.48 -7.40
N GLY A 125 -9.83 1.37 -8.32
CA GLY A 125 -10.63 2.57 -8.55
C GLY A 125 -11.75 2.35 -9.56
N SER A 126 -12.69 1.48 -9.20
CA SER A 126 -13.83 1.17 -10.08
C SER A 126 -15.07 2.00 -9.73
N LEU A 127 -15.78 2.46 -10.75
CA LEU A 127 -16.99 3.28 -10.58
C LEU A 127 -18.01 2.60 -9.65
N GLU A 128 -17.94 1.27 -9.56
CA GLU A 128 -18.81 0.49 -8.69
C GLU A 128 -18.72 0.94 -7.22
N HIS A 129 -17.49 1.14 -6.73
CA HIS A 129 -17.24 1.46 -5.31
C HIS A 129 -17.76 0.35 -4.37
N HIS A 130 -18.29 -0.73 -4.93
CA HIS A 130 -18.93 -1.79 -4.14
C HIS A 130 -17.89 -2.76 -3.57
N HIS A 131 -17.34 -2.42 -2.41
CA HIS A 131 -16.43 -3.29 -1.69
C HIS A 131 -16.98 -3.58 -0.29
N HIS A 132 -16.73 -4.79 0.23
CA HIS A 132 -17.39 -5.26 1.46
C HIS A 132 -18.88 -5.48 1.18
N HIS A 133 -19.18 -6.56 0.45
CA HIS A 133 -20.53 -6.81 -0.06
C HIS A 133 -21.26 -7.89 0.75
N HIS A 134 -22.53 -7.63 1.07
CA HIS A 134 -23.39 -8.62 1.73
C HIS A 134 -24.28 -9.35 0.70
N MET A 1 -8.83 4.38 -1.35
CA MET A 1 -9.06 3.22 -2.26
C MET A 1 -8.45 1.95 -1.67
N ASN A 2 -8.97 0.77 -2.06
CA ASN A 2 -8.47 -0.51 -1.55
C ASN A 2 -7.03 -0.81 -2.04
N ILE A 3 -6.05 -0.11 -1.46
CA ILE A 3 -4.64 -0.32 -1.81
C ILE A 3 -3.71 0.04 -0.64
N VAL A 4 -2.77 -0.87 -0.33
CA VAL A 4 -1.81 -0.66 0.77
C VAL A 4 -0.37 -0.79 0.24
N ILE A 5 0.45 0.23 0.48
CA ILE A 5 1.85 0.21 0.01
C ILE A 5 2.83 0.00 1.18
N VAL A 6 3.61 -1.08 1.12
CA VAL A 6 4.59 -1.40 2.18
C VAL A 6 6.02 -1.09 1.70
N VAL A 7 6.66 -0.09 2.32
CA VAL A 7 8.00 0.34 1.91
C VAL A 7 9.08 -0.09 2.91
N PHE A 8 10.05 -0.88 2.45
CA PHE A 8 11.17 -1.34 3.31
C PHE A 8 12.33 -0.33 3.31
N SER A 9 12.01 0.97 3.29
CA SER A 9 13.02 2.04 3.32
C SER A 9 12.98 2.79 4.66
N THR A 10 13.98 2.56 5.49
CA THR A 10 14.06 3.17 6.84
C THR A 10 14.04 4.70 6.80
N ASP A 11 14.74 5.30 5.84
CA ASP A 11 14.83 6.75 5.74
C ASP A 11 13.83 7.31 4.70
N GLU A 12 13.37 8.54 4.95
CA GLU A 12 12.30 9.16 4.16
C GLU A 12 12.78 9.60 2.77
N GLU A 13 14.10 9.66 2.57
CA GLU A 13 14.68 10.10 1.29
C GLU A 13 14.04 9.39 0.08
N THR A 14 13.98 8.07 0.12
CA THR A 14 13.36 7.28 -0.95
C THR A 14 11.82 7.43 -0.95
N LEU A 15 11.23 7.40 0.25
CA LEU A 15 9.78 7.52 0.42
C LEU A 15 9.24 8.82 -0.22
N ARG A 16 10.05 9.89 -0.15
CA ARG A 16 9.69 11.18 -0.73
C ARG A 16 9.32 11.07 -2.22
N LYS A 17 10.07 10.23 -2.95
CA LYS A 17 9.83 10.04 -4.38
C LYS A 17 8.49 9.33 -4.65
N PHE A 18 8.07 8.47 -3.73
CA PHE A 18 6.79 7.79 -3.85
C PHE A 18 5.61 8.74 -3.61
N LYS A 19 5.77 9.64 -2.65
CA LYS A 19 4.78 10.69 -2.41
C LYS A 19 4.54 11.51 -3.68
N ASP A 20 5.63 11.91 -4.33
CA ASP A 20 5.57 12.68 -5.57
C ASP A 20 4.75 11.95 -6.65
N ILE A 21 4.99 10.64 -6.80
CA ILE A 21 4.27 9.83 -7.78
C ILE A 21 2.75 9.80 -7.51
N ILE A 22 2.37 9.42 -6.29
CA ILE A 22 0.94 9.34 -5.91
C ILE A 22 0.23 10.69 -6.09
N LYS A 23 0.91 11.78 -5.69
CA LYS A 23 0.36 13.13 -5.88
C LYS A 23 0.22 13.47 -7.36
N LYS A 24 1.16 12.99 -8.17
CA LYS A 24 1.16 13.24 -9.62
C LYS A 24 0.00 12.47 -10.30
N ASN A 25 -0.32 11.31 -9.76
CA ASN A 25 -1.45 10.50 -10.26
C ASN A 25 -2.80 11.12 -9.83
N GLY A 26 -2.83 11.74 -8.65
CA GLY A 26 -4.02 12.43 -8.17
C GLY A 26 -4.71 11.75 -6.99
N PHE A 27 -3.92 11.30 -6.01
CA PHE A 27 -4.47 10.65 -4.80
C PHE A 27 -3.86 11.25 -3.53
N LYS A 28 -4.40 10.83 -2.38
CA LYS A 28 -3.93 11.32 -1.07
C LYS A 28 -3.01 10.29 -0.39
N VAL A 29 -1.89 10.76 0.14
CA VAL A 29 -0.87 9.88 0.74
C VAL A 29 -0.97 9.81 2.27
N ARG A 30 -0.86 8.59 2.82
CA ARG A 30 -0.76 8.39 4.27
C ARG A 30 0.51 7.61 4.62
N THR A 31 1.36 8.16 5.49
CA THR A 31 2.62 7.50 5.86
C THR A 31 2.61 7.03 7.32
N VAL A 32 2.45 5.72 7.52
CA VAL A 32 2.39 5.12 8.85
C VAL A 32 3.74 4.50 9.25
N ARG A 33 4.17 4.76 10.48
CA ARG A 33 5.41 4.17 11.01
C ARG A 33 5.17 3.50 12.38
N SER A 34 3.90 3.42 12.79
CA SER A 34 3.52 2.80 14.07
C SER A 34 2.06 2.31 14.04
N PRO A 35 1.72 1.23 14.78
CA PRO A 35 0.34 0.68 14.80
C PRO A 35 -0.72 1.73 15.19
N GLN A 36 -0.35 2.66 16.06
CA GLN A 36 -1.24 3.76 16.45
C GLN A 36 -1.64 4.60 15.22
N GLU A 37 -0.65 5.08 14.46
CA GLU A 37 -0.90 5.83 13.22
C GLU A 37 -1.74 4.99 12.24
N LEU A 38 -1.44 3.70 12.18
CA LEU A 38 -2.17 2.76 11.33
C LEU A 38 -3.65 2.72 11.70
N LYS A 39 -3.94 2.88 13.00
CA LYS A 39 -5.31 2.94 13.49
C LYS A 39 -5.94 4.32 13.21
N ASP A 40 -5.19 5.39 13.52
CA ASP A 40 -5.68 6.76 13.32
C ASP A 40 -6.02 7.06 11.85
N SER A 41 -5.34 6.40 10.92
CA SER A 41 -5.66 6.53 9.49
C SER A 41 -7.11 6.08 9.24
N ILE A 42 -7.45 4.86 9.68
CA ILE A 42 -8.83 4.37 9.61
C ILE A 42 -9.79 5.29 10.37
N GLU A 43 -9.34 5.82 11.51
CA GLU A 43 -10.13 6.77 12.29
C GLU A 43 -10.52 8.00 11.44
N GLU A 44 -9.66 8.38 10.49
CA GLU A 44 -10.01 9.45 9.53
C GLU A 44 -10.84 8.91 8.35
N LEU A 45 -10.55 7.68 7.92
CA LEU A 45 -11.26 7.06 6.78
C LEU A 45 -12.78 6.97 7.03
N VAL A 46 -13.17 6.80 8.29
CA VAL A 46 -14.60 6.74 8.66
C VAL A 46 -15.28 8.12 8.47
N LYS A 47 -14.48 9.17 8.26
CA LYS A 47 -15.00 10.49 7.88
C LYS A 47 -14.68 10.80 6.40
N LYS A 48 -13.39 10.84 6.06
CA LYS A 48 -12.93 11.12 4.69
C LYS A 48 -12.40 9.84 4.02
N TYR A 49 -12.98 9.48 2.88
CA TYR A 49 -12.59 8.25 2.17
C TYR A 49 -12.41 8.48 0.65
N ASN A 50 -12.49 7.39 -0.14
CA ASN A 50 -12.32 7.43 -1.61
C ASN A 50 -10.85 7.54 -2.06
N ALA A 51 -10.35 8.77 -2.20
CA ALA A 51 -9.05 9.02 -2.86
C ALA A 51 -7.83 8.82 -1.94
N THR A 52 -8.07 8.42 -0.70
CA THR A 52 -6.99 8.21 0.27
C THR A 52 -6.28 6.86 0.06
N ILE A 53 -4.94 6.88 0.09
CA ILE A 53 -4.11 5.67 -0.01
C ILE A 53 -3.18 5.55 1.22
N VAL A 54 -3.02 4.33 1.75
CA VAL A 54 -2.20 4.12 2.95
C VAL A 54 -0.84 3.48 2.61
N VAL A 55 0.23 4.05 3.18
CA VAL A 55 1.60 3.56 2.98
C VAL A 55 2.29 3.30 4.32
N VAL A 56 2.74 2.07 4.56
CA VAL A 56 3.41 1.71 5.81
C VAL A 56 4.93 1.54 5.61
N VAL A 57 5.70 2.25 6.42
CA VAL A 57 7.18 2.19 6.35
C VAL A 57 7.74 1.14 7.32
N VAL A 58 8.43 0.15 6.79
CA VAL A 58 8.93 -0.98 7.58
C VAL A 58 10.39 -1.30 7.27
N ASP A 59 10.98 -2.23 8.04
CA ASP A 59 12.37 -2.67 7.81
C ASP A 59 12.46 -4.20 7.62
N ASP A 60 11.81 -4.97 8.49
CA ASP A 60 11.87 -6.44 8.43
C ASP A 60 10.46 -7.07 8.52
N LYS A 61 10.38 -8.35 8.12
CA LYS A 61 9.11 -9.10 8.06
C LYS A 61 8.26 -9.01 9.35
N GLU A 62 8.88 -9.17 10.52
CA GLU A 62 8.14 -9.12 11.79
C GLU A 62 7.38 -7.78 11.95
N TRP A 63 8.11 -6.66 11.89
CA TRP A 63 7.47 -5.34 11.94
C TRP A 63 6.47 -5.16 10.78
N ALA A 64 6.86 -5.60 9.58
CA ALA A 64 6.00 -5.50 8.40
C ALA A 64 4.67 -6.26 8.58
N GLU A 65 4.72 -7.37 9.31
CA GLU A 65 3.53 -8.16 9.60
C GLU A 65 2.53 -7.38 10.46
N LYS A 66 3.05 -6.54 11.36
CA LYS A 66 2.21 -5.74 12.25
C LYS A 66 1.20 -4.87 11.47
N ALA A 67 1.58 -4.45 10.27
CA ALA A 67 0.69 -3.71 9.38
C ALA A 67 -0.48 -4.59 8.91
N ILE A 68 -0.15 -5.70 8.26
CA ILE A 68 -1.17 -6.64 7.77
C ILE A 68 -1.96 -7.24 8.96
N ARG A 69 -1.34 -7.29 10.12
CA ARG A 69 -1.96 -7.79 11.35
C ARG A 69 -3.20 -6.95 11.72
N PHE A 70 -3.14 -5.66 11.41
CA PHE A 70 -4.29 -4.76 11.59
C PHE A 70 -5.23 -4.82 10.37
N VAL A 71 -4.66 -4.71 9.17
CA VAL A 71 -5.43 -4.73 7.91
C VAL A 71 -6.34 -5.96 7.81
N LYS A 72 -5.91 -7.08 8.38
CA LYS A 72 -6.69 -8.34 8.37
C LYS A 72 -8.11 -8.14 8.94
N SER A 73 -8.28 -7.09 9.76
CA SER A 73 -9.58 -6.83 10.43
C SER A 73 -10.55 -6.05 9.53
N LEU A 74 -10.05 -5.50 8.42
CA LEU A 74 -10.90 -4.68 7.53
C LEU A 74 -11.94 -5.54 6.79
N GLY A 75 -11.55 -6.74 6.37
CA GLY A 75 -12.48 -7.62 5.67
C GLY A 75 -12.84 -7.15 4.25
N ALA A 76 -11.82 -6.71 3.50
CA ALA A 76 -12.04 -6.25 2.12
C ALA A 76 -10.84 -6.62 1.21
N GLN A 77 -11.09 -6.68 -0.09
CA GLN A 77 -10.04 -7.00 -1.06
C GLN A 77 -9.19 -5.76 -1.40
N VAL A 78 -7.94 -5.74 -0.94
CA VAL A 78 -7.04 -4.62 -1.19
C VAL A 78 -5.78 -5.03 -1.99
N LEU A 79 -5.26 -4.12 -2.79
CA LEU A 79 -4.02 -4.35 -3.54
C LEU A 79 -2.80 -3.89 -2.72
N ILE A 80 -1.92 -4.82 -2.41
CA ILE A 80 -0.74 -4.52 -1.58
C ILE A 80 0.54 -4.42 -2.43
N ILE A 81 1.11 -3.23 -2.49
CA ILE A 81 2.35 -3.00 -3.24
C ILE A 81 3.55 -2.92 -2.29
N ILE A 82 4.48 -3.87 -2.41
CA ILE A 82 5.65 -3.92 -1.52
C ILE A 82 6.93 -3.49 -2.26
N TYR A 83 7.71 -2.61 -1.62
CA TYR A 83 8.93 -2.07 -2.23
C TYR A 83 10.20 -2.44 -1.44
N ASP A 84 11.11 -3.12 -2.10
CA ASP A 84 12.43 -3.44 -1.53
C ASP A 84 13.42 -3.79 -2.64
N GLN A 85 14.63 -3.22 -2.58
CA GLN A 85 15.67 -3.49 -3.58
C GLN A 85 16.23 -4.91 -3.44
N ASP A 86 16.21 -5.45 -2.24
CA ASP A 86 16.63 -6.83 -1.99
C ASP A 86 15.51 -7.82 -2.37
N GLN A 87 15.51 -8.21 -3.65
CA GLN A 87 14.42 -9.01 -4.23
C GLN A 87 14.21 -10.36 -3.52
N ASN A 88 15.27 -10.88 -2.89
CA ASN A 88 15.19 -12.13 -2.12
C ASN A 88 14.17 -12.03 -0.96
N ARG A 89 14.42 -11.10 -0.04
CA ARG A 89 13.52 -10.90 1.11
C ARG A 89 12.18 -10.31 0.65
N LEU A 90 12.22 -9.45 -0.35
CA LEU A 90 11.01 -8.87 -0.96
C LEU A 90 10.04 -9.97 -1.43
N GLU A 91 10.55 -10.87 -2.26
CA GLU A 91 9.75 -11.95 -2.84
C GLU A 91 9.17 -12.87 -1.74
N GLU A 92 10.01 -13.24 -0.78
CA GLU A 92 9.57 -14.12 0.31
C GLU A 92 8.47 -13.48 1.18
N PHE A 93 8.64 -12.21 1.54
CA PHE A 93 7.61 -11.51 2.33
C PHE A 93 6.29 -11.37 1.53
N SER A 94 6.41 -11.14 0.22
CA SER A 94 5.25 -11.08 -0.66
C SER A 94 4.53 -12.44 -0.72
N ARG A 95 5.32 -13.51 -0.62
CA ARG A 95 4.77 -14.87 -0.49
C ARG A 95 3.96 -15.01 0.82
N GLU A 96 4.50 -14.47 1.90
CA GLU A 96 3.80 -14.46 3.20
C GLU A 96 2.44 -13.75 3.09
N VAL A 97 2.44 -12.56 2.49
CA VAL A 97 1.22 -11.77 2.28
C VAL A 97 0.18 -12.56 1.45
N ARG A 98 0.63 -13.15 0.34
CA ARG A 98 -0.24 -13.98 -0.51
C ARG A 98 -0.68 -15.24 0.24
N ARG A 99 0.17 -15.75 1.12
CA ARG A 99 -0.16 -16.93 1.94
C ARG A 99 -1.30 -16.60 2.92
N ARG A 100 -1.41 -15.33 3.28
CA ARG A 100 -2.52 -14.86 4.12
C ARG A 100 -3.80 -14.62 3.30
N GLY A 101 -3.73 -14.89 2.00
CA GLY A 101 -4.90 -14.76 1.14
C GLY A 101 -5.01 -13.40 0.44
N PHE A 102 -4.02 -12.52 0.67
CA PHE A 102 -4.04 -11.18 0.08
C PHE A 102 -3.38 -11.11 -1.30
N GLU A 103 -3.67 -10.02 -2.02
CA GLU A 103 -3.12 -9.78 -3.35
C GLU A 103 -1.95 -8.79 -3.28
N VAL A 104 -0.77 -9.20 -3.76
CA VAL A 104 0.45 -8.38 -3.62
C VAL A 104 1.21 -8.22 -4.95
N ARG A 105 1.83 -7.04 -5.13
CA ARG A 105 2.70 -6.77 -6.28
C ARG A 105 4.08 -6.30 -5.79
N THR A 106 5.14 -6.84 -6.38
CA THR A 106 6.53 -6.53 -5.96
C THR A 106 7.15 -5.44 -6.84
N VAL A 107 7.55 -4.32 -6.23
CA VAL A 107 8.18 -3.22 -6.96
C VAL A 107 9.62 -2.95 -6.46
N THR A 108 10.51 -2.57 -7.38
CA THR A 108 11.94 -2.39 -7.06
C THR A 108 12.49 -1.03 -7.54
N SER A 109 11.74 -0.33 -8.38
CA SER A 109 12.17 0.98 -8.90
C SER A 109 10.97 1.93 -9.00
N PRO A 110 11.20 3.27 -8.96
CA PRO A 110 10.12 4.27 -9.05
C PRO A 110 9.18 4.06 -10.25
N ASP A 111 9.76 3.79 -11.42
CA ASP A 111 8.97 3.52 -12.64
C ASP A 111 8.24 2.17 -12.52
N ASP A 112 8.95 1.13 -12.11
CA ASP A 112 8.37 -0.20 -11.85
C ASP A 112 7.19 -0.10 -10.85
N PHE A 113 7.27 0.87 -9.95
CA PHE A 113 6.19 1.17 -9.02
C PHE A 113 5.04 1.92 -9.73
N LYS A 114 5.38 3.03 -10.38
CA LYS A 114 4.38 3.90 -11.03
C LYS A 114 3.54 3.13 -12.07
N LYS A 115 4.21 2.42 -12.96
CA LYS A 115 3.52 1.64 -14.01
C LYS A 115 2.57 0.61 -13.39
N SER A 116 3.05 -0.10 -12.37
CA SER A 116 2.23 -1.07 -11.63
C SER A 116 1.03 -0.37 -10.97
N LEU A 117 1.28 0.83 -10.42
CA LEU A 117 0.25 1.62 -9.76
C LEU A 117 -0.83 2.08 -10.76
N GLU A 118 -0.40 2.70 -11.86
CA GLU A 118 -1.32 3.18 -12.91
C GLU A 118 -2.27 2.07 -13.39
N ARG A 119 -1.77 0.83 -13.44
CA ARG A 119 -2.59 -0.33 -13.81
C ARG A 119 -3.61 -0.68 -12.71
N LEU A 120 -3.13 -0.88 -11.49
CA LEU A 120 -4.01 -1.23 -10.36
C LEU A 120 -5.13 -0.19 -10.16
N ILE A 121 -4.76 1.09 -10.25
CA ILE A 121 -5.73 2.19 -10.13
C ILE A 121 -6.89 2.05 -11.13
N ARG A 122 -6.62 1.45 -12.28
CA ARG A 122 -7.66 1.20 -13.29
C ARG A 122 -8.46 -0.07 -12.98
N GLU A 123 -7.81 -1.07 -12.38
CA GLU A 123 -8.48 -2.33 -12.05
C GLU A 123 -9.39 -2.19 -10.82
N VAL A 124 -8.84 -1.74 -9.69
CA VAL A 124 -9.64 -1.54 -8.48
C VAL A 124 -10.49 -0.28 -8.59
N GLY A 125 -9.92 0.80 -9.11
CA GLY A 125 -10.64 2.06 -9.25
C GLY A 125 -11.61 2.09 -10.43
N SER A 126 -12.09 0.92 -10.85
CA SER A 126 -13.07 0.83 -11.93
C SER A 126 -14.51 0.96 -11.39
N LEU A 127 -14.74 0.42 -10.20
CA LEU A 127 -16.07 0.44 -9.57
C LEU A 127 -15.99 0.57 -8.03
N GLU A 128 -14.78 0.71 -7.49
CA GLU A 128 -14.62 0.78 -6.04
C GLU A 128 -15.05 2.14 -5.50
N HIS A 129 -16.01 2.14 -4.57
CA HIS A 129 -16.50 3.39 -3.97
C HIS A 129 -17.29 3.11 -2.67
N HIS A 130 -16.63 2.45 -1.72
CA HIS A 130 -17.25 2.18 -0.41
C HIS A 130 -17.43 3.47 0.41
N HIS A 131 -18.38 3.44 1.35
CA HIS A 131 -18.60 4.54 2.28
C HIS A 131 -18.23 4.12 3.71
N HIS A 132 -18.52 4.98 4.70
CA HIS A 132 -18.09 4.71 6.09
C HIS A 132 -18.99 3.68 6.80
N HIS A 133 -19.83 2.98 6.04
CA HIS A 133 -20.75 2.00 6.62
C HIS A 133 -20.08 0.62 6.78
N HIS A 134 -19.86 0.21 8.04
CA HIS A 134 -19.28 -1.10 8.35
C HIS A 134 -19.74 -1.59 9.74
N MET A 1 -11.52 1.32 -2.29
CA MET A 1 -11.69 1.37 -0.82
C MET A 1 -10.36 1.64 -0.09
N ASN A 2 -9.39 0.73 -0.23
CA ASN A 2 -8.09 0.91 0.45
C ASN A 2 -6.94 0.23 -0.32
N ILE A 3 -5.77 0.87 -0.30
CA ILE A 3 -4.55 0.31 -0.90
C ILE A 3 -3.33 0.60 0.00
N VAL A 4 -2.59 -0.45 0.36
CA VAL A 4 -1.48 -0.34 1.31
C VAL A 4 -0.11 -0.57 0.62
N ILE A 5 0.80 0.39 0.76
CA ILE A 5 2.16 0.27 0.22
C ILE A 5 3.19 0.03 1.33
N VAL A 6 3.78 -1.16 1.36
CA VAL A 6 4.79 -1.53 2.37
C VAL A 6 6.22 -1.26 1.85
N VAL A 7 6.96 -0.38 2.55
CA VAL A 7 8.31 0.01 2.12
C VAL A 7 9.39 -0.45 3.12
N PHE A 8 10.29 -1.32 2.68
CA PHE A 8 11.41 -1.79 3.51
C PHE A 8 12.65 -0.88 3.39
N SER A 9 12.61 0.06 2.45
CA SER A 9 13.73 0.99 2.20
C SER A 9 14.07 1.86 3.42
N THR A 10 13.04 2.26 4.17
CA THR A 10 13.19 3.12 5.38
C THR A 10 13.81 4.51 5.09
N ASP A 11 14.10 4.81 3.82
CA ASP A 11 14.62 6.13 3.44
C ASP A 11 13.48 7.07 3.02
N GLU A 12 13.40 8.24 3.66
CA GLU A 12 12.29 9.17 3.44
C GLU A 12 12.32 9.82 2.04
N GLU A 13 13.50 9.99 1.46
CA GLU A 13 13.62 10.67 0.16
C GLU A 13 13.23 9.71 -0.97
N THR A 14 13.56 8.43 -0.83
CA THR A 14 13.04 7.39 -1.73
C THR A 14 11.51 7.32 -1.61
N LEU A 15 11.02 7.36 -0.38
CA LEU A 15 9.59 7.43 -0.10
C LEU A 15 8.95 8.68 -0.73
N ARG A 16 9.67 9.81 -0.67
CA ARG A 16 9.23 11.08 -1.26
C ARG A 16 8.86 10.91 -2.74
N LYS A 17 9.60 10.04 -3.43
CA LYS A 17 9.30 9.71 -4.83
C LYS A 17 7.87 9.16 -4.98
N PHE A 18 7.56 8.13 -4.21
CA PHE A 18 6.22 7.52 -4.21
C PHE A 18 5.15 8.55 -3.84
N LYS A 19 5.42 9.33 -2.81
CA LYS A 19 4.48 10.36 -2.33
C LYS A 19 4.10 11.34 -3.45
N ASP A 20 5.09 11.82 -4.20
CA ASP A 20 4.83 12.77 -5.28
C ASP A 20 4.04 12.11 -6.42
N ILE A 21 4.40 10.88 -6.78
CA ILE A 21 3.68 10.11 -7.81
C ILE A 21 2.19 9.95 -7.45
N ILE A 22 1.93 9.59 -6.19
CA ILE A 22 0.55 9.45 -5.70
C ILE A 22 -0.23 10.77 -5.85
N LYS A 23 0.40 11.88 -5.48
CA LYS A 23 -0.22 13.21 -5.64
C LYS A 23 -0.48 13.52 -7.11
N LYS A 24 0.49 13.23 -7.97
CA LYS A 24 0.38 13.47 -9.42
C LYS A 24 -0.83 12.73 -10.01
N ASN A 25 -1.09 11.53 -9.51
CA ASN A 25 -2.22 10.72 -9.98
C ASN A 25 -3.58 11.26 -9.45
N GLY A 26 -3.53 12.26 -8.58
CA GLY A 26 -4.76 12.88 -8.07
C GLY A 26 -5.16 12.42 -6.67
N PHE A 27 -4.28 11.65 -6.02
CA PHE A 27 -4.54 11.14 -4.66
C PHE A 27 -3.65 11.83 -3.61
N LYS A 28 -3.91 11.53 -2.34
CA LYS A 28 -3.08 12.02 -1.23
C LYS A 28 -2.31 10.85 -0.58
N VAL A 29 -1.37 11.16 0.32
CA VAL A 29 -0.55 10.14 0.96
C VAL A 29 -0.72 10.11 2.49
N ARG A 30 -0.70 8.89 3.05
CA ARG A 30 -0.71 8.69 4.52
C ARG A 30 0.45 7.77 4.93
N THR A 31 1.56 8.36 5.37
CA THR A 31 2.75 7.59 5.77
C THR A 31 2.64 7.08 7.21
N VAL A 32 3.15 5.87 7.44
CA VAL A 32 3.12 5.23 8.76
C VAL A 32 4.49 4.62 9.14
N ARG A 33 4.90 4.81 10.40
CA ARG A 33 6.14 4.20 10.90
C ARG A 33 5.87 3.33 12.15
N SER A 34 4.71 3.53 12.78
CA SER A 34 4.35 2.77 14.00
C SER A 34 2.87 2.31 13.95
N PRO A 35 2.54 1.21 14.68
CA PRO A 35 1.19 0.59 14.66
C PRO A 35 0.02 1.59 14.84
N GLN A 36 0.10 2.42 15.88
CA GLN A 36 -0.99 3.37 16.19
C GLN A 36 -1.33 4.27 14.99
N GLU A 37 -0.31 4.75 14.28
CA GLU A 37 -0.52 5.60 13.11
C GLU A 37 -1.29 4.86 12.01
N LEU A 38 -0.96 3.59 11.81
CA LEU A 38 -1.66 2.76 10.82
C LEU A 38 -3.15 2.68 11.12
N LYS A 39 -3.48 2.42 12.38
CA LYS A 39 -4.88 2.36 12.83
C LYS A 39 -5.62 3.66 12.51
N ASP A 40 -5.17 4.77 13.11
CA ASP A 40 -5.80 6.08 12.92
C ASP A 40 -5.87 6.49 11.44
N SER A 41 -4.78 6.25 10.69
CA SER A 41 -4.74 6.58 9.26
C SER A 41 -5.88 5.90 8.49
N ILE A 42 -6.05 4.59 8.68
CA ILE A 42 -7.13 3.85 8.02
C ILE A 42 -8.51 4.36 8.48
N GLU A 43 -8.65 4.64 9.79
CA GLU A 43 -9.87 5.22 10.33
C GLU A 43 -10.19 6.58 9.68
N GLU A 44 -9.14 7.28 9.24
CA GLU A 44 -9.29 8.53 8.49
C GLU A 44 -9.68 8.26 7.02
N LEU A 45 -9.07 7.23 6.43
CA LEU A 45 -9.32 6.89 5.02
C LEU A 45 -10.78 6.49 4.77
N VAL A 46 -11.28 5.55 5.57
CA VAL A 46 -12.63 5.00 5.39
C VAL A 46 -13.74 6.11 5.37
N LYS A 47 -13.49 7.23 6.05
CA LYS A 47 -14.49 8.31 6.12
C LYS A 47 -13.96 9.62 5.49
N LYS A 48 -12.89 10.18 6.07
CA LYS A 48 -12.37 11.49 5.66
C LYS A 48 -11.85 11.48 4.21
N TYR A 49 -11.00 10.50 3.87
CA TYR A 49 -10.35 10.48 2.56
C TYR A 49 -10.25 9.07 1.96
N ASN A 50 -11.28 8.67 1.21
CA ASN A 50 -11.27 7.40 0.47
C ASN A 50 -10.24 7.44 -0.68
N ALA A 51 -10.14 8.61 -1.33
CA ALA A 51 -9.18 8.80 -2.43
C ALA A 51 -7.78 9.19 -1.90
N THR A 52 -7.24 8.33 -1.03
CA THR A 52 -5.91 8.56 -0.44
C THR A 52 -5.20 7.23 -0.16
N ILE A 53 -3.91 7.14 -0.51
CA ILE A 53 -3.14 5.91 -0.35
C ILE A 53 -2.33 5.90 0.96
N VAL A 54 -2.31 4.75 1.65
CA VAL A 54 -1.55 4.61 2.90
C VAL A 54 -0.24 3.85 2.67
N VAL A 55 0.88 4.44 3.10
CA VAL A 55 2.20 3.84 2.91
C VAL A 55 2.85 3.49 4.26
N VAL A 56 3.06 2.20 4.50
CA VAL A 56 3.65 1.71 5.76
C VAL A 56 5.15 1.45 5.62
N VAL A 57 5.97 2.28 6.26
CA VAL A 57 7.42 2.09 6.28
C VAL A 57 7.79 1.09 7.39
N VAL A 58 8.42 -0.02 7.01
CA VAL A 58 8.67 -1.11 7.97
C VAL A 58 10.16 -1.32 8.27
N ASP A 59 10.48 -1.41 9.57
CA ASP A 59 11.85 -1.68 10.02
C ASP A 59 12.15 -3.19 10.05
N ASP A 60 11.15 -3.99 10.43
CA ASP A 60 11.30 -5.45 10.50
C ASP A 60 10.10 -6.16 9.84
N LYS A 61 10.30 -7.40 9.41
CA LYS A 61 9.24 -8.15 8.73
C LYS A 61 8.06 -8.48 9.67
N GLU A 62 8.31 -8.48 10.97
CA GLU A 62 7.24 -8.67 11.97
C GLU A 62 6.29 -7.48 11.99
N TRP A 63 6.84 -6.27 11.92
CA TRP A 63 6.02 -5.05 11.78
C TRP A 63 5.27 -5.07 10.44
N ALA A 64 5.98 -5.45 9.37
CA ALA A 64 5.35 -5.62 8.06
C ALA A 64 4.17 -6.60 8.12
N GLU A 65 4.38 -7.74 8.77
CA GLU A 65 3.32 -8.76 8.92
C GLU A 65 2.21 -8.27 9.86
N LYS A 66 2.59 -7.52 10.89
CA LYS A 66 1.62 -6.95 11.83
C LYS A 66 0.66 -5.99 11.12
N ALA A 67 1.20 -5.21 10.17
CA ALA A 67 0.39 -4.33 9.34
C ALA A 67 -0.64 -5.13 8.53
N ILE A 68 -0.18 -6.19 7.88
CA ILE A 68 -1.06 -7.09 7.13
C ILE A 68 -2.09 -7.76 8.07
N ARG A 69 -1.63 -8.12 9.26
CA ARG A 69 -2.50 -8.73 10.28
C ARG A 69 -3.62 -7.76 10.68
N PHE A 70 -3.27 -6.48 10.82
CA PHE A 70 -4.26 -5.45 11.16
C PHE A 70 -5.31 -5.30 10.05
N VAL A 71 -4.84 -5.22 8.79
CA VAL A 71 -5.74 -5.18 7.64
C VAL A 71 -6.64 -6.41 7.59
N LYS A 72 -6.05 -7.57 7.86
CA LYS A 72 -6.79 -8.83 7.99
C LYS A 72 -7.85 -8.70 9.10
N SER A 73 -7.49 -8.04 10.18
CA SER A 73 -8.40 -7.81 11.32
C SER A 73 -9.56 -6.90 10.92
N LEU A 74 -9.32 -6.00 9.96
CA LEU A 74 -10.37 -5.15 9.41
C LEU A 74 -11.43 -5.98 8.67
N GLY A 75 -10.98 -7.10 8.07
CA GLY A 75 -11.87 -7.95 7.29
C GLY A 75 -12.19 -7.36 5.91
N ALA A 76 -11.39 -6.37 5.49
CA ALA A 76 -11.61 -5.69 4.22
C ALA A 76 -10.65 -6.20 3.13
N GLN A 77 -11.11 -6.21 1.89
CA GLN A 77 -10.28 -6.64 0.75
C GLN A 77 -9.52 -5.45 0.14
N VAL A 78 -8.22 -5.38 0.38
CA VAL A 78 -7.40 -4.26 -0.08
C VAL A 78 -6.31 -4.70 -1.06
N LEU A 79 -5.73 -3.74 -1.77
CA LEU A 79 -4.63 -3.99 -2.69
C LEU A 79 -3.29 -3.60 -2.04
N ILE A 80 -2.28 -4.46 -2.13
CA ILE A 80 -1.00 -4.24 -1.44
C ILE A 80 0.18 -4.12 -2.42
N ILE A 81 1.02 -3.11 -2.21
CA ILE A 81 2.24 -2.92 -3.00
C ILE A 81 3.48 -2.95 -2.09
N ILE A 82 4.46 -3.80 -2.41
CA ILE A 82 5.66 -3.92 -1.56
C ILE A 82 6.92 -3.47 -2.31
N TYR A 83 7.78 -2.70 -1.62
CA TYR A 83 9.02 -2.18 -2.19
C TYR A 83 10.24 -2.49 -1.30
N ASP A 84 11.16 -3.30 -1.82
CA ASP A 84 12.41 -3.62 -1.11
C ASP A 84 13.55 -3.92 -2.09
N GLN A 85 14.78 -3.72 -1.63
CA GLN A 85 15.97 -3.94 -2.44
C GLN A 85 16.55 -5.35 -2.22
N ASP A 86 16.31 -5.91 -1.04
CA ASP A 86 16.79 -7.25 -0.70
C ASP A 86 15.78 -8.33 -1.16
N GLN A 87 15.96 -8.81 -2.40
CA GLN A 87 15.03 -9.76 -3.01
C GLN A 87 14.77 -10.99 -2.11
N ASN A 88 15.80 -11.43 -1.39
CA ASN A 88 15.67 -12.53 -0.43
C ASN A 88 14.56 -12.24 0.61
N ARG A 89 14.64 -11.07 1.24
CA ARG A 89 13.63 -10.63 2.22
C ARG A 89 12.28 -10.37 1.53
N LEU A 90 12.33 -9.60 0.44
CA LEU A 90 11.14 -9.21 -0.33
C LEU A 90 10.20 -10.42 -0.59
N GLU A 91 10.72 -11.45 -1.26
CA GLU A 91 9.90 -12.61 -1.63
C GLU A 91 9.53 -13.47 -0.42
N GLU A 92 10.38 -13.50 0.60
CA GLU A 92 10.10 -14.23 1.85
C GLU A 92 8.80 -13.71 2.48
N PHE A 93 8.71 -12.40 2.65
CA PHE A 93 7.51 -11.76 3.19
C PHE A 93 6.35 -11.81 2.19
N SER A 94 6.63 -11.47 0.93
CA SER A 94 5.61 -11.46 -0.14
C SER A 94 4.88 -12.81 -0.26
N ARG A 95 5.58 -13.89 0.05
CA ARG A 95 4.98 -15.24 0.05
C ARG A 95 3.82 -15.31 1.07
N GLU A 96 4.10 -14.88 2.30
CA GLU A 96 3.11 -14.89 3.37
C GLU A 96 1.96 -13.91 3.11
N VAL A 97 2.22 -12.87 2.33
CA VAL A 97 1.16 -11.90 1.98
C VAL A 97 0.11 -12.52 1.06
N ARG A 98 0.56 -13.08 -0.08
CA ARG A 98 -0.35 -13.72 -1.04
C ARG A 98 -1.03 -14.93 -0.39
N ARG A 99 -0.30 -15.62 0.48
CA ARG A 99 -0.83 -16.76 1.24
C ARG A 99 -2.12 -16.39 1.99
N ARG A 100 -2.26 -15.11 2.34
CA ARG A 100 -3.43 -14.63 3.11
C ARG A 100 -4.56 -14.09 2.21
N GLY A 101 -4.46 -14.33 0.91
CA GLY A 101 -5.52 -13.96 -0.02
C GLY A 101 -5.38 -12.56 -0.61
N PHE A 102 -4.59 -11.70 0.04
CA PHE A 102 -4.40 -10.31 -0.44
C PHE A 102 -3.60 -10.27 -1.75
N GLU A 103 -3.94 -9.31 -2.63
CA GLU A 103 -3.21 -9.12 -3.88
C GLU A 103 -1.91 -8.34 -3.65
N VAL A 104 -0.79 -9.06 -3.65
CA VAL A 104 0.53 -8.46 -3.45
C VAL A 104 1.18 -8.07 -4.79
N ARG A 105 1.59 -6.81 -4.90
CA ARG A 105 2.27 -6.30 -6.10
C ARG A 105 3.69 -5.86 -5.74
N THR A 106 4.69 -6.48 -6.37
CA THR A 106 6.09 -6.23 -6.05
C THR A 106 6.74 -5.21 -7.01
N VAL A 107 7.37 -4.18 -6.45
CA VAL A 107 8.06 -3.15 -7.25
C VAL A 107 9.48 -2.89 -6.73
N THR A 108 10.43 -2.70 -7.65
CA THR A 108 11.84 -2.49 -7.28
C THR A 108 12.36 -1.10 -7.69
N SER A 109 11.47 -0.24 -8.18
CA SER A 109 11.86 1.12 -8.62
C SER A 109 10.63 2.04 -8.72
N PRO A 110 10.81 3.35 -8.45
CA PRO A 110 9.73 4.36 -8.57
C PRO A 110 9.00 4.29 -9.93
N ASP A 111 9.76 4.09 -11.02
CA ASP A 111 9.17 3.96 -12.35
C ASP A 111 8.32 2.69 -12.47
N ASP A 112 8.88 1.55 -12.07
CA ASP A 112 8.12 0.28 -12.04
C ASP A 112 6.88 0.40 -11.15
N PHE A 113 6.99 1.20 -10.10
CA PHE A 113 5.85 1.51 -9.22
C PHE A 113 4.76 2.28 -9.99
N LYS A 114 5.14 3.36 -10.66
CA LYS A 114 4.19 4.20 -11.39
C LYS A 114 3.43 3.40 -12.47
N LYS A 115 4.18 2.76 -13.38
CA LYS A 115 3.58 2.01 -14.49
C LYS A 115 2.63 0.91 -13.99
N SER A 116 2.87 0.43 -12.77
CA SER A 116 1.97 -0.53 -12.12
C SER A 116 0.76 0.17 -11.51
N LEU A 117 1.03 1.25 -10.76
CA LEU A 117 -0.02 2.00 -10.06
C LEU A 117 -1.07 2.56 -11.05
N GLU A 118 -0.61 3.04 -12.21
CA GLU A 118 -1.50 3.59 -13.24
C GLU A 118 -2.54 2.54 -13.70
N ARG A 119 -2.24 1.27 -13.46
CA ARG A 119 -3.19 0.18 -13.69
C ARG A 119 -4.00 -0.11 -12.43
N LEU A 120 -3.29 -0.34 -11.33
CA LEU A 120 -3.90 -0.71 -10.05
C LEU A 120 -5.00 0.27 -9.61
N ILE A 121 -4.77 1.57 -9.84
CA ILE A 121 -5.76 2.61 -9.50
C ILE A 121 -7.13 2.33 -10.15
N ARG A 122 -7.12 1.98 -11.43
CA ARG A 122 -8.36 1.74 -12.18
C ARG A 122 -9.13 0.53 -11.62
N GLU A 123 -8.39 -0.45 -11.13
CA GLU A 123 -8.98 -1.70 -10.61
C GLU A 123 -9.47 -1.53 -9.16
N VAL A 124 -8.67 -0.87 -8.33
CA VAL A 124 -9.01 -0.69 -6.91
C VAL A 124 -10.09 0.39 -6.70
N GLY A 125 -10.15 1.37 -7.61
CA GLY A 125 -11.14 2.43 -7.50
C GLY A 125 -11.37 3.20 -8.80
N SER A 126 -12.27 2.69 -9.65
CA SER A 126 -12.60 3.34 -10.93
C SER A 126 -13.81 4.28 -10.80
N LEU A 127 -13.97 5.15 -11.79
CA LEU A 127 -15.11 6.07 -11.85
C LEU A 127 -16.31 5.45 -12.59
N GLU A 128 -16.07 4.35 -13.29
CA GLU A 128 -17.09 3.67 -14.06
C GLU A 128 -17.86 2.63 -13.22
N HIS A 129 -19.12 2.94 -12.90
CA HIS A 129 -19.95 2.04 -12.10
C HIS A 129 -20.99 1.31 -12.97
N HIS A 130 -21.02 1.63 -14.26
CA HIS A 130 -21.89 0.95 -15.23
C HIS A 130 -21.21 0.87 -16.60
N HIS A 131 -21.10 -0.34 -17.15
CA HIS A 131 -20.36 -0.56 -18.38
C HIS A 131 -21.28 -0.53 -19.62
N HIS A 132 -20.94 0.32 -20.59
CA HIS A 132 -21.69 0.42 -21.84
C HIS A 132 -20.93 -0.30 -22.98
N HIS A 133 -21.51 -1.38 -23.50
CA HIS A 133 -20.85 -2.18 -24.55
C HIS A 133 -21.86 -2.99 -25.37
N HIS A 134 -21.62 -3.07 -26.68
CA HIS A 134 -22.43 -3.90 -27.58
C HIS A 134 -21.73 -5.25 -27.85
N MET A 1 -11.37 1.41 -4.50
CA MET A 1 -11.10 0.74 -3.20
C MET A 1 -9.72 1.12 -2.65
N ASN A 2 -9.53 0.95 -1.33
CA ASN A 2 -8.28 1.34 -0.65
C ASN A 2 -7.06 0.52 -1.15
N ILE A 3 -5.89 1.14 -1.06
CA ILE A 3 -4.62 0.50 -1.47
C ILE A 3 -3.48 0.89 -0.51
N VAL A 4 -2.79 -0.13 0.01
CA VAL A 4 -1.69 0.09 0.97
C VAL A 4 -0.32 -0.14 0.31
N ILE A 5 0.66 0.70 0.65
CA ILE A 5 2.02 0.56 0.10
C ILE A 5 3.05 0.35 1.23
N VAL A 6 3.72 -0.79 1.21
CA VAL A 6 4.74 -1.13 2.20
C VAL A 6 6.16 -0.83 1.67
N VAL A 7 6.81 0.18 2.25
CA VAL A 7 8.15 0.61 1.79
C VAL A 7 9.23 0.27 2.83
N PHE A 8 10.22 -0.53 2.43
CA PHE A 8 11.30 -0.97 3.34
C PHE A 8 12.47 0.04 3.41
N SER A 9 12.22 1.30 3.11
CA SER A 9 13.26 2.34 3.19
C SER A 9 12.86 3.43 4.20
N THR A 10 13.49 3.40 5.38
CA THR A 10 13.14 4.32 6.49
C THR A 10 13.35 5.79 6.13
N ASP A 11 14.38 6.09 5.35
CA ASP A 11 14.69 7.48 4.97
C ASP A 11 13.62 8.08 4.04
N GLU A 12 13.01 9.18 4.48
CA GLU A 12 11.93 9.85 3.73
C GLU A 12 12.41 10.38 2.37
N GLU A 13 13.72 10.45 2.17
CA GLU A 13 14.31 10.92 0.90
C GLU A 13 13.84 10.08 -0.29
N THR A 14 13.99 8.75 -0.18
CA THR A 14 13.51 7.83 -1.22
C THR A 14 11.98 7.76 -1.23
N LEU A 15 11.39 7.76 -0.04
CA LEU A 15 9.92 7.75 0.11
C LEU A 15 9.29 8.95 -0.59
N ARG A 16 9.98 10.09 -0.55
CA ARG A 16 9.52 11.32 -1.19
C ARG A 16 9.26 11.12 -2.69
N LYS A 17 10.11 10.31 -3.32
CA LYS A 17 9.98 10.03 -4.76
C LYS A 17 8.70 9.26 -5.06
N PHE A 18 8.31 8.36 -4.16
CA PHE A 18 7.06 7.60 -4.32
C PHE A 18 5.85 8.52 -4.19
N LYS A 19 5.92 9.48 -3.26
CA LYS A 19 4.86 10.49 -3.09
C LYS A 19 4.62 11.25 -4.39
N ASP A 20 5.71 11.67 -5.05
CA ASP A 20 5.63 12.36 -6.33
C ASP A 20 4.89 11.53 -7.39
N ILE A 21 5.16 10.23 -7.42
CA ILE A 21 4.51 9.31 -8.37
C ILE A 21 3.02 9.12 -8.04
N ILE A 22 2.70 9.02 -6.75
CA ILE A 22 1.30 8.90 -6.30
C ILE A 22 0.48 10.14 -6.71
N LYS A 23 1.04 11.32 -6.46
CA LYS A 23 0.37 12.59 -6.81
C LYS A 23 0.09 12.71 -8.32
N LYS A 24 0.92 12.05 -9.13
CA LYS A 24 0.73 12.03 -10.59
C LYS A 24 -0.65 11.47 -10.96
N ASN A 25 -1.16 10.54 -10.16
CA ASN A 25 -2.45 9.91 -10.42
C ASN A 25 -3.59 10.62 -9.67
N GLY A 26 -3.24 11.62 -8.85
CA GLY A 26 -4.23 12.44 -8.16
C GLY A 26 -4.75 11.86 -6.84
N PHE A 27 -3.87 11.22 -6.06
CA PHE A 27 -4.26 10.66 -4.76
C PHE A 27 -3.48 11.28 -3.60
N LYS A 28 -4.10 11.29 -2.41
CA LYS A 28 -3.46 11.81 -1.20
C LYS A 28 -2.54 10.74 -0.55
N VAL A 29 -1.44 11.18 0.05
CA VAL A 29 -0.46 10.26 0.66
C VAL A 29 -0.49 10.33 2.20
N ARG A 30 -0.61 9.17 2.85
CA ARG A 30 -0.57 9.09 4.33
C ARG A 30 0.45 8.03 4.78
N THR A 31 1.66 8.49 5.11
CA THR A 31 2.78 7.59 5.46
C THR A 31 2.75 7.19 6.94
N VAL A 32 2.91 5.90 7.22
CA VAL A 32 2.82 5.36 8.58
C VAL A 32 4.14 4.69 9.01
N ARG A 33 4.58 4.98 10.23
CA ARG A 33 5.73 4.28 10.84
C ARG A 33 5.31 3.57 12.14
N SER A 34 4.46 4.21 12.93
CA SER A 34 3.95 3.65 14.19
C SER A 34 2.55 3.05 14.03
N PRO A 35 2.27 1.89 14.67
CA PRO A 35 0.97 1.20 14.57
C PRO A 35 -0.23 2.10 14.88
N GLN A 36 -0.02 3.10 15.76
CA GLN A 36 -1.06 4.08 16.07
C GLN A 36 -1.54 4.82 14.82
N GLU A 37 -0.58 5.32 14.02
CA GLU A 37 -0.88 6.07 12.80
C GLU A 37 -1.76 5.25 11.83
N LEU A 38 -1.47 3.96 11.74
CA LEU A 38 -2.25 3.05 10.90
C LEU A 38 -3.67 2.88 11.44
N LYS A 39 -3.82 2.90 12.76
CA LYS A 39 -5.14 2.80 13.39
C LYS A 39 -5.95 4.07 13.14
N ASP A 40 -5.29 5.24 13.22
CA ASP A 40 -5.94 6.53 12.95
C ASP A 40 -6.70 6.52 11.63
N SER A 41 -6.05 5.99 10.59
CA SER A 41 -6.65 5.91 9.24
C SER A 41 -7.93 5.06 9.26
N ILE A 42 -7.82 3.85 9.81
CA ILE A 42 -8.95 2.91 9.90
C ILE A 42 -10.13 3.52 10.71
N GLU A 43 -9.80 4.27 11.75
CA GLU A 43 -10.82 4.93 12.58
C GLU A 43 -11.55 6.05 11.80
N GLU A 44 -10.94 6.53 10.72
CA GLU A 44 -11.56 7.53 9.85
C GLU A 44 -12.38 6.89 8.72
N LEU A 45 -12.14 5.62 8.41
CA LEU A 45 -12.89 4.92 7.36
C LEU A 45 -14.41 4.96 7.63
N VAL A 46 -14.78 4.86 8.92
CA VAL A 46 -16.19 4.98 9.32
C VAL A 46 -16.78 6.36 8.93
N LYS A 47 -15.92 7.37 8.94
CA LYS A 47 -16.33 8.72 8.55
C LYS A 47 -16.52 8.80 7.03
N LYS A 48 -15.42 8.78 6.28
CA LYS A 48 -15.45 8.84 4.82
C LYS A 48 -14.34 7.97 4.20
N TYR A 49 -14.72 7.03 3.34
CA TYR A 49 -13.73 6.26 2.57
C TYR A 49 -13.13 7.11 1.45
N ASN A 50 -12.27 8.05 1.82
CA ASN A 50 -11.70 9.01 0.87
C ASN A 50 -10.50 8.42 0.10
N ALA A 51 -10.25 8.94 -1.11
CA ALA A 51 -9.16 8.46 -1.95
C ALA A 51 -7.78 8.87 -1.38
N THR A 52 -7.32 8.12 -0.39
CA THR A 52 -6.01 8.37 0.23
C THR A 52 -5.20 7.07 0.33
N ILE A 53 -4.02 7.05 -0.29
CA ILE A 53 -3.15 5.88 -0.25
C ILE A 53 -2.26 5.89 1.00
N VAL A 54 -2.45 4.89 1.87
CA VAL A 54 -1.67 4.78 3.10
C VAL A 54 -0.36 4.00 2.86
N VAL A 55 0.77 4.68 3.06
CA VAL A 55 2.09 4.09 2.79
C VAL A 55 2.81 3.73 4.10
N VAL A 56 2.84 2.43 4.42
CA VAL A 56 3.49 1.95 5.64
C VAL A 56 5.00 1.75 5.42
N VAL A 57 5.80 2.61 6.05
CA VAL A 57 7.26 2.53 5.92
C VAL A 57 7.85 1.62 7.02
N VAL A 58 8.35 0.46 6.62
CA VAL A 58 8.82 -0.55 7.57
C VAL A 58 10.35 -0.68 7.57
N ASP A 59 10.91 -0.98 8.74
CA ASP A 59 12.34 -1.24 8.89
C ASP A 59 12.69 -2.71 8.57
N ASP A 60 12.08 -3.64 9.31
CA ASP A 60 12.31 -5.07 9.09
C ASP A 60 10.99 -5.81 8.80
N LYS A 61 11.11 -7.12 8.49
CA LYS A 61 9.94 -7.97 8.26
C LYS A 61 9.04 -8.04 9.51
N GLU A 62 9.64 -7.87 10.69
CA GLU A 62 8.91 -7.90 11.95
C GLU A 62 7.74 -6.89 11.96
N TRP A 63 8.07 -5.60 11.81
CA TRP A 63 7.04 -4.55 11.75
C TRP A 63 6.11 -4.74 10.53
N ALA A 64 6.68 -5.16 9.40
CA ALA A 64 5.87 -5.46 8.21
C ALA A 64 4.77 -6.50 8.53
N GLU A 65 5.16 -7.55 9.26
CA GLU A 65 4.21 -8.58 9.71
C GLU A 65 3.13 -8.01 10.63
N LYS A 66 3.55 -7.24 11.65
CA LYS A 66 2.62 -6.62 12.59
C LYS A 66 1.57 -5.78 11.85
N ALA A 67 2.02 -5.03 10.84
CA ALA A 67 1.14 -4.22 10.01
C ALA A 67 0.09 -5.08 9.30
N ILE A 68 0.54 -6.10 8.57
CA ILE A 68 -0.37 -7.00 7.84
C ILE A 68 -1.35 -7.72 8.80
N ARG A 69 -0.82 -8.18 9.93
CA ARG A 69 -1.64 -8.84 10.96
C ARG A 69 -2.72 -7.89 11.51
N PHE A 70 -2.38 -6.60 11.60
CA PHE A 70 -3.33 -5.57 12.05
C PHE A 70 -4.42 -5.33 10.99
N VAL A 71 -4.01 -5.28 9.73
CA VAL A 71 -4.94 -5.07 8.60
C VAL A 71 -5.90 -6.26 8.42
N LYS A 72 -5.44 -7.48 8.72
CA LYS A 72 -6.26 -8.69 8.55
C LYS A 72 -7.58 -8.61 9.34
N SER A 73 -7.55 -7.93 10.49
CA SER A 73 -8.74 -7.81 11.35
C SER A 73 -9.90 -7.11 10.63
N LEU A 74 -9.59 -6.41 9.54
CA LEU A 74 -10.60 -5.74 8.73
C LEU A 74 -11.46 -6.75 7.94
N GLY A 75 -10.80 -7.73 7.33
CA GLY A 75 -11.51 -8.72 6.51
C GLY A 75 -12.23 -8.10 5.31
N ALA A 76 -11.46 -7.65 4.32
CA ALA A 76 -12.03 -7.01 3.13
C ALA A 76 -11.07 -7.11 1.93
N GLN A 77 -11.47 -6.54 0.80
CA GLN A 77 -10.64 -6.56 -0.42
C GLN A 77 -9.76 -5.30 -0.52
N VAL A 78 -8.46 -5.46 -0.31
CA VAL A 78 -7.51 -4.34 -0.43
C VAL A 78 -6.28 -4.75 -1.26
N LEU A 79 -5.69 -3.77 -1.96
CA LEU A 79 -4.49 -4.01 -2.78
C LEU A 79 -3.23 -3.49 -2.06
N ILE A 80 -2.14 -4.25 -2.12
CA ILE A 80 -0.89 -3.88 -1.44
C ILE A 80 0.30 -3.86 -2.40
N ILE A 81 1.13 -2.81 -2.33
CA ILE A 81 2.36 -2.73 -3.12
C ILE A 81 3.58 -2.67 -2.19
N ILE A 82 4.52 -3.58 -2.37
CA ILE A 82 5.71 -3.66 -1.49
C ILE A 82 7.00 -3.31 -2.27
N TYR A 83 7.86 -2.49 -1.66
CA TYR A 83 9.12 -2.07 -2.28
C TYR A 83 10.35 -2.52 -1.47
N ASP A 84 11.28 -3.19 -2.15
CA ASP A 84 12.60 -3.54 -1.60
C ASP A 84 13.53 -4.05 -2.71
N GLN A 85 14.84 -4.00 -2.47
CA GLN A 85 15.84 -4.36 -3.48
C GLN A 85 16.10 -5.88 -3.54
N ASP A 86 16.17 -6.52 -2.37
CA ASP A 86 16.45 -7.95 -2.30
C ASP A 86 15.17 -8.81 -2.46
N GLN A 87 15.20 -9.73 -3.42
CA GLN A 87 14.01 -10.53 -3.74
C GLN A 87 13.75 -11.65 -2.71
N ASN A 88 14.80 -12.14 -2.06
CA ASN A 88 14.65 -13.18 -1.02
C ASN A 88 13.77 -12.69 0.14
N ARG A 89 13.93 -11.44 0.53
CA ARG A 89 13.07 -10.82 1.54
C ARG A 89 11.76 -10.30 0.93
N LEU A 90 11.87 -9.63 -0.21
CA LEU A 90 10.72 -9.01 -0.89
C LEU A 90 9.65 -10.05 -1.33
N GLU A 91 10.04 -10.98 -2.19
CA GLU A 91 9.09 -11.93 -2.76
C GLU A 91 8.55 -12.92 -1.72
N GLU A 92 9.44 -13.46 -0.88
CA GLU A 92 9.03 -14.41 0.19
C GLU A 92 7.85 -13.86 1.02
N PHE A 93 8.01 -12.63 1.51
CA PHE A 93 6.95 -11.95 2.26
C PHE A 93 5.69 -11.80 1.38
N SER A 94 5.89 -11.31 0.16
CA SER A 94 4.80 -11.11 -0.81
C SER A 94 3.94 -12.36 -1.02
N ARG A 95 4.59 -13.52 -1.13
CA ARG A 95 3.90 -14.78 -1.46
C ARG A 95 2.86 -15.16 -0.38
N GLU A 96 3.25 -15.08 0.90
CA GLU A 96 2.32 -15.43 1.97
C GLU A 96 1.21 -14.38 2.10
N VAL A 97 1.49 -13.14 1.72
CA VAL A 97 0.45 -12.09 1.69
C VAL A 97 -0.72 -12.52 0.79
N ARG A 98 -0.40 -13.08 -0.38
CA ARG A 98 -1.41 -13.69 -1.25
C ARG A 98 -2.13 -14.83 -0.54
N ARG A 99 -1.35 -15.68 0.13
CA ARG A 99 -1.88 -16.81 0.90
C ARG A 99 -2.84 -16.35 2.02
N ARG A 100 -2.63 -15.13 2.51
CA ARG A 100 -3.49 -14.55 3.56
C ARG A 100 -4.77 -13.92 2.99
N GLY A 101 -4.96 -14.04 1.67
CA GLY A 101 -6.19 -13.55 1.04
C GLY A 101 -6.09 -12.13 0.49
N PHE A 102 -4.90 -11.53 0.55
CA PHE A 102 -4.69 -10.15 0.05
C PHE A 102 -4.09 -10.14 -1.36
N GLU A 103 -4.37 -9.07 -2.10
CA GLU A 103 -3.72 -8.83 -3.40
C GLU A 103 -2.44 -8.00 -3.21
N VAL A 104 -1.30 -8.51 -3.67
CA VAL A 104 -0.02 -7.83 -3.47
C VAL A 104 0.85 -7.78 -4.74
N ARG A 105 1.55 -6.67 -4.94
CA ARG A 105 2.47 -6.47 -6.05
C ARG A 105 3.82 -5.93 -5.54
N THR A 106 4.92 -6.49 -6.05
CA THR A 106 6.26 -6.08 -5.60
C THR A 106 7.00 -5.26 -6.67
N VAL A 107 7.82 -4.31 -6.21
CA VAL A 107 8.64 -3.48 -7.10
C VAL A 107 10.06 -3.30 -6.53
N THR A 108 11.06 -3.38 -7.41
CA THR A 108 12.47 -3.23 -7.01
C THR A 108 12.98 -1.80 -7.21
N SER A 109 12.28 -1.03 -8.04
CA SER A 109 12.72 0.34 -8.36
C SER A 109 11.52 1.30 -8.51
N PRO A 110 11.70 2.59 -8.16
CA PRO A 110 10.64 3.61 -8.32
C PRO A 110 10.02 3.63 -9.73
N ASP A 111 10.84 3.37 -10.75
CA ASP A 111 10.35 3.28 -12.13
C ASP A 111 9.33 2.13 -12.29
N ASP A 112 9.66 0.97 -11.74
CA ASP A 112 8.74 -0.17 -11.70
C ASP A 112 7.50 0.16 -10.87
N PHE A 113 7.70 0.88 -9.77
CA PHE A 113 6.58 1.35 -8.93
C PHE A 113 5.60 2.19 -9.76
N LYS A 114 6.14 3.14 -10.52
CA LYS A 114 5.35 3.95 -11.45
C LYS A 114 4.54 3.07 -12.43
N LYS A 115 5.26 2.28 -13.21
CA LYS A 115 4.64 1.45 -14.26
C LYS A 115 3.56 0.51 -13.70
N SER A 116 3.76 0.01 -12.49
CA SER A 116 2.78 -0.86 -11.83
C SER A 116 1.60 -0.05 -11.26
N LEU A 117 1.92 1.04 -10.55
CA LEU A 117 0.92 1.88 -9.88
C LEU A 117 -0.13 2.43 -10.86
N GLU A 118 0.34 2.92 -12.01
CA GLU A 118 -0.56 3.50 -13.04
C GLU A 118 -1.71 2.55 -13.39
N ARG A 119 -1.38 1.29 -13.65
CA ARG A 119 -2.38 0.29 -14.04
C ARG A 119 -3.29 -0.07 -12.86
N LEU A 120 -2.67 -0.46 -11.74
CA LEU A 120 -3.39 -0.91 -10.55
C LEU A 120 -4.44 0.11 -10.07
N ILE A 121 -4.06 1.37 -10.01
CA ILE A 121 -4.95 2.44 -9.55
C ILE A 121 -6.28 2.48 -10.33
N ARG A 122 -6.21 2.38 -11.66
CA ARG A 122 -7.41 2.42 -12.49
C ARG A 122 -8.30 1.19 -12.25
N GLU A 123 -7.68 0.03 -12.06
CA GLU A 123 -8.43 -1.22 -11.84
C GLU A 123 -9.07 -1.26 -10.43
N VAL A 124 -8.38 -0.72 -9.44
CA VAL A 124 -8.90 -0.69 -8.06
C VAL A 124 -9.84 0.52 -7.83
N GLY A 125 -9.71 1.54 -8.67
CA GLY A 125 -10.58 2.70 -8.58
C GLY A 125 -11.87 2.54 -9.39
N SER A 126 -11.72 2.33 -10.70
CA SER A 126 -12.88 2.11 -11.59
C SER A 126 -13.08 0.61 -11.83
N LEU A 127 -14.08 0.03 -11.17
CA LEU A 127 -14.36 -1.42 -11.27
C LEU A 127 -15.55 -1.72 -12.18
N GLU A 128 -16.19 -0.66 -12.68
CA GLU A 128 -17.31 -0.80 -13.63
C GLU A 128 -16.91 -0.33 -15.03
N HIS A 129 -17.23 -1.13 -16.06
CA HIS A 129 -16.82 -0.84 -17.44
C HIS A 129 -17.88 0.01 -18.17
N HIS A 130 -17.53 1.26 -18.48
CA HIS A 130 -18.42 2.15 -19.22
C HIS A 130 -17.63 3.12 -20.11
N HIS A 131 -18.26 3.60 -21.18
CA HIS A 131 -17.60 4.51 -22.12
C HIS A 131 -17.24 5.85 -21.47
N HIS A 132 -15.98 6.25 -21.57
CA HIS A 132 -15.51 7.52 -20.99
C HIS A 132 -15.87 8.71 -21.90
N HIS A 133 -16.34 8.43 -23.12
CA HIS A 133 -16.85 9.46 -24.01
C HIS A 133 -18.29 9.84 -23.60
N HIS A 134 -18.41 10.51 -22.46
CA HIS A 134 -19.72 10.89 -21.89
C HIS A 134 -20.03 12.38 -22.13
N MET A 1 -11.18 -3.03 -1.50
CA MET A 1 -11.58 -1.59 -1.46
C MET A 1 -10.37 -0.63 -1.56
N ASN A 2 -9.53 -0.58 -0.52
CA ASN A 2 -8.45 0.43 -0.45
C ASN A 2 -7.11 -0.12 -0.96
N ILE A 3 -6.09 0.75 -0.99
CA ILE A 3 -4.74 0.36 -1.39
C ILE A 3 -3.69 0.79 -0.34
N VAL A 4 -2.82 -0.15 0.04
CA VAL A 4 -1.78 0.11 1.05
C VAL A 4 -0.38 -0.19 0.49
N ILE A 5 0.53 0.77 0.61
CA ILE A 5 1.90 0.60 0.10
C ILE A 5 2.90 0.35 1.24
N VAL A 6 3.49 -0.84 1.27
CA VAL A 6 4.48 -1.20 2.30
C VAL A 6 5.92 -1.00 1.79
N VAL A 7 6.63 -0.05 2.40
CA VAL A 7 8.01 0.27 1.99
C VAL A 7 9.02 -0.14 3.08
N PHE A 8 10.03 -0.90 2.70
CA PHE A 8 11.08 -1.34 3.64
C PHE A 8 12.30 -0.42 3.61
N SER A 9 12.46 0.34 2.53
CA SER A 9 13.59 1.27 2.39
C SER A 9 13.50 2.42 3.41
N THR A 10 14.24 2.30 4.50
CA THR A 10 14.23 3.31 5.57
C THR A 10 14.76 4.67 5.10
N ASP A 11 15.42 4.70 3.95
CA ASP A 11 15.91 5.96 3.35
C ASP A 11 14.75 6.77 2.76
N GLU A 12 14.31 7.81 3.49
CA GLU A 12 13.10 8.55 3.15
C GLU A 12 13.16 9.26 1.79
N GLU A 13 14.36 9.57 1.30
CA GLU A 13 14.50 10.27 0.00
C GLU A 13 13.85 9.46 -1.14
N THR A 14 13.91 8.13 -1.05
CA THR A 14 13.26 7.26 -2.04
C THR A 14 11.73 7.31 -1.89
N LEU A 15 11.25 7.29 -0.64
CA LEU A 15 9.83 7.45 -0.35
C LEU A 15 9.30 8.79 -0.87
N ARG A 16 10.18 9.79 -0.84
CA ARG A 16 9.85 11.14 -1.30
C ARG A 16 9.35 11.12 -2.76
N LYS A 17 9.98 10.29 -3.59
CA LYS A 17 9.56 10.11 -4.99
C LYS A 17 8.15 9.47 -5.07
N PHE A 18 7.92 8.45 -4.24
CA PHE A 18 6.64 7.74 -4.22
C PHE A 18 5.48 8.70 -3.97
N LYS A 19 5.65 9.58 -2.98
CA LYS A 19 4.62 10.56 -2.63
C LYS A 19 4.30 11.50 -3.80
N ASP A 20 5.31 11.76 -4.65
CA ASP A 20 5.14 12.62 -5.82
C ASP A 20 4.43 11.88 -6.97
N ILE A 21 4.77 10.60 -7.14
CA ILE A 21 4.11 9.76 -8.14
C ILE A 21 2.61 9.63 -7.84
N ILE A 22 2.28 9.40 -6.57
CA ILE A 22 0.88 9.32 -6.12
C ILE A 22 0.12 10.63 -6.38
N LYS A 23 0.70 11.76 -5.94
CA LYS A 23 0.06 13.08 -6.08
C LYS A 23 -0.28 13.42 -7.54
N LYS A 24 0.52 12.92 -8.49
CA LYS A 24 0.27 13.18 -9.92
C LYS A 24 -1.15 12.72 -10.33
N ASN A 25 -1.60 11.63 -9.74
CA ASN A 25 -2.89 11.02 -10.10
C ASN A 25 -4.06 11.66 -9.33
N GLY A 26 -3.76 12.63 -8.48
CA GLY A 26 -4.80 13.31 -7.71
C GLY A 26 -5.09 12.68 -6.35
N PHE A 27 -4.18 11.83 -5.87
CA PHE A 27 -4.34 11.16 -4.58
C PHE A 27 -3.35 11.71 -3.53
N LYS A 28 -3.79 11.78 -2.28
CA LYS A 28 -2.97 12.32 -1.19
C LYS A 28 -2.38 11.20 -0.32
N VAL A 29 -1.15 11.37 0.12
CA VAL A 29 -0.39 10.31 0.81
C VAL A 29 -0.38 10.45 2.33
N ARG A 30 -0.59 9.33 3.03
CA ARG A 30 -0.45 9.27 4.49
C ARG A 30 0.72 8.35 4.89
N THR A 31 1.84 8.93 5.30
CA THR A 31 3.03 8.14 5.67
C THR A 31 2.92 7.56 7.09
N VAL A 32 3.02 6.24 7.19
CA VAL A 32 2.96 5.54 8.48
C VAL A 32 4.34 4.99 8.87
N ARG A 33 4.72 5.21 10.13
CA ARG A 33 5.96 4.66 10.68
C ARG A 33 5.66 3.94 12.00
N SER A 34 4.75 4.52 12.78
CA SER A 34 4.29 3.94 14.04
C SER A 34 2.88 3.33 13.88
N PRO A 35 2.60 2.19 14.56
CA PRO A 35 1.28 1.52 14.49
C PRO A 35 0.10 2.47 14.75
N GLN A 36 0.31 3.45 15.62
CA GLN A 36 -0.71 4.45 15.96
C GLN A 36 -1.23 5.18 14.71
N GLU A 37 -0.34 5.43 13.76
CA GLU A 37 -0.69 6.11 12.50
C GLU A 37 -1.61 5.23 11.63
N LEU A 38 -1.19 3.99 11.40
CA LEU A 38 -1.97 3.03 10.60
C LEU A 38 -3.37 2.83 11.20
N LYS A 39 -3.40 2.64 12.52
CA LYS A 39 -4.64 2.50 13.28
C LYS A 39 -5.63 3.65 12.98
N ASP A 40 -5.23 4.87 13.33
CA ASP A 40 -6.07 6.05 13.12
C ASP A 40 -6.43 6.28 11.65
N SER A 41 -5.48 6.08 10.75
CA SER A 41 -5.72 6.26 9.32
C SER A 41 -6.93 5.43 8.84
N ILE A 42 -6.98 4.17 9.25
CA ILE A 42 -8.07 3.27 8.85
C ILE A 42 -9.42 3.69 9.47
N GLU A 43 -9.41 4.04 10.77
CA GLU A 43 -10.64 4.43 11.47
C GLU A 43 -11.16 5.80 11.01
N GLU A 44 -10.29 6.60 10.38
CA GLU A 44 -10.71 7.83 9.72
C GLU A 44 -11.31 7.52 8.32
N LEU A 45 -10.59 6.72 7.54
CA LEU A 45 -11.02 6.35 6.19
C LEU A 45 -12.33 5.55 6.17
N VAL A 46 -12.61 4.82 7.25
CA VAL A 46 -13.88 4.07 7.35
C VAL A 46 -15.08 5.03 7.48
N LYS A 47 -14.82 6.23 7.99
CA LYS A 47 -15.86 7.26 8.11
C LYS A 47 -15.98 8.08 6.82
N LYS A 48 -14.84 8.41 6.22
CA LYS A 48 -14.80 9.13 4.93
C LYS A 48 -13.65 8.66 4.06
N TYR A 49 -13.93 8.38 2.79
CA TYR A 49 -12.90 7.90 1.85
C TYR A 49 -12.91 8.75 0.56
N ASN A 50 -11.86 9.55 0.37
CA ASN A 50 -11.78 10.45 -0.79
C ASN A 50 -10.32 10.68 -1.24
N ALA A 51 -9.94 10.01 -2.33
CA ALA A 51 -8.62 10.22 -2.97
C ALA A 51 -7.44 10.15 -1.97
N THR A 52 -7.51 9.22 -1.00
CA THR A 52 -6.46 9.10 0.02
C THR A 52 -5.77 7.73 -0.03
N ILE A 53 -4.45 7.72 -0.13
CA ILE A 53 -3.65 6.49 -0.14
C ILE A 53 -2.68 6.47 1.06
N VAL A 54 -2.56 5.31 1.71
CA VAL A 54 -1.68 5.18 2.89
C VAL A 54 -0.43 4.33 2.59
N VAL A 55 0.72 4.82 3.05
CA VAL A 55 2.01 4.14 2.82
C VAL A 55 2.68 3.77 4.15
N VAL A 56 2.77 2.47 4.43
CA VAL A 56 3.38 1.97 5.67
C VAL A 56 4.88 1.68 5.47
N VAL A 57 5.73 2.56 5.97
CA VAL A 57 7.18 2.38 5.88
C VAL A 57 7.74 1.73 7.15
N VAL A 58 8.21 0.50 7.03
CA VAL A 58 8.64 -0.29 8.20
C VAL A 58 10.17 -0.35 8.36
N ASP A 59 10.63 -0.98 9.45
CA ASP A 59 12.06 -1.24 9.66
C ASP A 59 12.40 -2.73 9.39
N ASP A 60 11.48 -3.62 9.76
CA ASP A 60 11.68 -5.07 9.63
C ASP A 60 10.42 -5.78 9.12
N LYS A 61 10.56 -7.06 8.77
CA LYS A 61 9.42 -7.87 8.27
C LYS A 61 8.38 -8.15 9.36
N GLU A 62 8.83 -8.16 10.62
CA GLU A 62 7.94 -8.49 11.75
C GLU A 62 6.80 -7.47 11.87
N TRP A 63 7.14 -6.18 11.99
CA TRP A 63 6.14 -5.12 12.02
C TRP A 63 5.31 -5.12 10.71
N ALA A 64 5.96 -5.38 9.59
CA ALA A 64 5.28 -5.45 8.30
C ALA A 64 4.19 -6.54 8.29
N GLU A 65 4.52 -7.74 8.77
CA GLU A 65 3.57 -8.86 8.78
C GLU A 65 2.48 -8.65 9.86
N LYS A 66 2.86 -8.03 10.98
CA LYS A 66 1.88 -7.66 12.02
C LYS A 66 0.86 -6.66 11.48
N ALA A 67 1.32 -5.71 10.65
CA ALA A 67 0.42 -4.78 9.98
C ALA A 67 -0.61 -5.52 9.12
N ILE A 68 -0.13 -6.55 8.39
CA ILE A 68 -1.01 -7.39 7.57
C ILE A 68 -2.04 -8.14 8.44
N ARG A 69 -1.62 -8.53 9.65
CA ARG A 69 -2.54 -9.20 10.59
C ARG A 69 -3.65 -8.24 11.03
N PHE A 70 -3.29 -6.97 11.25
CA PHE A 70 -4.25 -5.92 11.58
C PHE A 70 -5.27 -5.73 10.44
N VAL A 71 -4.77 -5.69 9.21
CA VAL A 71 -5.63 -5.61 8.02
C VAL A 71 -6.58 -6.83 7.92
N LYS A 72 -6.04 -8.02 8.18
CA LYS A 72 -6.84 -9.24 8.18
C LYS A 72 -7.96 -9.15 9.22
N SER A 73 -7.66 -8.52 10.36
CA SER A 73 -8.66 -8.33 11.44
C SER A 73 -9.86 -7.50 10.96
N LEU A 74 -9.66 -6.70 9.92
CA LEU A 74 -10.73 -5.87 9.35
C LEU A 74 -11.75 -6.73 8.58
N GLY A 75 -11.25 -7.73 7.86
CA GLY A 75 -12.12 -8.59 7.06
C GLY A 75 -12.38 -8.05 5.65
N ALA A 76 -11.79 -6.90 5.35
CA ALA A 76 -11.95 -6.25 4.03
C ALA A 76 -10.71 -6.47 3.14
N GLN A 77 -10.94 -6.77 1.87
CA GLN A 77 -9.84 -6.97 0.92
C GLN A 77 -9.25 -5.64 0.45
N VAL A 78 -7.93 -5.53 0.45
CA VAL A 78 -7.22 -4.34 -0.01
C VAL A 78 -6.04 -4.70 -0.92
N LEU A 79 -5.68 -3.78 -1.82
CA LEU A 79 -4.55 -4.00 -2.73
C LEU A 79 -3.26 -3.42 -2.12
N ILE A 80 -2.22 -4.25 -2.03
CA ILE A 80 -0.97 -3.86 -1.38
C ILE A 80 0.22 -3.86 -2.36
N ILE A 81 1.13 -2.91 -2.20
CA ILE A 81 2.36 -2.86 -3.00
C ILE A 81 3.60 -2.86 -2.09
N ILE A 82 4.55 -3.74 -2.38
CA ILE A 82 5.75 -3.89 -1.55
C ILE A 82 7.02 -3.42 -2.29
N TYR A 83 7.83 -2.61 -1.61
CA TYR A 83 9.10 -2.12 -2.18
C TYR A 83 10.30 -2.54 -1.32
N ASP A 84 11.19 -3.33 -1.90
CA ASP A 84 12.42 -3.76 -1.23
C ASP A 84 13.54 -3.99 -2.27
N GLN A 85 14.80 -4.03 -1.81
CA GLN A 85 15.97 -4.13 -2.71
C GLN A 85 16.51 -5.57 -2.82
N ASP A 86 16.09 -6.47 -1.93
CA ASP A 86 16.52 -7.86 -1.98
C ASP A 86 15.40 -8.76 -2.55
N GLN A 87 15.75 -9.60 -3.52
CA GLN A 87 14.75 -10.40 -4.24
C GLN A 87 14.04 -11.44 -3.34
N ASN A 88 14.80 -12.37 -2.76
CA ASN A 88 14.23 -13.41 -1.89
C ASN A 88 13.45 -12.78 -0.71
N ARG A 89 14.04 -11.76 -0.10
CA ARG A 89 13.41 -10.98 0.98
C ARG A 89 12.12 -10.30 0.50
N LEU A 90 12.15 -9.70 -0.69
CA LEU A 90 10.97 -9.07 -1.29
C LEU A 90 9.85 -10.09 -1.52
N GLU A 91 10.22 -11.23 -2.11
CA GLU A 91 9.28 -12.32 -2.34
C GLU A 91 8.73 -12.89 -1.02
N GLU A 92 9.61 -13.03 -0.03
CA GLU A 92 9.24 -13.61 1.28
C GLU A 92 8.00 -12.92 1.87
N PHE A 93 8.06 -11.61 2.04
CA PHE A 93 6.92 -10.86 2.59
C PHE A 93 5.71 -10.95 1.64
N SER A 94 5.97 -11.00 0.34
CA SER A 94 4.91 -11.22 -0.65
C SER A 94 4.21 -12.56 -0.42
N ARG A 95 4.99 -13.57 -0.03
CA ARG A 95 4.44 -14.89 0.32
C ARG A 95 3.56 -14.78 1.58
N GLU A 96 4.07 -14.04 2.57
CA GLU A 96 3.33 -13.78 3.80
C GLU A 96 1.93 -13.20 3.52
N VAL A 97 1.89 -12.16 2.69
CA VAL A 97 0.63 -11.49 2.34
C VAL A 97 -0.29 -12.39 1.48
N ARG A 98 0.24 -12.92 0.39
CA ARG A 98 -0.55 -13.77 -0.53
C ARG A 98 -1.07 -15.03 0.15
N ARG A 99 -0.29 -15.59 1.06
CA ARG A 99 -0.69 -16.80 1.79
C ARG A 99 -1.94 -16.57 2.63
N ARG A 100 -2.17 -15.32 3.05
CA ARG A 100 -3.34 -14.97 3.85
C ARG A 100 -4.55 -14.60 2.97
N GLY A 101 -4.33 -14.56 1.65
CA GLY A 101 -5.44 -14.29 0.72
C GLY A 101 -5.61 -12.81 0.37
N PHE A 102 -4.52 -12.04 0.42
CA PHE A 102 -4.56 -10.64 -0.01
C PHE A 102 -3.81 -10.41 -1.33
N GLU A 103 -4.28 -9.42 -2.10
CA GLU A 103 -3.66 -9.04 -3.36
C GLU A 103 -2.46 -8.11 -3.13
N VAL A 104 -1.27 -8.55 -3.51
CA VAL A 104 -0.06 -7.75 -3.33
C VAL A 104 0.83 -7.74 -4.58
N ARG A 105 1.44 -6.60 -4.86
CA ARG A 105 2.29 -6.41 -6.04
C ARG A 105 3.67 -5.89 -5.62
N THR A 106 4.74 -6.56 -6.05
CA THR A 106 6.10 -6.22 -5.63
C THR A 106 6.90 -5.51 -6.74
N VAL A 107 7.72 -4.53 -6.36
CA VAL A 107 8.56 -3.78 -7.30
C VAL A 107 9.99 -3.58 -6.76
N THR A 108 10.98 -3.60 -7.65
CA THR A 108 12.40 -3.42 -7.25
C THR A 108 12.94 -2.03 -7.63
N SER A 109 12.06 -1.15 -8.12
CA SER A 109 12.47 0.18 -8.59
C SER A 109 11.32 1.18 -8.53
N PRO A 110 11.59 2.46 -8.15
CA PRO A 110 10.56 3.51 -8.10
C PRO A 110 9.80 3.69 -9.44
N ASP A 111 10.50 3.53 -10.56
CA ASP A 111 9.88 3.65 -11.88
C ASP A 111 8.89 2.49 -12.12
N ASP A 112 9.32 1.26 -11.80
CA ASP A 112 8.43 0.09 -11.81
C ASP A 112 7.22 0.31 -10.89
N PHE A 113 7.49 0.88 -9.72
CA PHE A 113 6.41 1.26 -8.78
C PHE A 113 5.40 2.21 -9.45
N LYS A 114 5.92 3.22 -10.13
CA LYS A 114 5.09 4.19 -10.85
C LYS A 114 4.12 3.49 -11.82
N LYS A 115 4.68 2.70 -12.75
CA LYS A 115 3.88 2.00 -13.77
C LYS A 115 2.86 1.04 -13.12
N SER A 116 3.26 0.37 -12.04
CA SER A 116 2.36 -0.52 -11.31
C SER A 116 1.21 0.27 -10.66
N LEU A 117 1.56 1.31 -9.91
CA LEU A 117 0.57 2.14 -9.20
C LEU A 117 -0.46 2.75 -10.16
N GLU A 118 0.03 3.51 -11.14
CA GLU A 118 -0.84 4.21 -12.09
C GLU A 118 -1.77 3.25 -12.85
N ARG A 119 -1.29 2.03 -13.12
CA ARG A 119 -2.14 1.00 -13.71
C ARG A 119 -3.18 0.47 -12.71
N LEU A 120 -2.71 -0.06 -11.58
CA LEU A 120 -3.57 -0.72 -10.59
C LEU A 120 -4.80 0.11 -10.21
N ILE A 121 -4.61 1.41 -10.02
CA ILE A 121 -5.73 2.31 -9.70
C ILE A 121 -6.84 2.23 -10.77
N ARG A 122 -6.44 2.11 -12.03
CA ARG A 122 -7.40 1.95 -13.14
C ARG A 122 -7.84 0.49 -13.32
N GLU A 123 -6.98 -0.46 -12.92
CA GLU A 123 -7.30 -1.88 -13.01
C GLU A 123 -8.48 -2.22 -12.08
N VAL A 124 -8.50 -1.62 -10.89
CA VAL A 124 -9.61 -1.80 -9.95
C VAL A 124 -10.68 -0.69 -10.12
N GLY A 125 -10.23 0.54 -10.40
CA GLY A 125 -11.16 1.64 -10.60
C GLY A 125 -11.45 2.43 -9.32
N SER A 126 -10.39 2.87 -8.64
CA SER A 126 -10.50 3.56 -7.34
C SER A 126 -10.93 5.03 -7.49
N LEU A 127 -11.51 5.41 -8.63
CA LEU A 127 -11.90 6.81 -8.87
C LEU A 127 -13.15 6.93 -9.75
N GLU A 128 -13.20 6.16 -10.84
CA GLU A 128 -14.28 6.28 -11.83
C GLU A 128 -15.58 5.57 -11.39
N HIS A 129 -15.98 5.78 -10.13
CA HIS A 129 -17.22 5.17 -9.61
C HIS A 129 -18.47 5.89 -10.15
N HIS A 130 -18.82 5.58 -11.40
CA HIS A 130 -20.01 6.16 -12.05
C HIS A 130 -21.30 5.70 -11.35
N HIS A 131 -22.10 6.66 -10.89
CA HIS A 131 -23.31 6.36 -10.11
C HIS A 131 -24.50 6.02 -11.02
N HIS A 132 -24.82 4.74 -11.12
CA HIS A 132 -25.97 4.29 -11.92
C HIS A 132 -26.56 2.99 -11.36
N HIS A 133 -27.87 2.96 -11.14
CA HIS A 133 -28.55 1.81 -10.55
C HIS A 133 -29.69 1.28 -11.45
N HIS A 134 -30.28 0.16 -11.05
CA HIS A 134 -31.42 -0.43 -11.76
C HIS A 134 -32.42 -1.10 -10.79
N MET A 1 -11.91 0.03 -2.05
CA MET A 1 -11.78 1.51 -2.02
C MET A 1 -10.47 1.99 -1.39
N ASN A 2 -9.50 1.08 -1.19
CA ASN A 2 -8.22 1.46 -0.56
C ASN A 2 -7.05 0.61 -1.10
N ILE A 3 -5.84 1.15 -0.96
CA ILE A 3 -4.62 0.48 -1.41
C ILE A 3 -3.47 0.73 -0.42
N VAL A 4 -2.77 -0.34 -0.04
CA VAL A 4 -1.70 -0.26 0.98
C VAL A 4 -0.31 -0.47 0.35
N ILE A 5 0.59 0.48 0.57
CA ILE A 5 1.96 0.41 0.04
C ILE A 5 2.99 0.16 1.16
N VAL A 6 3.58 -1.03 1.19
CA VAL A 6 4.58 -1.38 2.21
C VAL A 6 6.00 -1.05 1.72
N VAL A 7 6.67 -0.15 2.43
CA VAL A 7 8.01 0.34 2.04
C VAL A 7 9.08 -0.09 3.06
N PHE A 8 10.00 -0.98 2.63
CA PHE A 8 11.09 -1.45 3.50
C PHE A 8 12.29 -0.49 3.49
N SER A 9 12.18 0.63 2.79
CA SER A 9 13.23 1.66 2.78
C SER A 9 12.88 2.83 3.69
N THR A 10 13.66 3.00 4.76
CA THR A 10 13.42 4.07 5.74
C THR A 10 13.92 5.43 5.25
N ASP A 11 14.93 5.42 4.38
CA ASP A 11 15.56 6.64 3.90
C ASP A 11 14.60 7.49 3.02
N GLU A 12 14.59 8.79 3.29
CA GLU A 12 13.67 9.73 2.62
C GLU A 12 13.78 9.65 1.09
N GLU A 13 15.00 9.56 0.58
CA GLU A 13 15.25 9.64 -0.87
C GLU A 13 14.39 8.66 -1.69
N THR A 14 14.11 7.48 -1.14
CA THR A 14 13.27 6.49 -1.84
C THR A 14 11.77 6.77 -1.62
N LEU A 15 11.39 7.03 -0.36
CA LEU A 15 9.99 7.34 -0.03
C LEU A 15 9.51 8.60 -0.77
N ARG A 16 10.46 9.49 -1.07
CA ARG A 16 10.23 10.69 -1.88
C ARG A 16 9.53 10.33 -3.22
N LYS A 17 9.98 9.24 -3.85
CA LYS A 17 9.38 8.78 -5.11
C LYS A 17 7.91 8.42 -4.92
N PHE A 18 7.61 7.60 -3.92
CA PHE A 18 6.25 7.14 -3.66
C PHE A 18 5.29 8.32 -3.40
N LYS A 19 5.71 9.26 -2.56
CA LYS A 19 4.91 10.46 -2.26
C LYS A 19 4.61 11.29 -3.52
N ASP A 20 5.66 11.58 -4.30
CA ASP A 20 5.52 12.39 -5.52
C ASP A 20 4.60 11.70 -6.56
N ILE A 21 4.81 10.40 -6.76
CA ILE A 21 4.00 9.65 -7.74
C ILE A 21 2.51 9.67 -7.38
N ILE A 22 2.17 9.37 -6.12
CA ILE A 22 0.77 9.40 -5.67
C ILE A 22 0.13 10.78 -5.95
N LYS A 23 0.88 11.85 -5.66
CA LYS A 23 0.44 13.21 -6.00
C LYS A 23 0.38 13.43 -7.52
N LYS A 24 1.24 12.71 -8.24
CA LYS A 24 1.31 12.80 -9.70
C LYS A 24 0.06 12.16 -10.35
N ASN A 25 -0.49 11.14 -9.70
CA ASN A 25 -1.76 10.55 -10.14
C ASN A 25 -2.94 11.45 -9.74
N GLY A 26 -2.87 11.99 -8.51
CA GLY A 26 -3.91 12.90 -8.03
C GLY A 26 -4.57 12.44 -6.73
N PHE A 27 -3.82 11.72 -5.90
CA PHE A 27 -4.35 11.18 -4.64
C PHE A 27 -3.65 11.79 -3.42
N LYS A 28 -4.15 11.49 -2.23
CA LYS A 28 -3.56 11.97 -0.97
C LYS A 28 -2.72 10.89 -0.29
N VAL A 29 -1.59 11.28 0.30
CA VAL A 29 -0.63 10.32 0.87
C VAL A 29 -0.71 10.25 2.42
N ARG A 30 -0.77 9.03 2.96
CA ARG A 30 -0.63 8.82 4.41
C ARG A 30 0.51 7.82 4.70
N THR A 31 1.70 8.33 4.98
CA THR A 31 2.86 7.46 5.27
C THR A 31 2.96 7.10 6.75
N VAL A 32 2.53 5.89 7.08
CA VAL A 32 2.46 5.43 8.47
C VAL A 32 3.66 4.56 8.86
N ARG A 33 4.24 4.84 10.03
CA ARG A 33 5.31 4.00 10.60
C ARG A 33 5.10 3.84 12.12
N SER A 34 3.85 4.02 12.56
CA SER A 34 3.51 3.92 13.99
C SER A 34 2.14 3.25 14.20
N PRO A 35 2.02 2.45 15.27
CA PRO A 35 0.77 1.72 15.59
C PRO A 35 -0.45 2.65 15.76
N GLN A 36 -0.25 3.76 16.47
CA GLN A 36 -1.35 4.73 16.67
C GLN A 36 -1.81 5.34 15.35
N GLU A 37 -0.88 5.57 14.43
CA GLU A 37 -1.20 6.11 13.10
C GLU A 37 -1.94 5.08 12.24
N LEU A 38 -1.57 3.80 12.37
CA LEU A 38 -2.28 2.72 11.67
C LEU A 38 -3.74 2.64 12.16
N LYS A 39 -3.92 2.69 13.48
CA LYS A 39 -5.26 2.73 14.08
C LYS A 39 -6.00 4.04 13.72
N ASP A 40 -5.26 5.14 13.65
CA ASP A 40 -5.82 6.45 13.28
C ASP A 40 -6.40 6.40 11.85
N SER A 41 -5.68 5.74 10.95
CA SER A 41 -6.13 5.57 9.56
C SER A 41 -7.46 4.80 9.50
N ILE A 42 -7.69 3.93 10.49
CA ILE A 42 -8.97 3.20 10.59
C ILE A 42 -10.12 4.15 10.93
N GLU A 43 -9.91 5.05 11.88
CA GLU A 43 -10.90 6.09 12.20
C GLU A 43 -11.18 6.97 10.98
N GLU A 44 -10.15 7.21 10.18
CA GLU A 44 -10.29 8.02 8.98
C GLU A 44 -11.28 7.36 7.98
N LEU A 45 -11.32 6.02 7.99
CA LEU A 45 -12.26 5.26 7.15
C LEU A 45 -13.71 5.68 7.41
N VAL A 46 -14.07 5.81 8.70
CA VAL A 46 -15.43 6.21 9.08
C VAL A 46 -15.60 7.75 9.02
N LYS A 47 -14.51 8.49 9.20
CA LYS A 47 -14.55 9.96 9.16
C LYS A 47 -14.50 10.48 7.70
N LYS A 48 -13.29 10.59 7.13
CA LYS A 48 -13.12 11.07 5.75
C LYS A 48 -12.06 10.25 5.02
N TYR A 49 -12.48 9.44 4.06
CA TYR A 49 -11.52 8.61 3.32
C TYR A 49 -11.87 8.53 1.83
N ASN A 50 -11.45 9.54 1.07
CA ASN A 50 -11.68 9.59 -0.38
C ASN A 50 -10.36 9.86 -1.11
N ALA A 51 -9.97 8.95 -2.01
CA ALA A 51 -8.74 9.12 -2.81
C ALA A 51 -7.48 9.20 -1.92
N THR A 52 -7.53 8.56 -0.76
CA THR A 52 -6.40 8.57 0.19
C THR A 52 -5.64 7.24 0.15
N ILE A 53 -4.39 7.28 -0.31
CA ILE A 53 -3.54 6.09 -0.36
C ILE A 53 -2.62 6.01 0.88
N VAL A 54 -2.65 4.87 1.56
CA VAL A 54 -1.86 4.69 2.79
C VAL A 54 -0.55 3.91 2.51
N VAL A 55 0.57 4.53 2.89
CA VAL A 55 1.90 3.94 2.70
C VAL A 55 2.52 3.52 4.03
N VAL A 56 2.61 2.21 4.27
CA VAL A 56 3.17 1.69 5.53
C VAL A 56 4.69 1.56 5.44
N VAL A 57 5.40 2.52 6.03
CA VAL A 57 6.87 2.50 6.07
C VAL A 57 7.37 1.57 7.19
N VAL A 58 8.16 0.57 6.82
CA VAL A 58 8.61 -0.45 7.77
C VAL A 58 10.14 -0.60 7.79
N ASP A 59 10.73 -0.61 8.98
CA ASP A 59 12.17 -0.89 9.13
C ASP A 59 12.40 -2.39 9.41
N ASP A 60 11.70 -2.92 10.42
CA ASP A 60 11.76 -4.36 10.73
C ASP A 60 10.52 -5.07 10.18
N LYS A 61 10.67 -6.32 9.77
CA LYS A 61 9.56 -7.09 9.18
C LYS A 61 8.44 -7.35 10.18
N GLU A 62 8.77 -7.30 11.48
CA GLU A 62 7.77 -7.44 12.55
C GLU A 62 6.62 -6.43 12.36
N TRP A 63 6.99 -5.15 12.22
CA TRP A 63 6.01 -4.08 12.01
C TRP A 63 5.25 -4.28 10.68
N ALA A 64 5.95 -4.75 9.65
CA ALA A 64 5.34 -5.05 8.36
C ALA A 64 4.22 -6.10 8.48
N GLU A 65 4.57 -7.26 9.03
CA GLU A 65 3.60 -8.34 9.27
C GLU A 65 2.52 -7.89 10.26
N LYS A 66 2.91 -7.10 11.26
CA LYS A 66 1.96 -6.56 12.24
C LYS A 66 0.84 -5.76 11.53
N ALA A 67 1.22 -5.03 10.48
CA ALA A 67 0.27 -4.28 9.66
C ALA A 67 -0.58 -5.22 8.78
N ILE A 68 0.09 -6.02 7.94
CA ILE A 68 -0.59 -6.93 7.00
C ILE A 68 -1.56 -7.87 7.73
N ARG A 69 -1.08 -8.50 8.79
CA ARG A 69 -1.89 -9.39 9.63
C ARG A 69 -3.12 -8.66 10.21
N PHE A 70 -2.91 -7.40 10.61
CA PHE A 70 -3.99 -6.57 11.15
C PHE A 70 -5.02 -6.20 10.07
N VAL A 71 -4.53 -5.90 8.87
CA VAL A 71 -5.42 -5.60 7.73
C VAL A 71 -6.32 -6.80 7.39
N LYS A 72 -5.75 -8.00 7.43
CA LYS A 72 -6.52 -9.23 7.18
C LYS A 72 -7.62 -9.41 8.26
N SER A 73 -7.35 -8.95 9.47
CA SER A 73 -8.35 -8.99 10.56
C SER A 73 -9.56 -8.11 10.23
N LEU A 74 -9.31 -7.00 9.53
CA LEU A 74 -10.38 -6.07 9.11
C LEU A 74 -11.37 -6.73 8.15
N GLY A 75 -10.85 -7.54 7.22
CA GLY A 75 -11.69 -8.24 6.26
C GLY A 75 -11.99 -7.45 4.99
N ALA A 76 -11.27 -6.34 4.79
CA ALA A 76 -11.44 -5.51 3.60
C ALA A 76 -10.37 -5.83 2.54
N GLN A 77 -10.81 -6.24 1.35
CA GLN A 77 -9.88 -6.55 0.26
C GLN A 77 -9.20 -5.28 -0.28
N VAL A 78 -7.92 -5.12 0.08
CA VAL A 78 -7.12 -3.99 -0.39
C VAL A 78 -5.94 -4.48 -1.24
N LEU A 79 -5.50 -3.64 -2.17
CA LEU A 79 -4.36 -3.96 -3.03
C LEU A 79 -3.05 -3.52 -2.36
N ILE A 80 -2.09 -4.42 -2.27
CA ILE A 80 -0.83 -4.16 -1.57
C ILE A 80 0.36 -4.07 -2.53
N ILE A 81 1.15 -3.01 -2.39
CA ILE A 81 2.40 -2.86 -3.15
C ILE A 81 3.60 -2.89 -2.21
N ILE A 82 4.52 -3.81 -2.42
CA ILE A 82 5.67 -3.99 -1.53
C ILE A 82 7.01 -3.62 -2.22
N TYR A 83 7.78 -2.77 -1.56
CA TYR A 83 9.10 -2.37 -2.05
C TYR A 83 10.22 -2.81 -1.09
N ASP A 84 11.17 -3.59 -1.60
CA ASP A 84 12.35 -3.98 -0.82
C ASP A 84 13.61 -3.98 -1.70
N GLN A 85 14.76 -3.90 -1.07
CA GLN A 85 16.05 -3.83 -1.78
C GLN A 85 16.53 -5.22 -2.25
N ASP A 86 16.00 -6.28 -1.63
CA ASP A 86 16.42 -7.65 -1.94
C ASP A 86 15.38 -8.40 -2.80
N GLN A 87 15.77 -9.59 -3.26
CA GLN A 87 14.86 -10.46 -4.02
C GLN A 87 14.34 -11.61 -3.13
N ASN A 88 15.25 -12.41 -2.59
CA ASN A 88 14.89 -13.55 -1.74
C ASN A 88 14.12 -13.10 -0.48
N ARG A 89 14.67 -12.11 0.23
CA ARG A 89 14.00 -11.56 1.42
C ARG A 89 12.61 -10.98 1.07
N LEU A 90 12.52 -10.34 -0.10
CA LEU A 90 11.24 -9.81 -0.60
C LEU A 90 10.24 -10.94 -0.87
N GLU A 91 10.70 -12.00 -1.54
CA GLU A 91 9.87 -13.19 -1.79
C GLU A 91 9.37 -13.81 -0.48
N GLU A 92 10.28 -14.04 0.46
CA GLU A 92 9.96 -14.65 1.76
C GLU A 92 8.81 -13.89 2.48
N PHE A 93 8.77 -12.57 2.30
CA PHE A 93 7.70 -11.75 2.89
C PHE A 93 6.43 -11.76 2.00
N SER A 94 6.59 -11.40 0.73
CA SER A 94 5.46 -11.30 -0.22
C SER A 94 4.70 -12.62 -0.35
N ARG A 95 5.44 -13.74 -0.32
CA ARG A 95 4.84 -15.07 -0.40
C ARG A 95 3.78 -15.27 0.69
N GLU A 96 4.14 -14.92 1.93
CA GLU A 96 3.19 -15.00 3.04
C GLU A 96 1.97 -14.10 2.80
N VAL A 97 2.23 -12.83 2.48
CA VAL A 97 1.16 -11.86 2.19
C VAL A 97 0.20 -12.38 1.11
N ARG A 98 0.78 -13.03 0.09
CA ARG A 98 -0.02 -13.63 -0.99
C ARG A 98 -0.87 -14.80 -0.45
N ARG A 99 -0.23 -15.66 0.36
CA ARG A 99 -0.89 -16.81 0.96
C ARG A 99 -2.02 -16.36 1.91
N ARG A 100 -1.85 -15.18 2.53
CA ARG A 100 -2.88 -14.62 3.41
C ARG A 100 -4.16 -14.23 2.64
N GLY A 101 -4.10 -14.30 1.31
CA GLY A 101 -5.28 -14.04 0.47
C GLY A 101 -5.33 -12.63 -0.10
N PHE A 102 -4.19 -11.94 -0.13
CA PHE A 102 -4.13 -10.56 -0.63
C PHE A 102 -3.44 -10.45 -2.00
N GLU A 103 -4.02 -9.60 -2.86
CA GLU A 103 -3.40 -9.23 -4.14
C GLU A 103 -2.21 -8.30 -3.88
N VAL A 104 -1.03 -8.67 -4.38
CA VAL A 104 0.19 -7.93 -4.06
C VAL A 104 1.13 -7.77 -5.25
N ARG A 105 1.67 -6.55 -5.40
CA ARG A 105 2.65 -6.24 -6.45
C ARG A 105 4.01 -5.87 -5.85
N THR A 106 5.06 -6.56 -6.29
CA THR A 106 6.43 -6.31 -5.81
C THR A 106 7.19 -5.37 -6.75
N VAL A 107 7.81 -4.33 -6.21
CA VAL A 107 8.57 -3.37 -7.01
C VAL A 107 9.99 -3.13 -6.46
N THR A 108 10.98 -3.09 -7.35
CA THR A 108 12.36 -2.76 -6.97
C THR A 108 12.86 -1.50 -7.69
N SER A 109 11.97 -0.87 -8.45
CA SER A 109 12.30 0.35 -9.21
C SER A 109 11.13 1.35 -9.18
N PRO A 110 11.44 2.67 -9.14
CA PRO A 110 10.40 3.72 -9.09
C PRO A 110 9.47 3.71 -10.32
N ASP A 111 10.04 3.51 -11.51
CA ASP A 111 9.25 3.47 -12.75
C ASP A 111 8.23 2.31 -12.73
N ASP A 112 8.67 1.14 -12.28
CA ASP A 112 7.76 -0.01 -12.14
C ASP A 112 6.59 0.31 -11.20
N PHE A 113 6.91 0.90 -10.05
CA PHE A 113 5.88 1.35 -9.10
C PHE A 113 4.91 2.34 -9.76
N LYS A 114 5.48 3.34 -10.43
CA LYS A 114 4.69 4.38 -11.09
C LYS A 114 3.73 3.80 -12.16
N LYS A 115 4.30 3.03 -13.09
CA LYS A 115 3.52 2.49 -14.21
C LYS A 115 2.53 1.40 -13.76
N SER A 116 2.90 0.62 -12.74
CA SER A 116 1.96 -0.36 -12.18
C SER A 116 0.79 0.37 -11.50
N LEU A 117 1.11 1.32 -10.63
CA LEU A 117 0.10 2.12 -9.93
C LEU A 117 -0.87 2.80 -10.91
N GLU A 118 -0.34 3.42 -11.97
CA GLU A 118 -1.17 4.05 -13.01
C GLU A 118 -2.26 3.10 -13.52
N ARG A 119 -1.94 1.81 -13.63
CA ARG A 119 -2.91 0.81 -14.07
C ARG A 119 -3.78 0.31 -12.91
N LEU A 120 -3.17 0.08 -11.75
CA LEU A 120 -3.89 -0.42 -10.58
C LEU A 120 -5.09 0.49 -10.23
N ILE A 121 -4.90 1.79 -10.40
CA ILE A 121 -6.01 2.76 -10.24
C ILE A 121 -7.15 2.45 -11.22
N ARG A 122 -6.79 2.09 -12.46
CA ARG A 122 -7.77 1.73 -13.49
C ARG A 122 -8.46 0.39 -13.17
N GLU A 123 -7.75 -0.47 -12.44
CA GLU A 123 -8.28 -1.79 -12.07
C GLU A 123 -9.31 -1.70 -10.93
N VAL A 124 -8.91 -1.06 -9.82
CA VAL A 124 -9.76 -1.00 -8.62
C VAL A 124 -10.67 0.25 -8.61
N GLY A 125 -10.25 1.31 -9.27
CA GLY A 125 -11.00 2.56 -9.23
C GLY A 125 -12.07 2.67 -10.32
N SER A 126 -13.31 2.29 -9.98
CA SER A 126 -14.44 2.42 -10.90
C SER A 126 -14.97 3.87 -10.91
N LEU A 127 -15.27 4.39 -12.10
CA LEU A 127 -15.63 5.80 -12.24
C LEU A 127 -17.12 6.08 -11.97
N GLU A 128 -17.98 5.09 -12.20
CA GLU A 128 -19.42 5.25 -11.97
C GLU A 128 -20.00 4.13 -11.10
N HIS A 129 -20.67 4.51 -10.02
CA HIS A 129 -21.44 3.54 -9.21
C HIS A 129 -22.93 3.64 -9.55
N HIS A 130 -23.35 2.91 -10.59
CA HIS A 130 -24.73 2.96 -11.09
C HIS A 130 -25.10 1.67 -11.85
N HIS A 131 -24.35 0.59 -11.64
CA HIS A 131 -24.61 -0.67 -12.33
C HIS A 131 -25.25 -1.72 -11.41
N HIS A 132 -26.55 -1.92 -11.56
CA HIS A 132 -27.31 -2.91 -10.79
C HIS A 132 -27.56 -4.18 -11.61
N HIS A 133 -27.83 -5.28 -10.93
CA HIS A 133 -28.07 -6.57 -11.61
C HIS A 133 -29.53 -7.04 -11.40
N HIS A 134 -29.79 -8.29 -11.78
CA HIS A 134 -31.10 -8.92 -11.50
C HIS A 134 -30.92 -10.36 -10.98
N MET A 1 -10.35 4.85 -2.43
CA MET A 1 -9.54 3.75 -3.02
C MET A 1 -9.06 2.75 -1.95
N ASN A 2 -8.16 3.20 -1.07
CA ASN A 2 -7.56 2.34 -0.02
C ASN A 2 -6.57 1.33 -0.61
N ILE A 3 -5.29 1.64 -0.48
CA ILE A 3 -4.22 0.76 -0.98
C ILE A 3 -2.96 0.88 -0.09
N VAL A 4 -2.46 -0.25 0.38
CA VAL A 4 -1.34 -0.27 1.33
C VAL A 4 0.02 -0.46 0.63
N ILE A 5 0.88 0.55 0.69
CA ILE A 5 2.22 0.47 0.11
C ILE A 5 3.29 0.25 1.20
N VAL A 6 3.82 -0.97 1.28
CA VAL A 6 4.84 -1.30 2.29
C VAL A 6 6.26 -1.03 1.77
N VAL A 7 6.96 -0.07 2.38
CA VAL A 7 8.31 0.31 1.96
C VAL A 7 9.37 -0.17 2.96
N PHE A 8 10.26 -1.06 2.51
CA PHE A 8 11.36 -1.56 3.36
C PHE A 8 12.62 -0.66 3.26
N SER A 9 12.54 0.40 2.46
CA SER A 9 13.66 1.34 2.31
C SER A 9 13.57 2.45 3.35
N THR A 10 14.47 2.43 4.34
CA THR A 10 14.49 3.43 5.41
C THR A 10 15.10 4.77 4.95
N ASP A 11 15.63 4.79 3.73
CA ASP A 11 16.20 6.01 3.16
C ASP A 11 15.12 6.92 2.56
N GLU A 12 15.03 8.15 3.08
CA GLU A 12 13.97 9.10 2.72
C GLU A 12 13.88 9.33 1.20
N GLU A 13 15.03 9.37 0.51
CA GLU A 13 15.07 9.64 -0.93
C GLU A 13 14.13 8.71 -1.71
N THR A 14 14.03 7.46 -1.28
CA THR A 14 13.15 6.47 -1.92
C THR A 14 11.68 6.83 -1.69
N LEU A 15 11.30 6.99 -0.42
CA LEU A 15 9.93 7.34 -0.06
C LEU A 15 9.49 8.67 -0.71
N ARG A 16 10.45 9.59 -0.86
CA ARG A 16 10.21 10.89 -1.50
C ARG A 16 9.75 10.70 -2.96
N LYS A 17 10.37 9.75 -3.66
CA LYS A 17 10.02 9.43 -5.04
C LYS A 17 8.61 8.82 -5.14
N PHE A 18 8.32 7.85 -4.27
CA PHE A 18 6.98 7.23 -4.22
C PHE A 18 5.89 8.27 -3.90
N LYS A 19 6.11 9.06 -2.85
CA LYS A 19 5.16 10.12 -2.47
C LYS A 19 4.95 11.11 -3.62
N ASP A 20 6.02 11.41 -4.35
CA ASP A 20 5.95 12.32 -5.50
C ASP A 20 4.99 11.80 -6.57
N ILE A 21 5.13 10.53 -6.93
CA ILE A 21 4.24 9.89 -7.90
C ILE A 21 2.77 9.94 -7.43
N ILE A 22 2.55 9.69 -6.15
CA ILE A 22 1.22 9.77 -5.55
C ILE A 22 0.60 11.18 -5.71
N LYS A 23 1.40 12.21 -5.47
CA LYS A 23 0.95 13.60 -5.67
C LYS A 23 0.55 13.84 -7.12
N LYS A 24 1.41 13.39 -8.04
CA LYS A 24 1.19 13.56 -9.48
C LYS A 24 -0.17 13.00 -9.92
N ASN A 25 -0.55 11.84 -9.40
CA ASN A 25 -1.83 11.22 -9.74
C ASN A 25 -3.01 11.81 -8.94
N GLY A 26 -2.71 12.74 -8.04
CA GLY A 26 -3.76 13.42 -7.28
C GLY A 26 -4.34 12.57 -6.15
N PHE A 27 -3.47 11.94 -5.35
CA PHE A 27 -3.90 11.16 -4.19
C PHE A 27 -3.30 11.73 -2.89
N LYS A 28 -3.91 11.40 -1.75
CA LYS A 28 -3.41 11.85 -0.45
C LYS A 28 -2.54 10.77 0.20
N VAL A 29 -1.38 11.18 0.72
CA VAL A 29 -0.39 10.23 1.26
C VAL A 29 -0.52 10.05 2.77
N ARG A 30 -0.58 8.80 3.21
CA ARG A 30 -0.56 8.44 4.64
C ARG A 30 0.77 7.72 4.99
N THR A 31 1.75 8.46 5.49
CA THR A 31 3.05 7.87 5.84
C THR A 31 3.02 7.26 7.24
N VAL A 32 2.86 5.94 7.31
CA VAL A 32 2.74 5.23 8.58
C VAL A 32 4.08 4.63 9.04
N ARG A 33 4.40 4.84 10.32
CA ARG A 33 5.55 4.19 10.96
C ARG A 33 5.10 3.37 12.18
N SER A 34 3.99 3.83 12.79
CA SER A 34 3.48 3.21 14.03
C SER A 34 2.03 2.72 13.85
N PRO A 35 1.62 1.69 14.63
CA PRO A 35 0.26 1.13 14.56
C PRO A 35 -0.85 2.19 14.74
N GLN A 36 -0.63 3.13 15.65
CA GLN A 36 -1.59 4.22 15.88
C GLN A 36 -1.78 5.08 14.61
N GLU A 37 -0.72 5.23 13.83
CA GLU A 37 -0.78 6.01 12.59
C GLU A 37 -1.50 5.23 11.48
N LEU A 38 -1.29 3.92 11.45
CA LEU A 38 -2.02 3.03 10.53
C LEU A 38 -3.53 3.09 10.83
N LYS A 39 -3.87 2.86 12.08
CA LYS A 39 -5.26 2.91 12.53
C LYS A 39 -5.88 4.30 12.32
N ASP A 40 -5.07 5.35 12.55
CA ASP A 40 -5.51 6.75 12.35
C ASP A 40 -6.13 6.95 10.95
N SER A 41 -5.62 6.22 9.96
CA SER A 41 -6.17 6.25 8.60
C SER A 41 -7.39 5.31 8.46
N ILE A 42 -7.21 4.07 8.91
CA ILE A 42 -8.23 3.02 8.75
C ILE A 42 -9.57 3.38 9.44
N GLU A 43 -9.51 4.01 10.62
CA GLU A 43 -10.72 4.42 11.34
C GLU A 43 -11.61 5.33 10.48
N GLU A 44 -10.99 6.11 9.60
CA GLU A 44 -11.73 6.98 8.67
C GLU A 44 -12.04 6.27 7.34
N LEU A 45 -11.18 5.34 6.92
CA LEU A 45 -11.35 4.63 5.64
C LEU A 45 -12.68 3.85 5.57
N VAL A 46 -13.24 3.51 6.73
CA VAL A 46 -14.55 2.84 6.79
C VAL A 46 -15.69 3.82 6.41
N LYS A 47 -15.35 5.10 6.32
CA LYS A 47 -16.29 6.16 5.95
C LYS A 47 -15.85 6.87 4.66
N LYS A 48 -14.62 7.37 4.66
CA LYS A 48 -14.04 8.04 3.50
C LYS A 48 -13.35 7.04 2.56
N TYR A 49 -14.04 6.65 1.49
CA TYR A 49 -13.45 5.74 0.49
C TYR A 49 -12.72 6.52 -0.61
N ASN A 50 -12.36 7.77 -0.29
CA ASN A 50 -11.78 8.71 -1.25
C ASN A 50 -10.38 8.31 -1.75
N ALA A 51 -9.76 9.21 -2.52
CA ALA A 51 -8.42 8.99 -3.07
C ALA A 51 -7.32 9.10 -2.00
N THR A 52 -7.29 8.15 -1.09
CA THR A 52 -6.26 8.10 -0.04
C THR A 52 -5.39 6.84 -0.15
N ILE A 53 -4.07 7.03 -0.10
CA ILE A 53 -3.12 5.91 -0.17
C ILE A 53 -2.31 5.82 1.14
N VAL A 54 -2.30 4.63 1.74
CA VAL A 54 -1.59 4.43 3.01
C VAL A 54 -0.23 3.73 2.79
N VAL A 55 0.86 4.48 2.96
CA VAL A 55 2.22 3.97 2.77
C VAL A 55 2.88 3.61 4.10
N VAL A 56 3.04 2.31 4.35
CA VAL A 56 3.65 1.83 5.61
C VAL A 56 5.16 1.69 5.47
N VAL A 57 5.90 2.64 6.05
CA VAL A 57 7.37 2.59 6.04
C VAL A 57 7.89 1.75 7.22
N VAL A 58 8.51 0.62 6.91
CA VAL A 58 8.92 -0.33 7.94
C VAL A 58 10.45 -0.34 8.16
N ASP A 59 10.87 -0.24 9.41
CA ASP A 59 12.27 -0.39 9.77
C ASP A 59 12.56 -1.81 10.28
N ASP A 60 11.55 -2.41 10.92
CA ASP A 60 11.61 -3.81 11.32
C ASP A 60 10.72 -4.68 10.40
N LYS A 61 11.30 -5.75 9.87
CA LYS A 61 10.56 -6.68 9.00
C LYS A 61 9.33 -7.23 9.74
N GLU A 62 9.48 -7.46 11.05
CA GLU A 62 8.36 -7.90 11.91
C GLU A 62 7.18 -6.91 11.85
N TRP A 63 7.48 -5.61 11.77
CA TRP A 63 6.44 -4.57 11.72
C TRP A 63 5.59 -4.69 10.44
N ALA A 64 6.25 -4.95 9.32
CA ALA A 64 5.54 -5.16 8.05
C ALA A 64 4.49 -6.29 8.17
N GLU A 65 4.92 -7.40 8.76
CA GLU A 65 4.04 -8.55 8.99
C GLU A 65 2.94 -8.23 10.02
N LYS A 66 3.33 -7.50 11.07
CA LYS A 66 2.39 -7.10 12.13
C LYS A 66 1.30 -6.18 11.58
N ALA A 67 1.66 -5.31 10.64
CA ALA A 67 0.71 -4.42 9.97
C ALA A 67 -0.39 -5.25 9.27
N ILE A 68 0.02 -6.28 8.53
CA ILE A 68 -0.93 -7.17 7.86
C ILE A 68 -1.85 -7.88 8.86
N ARG A 69 -1.30 -8.23 10.03
CA ARG A 69 -2.08 -8.82 11.12
C ARG A 69 -3.22 -7.89 11.55
N PHE A 70 -2.91 -6.59 11.65
CA PHE A 70 -3.93 -5.59 11.97
C PHE A 70 -4.95 -5.44 10.83
N VAL A 71 -4.47 -5.42 9.59
CA VAL A 71 -5.34 -5.30 8.41
C VAL A 71 -6.30 -6.50 8.30
N LYS A 72 -5.80 -7.70 8.60
CA LYS A 72 -6.63 -8.92 8.57
C LYS A 72 -7.81 -8.77 9.54
N SER A 73 -7.58 -8.08 10.65
CA SER A 73 -8.63 -7.83 11.65
C SER A 73 -9.86 -7.15 11.03
N LEU A 74 -9.64 -6.42 9.93
CA LEU A 74 -10.72 -5.72 9.23
C LEU A 74 -11.58 -6.71 8.42
N GLY A 75 -10.92 -7.66 7.74
CA GLY A 75 -11.62 -8.65 6.92
C GLY A 75 -11.91 -8.16 5.49
N ALA A 76 -11.72 -6.85 5.26
CA ALA A 76 -12.02 -6.24 3.96
C ALA A 76 -10.87 -6.46 2.95
N GLN A 77 -11.22 -6.93 1.76
CA GLN A 77 -10.25 -7.09 0.66
C GLN A 77 -9.62 -5.75 0.25
N VAL A 78 -8.31 -5.63 0.45
CA VAL A 78 -7.57 -4.42 0.08
C VAL A 78 -6.36 -4.76 -0.82
N LEU A 79 -5.88 -3.78 -1.58
CA LEU A 79 -4.72 -3.97 -2.45
C LEU A 79 -3.43 -3.51 -1.77
N ILE A 80 -2.37 -4.32 -1.88
CA ILE A 80 -1.09 -4.05 -1.22
C ILE A 80 0.07 -4.05 -2.22
N ILE A 81 1.05 -3.16 -2.01
CA ILE A 81 2.26 -3.10 -2.83
C ILE A 81 3.52 -3.19 -1.96
N ILE A 82 4.37 -4.18 -2.22
CA ILE A 82 5.61 -4.38 -1.45
C ILE A 82 6.85 -3.91 -2.24
N TYR A 83 7.77 -3.22 -1.55
CA TYR A 83 8.99 -2.71 -2.20
C TYR A 83 10.26 -3.05 -1.40
N ASP A 84 11.07 -3.95 -1.96
CA ASP A 84 12.41 -4.26 -1.43
C ASP A 84 13.48 -4.08 -2.51
N GLN A 85 14.66 -3.63 -2.10
CA GLN A 85 15.82 -3.63 -2.99
C GLN A 85 16.38 -5.05 -3.13
N ASP A 86 16.05 -5.89 -2.15
CA ASP A 86 16.47 -7.30 -2.12
C ASP A 86 15.26 -8.22 -2.32
N GLN A 87 15.20 -8.91 -3.47
CA GLN A 87 14.05 -9.75 -3.80
C GLN A 87 13.88 -10.94 -2.84
N ASN A 88 14.93 -11.25 -2.06
CA ASN A 88 14.82 -12.31 -1.04
C ASN A 88 13.69 -12.00 -0.04
N ARG A 89 13.74 -10.83 0.58
CA ARG A 89 12.71 -10.40 1.54
C ARG A 89 11.40 -10.06 0.81
N LEU A 90 11.53 -9.45 -0.36
CA LEU A 90 10.37 -9.15 -1.23
C LEU A 90 9.50 -10.39 -1.40
N GLU A 91 10.12 -11.50 -1.80
CA GLU A 91 9.41 -12.76 -2.00
C GLU A 91 8.94 -13.38 -0.68
N GLU A 92 9.75 -13.32 0.37
CA GLU A 92 9.36 -13.84 1.68
C GLU A 92 8.03 -13.23 2.15
N PHE A 93 7.97 -11.90 2.13
CA PHE A 93 6.76 -11.18 2.55
C PHE A 93 5.65 -11.32 1.48
N SER A 94 6.04 -11.37 0.20
CA SER A 94 5.10 -11.63 -0.90
C SER A 94 4.37 -12.96 -0.72
N ARG A 95 5.11 -14.00 -0.33
CA ARG A 95 4.53 -15.31 -0.04
C ARG A 95 3.47 -15.19 1.06
N GLU A 96 3.81 -14.46 2.13
CA GLU A 96 2.89 -14.26 3.25
C GLU A 96 1.58 -13.59 2.81
N VAL A 97 1.68 -12.40 2.21
CA VAL A 97 0.48 -11.67 1.78
C VAL A 97 -0.40 -12.51 0.84
N ARG A 98 0.24 -13.15 -0.16
CA ARG A 98 -0.46 -14.06 -1.07
C ARG A 98 -1.13 -15.22 -0.30
N ARG A 99 -0.41 -15.78 0.66
CA ARG A 99 -0.90 -16.93 1.46
C ARG A 99 -2.07 -16.53 2.38
N ARG A 100 -2.03 -15.31 2.91
CA ARG A 100 -3.06 -14.84 3.85
C ARG A 100 -4.31 -14.32 3.13
N GLY A 101 -4.30 -14.37 1.80
CA GLY A 101 -5.49 -14.03 1.02
C GLY A 101 -5.64 -12.53 0.76
N PHE A 102 -4.52 -11.81 0.66
CA PHE A 102 -4.55 -10.39 0.27
C PHE A 102 -3.93 -10.17 -1.12
N GLU A 103 -4.51 -9.24 -1.88
CA GLU A 103 -4.03 -8.90 -3.22
C GLU A 103 -2.75 -8.05 -3.15
N VAL A 104 -1.64 -8.56 -3.68
CA VAL A 104 -0.34 -7.90 -3.55
C VAL A 104 0.39 -7.74 -4.89
N ARG A 105 0.97 -6.56 -5.11
CA ARG A 105 1.87 -6.28 -6.23
C ARG A 105 3.30 -6.09 -5.70
N THR A 106 4.30 -6.66 -6.37
CA THR A 106 5.70 -6.52 -5.94
C THR A 106 6.51 -5.66 -6.92
N VAL A 107 6.99 -4.50 -6.44
CA VAL A 107 7.76 -3.57 -7.27
C VAL A 107 9.22 -3.51 -6.82
N THR A 108 10.14 -3.37 -7.77
CA THR A 108 11.57 -3.35 -7.46
C THR A 108 12.26 -2.05 -7.90
N SER A 109 11.48 -1.08 -8.38
CA SER A 109 12.01 0.22 -8.80
C SER A 109 10.94 1.32 -8.70
N PRO A 110 11.34 2.58 -8.43
CA PRO A 110 10.40 3.72 -8.35
C PRO A 110 9.59 3.91 -9.64
N ASP A 111 10.28 3.94 -10.78
CA ASP A 111 9.63 4.11 -12.09
C ASP A 111 8.76 2.87 -12.43
N ASP A 112 9.22 1.69 -12.00
CA ASP A 112 8.44 0.45 -12.10
C ASP A 112 7.10 0.59 -11.36
N PHE A 113 7.17 1.10 -10.13
CA PHE A 113 5.98 1.40 -9.33
C PHE A 113 5.07 2.42 -10.05
N LYS A 114 5.68 3.48 -10.58
CA LYS A 114 4.97 4.55 -11.29
C LYS A 114 4.04 3.98 -12.38
N LYS A 115 4.64 3.30 -13.36
CA LYS A 115 3.90 2.76 -14.50
C LYS A 115 2.90 1.67 -14.08
N SER A 116 3.30 0.83 -13.11
CA SER A 116 2.40 -0.19 -12.57
C SER A 116 1.17 0.44 -11.89
N LEU A 117 1.41 1.54 -11.17
CA LEU A 117 0.35 2.24 -10.45
C LEU A 117 -0.74 2.77 -11.40
N GLU A 118 -0.34 3.21 -12.59
CA GLU A 118 -1.30 3.70 -13.61
C GLU A 118 -2.45 2.72 -13.83
N ARG A 119 -2.14 1.43 -13.82
CA ARG A 119 -3.14 0.38 -14.02
C ARG A 119 -3.92 0.12 -12.72
N LEU A 120 -3.18 -0.01 -11.62
CA LEU A 120 -3.77 -0.28 -10.29
C LEU A 120 -4.84 0.76 -9.93
N ILE A 121 -4.58 2.03 -10.25
CA ILE A 121 -5.52 3.12 -9.98
C ILE A 121 -6.89 2.86 -10.64
N ARG A 122 -6.88 2.28 -11.83
CA ARG A 122 -8.11 2.00 -12.57
C ARG A 122 -8.83 0.75 -12.03
N GLU A 123 -8.06 -0.16 -11.43
CA GLU A 123 -8.62 -1.37 -10.82
C GLU A 123 -9.35 -1.04 -9.50
N VAL A 124 -8.68 -0.28 -8.63
CA VAL A 124 -9.25 0.08 -7.32
C VAL A 124 -10.12 1.37 -7.40
N GLY A 125 -9.81 2.24 -8.34
CA GLY A 125 -10.53 3.51 -8.48
C GLY A 125 -11.19 3.67 -9.85
N SER A 126 -12.37 4.27 -9.88
CA SER A 126 -13.11 4.49 -11.13
C SER A 126 -14.12 5.64 -10.96
N LEU A 127 -14.75 6.03 -12.07
CA LEU A 127 -15.78 7.09 -12.03
C LEU A 127 -16.90 6.76 -11.03
N GLU A 128 -17.36 5.52 -11.07
CA GLU A 128 -18.40 5.05 -10.14
C GLU A 128 -18.32 3.53 -9.91
N HIS A 129 -17.94 3.12 -8.70
CA HIS A 129 -18.12 1.72 -8.28
C HIS A 129 -19.63 1.42 -8.23
N HIS A 130 -20.13 0.84 -9.32
CA HIS A 130 -21.57 0.73 -9.59
C HIS A 130 -22.41 0.35 -8.36
N HIS A 131 -22.34 -0.90 -7.93
CA HIS A 131 -23.15 -1.37 -6.80
C HIS A 131 -22.29 -2.05 -5.73
N HIS A 132 -22.72 -1.96 -4.47
CA HIS A 132 -22.03 -2.62 -3.36
C HIS A 132 -22.14 -4.15 -3.45
N HIS A 133 -21.08 -4.80 -3.90
CA HIS A 133 -20.96 -6.26 -3.77
C HIS A 133 -20.92 -6.63 -2.28
N HIS A 134 -20.17 -5.84 -1.52
CA HIS A 134 -20.19 -5.90 -0.05
C HIS A 134 -19.52 -4.64 0.54
N MET A 1 -8.95 5.09 0.38
CA MET A 1 -9.31 3.68 0.02
C MET A 1 -8.41 2.68 0.76
N ASN A 2 -8.92 1.48 0.97
CA ASN A 2 -8.13 0.41 1.61
C ASN A 2 -7.10 -0.17 0.63
N ILE A 3 -5.96 0.50 0.53
CA ILE A 3 -4.83 0.05 -0.30
C ILE A 3 -3.50 0.38 0.40
N VAL A 4 -2.74 -0.66 0.74
CA VAL A 4 -1.53 -0.48 1.56
C VAL A 4 -0.25 -0.65 0.75
N ILE A 5 0.63 0.34 0.83
CA ILE A 5 1.95 0.29 0.17
C ILE A 5 3.08 0.25 1.22
N VAL A 6 3.86 -0.83 1.22
CA VAL A 6 4.94 -1.02 2.19
C VAL A 6 6.30 -0.55 1.62
N VAL A 7 7.05 0.21 2.42
CA VAL A 7 8.36 0.73 1.98
C VAL A 7 9.51 0.19 2.86
N PHE A 8 10.33 -0.70 2.31
CA PHE A 8 11.54 -1.17 3.00
C PHE A 8 12.72 -0.20 2.77
N SER A 9 12.54 1.04 3.19
CA SER A 9 13.59 2.07 3.10
C SER A 9 13.42 3.12 4.20
N THR A 10 14.38 3.18 5.11
CA THR A 10 14.32 4.07 6.28
C THR A 10 14.55 5.55 5.92
N ASP A 11 14.99 5.80 4.69
CA ASP A 11 15.28 7.17 4.23
C ASP A 11 14.01 7.97 3.96
N GLU A 12 13.85 9.09 4.68
CA GLU A 12 12.72 10.00 4.46
C GLU A 12 12.69 10.51 3.00
N GLU A 13 13.89 10.70 2.43
CA GLU A 13 14.03 11.12 1.03
C GLU A 13 13.39 10.10 0.09
N THR A 14 13.74 8.83 0.26
CA THR A 14 13.17 7.74 -0.54
C THR A 14 11.63 7.77 -0.51
N LEU A 15 11.08 7.89 0.69
CA LEU A 15 9.63 7.98 0.88
C LEU A 15 9.04 9.18 0.11
N ARG A 16 9.73 10.32 0.17
CA ARG A 16 9.28 11.53 -0.54
C ARG A 16 9.20 11.29 -2.06
N LYS A 17 10.17 10.57 -2.62
CA LYS A 17 10.19 10.27 -4.05
C LYS A 17 9.04 9.33 -4.46
N PHE A 18 8.53 8.54 -3.50
CA PHE A 18 7.39 7.65 -3.77
C PHE A 18 6.05 8.38 -3.65
N LYS A 19 5.88 9.18 -2.60
CA LYS A 19 4.64 9.93 -2.41
C LYS A 19 4.43 10.92 -3.58
N ASP A 20 5.53 11.37 -4.18
CA ASP A 20 5.47 12.24 -5.36
C ASP A 20 4.69 11.56 -6.50
N ILE A 21 4.91 10.26 -6.68
CA ILE A 21 4.19 9.49 -7.70
C ILE A 21 2.69 9.42 -7.40
N ILE A 22 2.35 9.04 -6.18
CA ILE A 22 0.94 8.89 -5.75
C ILE A 22 0.15 10.21 -5.93
N LYS A 23 0.69 11.31 -5.40
CA LYS A 23 0.04 12.62 -5.53
C LYS A 23 -0.01 13.05 -7.01
N LYS A 24 1.02 12.68 -7.77
CA LYS A 24 1.09 12.96 -9.21
C LYS A 24 -0.01 12.20 -9.97
N ASN A 25 -0.39 11.03 -9.46
CA ASN A 25 -1.50 10.27 -10.03
C ASN A 25 -2.85 10.88 -9.62
N GLY A 26 -2.84 11.71 -8.57
CA GLY A 26 -4.04 12.42 -8.14
C GLY A 26 -4.63 11.91 -6.83
N PHE A 27 -3.87 11.09 -6.09
CA PHE A 27 -4.34 10.54 -4.82
C PHE A 27 -3.65 11.20 -3.61
N LYS A 28 -4.23 11.03 -2.43
CA LYS A 28 -3.65 11.58 -1.19
C LYS A 28 -2.68 10.58 -0.54
N VAL A 29 -1.65 11.09 0.12
CA VAL A 29 -0.62 10.24 0.74
C VAL A 29 -0.74 10.21 2.28
N ARG A 30 -0.76 9.00 2.84
CA ARG A 30 -0.77 8.81 4.29
C ARG A 30 0.41 7.92 4.73
N THR A 31 1.41 8.51 5.38
CA THR A 31 2.63 7.77 5.76
C THR A 31 2.56 7.22 7.18
N VAL A 32 2.65 5.90 7.32
CA VAL A 32 2.65 5.23 8.62
C VAL A 32 4.08 4.96 9.12
N ARG A 33 4.34 5.27 10.38
CA ARG A 33 5.68 5.08 10.98
C ARG A 33 5.63 4.22 12.26
N SER A 34 4.44 4.03 12.81
CA SER A 34 4.27 3.31 14.09
C SER A 34 2.91 2.61 14.16
N PRO A 35 2.73 1.61 15.06
CA PRO A 35 1.47 0.85 15.19
C PRO A 35 0.21 1.74 15.24
N GLN A 36 0.21 2.73 16.15
CA GLN A 36 -0.93 3.64 16.29
C GLN A 36 -1.20 4.44 15.00
N GLU A 37 -0.15 4.71 14.22
CA GLU A 37 -0.28 5.51 13.00
C GLU A 37 -1.19 4.84 11.96
N LEU A 38 -1.00 3.54 11.77
CA LEU A 38 -1.84 2.77 10.83
C LEU A 38 -3.30 2.74 11.30
N LYS A 39 -3.50 2.38 12.56
CA LYS A 39 -4.83 2.40 13.18
C LYS A 39 -5.49 3.77 13.05
N ASP A 40 -4.76 4.80 13.45
CA ASP A 40 -5.22 6.19 13.44
C ASP A 40 -5.69 6.64 12.04
N SER A 41 -4.91 6.29 11.02
CA SER A 41 -5.22 6.65 9.63
C SER A 41 -6.55 6.01 9.18
N ILE A 42 -6.70 4.72 9.46
CA ILE A 42 -7.92 3.99 9.10
C ILE A 42 -9.14 4.54 9.85
N GLU A 43 -8.94 4.96 11.10
CA GLU A 43 -10.00 5.58 11.90
C GLU A 43 -10.50 6.89 11.25
N GLU A 44 -9.68 7.47 10.38
CA GLU A 44 -10.11 8.61 9.56
C GLU A 44 -10.70 8.15 8.22
N LEU A 45 -10.14 7.09 7.64
CA LEU A 45 -10.64 6.54 6.38
C LEU A 45 -12.12 6.14 6.48
N VAL A 46 -12.56 5.75 7.68
CA VAL A 46 -13.97 5.37 7.90
C VAL A 46 -14.92 6.57 7.70
N LYS A 47 -14.37 7.78 7.62
CA LYS A 47 -15.16 8.98 7.28
C LYS A 47 -14.80 9.50 5.89
N LYS A 48 -13.49 9.63 5.63
CA LYS A 48 -12.98 10.22 4.37
C LYS A 48 -13.13 9.26 3.18
N TYR A 49 -12.69 8.01 3.35
CA TYR A 49 -12.86 6.94 2.35
C TYR A 49 -12.03 7.12 1.05
N ASN A 50 -12.35 8.16 0.28
CA ASN A 50 -12.00 8.28 -1.15
C ASN A 50 -10.48 8.11 -1.49
N ALA A 51 -9.92 9.04 -2.27
CA ALA A 51 -8.61 8.86 -2.93
C ALA A 51 -7.40 8.86 -1.97
N THR A 52 -7.62 8.63 -0.68
CA THR A 52 -6.52 8.58 0.29
C THR A 52 -5.85 7.19 0.31
N ILE A 53 -4.54 7.15 0.02
CA ILE A 53 -3.77 5.90 0.01
C ILE A 53 -2.80 5.84 1.22
N VAL A 54 -2.69 4.67 1.85
CA VAL A 54 -1.86 4.50 3.04
C VAL A 54 -0.53 3.76 2.72
N VAL A 55 0.58 4.43 3.02
CA VAL A 55 1.92 3.88 2.79
C VAL A 55 2.66 3.65 4.12
N VAL A 56 2.98 2.39 4.42
CA VAL A 56 3.63 2.01 5.67
C VAL A 56 5.16 1.87 5.51
N VAL A 57 5.91 2.75 6.19
CA VAL A 57 7.38 2.67 6.19
C VAL A 57 7.87 1.74 7.29
N VAL A 58 8.66 0.72 6.92
CA VAL A 58 9.05 -0.32 7.87
C VAL A 58 10.57 -0.44 8.07
N ASP A 59 10.97 -0.75 9.30
CA ASP A 59 12.37 -1.08 9.60
C ASP A 59 12.58 -2.60 9.57
N ASP A 60 11.91 -3.31 10.49
CA ASP A 60 11.97 -4.78 10.55
C ASP A 60 10.81 -5.42 9.78
N LYS A 61 11.04 -6.61 9.22
CA LYS A 61 9.99 -7.35 8.51
C LYS A 61 8.77 -7.62 9.40
N GLU A 62 9.02 -7.90 10.68
CA GLU A 62 7.93 -8.16 11.63
C GLU A 62 7.00 -6.94 11.81
N TRP A 63 7.53 -5.74 11.58
CA TRP A 63 6.71 -4.53 11.60
C TRP A 63 5.80 -4.49 10.35
N ALA A 64 6.35 -4.87 9.19
CA ALA A 64 5.55 -5.03 7.98
C ALA A 64 4.46 -6.10 8.20
N GLU A 65 4.83 -7.17 8.89
CA GLU A 65 3.89 -8.23 9.26
C GLU A 65 2.79 -7.67 10.18
N LYS A 66 3.20 -6.93 11.20
CA LYS A 66 2.29 -6.34 12.18
C LYS A 66 1.26 -5.42 11.51
N ALA A 67 1.70 -4.70 10.48
CA ALA A 67 0.80 -3.87 9.66
C ALA A 67 -0.30 -4.74 9.02
N ILE A 68 0.12 -5.81 8.33
CA ILE A 68 -0.82 -6.76 7.71
C ILE A 68 -1.68 -7.45 8.78
N ARG A 69 -1.10 -7.64 9.96
CA ARG A 69 -1.80 -8.28 11.09
C ARG A 69 -3.02 -7.45 11.52
N PHE A 70 -2.98 -6.14 11.27
CA PHE A 70 -4.14 -5.26 11.50
C PHE A 70 -5.08 -5.27 10.28
N VAL A 71 -4.49 -5.21 9.08
CA VAL A 71 -5.25 -5.18 7.82
C VAL A 71 -6.18 -6.41 7.66
N LYS A 72 -5.78 -7.55 8.23
CA LYS A 72 -6.56 -8.79 8.11
C LYS A 72 -8.00 -8.65 8.61
N SER A 73 -8.27 -7.62 9.40
CA SER A 73 -9.61 -7.40 9.98
C SER A 73 -10.58 -6.76 8.96
N LEU A 74 -10.05 -6.13 7.93
CA LEU A 74 -10.87 -5.41 6.93
C LEU A 74 -11.86 -6.35 6.21
N GLY A 75 -11.42 -7.56 5.89
CA GLY A 75 -12.28 -8.54 5.21
C GLY A 75 -12.90 -8.01 3.91
N ALA A 76 -12.07 -7.65 2.95
CA ALA A 76 -12.54 -7.10 1.68
C ALA A 76 -11.46 -7.14 0.59
N GLN A 77 -11.84 -6.86 -0.65
CA GLN A 77 -10.89 -6.81 -1.76
C GLN A 77 -9.95 -5.60 -1.61
N VAL A 78 -8.70 -5.86 -1.23
CA VAL A 78 -7.71 -4.80 -1.07
C VAL A 78 -6.39 -5.16 -1.76
N LEU A 79 -5.81 -4.19 -2.46
CA LEU A 79 -4.52 -4.39 -3.15
C LEU A 79 -3.36 -3.87 -2.29
N ILE A 80 -2.34 -4.71 -2.11
CA ILE A 80 -1.16 -4.34 -1.33
C ILE A 80 0.09 -4.30 -2.22
N ILE A 81 0.81 -3.18 -2.18
CA ILE A 81 2.04 -3.03 -2.97
C ILE A 81 3.27 -2.96 -2.06
N ILE A 82 4.18 -3.93 -2.19
CA ILE A 82 5.38 -3.98 -1.34
C ILE A 82 6.64 -3.59 -2.13
N TYR A 83 7.37 -2.61 -1.60
CA TYR A 83 8.65 -2.19 -2.17
C TYR A 83 9.84 -2.64 -1.32
N ASP A 84 10.71 -3.45 -1.91
CA ASP A 84 11.95 -3.86 -1.27
C ASP A 84 13.15 -3.64 -2.20
N GLN A 85 14.33 -3.54 -1.64
CA GLN A 85 15.55 -3.24 -2.40
C GLN A 85 16.18 -4.50 -3.01
N ASP A 86 15.53 -5.65 -2.80
CA ASP A 86 15.95 -6.92 -3.43
C ASP A 86 14.79 -7.56 -4.20
N GLN A 87 15.01 -8.77 -4.72
CA GLN A 87 13.94 -9.53 -5.38
C GLN A 87 13.47 -10.70 -4.49
N ASN A 88 14.41 -11.54 -4.06
CA ASN A 88 14.12 -12.68 -3.20
C ASN A 88 13.47 -12.24 -1.89
N ARG A 89 14.13 -11.30 -1.19
CA ARG A 89 13.60 -10.71 0.04
C ARG A 89 12.17 -10.17 -0.16
N LEU A 90 12.01 -9.37 -1.21
CA LEU A 90 10.70 -8.83 -1.59
C LEU A 90 9.61 -9.91 -1.67
N GLU A 91 9.86 -10.95 -2.49
CA GLU A 91 8.89 -12.02 -2.69
C GLU A 91 8.80 -12.98 -1.50
N GLU A 92 9.81 -12.94 -0.63
CA GLU A 92 9.81 -13.74 0.61
C GLU A 92 8.60 -13.38 1.49
N PHE A 93 8.50 -12.10 1.84
CA PHE A 93 7.39 -11.59 2.65
C PHE A 93 6.07 -11.55 1.86
N SER A 94 6.16 -11.16 0.59
CA SER A 94 4.98 -11.07 -0.29
C SER A 94 4.25 -12.43 -0.40
N ARG A 95 5.01 -13.52 -0.40
CA ARG A 95 4.43 -14.87 -0.39
C ARG A 95 3.45 -15.04 0.78
N GLU A 96 3.88 -14.61 1.97
CA GLU A 96 3.04 -14.68 3.18
C GLU A 96 1.75 -13.87 3.00
N VAL A 97 1.90 -12.62 2.58
CA VAL A 97 0.73 -11.74 2.34
C VAL A 97 -0.25 -12.37 1.35
N ARG A 98 0.27 -12.88 0.23
CA ARG A 98 -0.55 -13.52 -0.79
C ARG A 98 -1.27 -14.76 -0.24
N ARG A 99 -0.58 -15.55 0.59
CA ARG A 99 -1.15 -16.76 1.17
C ARG A 99 -2.19 -16.46 2.27
N ARG A 100 -2.30 -15.19 2.65
CA ARG A 100 -3.35 -14.75 3.58
C ARG A 100 -4.61 -14.30 2.82
N GLY A 101 -4.61 -14.49 1.50
CA GLY A 101 -5.77 -14.14 0.68
C GLY A 101 -5.67 -12.76 0.03
N PHE A 102 -4.65 -12.00 0.43
CA PHE A 102 -4.47 -10.62 -0.08
C PHE A 102 -3.61 -10.59 -1.35
N GLU A 103 -4.20 -10.12 -2.45
CA GLU A 103 -3.51 -10.04 -3.73
C GLU A 103 -2.45 -8.91 -3.71
N VAL A 104 -1.21 -9.29 -3.41
CA VAL A 104 -0.10 -8.34 -3.28
C VAL A 104 0.73 -8.25 -4.59
N ARG A 105 1.24 -7.05 -4.87
CA ARG A 105 2.15 -6.84 -6.00
C ARG A 105 3.57 -6.51 -5.53
N THR A 106 4.56 -7.14 -6.15
CA THR A 106 5.97 -6.93 -5.81
C THR A 106 6.63 -5.91 -6.75
N VAL A 107 7.15 -4.82 -6.20
CA VAL A 107 7.82 -3.78 -7.00
C VAL A 107 9.28 -3.58 -6.56
N THR A 108 10.17 -3.48 -7.53
CA THR A 108 11.63 -3.39 -7.28
C THR A 108 12.15 -1.95 -7.33
N SER A 109 11.81 -1.23 -8.39
CA SER A 109 12.30 0.15 -8.58
C SER A 109 11.13 1.15 -8.67
N PRO A 110 11.39 2.46 -8.38
CA PRO A 110 10.38 3.52 -8.46
C PRO A 110 9.56 3.49 -9.77
N ASP A 111 10.22 3.26 -10.89
CA ASP A 111 9.54 3.18 -12.20
C ASP A 111 8.60 1.97 -12.28
N ASP A 112 9.05 0.82 -11.79
CA ASP A 112 8.21 -0.38 -11.73
C ASP A 112 6.96 -0.13 -10.86
N PHE A 113 7.18 0.40 -9.66
CA PHE A 113 6.09 0.81 -8.77
C PHE A 113 5.13 1.79 -9.46
N LYS A 114 5.69 2.84 -10.04
CA LYS A 114 4.94 3.88 -10.75
C LYS A 114 4.03 3.31 -11.84
N LYS A 115 4.63 2.64 -12.82
CA LYS A 115 3.88 2.08 -13.96
C LYS A 115 2.89 0.99 -13.52
N SER A 116 3.27 0.19 -12.53
CA SER A 116 2.38 -0.84 -11.99
C SER A 116 1.15 -0.19 -11.32
N LEU A 117 1.40 0.78 -10.45
CA LEU A 117 0.33 1.47 -9.73
C LEU A 117 -0.71 2.07 -10.68
N GLU A 118 -0.25 2.87 -11.64
CA GLU A 118 -1.15 3.52 -12.61
C GLU A 118 -2.04 2.51 -13.35
N ARG A 119 -1.51 1.30 -13.60
CA ARG A 119 -2.29 0.23 -14.22
C ARG A 119 -3.21 -0.47 -13.20
N LEU A 120 -2.76 -0.60 -11.96
CA LEU A 120 -3.58 -1.20 -10.90
C LEU A 120 -4.81 -0.34 -10.58
N ILE A 121 -4.68 0.96 -10.75
CA ILE A 121 -5.79 1.90 -10.60
C ILE A 121 -6.98 1.49 -11.49
N ARG A 122 -6.68 1.06 -12.71
CA ARG A 122 -7.71 0.56 -13.65
C ARG A 122 -8.43 -0.68 -13.10
N GLU A 123 -7.75 -1.45 -12.26
CA GLU A 123 -8.33 -2.68 -11.71
C GLU A 123 -9.20 -2.38 -10.47
N VAL A 124 -8.62 -1.74 -9.47
CA VAL A 124 -9.35 -1.43 -8.23
C VAL A 124 -10.44 -0.35 -8.45
N GLY A 125 -10.07 0.75 -9.11
CA GLY A 125 -11.00 1.85 -9.32
C GLY A 125 -11.67 1.81 -10.69
N SER A 126 -11.91 0.60 -11.22
CA SER A 126 -12.55 0.42 -12.52
C SER A 126 -13.97 1.01 -12.54
N LEU A 127 -14.91 0.33 -11.89
CA LEU A 127 -16.26 0.86 -11.68
C LEU A 127 -16.62 0.80 -10.18
N GLU A 128 -15.75 0.17 -9.41
CA GLU A 128 -15.94 0.01 -7.97
C GLU A 128 -15.17 1.08 -7.19
N HIS A 129 -15.88 1.89 -6.42
CA HIS A 129 -15.25 2.88 -5.53
C HIS A 129 -15.06 2.29 -4.12
N HIS A 130 -14.81 0.98 -4.09
CA HIS A 130 -14.52 0.25 -2.86
C HIS A 130 -15.57 0.52 -1.76
N HIS A 131 -16.73 -0.13 -1.89
CA HIS A 131 -17.81 0.00 -0.91
C HIS A 131 -17.29 -0.25 0.52
N HIS A 132 -17.65 0.62 1.45
CA HIS A 132 -17.06 0.63 2.80
C HIS A 132 -17.12 -0.75 3.49
N HIS A 133 -16.11 -1.02 4.31
CA HIS A 133 -16.04 -2.24 5.11
C HIS A 133 -15.49 -1.93 6.51
N HIS A 134 -15.44 -2.94 7.37
CA HIS A 134 -14.97 -2.75 8.76
C HIS A 134 -13.84 -3.73 9.13
N MET A 1 -11.43 -3.58 -2.14
CA MET A 1 -11.02 -2.35 -2.87
C MET A 1 -10.37 -1.32 -1.93
N ASN A 2 -9.04 -1.25 -1.99
CA ASN A 2 -8.24 -0.28 -1.21
C ASN A 2 -6.75 -0.49 -1.53
N ILE A 3 -5.90 0.46 -1.17
CA ILE A 3 -4.46 0.35 -1.49
C ILE A 3 -3.57 0.74 -0.30
N VAL A 4 -2.70 -0.20 0.10
CA VAL A 4 -1.72 0.02 1.17
C VAL A 4 -0.30 -0.33 0.68
N ILE A 5 0.63 0.61 0.79
CA ILE A 5 1.99 0.41 0.30
C ILE A 5 2.98 0.13 1.45
N VAL A 6 3.61 -1.04 1.42
CA VAL A 6 4.61 -1.42 2.42
C VAL A 6 6.04 -1.21 1.88
N VAL A 7 6.74 -0.21 2.42
CA VAL A 7 8.09 0.13 1.93
C VAL A 7 9.20 -0.27 2.92
N PHE A 8 10.08 -1.17 2.49
CA PHE A 8 11.23 -1.60 3.32
C PHE A 8 12.41 -0.62 3.20
N SER A 9 12.19 0.63 3.61
CA SER A 9 13.23 1.66 3.62
C SER A 9 12.76 2.89 4.41
N THR A 10 13.27 3.04 5.63
CA THR A 10 12.88 4.17 6.50
C THR A 10 13.41 5.51 6.00
N ASP A 11 14.41 5.47 5.11
CA ASP A 11 14.94 6.68 4.48
C ASP A 11 13.93 7.27 3.49
N GLU A 12 13.27 8.36 3.87
CA GLU A 12 12.20 8.97 3.05
C GLU A 12 12.72 9.47 1.69
N GLU A 13 14.04 9.52 1.49
CA GLU A 13 14.59 9.92 0.19
C GLU A 13 14.01 9.07 -0.96
N THR A 14 14.00 7.75 -0.77
CA THR A 14 13.41 6.83 -1.75
C THR A 14 11.87 6.97 -1.75
N LEU A 15 11.29 7.08 -0.56
CA LEU A 15 9.84 7.27 -0.40
C LEU A 15 9.36 8.55 -1.10
N ARG A 16 10.24 9.56 -1.14
CA ARG A 16 9.94 10.84 -1.78
C ARG A 16 9.55 10.63 -3.25
N LYS A 17 10.33 9.80 -3.93
CA LYS A 17 10.08 9.48 -5.35
C LYS A 17 8.69 8.87 -5.54
N PHE A 18 8.21 8.14 -4.53
CA PHE A 18 6.87 7.54 -4.57
C PHE A 18 5.79 8.61 -4.35
N LYS A 19 6.02 9.52 -3.41
CA LYS A 19 5.06 10.58 -3.10
C LYS A 19 4.86 11.53 -4.31
N ASP A 20 5.97 11.88 -4.98
CA ASP A 20 5.91 12.70 -6.20
C ASP A 20 5.06 12.03 -7.30
N ILE A 21 4.97 10.71 -7.26
CA ILE A 21 4.14 9.95 -8.20
C ILE A 21 2.67 9.95 -7.75
N ILE A 22 2.43 9.49 -6.52
CA ILE A 22 1.06 9.38 -5.97
C ILE A 22 0.30 10.71 -6.05
N LYS A 23 0.92 11.79 -5.56
CA LYS A 23 0.32 13.12 -5.63
C LYS A 23 -0.02 13.50 -7.08
N LYS A 24 0.89 13.16 -8.00
CA LYS A 24 0.76 13.50 -9.42
C LYS A 24 -0.38 12.71 -10.09
N ASN A 25 -0.71 11.55 -9.54
CA ASN A 25 -1.80 10.72 -10.07
C ASN A 25 -3.17 11.13 -9.48
N GLY A 26 -3.18 12.14 -8.62
CA GLY A 26 -4.43 12.65 -8.07
C GLY A 26 -4.91 11.90 -6.82
N PHE A 27 -3.98 11.54 -5.94
CA PHE A 27 -4.31 10.85 -4.68
C PHE A 27 -3.61 11.51 -3.48
N LYS A 28 -4.11 11.24 -2.28
CA LYS A 28 -3.52 11.78 -1.05
C LYS A 28 -2.47 10.80 -0.49
N VAL A 29 -1.30 11.33 -0.12
CA VAL A 29 -0.22 10.50 0.43
C VAL A 29 -0.22 10.52 1.96
N ARG A 30 -0.43 9.36 2.58
CA ARG A 30 -0.41 9.25 4.04
C ARG A 30 0.70 8.29 4.52
N THR A 31 1.73 8.83 5.17
CA THR A 31 2.85 8.04 5.68
C THR A 31 2.56 7.50 7.09
N VAL A 32 2.95 6.25 7.34
CA VAL A 32 2.77 5.61 8.66
C VAL A 32 4.08 4.95 9.15
N ARG A 33 4.41 5.16 10.43
CA ARG A 33 5.62 4.56 11.03
C ARG A 33 5.28 3.59 12.18
N SER A 34 4.10 3.76 12.77
CA SER A 34 3.66 2.97 13.93
C SER A 34 2.20 2.52 13.78
N PRO A 35 1.77 1.48 14.51
CA PRO A 35 0.37 1.00 14.46
C PRO A 35 -0.65 2.07 14.87
N GLN A 36 -0.18 3.10 15.58
CA GLN A 36 -1.02 4.23 15.98
C GLN A 36 -1.62 4.95 14.75
N GLU A 37 -0.76 5.47 13.87
CA GLU A 37 -1.23 6.18 12.66
C GLU A 37 -2.05 5.25 11.77
N LEU A 38 -1.71 3.96 11.76
CA LEU A 38 -2.47 2.95 11.01
C LEU A 38 -3.92 2.86 11.51
N LYS A 39 -4.08 2.69 12.82
CA LYS A 39 -5.40 2.69 13.45
C LYS A 39 -6.11 4.04 13.22
N ASP A 40 -5.37 5.13 13.38
CA ASP A 40 -5.87 6.48 13.15
C ASP A 40 -6.35 6.66 11.69
N SER A 41 -5.73 5.92 10.77
CA SER A 41 -6.13 5.92 9.35
C SER A 41 -7.56 5.38 9.19
N ILE A 42 -7.81 4.22 9.79
CA ILE A 42 -9.13 3.59 9.71
C ILE A 42 -10.20 4.43 10.42
N GLU A 43 -9.84 5.04 11.55
CA GLU A 43 -10.75 5.92 12.29
C GLU A 43 -11.33 7.03 11.42
N GLU A 44 -10.60 7.45 10.39
CA GLU A 44 -11.12 8.41 9.41
C GLU A 44 -12.01 7.71 8.37
N LEU A 45 -11.46 6.68 7.74
CA LEU A 45 -12.12 5.98 6.64
C LEU A 45 -13.48 5.38 7.04
N VAL A 46 -13.63 5.04 8.33
CA VAL A 46 -14.89 4.45 8.82
C VAL A 46 -16.02 5.49 8.93
N LYS A 47 -15.66 6.79 8.86
CA LYS A 47 -16.67 7.86 8.74
C LYS A 47 -16.74 8.39 7.30
N LYS A 48 -15.57 8.62 6.70
CA LYS A 48 -15.48 9.10 5.31
C LYS A 48 -14.32 8.42 4.56
N TYR A 49 -14.66 7.62 3.55
CA TYR A 49 -13.66 6.95 2.72
C TYR A 49 -13.16 7.88 1.60
N ASN A 50 -12.00 8.50 1.83
CA ASN A 50 -11.39 9.42 0.86
C ASN A 50 -10.36 8.71 -0.04
N ALA A 51 -10.06 9.31 -1.19
CA ALA A 51 -9.04 8.76 -2.10
C ALA A 51 -7.61 8.99 -1.55
N THR A 52 -7.25 8.20 -0.55
CA THR A 52 -5.95 8.33 0.12
C THR A 52 -5.14 7.02 0.02
N ILE A 53 -3.92 7.11 -0.48
CA ILE A 53 -3.02 5.96 -0.53
C ILE A 53 -2.08 5.96 0.69
N VAL A 54 -2.32 5.02 1.62
CA VAL A 54 -1.56 4.94 2.85
C VAL A 54 -0.29 4.08 2.68
N VAL A 55 0.86 4.70 2.91
CA VAL A 55 2.16 4.03 2.81
C VAL A 55 2.74 3.70 4.20
N VAL A 56 2.76 2.42 4.54
CA VAL A 56 3.35 1.96 5.79
C VAL A 56 4.84 1.71 5.63
N VAL A 57 5.66 2.58 6.20
CA VAL A 57 7.13 2.44 6.12
C VAL A 57 7.63 1.43 7.16
N VAL A 58 8.22 0.34 6.70
CA VAL A 58 8.64 -0.74 7.58
C VAL A 58 10.17 -0.96 7.56
N ASP A 59 10.72 -1.38 8.70
CA ASP A 59 12.14 -1.70 8.79
C ASP A 59 12.37 -3.22 8.81
N ASP A 60 11.59 -3.94 9.62
CA ASP A 60 11.71 -5.40 9.75
C ASP A 60 10.38 -6.11 9.41
N LYS A 61 10.47 -7.40 9.10
CA LYS A 61 9.29 -8.23 8.79
C LYS A 61 8.27 -8.21 9.94
N GLU A 62 8.77 -8.25 11.18
CA GLU A 62 7.91 -8.26 12.37
C GLU A 62 7.00 -7.02 12.46
N TRP A 63 7.49 -5.88 11.97
CA TRP A 63 6.68 -4.67 11.89
C TRP A 63 5.72 -4.72 10.69
N ALA A 64 6.25 -5.05 9.51
CA ALA A 64 5.42 -5.18 8.29
C ALA A 64 4.25 -6.16 8.52
N GLU A 65 4.57 -7.36 8.97
CA GLU A 65 3.57 -8.38 9.29
C GLU A 65 2.60 -7.90 10.37
N LYS A 66 3.10 -7.16 11.36
CA LYS A 66 2.25 -6.62 12.43
C LYS A 66 1.10 -5.78 11.85
N ALA A 67 1.45 -4.88 10.94
CA ALA A 67 0.46 -4.02 10.28
C ALA A 67 -0.52 -4.85 9.42
N ILE A 68 0.03 -5.71 8.55
CA ILE A 68 -0.79 -6.54 7.65
C ILE A 68 -1.74 -7.46 8.44
N ARG A 69 -1.25 -7.99 9.57
CA ARG A 69 -2.06 -8.83 10.45
C ARG A 69 -3.27 -8.06 10.98
N PHE A 70 -3.06 -6.79 11.31
CA PHE A 70 -4.13 -5.91 11.80
C PHE A 70 -5.18 -5.68 10.70
N VAL A 71 -4.70 -5.42 9.48
CA VAL A 71 -5.59 -5.20 8.33
C VAL A 71 -6.48 -6.43 8.04
N LYS A 72 -5.95 -7.63 8.31
CA LYS A 72 -6.70 -8.88 8.07
C LYS A 72 -8.01 -8.92 8.88
N SER A 73 -8.08 -8.16 9.96
CA SER A 73 -9.28 -8.14 10.82
C SER A 73 -10.43 -7.35 10.17
N LEU A 74 -10.10 -6.54 9.17
CA LEU A 74 -11.10 -5.71 8.48
C LEU A 74 -12.05 -6.56 7.62
N GLY A 75 -11.52 -7.63 7.01
CA GLY A 75 -12.33 -8.52 6.20
C GLY A 75 -12.35 -8.17 4.71
N ALA A 76 -12.32 -6.88 4.40
CA ALA A 76 -12.32 -6.40 3.01
C ALA A 76 -11.02 -6.76 2.27
N GLN A 77 -11.13 -7.18 1.01
CA GLN A 77 -9.95 -7.46 0.19
C GLN A 77 -9.25 -6.16 -0.21
N VAL A 78 -7.96 -6.07 0.05
CA VAL A 78 -7.19 -4.85 -0.23
C VAL A 78 -5.92 -5.14 -1.04
N LEU A 79 -5.48 -4.14 -1.80
CA LEU A 79 -4.26 -4.23 -2.60
C LEU A 79 -3.04 -3.75 -1.79
N ILE A 80 -2.16 -4.68 -1.45
CA ILE A 80 -0.95 -4.37 -0.70
C ILE A 80 0.28 -4.35 -1.63
N ILE A 81 0.79 -3.15 -1.89
CA ILE A 81 1.97 -2.99 -2.76
C ILE A 81 3.25 -2.91 -1.94
N ILE A 82 4.16 -3.86 -2.15
CA ILE A 82 5.38 -3.95 -1.34
C ILE A 82 6.63 -3.54 -2.15
N TYR A 83 7.48 -2.73 -1.53
CA TYR A 83 8.74 -2.29 -2.15
C TYR A 83 9.95 -2.76 -1.34
N ASP A 84 10.89 -3.43 -2.00
CA ASP A 84 12.16 -3.81 -1.39
C ASP A 84 13.29 -3.75 -2.44
N GLN A 85 14.51 -3.53 -1.98
CA GLN A 85 15.67 -3.36 -2.88
C GLN A 85 16.09 -4.70 -3.54
N ASP A 86 15.93 -5.80 -2.83
CA ASP A 86 16.42 -7.12 -3.30
C ASP A 86 15.25 -8.08 -3.62
N GLN A 87 15.35 -8.79 -4.74
CA GLN A 87 14.28 -9.69 -5.20
C GLN A 87 14.06 -10.87 -4.24
N ASN A 88 15.15 -11.45 -3.74
CA ASN A 88 15.06 -12.61 -2.84
C ASN A 88 14.24 -12.28 -1.59
N ARG A 89 14.39 -11.04 -1.11
CA ARG A 89 13.61 -10.54 0.03
C ARG A 89 12.17 -10.19 -0.39
N LEU A 90 12.04 -9.35 -1.42
CA LEU A 90 10.74 -8.88 -1.90
C LEU A 90 9.78 -10.04 -2.27
N GLU A 91 10.24 -10.94 -3.13
CA GLU A 91 9.42 -12.08 -3.58
C GLU A 91 9.13 -13.08 -2.46
N GLU A 92 9.87 -12.99 -1.36
CA GLU A 92 9.61 -13.84 -0.19
C GLU A 92 8.44 -13.30 0.64
N PHE A 93 8.52 -12.04 1.04
CA PHE A 93 7.48 -11.42 1.87
C PHE A 93 6.14 -11.31 1.12
N SER A 94 6.19 -11.29 -0.21
CA SER A 94 4.97 -11.28 -1.03
C SER A 94 4.11 -12.52 -0.75
N ARG A 95 4.76 -13.68 -0.67
CA ARG A 95 4.09 -14.95 -0.31
C ARG A 95 3.49 -14.86 1.09
N GLU A 96 4.24 -14.27 2.03
CA GLU A 96 3.80 -14.09 3.40
C GLU A 96 2.45 -13.36 3.46
N VAL A 97 2.25 -12.42 2.55
CA VAL A 97 1.00 -11.65 2.46
C VAL A 97 -0.08 -12.39 1.66
N ARG A 98 0.28 -12.89 0.48
CA ARG A 98 -0.67 -13.62 -0.38
C ARG A 98 -1.25 -14.85 0.33
N ARG A 99 -0.41 -15.47 1.17
CA ARG A 99 -0.80 -16.64 1.97
C ARG A 99 -2.00 -16.30 2.89
N ARG A 100 -2.23 -15.01 3.11
CA ARG A 100 -3.31 -14.54 3.99
C ARG A 100 -4.55 -14.10 3.19
N GLY A 101 -4.46 -14.14 1.86
CA GLY A 101 -5.64 -13.88 1.02
C GLY A 101 -5.65 -12.52 0.31
N PHE A 102 -4.79 -11.59 0.75
CA PHE A 102 -4.79 -10.23 0.19
C PHE A 102 -4.03 -10.13 -1.15
N GLU A 103 -4.41 -9.14 -1.95
CA GLU A 103 -3.76 -8.91 -3.24
C GLU A 103 -2.40 -8.22 -3.06
N VAL A 104 -1.34 -9.00 -3.02
CA VAL A 104 0.01 -8.46 -2.89
C VAL A 104 0.66 -8.24 -4.27
N ARG A 105 1.13 -7.03 -4.51
CA ARG A 105 1.79 -6.69 -5.78
C ARG A 105 3.11 -5.95 -5.52
N THR A 106 4.19 -6.48 -6.07
CA THR A 106 5.55 -6.06 -5.69
C THR A 106 6.18 -5.09 -6.71
N VAL A 107 6.94 -4.12 -6.18
CA VAL A 107 7.70 -3.18 -7.00
C VAL A 107 9.18 -3.15 -6.56
N THR A 108 10.09 -3.18 -7.54
CA THR A 108 11.53 -3.31 -7.25
C THR A 108 12.29 -1.97 -7.30
N SER A 109 11.74 -0.99 -8.01
CA SER A 109 12.41 0.31 -8.18
C SER A 109 11.37 1.44 -8.32
N PRO A 110 11.76 2.69 -7.98
CA PRO A 110 10.88 3.86 -8.18
C PRO A 110 10.25 3.91 -9.59
N ASP A 111 11.00 3.47 -10.60
CA ASP A 111 10.48 3.37 -11.96
C ASP A 111 9.46 2.22 -12.07
N ASP A 112 9.85 1.03 -11.60
CA ASP A 112 8.98 -0.15 -11.58
C ASP A 112 7.65 0.17 -10.85
N PHE A 113 7.75 0.98 -9.80
CA PHE A 113 6.59 1.45 -9.05
C PHE A 113 5.71 2.36 -9.90
N LYS A 114 6.31 3.35 -10.55
CA LYS A 114 5.59 4.29 -11.40
C LYS A 114 4.81 3.58 -12.52
N LYS A 115 5.48 2.67 -13.22
CA LYS A 115 4.89 1.96 -14.35
C LYS A 115 3.74 1.04 -13.91
N SER A 116 3.94 0.34 -12.79
CA SER A 116 2.92 -0.57 -12.27
C SER A 116 1.75 0.18 -11.63
N LEU A 117 2.05 1.20 -10.82
CA LEU A 117 1.04 1.96 -10.08
C LEU A 117 -0.08 2.45 -11.02
N GLU A 118 0.30 3.00 -12.17
CA GLU A 118 -0.67 3.48 -13.17
C GLU A 118 -1.75 2.42 -13.47
N ARG A 119 -1.31 1.18 -13.61
CA ARG A 119 -2.19 0.07 -13.97
C ARG A 119 -2.93 -0.50 -12.73
N LEU A 120 -2.25 -0.48 -11.59
CA LEU A 120 -2.84 -0.98 -10.34
C LEU A 120 -3.97 -0.04 -9.85
N ILE A 121 -3.80 1.27 -10.10
CA ILE A 121 -4.83 2.26 -9.79
C ILE A 121 -6.15 1.93 -10.49
N ARG A 122 -6.06 1.42 -11.72
CA ARG A 122 -7.24 1.08 -12.52
C ARG A 122 -7.97 -0.15 -11.95
N GLU A 123 -7.24 -1.00 -11.23
CA GLU A 123 -7.82 -2.20 -10.61
C GLU A 123 -8.53 -1.86 -9.28
N VAL A 124 -7.87 -1.05 -8.46
CA VAL A 124 -8.47 -0.64 -7.17
C VAL A 124 -9.60 0.38 -7.36
N GLY A 125 -9.37 1.38 -8.21
CA GLY A 125 -10.39 2.37 -8.54
C GLY A 125 -11.02 3.06 -7.33
N SER A 126 -10.25 3.28 -6.26
CA SER A 126 -10.77 3.92 -5.05
C SER A 126 -10.92 5.44 -5.24
N LEU A 127 -11.94 5.83 -6.01
CA LEU A 127 -12.24 7.24 -6.26
C LEU A 127 -13.68 7.43 -6.80
N GLU A 128 -14.49 6.38 -6.72
CA GLU A 128 -15.85 6.39 -7.29
C GLU A 128 -16.80 7.28 -6.49
N HIS A 129 -17.77 7.86 -7.19
CA HIS A 129 -18.87 8.60 -6.56
C HIS A 129 -19.55 7.74 -5.47
N HIS A 130 -19.56 8.24 -4.23
CA HIS A 130 -20.18 7.50 -3.12
C HIS A 130 -21.66 7.19 -3.41
N HIS A 131 -21.94 5.97 -3.84
CA HIS A 131 -23.30 5.55 -4.19
C HIS A 131 -24.17 5.32 -2.95
N HIS A 132 -24.92 6.35 -2.58
CA HIS A 132 -25.85 6.27 -1.44
C HIS A 132 -26.98 5.26 -1.72
N HIS A 133 -27.58 4.74 -0.66
CA HIS A 133 -28.78 3.90 -0.79
C HIS A 133 -30.01 4.75 -1.14
N HIS A 134 -31.10 4.10 -1.52
CA HIS A 134 -32.31 4.79 -1.98
C HIS A 134 -33.59 4.07 -1.50
N MET A 1 -7.82 4.97 1.10
CA MET A 1 -6.94 4.08 1.89
C MET A 1 -7.41 2.62 1.79
N ASN A 2 -6.83 1.90 0.85
CA ASN A 2 -7.11 0.48 0.62
C ASN A 2 -5.88 -0.16 -0.02
N ILE A 3 -5.37 0.51 -1.05
CA ILE A 3 -4.06 0.19 -1.61
C ILE A 3 -2.96 0.56 -0.60
N VAL A 4 -2.34 -0.45 0.00
CA VAL A 4 -1.32 -0.23 1.04
C VAL A 4 0.10 -0.43 0.47
N ILE A 5 0.89 0.63 0.49
CA ILE A 5 2.26 0.58 -0.03
C ILE A 5 3.27 0.32 1.11
N VAL A 6 3.83 -0.89 1.15
CA VAL A 6 4.80 -1.28 2.18
C VAL A 6 6.24 -1.01 1.70
N VAL A 7 6.87 0.02 2.26
CA VAL A 7 8.21 0.44 1.84
C VAL A 7 9.30 -0.01 2.84
N PHE A 8 10.19 -0.90 2.40
CA PHE A 8 11.32 -1.35 3.22
C PHE A 8 12.51 -0.39 3.16
N SER A 9 12.55 0.43 2.12
CA SER A 9 13.60 1.46 1.97
C SER A 9 13.27 2.70 2.80
N THR A 10 13.82 2.78 4.00
CA THR A 10 13.49 3.84 4.96
C THR A 10 14.12 5.21 4.60
N ASP A 11 14.83 5.26 3.46
CA ASP A 11 15.42 6.52 3.00
C ASP A 11 14.33 7.51 2.53
N GLU A 12 14.17 8.62 3.26
CA GLU A 12 13.11 9.60 2.97
C GLU A 12 13.23 10.17 1.55
N GLU A 13 14.46 10.32 1.05
CA GLU A 13 14.67 10.82 -0.33
C GLU A 13 14.15 9.82 -1.37
N THR A 14 14.33 8.54 -1.10
CA THR A 14 13.78 7.48 -1.97
C THR A 14 12.25 7.44 -1.87
N LEU A 15 11.73 7.58 -0.65
CA LEU A 15 10.29 7.67 -0.42
C LEU A 15 9.70 8.93 -1.09
N ARG A 16 10.51 9.97 -1.19
CA ARG A 16 10.10 11.22 -1.86
C ARG A 16 9.69 10.95 -3.32
N LYS A 17 10.32 9.96 -3.96
CA LYS A 17 9.91 9.52 -5.30
C LYS A 17 8.42 9.10 -5.28
N PHE A 18 8.11 8.13 -4.43
CA PHE A 18 6.75 7.60 -4.32
C PHE A 18 5.73 8.68 -3.96
N LYS A 19 6.06 9.49 -2.95
CA LYS A 19 5.18 10.58 -2.53
C LYS A 19 4.93 11.57 -3.67
N ASP A 20 5.97 11.88 -4.45
CA ASP A 20 5.84 12.82 -5.56
C ASP A 20 4.96 12.24 -6.68
N ILE A 21 5.17 10.96 -7.00
CA ILE A 21 4.35 10.27 -8.00
C ILE A 21 2.85 10.30 -7.62
N ILE A 22 2.56 9.87 -6.39
CA ILE A 22 1.18 9.85 -5.88
C ILE A 22 0.51 11.24 -5.98
N LYS A 23 1.25 12.29 -5.61
CA LYS A 23 0.74 13.66 -5.71
C LYS A 23 0.42 14.04 -7.18
N LYS A 24 1.27 13.57 -8.09
CA LYS A 24 1.04 13.80 -9.53
C LYS A 24 -0.15 12.98 -10.04
N ASN A 25 -0.35 11.80 -9.47
CA ASN A 25 -1.51 10.96 -9.78
C ASN A 25 -2.81 11.62 -9.28
N GLY A 26 -2.68 12.55 -8.33
CA GLY A 26 -3.84 13.29 -7.83
C GLY A 26 -4.25 12.89 -6.42
N PHE A 27 -3.49 11.99 -5.80
CA PHE A 27 -3.84 11.49 -4.46
C PHE A 27 -2.96 12.11 -3.37
N LYS A 28 -3.33 11.85 -2.12
CA LYS A 28 -2.59 12.38 -0.96
C LYS A 28 -1.96 11.24 -0.14
N VAL A 29 -0.73 11.45 0.33
CA VAL A 29 0.06 10.39 0.97
C VAL A 29 -0.04 10.41 2.51
N ARG A 30 -0.25 9.22 3.10
CA ARG A 30 -0.16 9.05 4.56
C ARG A 30 0.99 8.08 4.92
N THR A 31 2.13 8.62 5.30
CA THR A 31 3.29 7.80 5.69
C THR A 31 3.19 7.30 7.13
N VAL A 32 2.90 6.00 7.28
CA VAL A 32 2.76 5.39 8.61
C VAL A 32 4.12 5.22 9.31
N ARG A 33 4.19 5.61 10.58
CA ARG A 33 5.39 5.46 11.40
C ARG A 33 5.18 4.44 12.53
N SER A 34 3.91 4.25 12.91
CA SER A 34 3.56 3.36 14.02
C SER A 34 2.15 2.77 13.82
N PRO A 35 1.79 1.70 14.56
CA PRO A 35 0.44 1.07 14.46
C PRO A 35 -0.69 2.07 14.75
N GLN A 36 -0.35 3.18 15.42
CA GLN A 36 -1.31 4.25 15.71
C GLN A 36 -1.83 4.92 14.43
N GLU A 37 -0.93 5.28 13.53
CA GLU A 37 -1.30 5.85 12.24
C GLU A 37 -2.25 4.94 11.46
N LEU A 38 -1.95 3.64 11.45
CA LEU A 38 -2.83 2.64 10.81
C LEU A 38 -4.18 2.56 11.54
N LYS A 39 -4.11 2.59 12.87
CA LYS A 39 -5.31 2.65 13.73
C LYS A 39 -6.24 3.80 13.29
N ASP A 40 -5.72 5.03 13.28
CA ASP A 40 -6.51 6.20 12.92
C ASP A 40 -6.90 6.23 11.43
N SER A 41 -6.21 5.45 10.61
CA SER A 41 -6.58 5.27 9.20
C SER A 41 -7.94 4.57 9.10
N ILE A 42 -8.08 3.45 9.81
CA ILE A 42 -9.35 2.71 9.87
C ILE A 42 -10.47 3.56 10.50
N GLU A 43 -10.11 4.34 11.52
CA GLU A 43 -11.05 5.28 12.15
C GLU A 43 -11.62 6.27 11.12
N GLU A 44 -10.85 6.55 10.08
CA GLU A 44 -11.30 7.39 8.97
C GLU A 44 -12.14 6.57 7.98
N LEU A 45 -11.72 5.32 7.75
CA LEU A 45 -12.42 4.40 6.84
C LEU A 45 -13.87 4.16 7.28
N VAL A 46 -14.11 4.19 8.59
CA VAL A 46 -15.46 3.99 9.15
C VAL A 46 -16.25 5.32 9.20
N LYS A 47 -15.65 6.40 8.70
CA LYS A 47 -16.30 7.72 8.73
C LYS A 47 -16.47 8.34 7.32
N LYS A 48 -15.43 8.98 6.79
CA LYS A 48 -15.52 9.71 5.50
C LYS A 48 -14.15 10.21 5.01
N TYR A 49 -13.92 10.13 3.69
CA TYR A 49 -12.67 10.63 3.07
C TYR A 49 -12.65 10.33 1.56
N ASN A 50 -11.61 10.80 0.87
CA ASN A 50 -11.42 10.46 -0.55
C ASN A 50 -10.00 10.84 -1.02
N ALA A 51 -9.48 10.11 -2.02
CA ALA A 51 -8.18 10.41 -2.65
C ALA A 51 -6.98 10.21 -1.70
N THR A 52 -7.18 9.56 -0.56
CA THR A 52 -6.09 9.35 0.41
C THR A 52 -5.47 7.95 0.28
N ILE A 53 -4.18 7.88 -0.04
CA ILE A 53 -3.42 6.62 -0.12
C ILE A 53 -2.48 6.46 1.09
N VAL A 54 -2.41 5.24 1.63
CA VAL A 54 -1.60 4.98 2.82
C VAL A 54 -0.29 4.23 2.48
N VAL A 55 0.83 4.76 2.98
CA VAL A 55 2.15 4.16 2.75
C VAL A 55 2.81 3.76 4.07
N VAL A 56 2.96 2.47 4.30
CA VAL A 56 3.55 1.97 5.55
C VAL A 56 5.06 1.71 5.40
N VAL A 57 5.88 2.54 6.06
CA VAL A 57 7.33 2.38 6.02
C VAL A 57 7.80 1.38 7.09
N VAL A 58 8.44 0.30 6.65
CA VAL A 58 8.85 -0.78 7.55
C VAL A 58 10.35 -1.09 7.45
N ASP A 59 10.94 -1.50 8.58
CA ASP A 59 12.34 -1.92 8.64
C ASP A 59 12.45 -3.36 9.17
N ASP A 60 11.73 -3.64 10.26
CA ASP A 60 11.74 -4.97 10.88
C ASP A 60 10.66 -5.88 10.26
N LYS A 61 10.98 -7.18 10.13
CA LYS A 61 10.05 -8.13 9.50
C LYS A 61 8.75 -8.30 10.29
N GLU A 62 8.82 -8.26 11.62
CA GLU A 62 7.61 -8.37 12.45
C GLU A 62 6.73 -7.12 12.28
N TRP A 63 7.38 -5.96 12.28
CA TRP A 63 6.71 -4.69 11.99
C TRP A 63 6.09 -4.69 10.57
N ALA A 64 6.79 -5.29 9.62
CA ALA A 64 6.29 -5.44 8.26
C ALA A 64 4.96 -6.19 8.24
N GLU A 65 4.91 -7.36 8.89
CA GLU A 65 3.67 -8.12 9.01
C GLU A 65 2.64 -7.38 9.86
N LYS A 66 3.12 -6.69 10.89
CA LYS A 66 2.25 -6.03 11.89
C LYS A 66 1.19 -5.14 11.24
N ALA A 67 1.56 -4.46 10.15
CA ALA A 67 0.61 -3.67 9.37
C ALA A 67 -0.50 -4.57 8.79
N ILE A 68 -0.09 -5.63 8.10
CA ILE A 68 -1.03 -6.58 7.48
C ILE A 68 -1.80 -7.37 8.56
N ARG A 69 -1.16 -7.52 9.72
CA ARG A 69 -1.68 -8.27 10.85
C ARG A 69 -2.89 -7.56 11.46
N PHE A 70 -2.85 -6.23 11.49
CA PHE A 70 -4.00 -5.43 11.92
C PHE A 70 -5.07 -5.38 10.81
N VAL A 71 -4.63 -5.21 9.56
CA VAL A 71 -5.53 -5.22 8.40
C VAL A 71 -6.32 -6.54 8.32
N LYS A 72 -5.71 -7.63 8.80
CA LYS A 72 -6.38 -8.93 8.90
C LYS A 72 -7.75 -8.80 9.60
N SER A 73 -7.77 -8.04 10.69
CA SER A 73 -8.99 -7.87 11.51
C SER A 73 -10.11 -7.16 10.75
N LEU A 74 -9.79 -6.53 9.62
CA LEU A 74 -10.78 -5.81 8.81
C LEU A 74 -11.67 -6.77 8.01
N GLY A 75 -11.12 -7.93 7.64
CA GLY A 75 -11.86 -8.90 6.84
C GLY A 75 -12.31 -8.32 5.49
N ALA A 76 -11.42 -7.60 4.82
CA ALA A 76 -11.73 -6.97 3.52
C ALA A 76 -10.57 -7.12 2.54
N GLN A 77 -10.85 -7.01 1.24
CA GLN A 77 -9.80 -7.10 0.22
C GLN A 77 -9.06 -5.77 0.06
N VAL A 78 -7.76 -5.77 0.36
CA VAL A 78 -6.91 -4.61 0.16
C VAL A 78 -5.76 -4.95 -0.80
N LEU A 79 -5.40 -4.00 -1.66
CA LEU A 79 -4.33 -4.20 -2.65
C LEU A 79 -3.00 -3.69 -2.10
N ILE A 80 -2.09 -4.61 -1.81
CA ILE A 80 -0.83 -4.28 -1.12
C ILE A 80 0.35 -4.27 -2.09
N ILE A 81 1.03 -3.12 -2.18
CA ILE A 81 2.24 -2.99 -3.01
C ILE A 81 3.49 -2.95 -2.13
N ILE A 82 4.33 -3.97 -2.23
CA ILE A 82 5.54 -4.06 -1.42
C ILE A 82 6.79 -3.66 -2.22
N TYR A 83 7.66 -2.87 -1.58
CA TYR A 83 8.87 -2.35 -2.23
C TYR A 83 10.12 -2.58 -1.36
N ASP A 84 11.08 -3.32 -1.92
CA ASP A 84 12.36 -3.59 -1.24
C ASP A 84 13.48 -3.76 -2.27
N GLN A 85 14.72 -3.53 -1.84
CA GLN A 85 15.88 -3.60 -2.72
C GLN A 85 16.35 -5.04 -2.95
N ASP A 86 15.87 -5.97 -2.13
CA ASP A 86 16.25 -7.38 -2.25
C ASP A 86 15.08 -8.20 -2.83
N GLN A 87 15.31 -8.81 -3.99
CA GLN A 87 14.27 -9.56 -4.70
C GLN A 87 13.80 -10.80 -3.89
N ASN A 88 14.74 -11.46 -3.22
CA ASN A 88 14.42 -12.64 -2.40
C ASN A 88 13.55 -12.28 -1.19
N ARG A 89 13.93 -11.20 -0.48
CA ARG A 89 13.13 -10.71 0.65
C ARG A 89 11.74 -10.29 0.17
N LEU A 90 11.73 -9.49 -0.89
CA LEU A 90 10.49 -8.98 -1.50
C LEU A 90 9.47 -10.11 -1.73
N GLU A 91 9.89 -11.15 -2.44
CA GLU A 91 9.00 -12.29 -2.74
C GLU A 91 8.69 -13.13 -1.49
N GLU A 92 9.68 -13.30 -0.63
CA GLU A 92 9.53 -14.15 0.57
C GLU A 92 8.46 -13.58 1.53
N PHE A 93 8.47 -12.27 1.74
CA PHE A 93 7.47 -11.62 2.58
C PHE A 93 6.10 -11.59 1.89
N SER A 94 6.09 -11.23 0.61
CA SER A 94 4.86 -11.24 -0.20
C SER A 94 4.22 -12.62 -0.22
N ARG A 95 5.04 -13.66 -0.09
CA ARG A 95 4.57 -15.05 -0.05
C ARG A 95 3.49 -15.24 1.05
N GLU A 96 3.83 -14.88 2.28
CA GLU A 96 2.90 -15.01 3.41
C GLU A 96 1.65 -14.15 3.21
N VAL A 97 1.84 -12.89 2.82
CA VAL A 97 0.72 -11.96 2.57
C VAL A 97 -0.27 -12.52 1.54
N ARG A 98 0.25 -12.98 0.41
CA ARG A 98 -0.58 -13.55 -0.66
C ARG A 98 -1.24 -14.86 -0.21
N ARG A 99 -0.50 -15.64 0.58
CA ARG A 99 -1.00 -16.90 1.14
C ARG A 99 -2.22 -16.65 2.04
N ARG A 100 -2.24 -15.50 2.72
CA ARG A 100 -3.34 -15.15 3.62
C ARG A 100 -4.61 -14.74 2.86
N GLY A 101 -4.53 -14.64 1.54
CA GLY A 101 -5.70 -14.32 0.73
C GLY A 101 -5.80 -12.85 0.32
N PHE A 102 -4.70 -12.12 0.47
CA PHE A 102 -4.64 -10.72 0.02
C PHE A 102 -3.95 -10.60 -1.34
N GLU A 103 -4.35 -9.60 -2.13
CA GLU A 103 -3.72 -9.34 -3.43
C GLU A 103 -2.49 -8.42 -3.27
N VAL A 104 -1.31 -9.02 -3.40
CA VAL A 104 -0.05 -8.29 -3.23
C VAL A 104 0.69 -8.11 -4.57
N ARG A 105 1.41 -7.00 -4.70
CA ARG A 105 2.18 -6.70 -5.92
C ARG A 105 3.63 -6.31 -5.56
N THR A 106 4.59 -6.94 -6.22
CA THR A 106 6.02 -6.73 -5.93
C THR A 106 6.67 -5.73 -6.89
N VAL A 107 7.22 -4.63 -6.35
CA VAL A 107 7.97 -3.65 -7.16
C VAL A 107 9.41 -3.49 -6.65
N THR A 108 10.37 -3.45 -7.58
CA THR A 108 11.80 -3.36 -7.23
C THR A 108 12.37 -1.94 -7.40
N SER A 109 11.60 -1.05 -8.02
CA SER A 109 12.05 0.34 -8.24
C SER A 109 10.87 1.31 -8.30
N PRO A 110 11.10 2.61 -7.97
CA PRO A 110 10.06 3.65 -8.12
C PRO A 110 9.64 3.86 -9.59
N ASP A 111 10.49 3.41 -10.52
CA ASP A 111 10.18 3.46 -11.94
C ASP A 111 9.16 2.37 -12.32
N ASP A 112 9.45 1.13 -11.94
CA ASP A 112 8.53 0.01 -12.15
C ASP A 112 7.22 0.24 -11.37
N PHE A 113 7.37 0.77 -10.15
CA PHE A 113 6.23 1.12 -9.30
C PHE A 113 5.24 2.03 -10.02
N LYS A 114 5.74 3.03 -10.73
CA LYS A 114 4.89 4.00 -11.45
C LYS A 114 4.06 3.31 -12.55
N LYS A 115 4.62 2.26 -13.14
CA LYS A 115 3.91 1.45 -14.15
C LYS A 115 2.89 0.53 -13.47
N SER A 116 3.35 -0.23 -12.48
CA SER A 116 2.48 -1.13 -11.71
C SER A 116 1.32 -0.36 -11.05
N LEU A 117 1.61 0.86 -10.61
CA LEU A 117 0.61 1.72 -9.95
C LEU A 117 -0.54 2.07 -10.89
N GLU A 118 -0.20 2.54 -12.11
CA GLU A 118 -1.21 2.79 -13.14
C GLU A 118 -2.05 1.54 -13.42
N ARG A 119 -1.37 0.40 -13.62
CA ARG A 119 -2.02 -0.89 -13.87
C ARG A 119 -3.10 -1.22 -12.81
N LEU A 120 -2.80 -0.88 -11.56
CA LEU A 120 -3.70 -1.18 -10.45
C LEU A 120 -4.79 -0.10 -10.25
N ILE A 121 -4.38 1.15 -10.06
CA ILE A 121 -5.31 2.25 -9.78
C ILE A 121 -6.39 2.43 -10.86
N ARG A 122 -5.99 2.35 -12.13
CA ARG A 122 -6.93 2.58 -13.24
C ARG A 122 -7.96 1.44 -13.35
N GLU A 123 -7.64 0.30 -12.75
CA GLU A 123 -8.54 -0.85 -12.71
C GLU A 123 -9.51 -0.77 -11.51
N VAL A 124 -8.94 -0.67 -10.30
CA VAL A 124 -9.76 -0.63 -9.08
C VAL A 124 -10.52 0.69 -8.93
N GLY A 125 -9.88 1.80 -9.28
CA GLY A 125 -10.52 3.11 -9.20
C GLY A 125 -11.24 3.48 -10.48
N SER A 126 -12.09 2.59 -10.98
CA SER A 126 -12.81 2.81 -12.24
C SER A 126 -13.96 3.81 -12.07
N LEU A 127 -13.64 5.10 -12.15
CA LEU A 127 -14.66 6.15 -12.16
C LEU A 127 -15.26 6.31 -13.58
N GLU A 128 -14.52 5.81 -14.57
CA GLU A 128 -14.97 5.76 -15.97
C GLU A 128 -14.83 4.33 -16.52
N HIS A 129 -15.22 4.14 -17.77
CA HIS A 129 -15.07 2.83 -18.43
C HIS A 129 -13.63 2.62 -18.95
N HIS A 130 -13.11 1.40 -18.80
CA HIS A 130 -11.77 1.06 -19.29
C HIS A 130 -11.78 -0.27 -20.06
N HIS A 131 -10.65 -0.63 -20.65
CA HIS A 131 -10.53 -1.92 -21.33
C HIS A 131 -10.51 -3.09 -20.33
N HIS A 132 -11.40 -4.05 -20.52
CA HIS A 132 -11.50 -5.21 -19.64
C HIS A 132 -10.57 -6.35 -20.11
N HIS A 133 -9.88 -7.00 -19.17
CA HIS A 133 -9.13 -8.21 -19.48
C HIS A 133 -10.10 -9.34 -19.84
N HIS A 134 -11.17 -9.40 -19.05
CA HIS A 134 -12.33 -10.26 -19.33
C HIS A 134 -13.64 -9.51 -18.99
N MET A 1 -11.57 -0.36 -2.35
CA MET A 1 -11.20 1.05 -2.66
C MET A 1 -9.84 1.45 -2.03
N ASN A 2 -9.45 0.79 -0.94
CA ASN A 2 -8.22 1.13 -0.21
C ASN A 2 -6.98 0.45 -0.82
N ILE A 3 -5.82 1.07 -0.64
CA ILE A 3 -4.54 0.54 -1.15
C ILE A 3 -3.39 0.89 -0.19
N VAL A 4 -2.51 -0.08 0.07
CA VAL A 4 -1.42 0.09 1.04
C VAL A 4 -0.04 -0.15 0.40
N ILE A 5 0.94 0.67 0.78
CA ILE A 5 2.32 0.51 0.29
C ILE A 5 3.29 0.26 1.45
N VAL A 6 4.09 -0.80 1.36
CA VAL A 6 5.05 -1.15 2.42
C VAL A 6 6.49 -0.97 1.94
N VAL A 7 7.25 -0.09 2.61
CA VAL A 7 8.64 0.20 2.22
C VAL A 7 9.64 -0.40 3.23
N PHE A 8 10.43 -1.37 2.78
CA PHE A 8 11.43 -2.03 3.64
C PHE A 8 12.80 -1.34 3.63
N SER A 9 13.00 -0.39 2.71
CA SER A 9 14.29 0.31 2.59
C SER A 9 14.49 1.33 3.71
N THR A 10 13.37 1.83 4.25
CA THR A 10 13.38 2.74 5.42
C THR A 10 13.99 4.12 5.08
N ASP A 11 14.08 4.47 3.79
CA ASP A 11 14.60 5.78 3.37
C ASP A 11 13.50 6.84 3.29
N GLU A 12 13.77 8.03 3.82
CA GLU A 12 12.88 9.19 3.64
C GLU A 12 12.95 9.72 2.21
N GLU A 13 14.17 9.85 1.69
CA GLU A 13 14.40 10.39 0.34
C GLU A 13 13.82 9.48 -0.75
N THR A 14 14.02 8.16 -0.62
CA THR A 14 13.40 7.20 -1.54
C THR A 14 11.87 7.26 -1.42
N LEU A 15 11.39 7.34 -0.18
CA LEU A 15 9.96 7.48 0.11
C LEU A 15 9.37 8.76 -0.51
N ARG A 16 10.22 9.77 -0.69
CA ARG A 16 9.82 11.04 -1.33
C ARG A 16 9.31 10.79 -2.75
N LYS A 17 9.98 9.88 -3.47
CA LYS A 17 9.56 9.50 -4.83
C LYS A 17 8.14 8.93 -4.83
N PHE A 18 7.85 8.06 -3.86
CA PHE A 18 6.51 7.47 -3.73
C PHE A 18 5.44 8.55 -3.55
N LYS A 19 5.69 9.52 -2.67
CA LYS A 19 4.77 10.65 -2.50
C LYS A 19 4.52 11.38 -3.83
N ASP A 20 5.60 11.63 -4.57
CA ASP A 20 5.55 12.32 -5.86
C ASP A 20 4.69 11.55 -6.89
N ILE A 21 4.92 10.24 -6.99
CA ILE A 21 4.20 9.39 -7.94
C ILE A 21 2.70 9.29 -7.59
N ILE A 22 2.40 9.20 -6.31
CA ILE A 22 1.00 9.20 -5.85
C ILE A 22 0.30 10.53 -6.20
N LYS A 23 1.02 11.64 -6.03
CA LYS A 23 0.50 12.97 -6.41
C LYS A 23 0.32 13.09 -7.93
N LYS A 24 1.20 12.43 -8.69
CA LYS A 24 1.10 12.40 -10.16
C LYS A 24 -0.28 11.90 -10.63
N ASN A 25 -0.79 10.87 -9.96
CA ASN A 25 -2.09 10.26 -10.30
C ASN A 25 -3.26 10.97 -9.59
N GLY A 26 -2.95 11.92 -8.70
CA GLY A 26 -3.98 12.69 -8.04
C GLY A 26 -4.59 12.01 -6.79
N PHE A 27 -3.73 11.44 -5.95
CA PHE A 27 -4.17 10.84 -4.68
C PHE A 27 -3.47 11.50 -3.48
N LYS A 28 -3.88 11.13 -2.27
CA LYS A 28 -3.26 11.65 -1.04
C LYS A 28 -2.41 10.56 -0.35
N VAL A 29 -1.43 10.99 0.47
CA VAL A 29 -0.47 10.06 1.07
C VAL A 29 -0.47 10.14 2.61
N ARG A 30 -0.33 8.98 3.26
CA ARG A 30 -0.04 8.91 4.71
C ARG A 30 1.10 7.93 4.99
N THR A 31 2.32 8.47 5.15
CA THR A 31 3.50 7.63 5.42
C THR A 31 3.68 7.37 6.92
N VAL A 32 3.37 6.13 7.33
CA VAL A 32 3.30 5.76 8.74
C VAL A 32 4.42 4.79 9.17
N ARG A 33 4.96 5.02 10.37
CA ARG A 33 5.91 4.08 10.99
C ARG A 33 5.52 3.81 12.46
N SER A 34 4.38 4.39 12.88
CA SER A 34 3.89 4.23 14.27
C SER A 34 2.49 3.58 14.28
N PRO A 35 2.18 2.75 15.30
CA PRO A 35 0.88 2.06 15.40
C PRO A 35 -0.32 3.02 15.41
N GLN A 36 -0.21 4.10 16.20
CA GLN A 36 -1.29 5.10 16.30
C GLN A 36 -1.69 5.67 14.93
N GLU A 37 -0.71 6.08 14.12
CA GLU A 37 -0.99 6.64 12.80
C GLU A 37 -1.56 5.60 11.82
N LEU A 38 -1.09 4.35 11.96
CA LEU A 38 -1.63 3.24 11.15
C LEU A 38 -3.12 3.03 11.43
N LYS A 39 -3.45 2.84 12.70
CA LYS A 39 -4.84 2.69 13.14
C LYS A 39 -5.66 3.94 12.77
N ASP A 40 -5.08 5.12 12.98
CA ASP A 40 -5.74 6.39 12.65
C ASP A 40 -6.12 6.47 11.16
N SER A 41 -5.16 6.17 10.28
CA SER A 41 -5.37 6.23 8.83
C SER A 41 -6.51 5.29 8.38
N ILE A 42 -6.68 4.20 9.11
CA ILE A 42 -7.74 3.22 8.81
C ILE A 42 -9.08 3.63 9.42
N GLU A 43 -9.06 4.10 10.66
CA GLU A 43 -10.30 4.46 11.37
C GLU A 43 -10.99 5.68 10.73
N GLU A 44 -10.25 6.46 9.94
CA GLU A 44 -10.87 7.53 9.14
C GLU A 44 -11.87 6.93 8.13
N LEU A 45 -11.46 5.82 7.50
CA LEU A 45 -12.21 5.18 6.41
C LEU A 45 -13.58 4.65 6.86
N VAL A 46 -13.75 4.40 8.17
CA VAL A 46 -15.04 3.89 8.67
C VAL A 46 -16.10 5.03 8.74
N LYS A 47 -15.63 6.27 8.87
CA LYS A 47 -16.54 7.44 8.87
C LYS A 47 -16.69 8.01 7.46
N LYS A 48 -15.57 8.41 6.86
CA LYS A 48 -15.56 8.99 5.51
C LYS A 48 -14.38 8.44 4.68
N TYR A 49 -14.68 7.83 3.54
CA TYR A 49 -13.63 7.24 2.69
C TYR A 49 -13.15 8.25 1.63
N ASN A 50 -11.83 8.39 1.52
CA ASN A 50 -11.21 9.31 0.55
C ASN A 50 -10.11 8.63 -0.26
N ALA A 51 -9.65 9.29 -1.31
CA ALA A 51 -8.53 8.79 -2.11
C ALA A 51 -7.19 8.92 -1.36
N THR A 52 -7.05 8.15 -0.29
CA THR A 52 -5.87 8.22 0.58
C THR A 52 -5.05 6.92 0.55
N ILE A 53 -3.87 6.98 -0.05
CA ILE A 53 -2.96 5.84 -0.08
C ILE A 53 -2.02 5.86 1.13
N VAL A 54 -2.15 4.88 2.02
CA VAL A 54 -1.32 4.81 3.22
C VAL A 54 -0.04 3.99 2.97
N VAL A 55 1.11 4.59 3.27
CA VAL A 55 2.41 3.94 3.04
C VAL A 55 3.10 3.61 4.37
N VAL A 56 3.12 2.32 4.71
CA VAL A 56 3.75 1.85 5.95
C VAL A 56 5.26 1.64 5.76
N VAL A 57 6.05 2.55 6.34
CA VAL A 57 7.51 2.45 6.29
C VAL A 57 8.03 1.54 7.41
N VAL A 58 8.60 0.40 7.04
CA VAL A 58 9.01 -0.62 8.01
C VAL A 58 10.53 -0.88 7.98
N ASP A 59 11.09 -1.15 9.15
CA ASP A 59 12.48 -1.59 9.27
C ASP A 59 12.55 -3.03 9.81
N ASP A 60 11.40 -3.68 9.92
CA ASP A 60 11.29 -5.06 10.39
C ASP A 60 10.05 -5.75 9.78
N LYS A 61 10.18 -7.03 9.41
CA LYS A 61 9.10 -7.75 8.72
C LYS A 61 7.90 -8.03 9.65
N GLU A 62 8.14 -8.20 10.95
CA GLU A 62 7.05 -8.45 11.90
C GLU A 62 6.29 -7.15 12.22
N TRP A 63 7.01 -6.03 12.18
CA TRP A 63 6.36 -4.71 12.23
C TRP A 63 5.45 -4.54 11.01
N ALA A 64 5.94 -4.94 9.84
CA ALA A 64 5.14 -4.94 8.62
C ALA A 64 3.95 -5.90 8.73
N GLU A 65 4.19 -7.09 9.29
CA GLU A 65 3.13 -8.08 9.46
C GLU A 65 2.05 -7.60 10.45
N LYS A 66 2.45 -6.78 11.43
CA LYS A 66 1.49 -6.22 12.39
C LYS A 66 0.40 -5.42 11.66
N ALA A 67 0.79 -4.73 10.59
CA ALA A 67 -0.15 -3.99 9.75
C ALA A 67 -1.05 -4.95 8.94
N ILE A 68 -0.41 -5.86 8.20
CA ILE A 68 -1.13 -6.81 7.33
C ILE A 68 -2.07 -7.72 8.13
N ARG A 69 -1.58 -8.22 9.27
CA ARG A 69 -2.38 -9.09 10.15
C ARG A 69 -3.62 -8.33 10.67
N PHE A 70 -3.46 -7.03 10.88
CA PHE A 70 -4.58 -6.17 11.33
C PHE A 70 -5.59 -5.95 10.20
N VAL A 71 -5.10 -5.60 9.01
CA VAL A 71 -5.96 -5.38 7.84
C VAL A 71 -6.82 -6.62 7.53
N LYS A 72 -6.25 -7.81 7.76
CA LYS A 72 -7.00 -9.06 7.56
C LYS A 72 -8.19 -9.14 8.53
N SER A 73 -7.95 -8.77 9.79
CA SER A 73 -9.03 -8.75 10.80
C SER A 73 -10.13 -7.75 10.42
N LEU A 74 -9.76 -6.71 9.69
CA LEU A 74 -10.74 -5.77 9.13
C LEU A 74 -11.60 -6.48 8.06
N GLY A 75 -10.94 -7.23 7.18
CA GLY A 75 -11.64 -7.97 6.14
C GLY A 75 -12.11 -7.10 4.98
N ALA A 76 -11.18 -6.37 4.36
CA ALA A 76 -11.50 -5.50 3.23
C ALA A 76 -10.46 -5.64 2.11
N GLN A 77 -10.93 -5.70 0.86
CA GLN A 77 -10.05 -5.87 -0.29
C GLN A 77 -9.10 -4.66 -0.46
N VAL A 78 -7.79 -4.94 -0.46
CA VAL A 78 -6.78 -3.89 -0.62
C VAL A 78 -5.61 -4.36 -1.51
N LEU A 79 -5.00 -3.43 -2.23
CA LEU A 79 -3.79 -3.71 -3.01
C LEU A 79 -2.54 -3.34 -2.21
N ILE A 80 -1.69 -4.33 -1.95
CA ILE A 80 -0.48 -4.11 -1.14
C ILE A 80 0.78 -4.07 -2.01
N ILE A 81 1.32 -2.87 -2.22
CA ILE A 81 2.55 -2.71 -3.00
C ILE A 81 3.79 -2.67 -2.08
N ILE A 82 4.73 -3.58 -2.29
CA ILE A 82 5.92 -3.68 -1.43
C ILE A 82 7.19 -3.24 -2.18
N TYR A 83 8.07 -2.50 -1.50
CA TYR A 83 9.34 -2.05 -2.09
C TYR A 83 10.56 -2.51 -1.28
N ASP A 84 11.44 -3.27 -1.94
CA ASP A 84 12.71 -3.71 -1.36
C ASP A 84 13.68 -4.10 -2.50
N GLN A 85 14.99 -4.04 -2.25
CA GLN A 85 15.99 -4.28 -3.31
C GLN A 85 16.72 -5.62 -3.15
N ASP A 86 16.14 -6.53 -2.38
CA ASP A 86 16.65 -7.89 -2.24
C ASP A 86 15.62 -8.88 -2.82
N GLN A 87 16.01 -9.57 -3.91
CA GLN A 87 15.07 -10.45 -4.65
C GLN A 87 14.25 -11.37 -3.74
N ASN A 88 14.94 -12.22 -2.98
CA ASN A 88 14.26 -13.18 -2.12
C ASN A 88 13.50 -12.52 -0.97
N ARG A 89 14.02 -11.39 -0.45
CA ARG A 89 13.35 -10.65 0.64
C ARG A 89 12.00 -10.11 0.16
N LEU A 90 12.05 -9.31 -0.89
CA LEU A 90 10.87 -8.68 -1.49
C LEU A 90 9.77 -9.70 -1.82
N GLU A 91 10.15 -10.78 -2.48
CA GLU A 91 9.20 -11.84 -2.85
C GLU A 91 8.77 -12.68 -1.63
N GLU A 92 9.66 -12.81 -0.63
CA GLU A 92 9.37 -13.59 0.59
C GLU A 92 8.05 -13.17 1.24
N PHE A 93 7.99 -11.92 1.69
CA PHE A 93 6.79 -11.40 2.36
C PHE A 93 5.61 -11.36 1.39
N SER A 94 5.90 -11.14 0.10
CA SER A 94 4.86 -11.09 -0.94
C SER A 94 4.06 -12.40 -1.02
N ARG A 95 4.76 -13.53 -1.16
CA ARG A 95 4.09 -14.85 -1.20
C ARG A 95 3.20 -15.04 0.04
N GLU A 96 3.68 -14.60 1.20
CA GLU A 96 2.91 -14.69 2.43
C GLU A 96 1.60 -13.90 2.33
N VAL A 97 1.68 -12.64 1.87
CA VAL A 97 0.50 -11.78 1.74
C VAL A 97 -0.65 -12.49 1.00
N ARG A 98 -0.32 -13.13 -0.13
CA ARG A 98 -1.33 -13.88 -0.91
C ARG A 98 -1.85 -15.10 -0.14
N ARG A 99 -1.02 -15.65 0.74
CA ARG A 99 -1.43 -16.77 1.60
C ARG A 99 -2.26 -16.28 2.79
N ARG A 100 -2.09 -15.01 3.17
CA ARG A 100 -2.87 -14.40 4.26
C ARG A 100 -4.23 -13.93 3.73
N GLY A 101 -4.37 -13.91 2.40
CA GLY A 101 -5.66 -13.58 1.77
C GLY A 101 -5.72 -12.18 1.17
N PHE A 102 -4.59 -11.66 0.70
CA PHE A 102 -4.56 -10.32 0.08
C PHE A 102 -3.79 -10.29 -1.25
N GLU A 103 -3.96 -9.20 -1.99
CA GLU A 103 -3.23 -8.99 -3.23
C GLU A 103 -1.96 -8.17 -2.99
N VAL A 104 -0.87 -8.55 -3.63
CA VAL A 104 0.43 -7.91 -3.39
C VAL A 104 1.22 -7.72 -4.69
N ARG A 105 1.81 -6.54 -4.84
CA ARG A 105 2.63 -6.21 -6.01
C ARG A 105 3.99 -5.64 -5.60
N THR A 106 5.07 -6.29 -6.03
CA THR A 106 6.42 -5.90 -5.64
C THR A 106 7.08 -4.98 -6.67
N VAL A 107 7.72 -3.91 -6.20
CA VAL A 107 8.39 -2.95 -7.08
C VAL A 107 9.88 -2.78 -6.71
N THR A 108 10.72 -2.55 -7.72
CA THR A 108 12.17 -2.43 -7.51
C THR A 108 12.73 -1.04 -7.91
N SER A 109 11.85 -0.10 -8.24
CA SER A 109 12.27 1.27 -8.60
C SER A 109 11.06 2.21 -8.68
N PRO A 110 11.27 3.53 -8.54
CA PRO A 110 10.19 4.53 -8.73
C PRO A 110 9.53 4.43 -10.11
N ASP A 111 10.31 4.03 -11.12
CA ASP A 111 9.79 3.86 -12.48
C ASP A 111 8.94 2.59 -12.61
N ASP A 112 9.49 1.48 -12.10
CA ASP A 112 8.76 0.21 -12.06
C ASP A 112 7.48 0.35 -11.22
N PHE A 113 7.55 1.19 -10.18
CA PHE A 113 6.39 1.49 -9.33
C PHE A 113 5.28 2.20 -10.11
N LYS A 114 5.65 3.21 -10.92
CA LYS A 114 4.66 3.92 -11.75
C LYS A 114 3.87 2.96 -12.63
N LYS A 115 4.58 2.12 -13.39
CA LYS A 115 3.95 1.19 -14.34
C LYS A 115 3.04 0.18 -13.64
N SER A 116 3.28 -0.07 -12.36
CA SER A 116 2.42 -0.93 -11.55
C SER A 116 1.20 -0.17 -11.03
N LEU A 117 1.45 0.95 -10.36
CA LEU A 117 0.40 1.78 -9.78
C LEU A 117 -0.64 2.23 -10.82
N GLU A 118 -0.16 2.80 -11.94
CA GLU A 118 -1.05 3.29 -13.00
C GLU A 118 -2.01 2.20 -13.52
N ARG A 119 -1.65 0.93 -13.30
CA ARG A 119 -2.52 -0.20 -13.65
C ARG A 119 -3.49 -0.53 -12.50
N LEU A 120 -2.94 -0.79 -11.31
CA LEU A 120 -3.74 -1.18 -10.14
C LEU A 120 -4.88 -0.18 -9.85
N ILE A 121 -4.59 1.12 -10.03
CA ILE A 121 -5.60 2.17 -9.83
C ILE A 121 -6.90 1.89 -10.59
N ARG A 122 -6.77 1.46 -11.85
CA ARG A 122 -7.94 1.19 -12.69
C ARG A 122 -8.66 -0.11 -12.28
N GLU A 123 -7.92 -1.04 -11.66
CA GLU A 123 -8.50 -2.30 -11.19
C GLU A 123 -9.29 -2.13 -9.89
N VAL A 124 -8.76 -1.31 -8.97
CA VAL A 124 -9.43 -1.05 -7.68
C VAL A 124 -10.42 0.12 -7.78
N GLY A 125 -10.17 1.03 -8.72
CA GLY A 125 -11.04 2.20 -8.91
C GLY A 125 -12.37 1.87 -9.57
N SER A 126 -13.39 1.62 -8.76
CA SER A 126 -14.74 1.28 -9.25
C SER A 126 -15.78 2.32 -8.83
N LEU A 127 -16.40 2.98 -9.80
CA LEU A 127 -17.47 3.97 -9.53
C LEU A 127 -18.74 3.30 -8.97
N GLU A 128 -18.87 2.00 -9.19
CA GLU A 128 -20.05 1.24 -8.76
C GLU A 128 -20.14 1.14 -7.22
N HIS A 129 -20.97 1.99 -6.62
CA HIS A 129 -21.17 1.98 -5.17
C HIS A 129 -22.66 2.06 -4.82
N HIS A 130 -23.01 1.62 -3.62
CA HIS A 130 -24.41 1.53 -3.20
C HIS A 130 -24.92 2.84 -2.59
N HIS A 131 -25.98 3.38 -3.19
CA HIS A 131 -26.63 4.59 -2.67
C HIS A 131 -27.86 4.24 -1.83
N HIS A 132 -28.58 3.18 -2.23
CA HIS A 132 -29.76 2.72 -1.50
C HIS A 132 -29.34 1.96 -0.22
N HIS A 133 -28.95 2.70 0.81
CA HIS A 133 -28.51 2.10 2.06
C HIS A 133 -29.60 2.22 3.15
N HIS A 134 -30.74 2.82 2.78
CA HIS A 134 -31.84 3.01 3.74
C HIS A 134 -32.76 1.77 3.80
N MET A 1 -12.66 0.39 -2.99
CA MET A 1 -11.46 1.24 -3.28
C MET A 1 -10.59 1.42 -2.02
N ASN A 2 -9.41 0.79 -2.00
CA ASN A 2 -8.42 0.99 -0.92
C ASN A 2 -7.09 0.31 -1.27
N ILE A 3 -5.97 0.95 -0.90
CA ILE A 3 -4.64 0.43 -1.24
C ILE A 3 -3.59 0.80 -0.17
N VAL A 4 -2.84 -0.20 0.30
CA VAL A 4 -1.79 -0.02 1.30
C VAL A 4 -0.40 -0.33 0.70
N ILE A 5 0.51 0.63 0.76
CA ILE A 5 1.87 0.44 0.23
C ILE A 5 2.89 0.24 1.35
N VAL A 6 3.44 -0.98 1.44
CA VAL A 6 4.47 -1.31 2.43
C VAL A 6 5.87 -1.03 1.86
N VAL A 7 6.58 -0.07 2.44
CA VAL A 7 7.91 0.32 1.96
C VAL A 7 9.01 -0.01 2.99
N PHE A 8 9.97 -0.85 2.58
CA PHE A 8 11.11 -1.19 3.46
C PHE A 8 12.18 -0.09 3.44
N SER A 9 12.10 0.82 2.47
CA SER A 9 13.04 1.94 2.39
C SER A 9 12.72 3.00 3.46
N THR A 10 13.47 2.97 4.56
CA THR A 10 13.27 3.90 5.67
C THR A 10 13.97 5.25 5.43
N ASP A 11 13.93 5.73 4.19
CA ASP A 11 14.54 7.02 3.84
C ASP A 11 13.52 7.97 3.20
N GLU A 12 13.40 9.17 3.76
CA GLU A 12 12.42 10.17 3.32
C GLU A 12 12.57 10.52 1.83
N GLU A 13 13.80 10.84 1.41
CA GLU A 13 14.03 11.25 0.01
C GLU A 13 13.58 10.19 -1.00
N THR A 14 13.95 8.93 -0.77
CA THR A 14 13.50 7.82 -1.62
C THR A 14 11.97 7.68 -1.60
N LEU A 15 11.39 7.65 -0.40
CA LEU A 15 9.93 7.58 -0.24
C LEU A 15 9.24 8.81 -0.88
N ARG A 16 9.94 9.94 -0.83
CA ARG A 16 9.43 11.21 -1.38
C ARG A 16 9.24 11.10 -2.90
N LYS A 17 10.15 10.40 -3.55
CA LYS A 17 10.05 10.17 -5.00
C LYS A 17 8.77 9.37 -5.35
N PHE A 18 8.40 8.43 -4.47
CA PHE A 18 7.16 7.67 -4.64
C PHE A 18 5.93 8.55 -4.36
N LYS A 19 5.99 9.30 -3.26
CA LYS A 19 4.90 10.22 -2.88
C LYS A 19 4.70 11.31 -3.94
N ASP A 20 5.77 11.67 -4.66
CA ASP A 20 5.68 12.60 -5.79
C ASP A 20 4.82 12.01 -6.91
N ILE A 21 5.01 10.71 -7.20
CA ILE A 21 4.22 10.02 -8.21
C ILE A 21 2.73 9.97 -7.81
N ILE A 22 2.46 9.54 -6.58
CA ILE A 22 1.09 9.44 -6.06
C ILE A 22 0.33 10.78 -6.20
N LYS A 23 0.92 11.86 -5.67
CA LYS A 23 0.29 13.19 -5.76
C LYS A 23 0.14 13.64 -7.22
N LYS A 24 1.10 13.23 -8.05
CA LYS A 24 1.10 13.57 -9.48
C LYS A 24 0.00 12.81 -10.23
N ASN A 25 -0.43 11.67 -9.69
CA ASN A 25 -1.55 10.92 -10.25
C ASN A 25 -2.90 11.55 -9.86
N GLY A 26 -2.87 12.46 -8.89
CA GLY A 26 -4.09 13.13 -8.43
C GLY A 26 -4.54 12.68 -7.05
N PHE A 27 -3.84 11.69 -6.48
CA PHE A 27 -4.18 11.16 -5.15
C PHE A 27 -3.36 11.84 -4.05
N LYS A 28 -3.85 11.78 -2.82
CA LYS A 28 -3.13 12.31 -1.66
C LYS A 28 -2.37 11.18 -0.94
N VAL A 29 -1.46 11.53 -0.03
CA VAL A 29 -0.63 10.53 0.65
C VAL A 29 -0.87 10.53 2.18
N ARG A 30 -0.86 9.34 2.78
CA ARG A 30 -0.96 9.20 4.24
C ARG A 30 0.01 8.11 4.74
N THR A 31 1.17 8.52 5.24
CA THR A 31 2.22 7.56 5.64
C THR A 31 2.08 7.10 7.10
N VAL A 32 2.40 5.83 7.33
CA VAL A 32 2.33 5.23 8.67
C VAL A 32 3.73 4.79 9.14
N ARG A 33 4.08 5.12 10.38
CA ARG A 33 5.38 4.74 10.96
C ARG A 33 5.23 3.90 12.25
N SER A 34 4.01 3.81 12.77
CA SER A 34 3.76 3.10 14.04
C SER A 34 2.30 2.60 14.11
N PRO A 35 1.99 1.62 14.99
CA PRO A 35 0.63 1.05 15.11
C PRO A 35 -0.46 2.10 15.33
N GLN A 36 -0.23 3.04 16.25
CA GLN A 36 -1.20 4.11 16.54
C GLN A 36 -1.49 4.97 15.29
N GLU A 37 -0.52 5.03 14.38
CA GLU A 37 -0.68 5.79 13.13
C GLU A 37 -1.63 5.05 12.17
N LEU A 38 -1.42 3.73 12.06
CA LEU A 38 -2.27 2.89 11.20
C LEU A 38 -3.70 2.80 11.75
N LYS A 39 -3.81 2.59 13.06
CA LYS A 39 -5.11 2.54 13.74
C LYS A 39 -5.92 3.83 13.52
N ASP A 40 -5.22 4.96 13.47
CA ASP A 40 -5.87 6.26 13.26
C ASP A 40 -6.43 6.40 11.83
N SER A 41 -5.72 5.87 10.84
CA SER A 41 -6.16 5.94 9.44
C SER A 41 -7.51 5.25 9.24
N ILE A 42 -7.71 4.14 9.95
CA ILE A 42 -8.96 3.39 9.91
C ILE A 42 -10.15 4.27 10.35
N GLU A 43 -9.91 5.13 11.35
CA GLU A 43 -10.96 6.05 11.85
C GLU A 43 -11.54 6.91 10.72
N GLU A 44 -10.73 7.23 9.72
CA GLU A 44 -11.17 7.99 8.55
C GLU A 44 -11.88 7.06 7.53
N LEU A 45 -11.22 5.95 7.21
CA LEU A 45 -11.70 5.02 6.17
C LEU A 45 -13.08 4.42 6.51
N VAL A 46 -13.29 4.07 7.77
CA VAL A 46 -14.55 3.46 8.22
C VAL A 46 -15.74 4.42 8.08
N LYS A 47 -15.46 5.73 8.16
CA LYS A 47 -16.51 6.74 8.06
C LYS A 47 -16.68 7.22 6.60
N LYS A 48 -15.68 7.94 6.10
CA LYS A 48 -15.71 8.45 4.72
C LYS A 48 -14.32 8.35 4.07
N TYR A 49 -14.15 7.38 3.17
CA TYR A 49 -12.89 7.20 2.47
C TYR A 49 -12.66 8.36 1.46
N ASN A 50 -11.39 8.58 1.11
CA ASN A 50 -11.01 9.70 0.25
C ASN A 50 -9.89 9.27 -0.72
N ALA A 51 -9.70 10.04 -1.80
CA ALA A 51 -8.60 9.78 -2.74
C ALA A 51 -7.24 10.00 -2.07
N THR A 52 -6.85 9.04 -1.23
CA THR A 52 -5.60 9.13 -0.46
C THR A 52 -4.99 7.74 -0.24
N ILE A 53 -3.78 7.53 -0.76
CA ILE A 53 -3.09 6.25 -0.60
C ILE A 53 -2.30 6.18 0.72
N VAL A 54 -2.55 5.14 1.51
CA VAL A 54 -1.85 4.96 2.79
C VAL A 54 -0.56 4.14 2.60
N VAL A 55 0.57 4.72 2.98
CA VAL A 55 1.88 4.09 2.81
C VAL A 55 2.52 3.73 4.15
N VAL A 56 2.59 2.43 4.45
CA VAL A 56 3.17 1.96 5.71
C VAL A 56 4.67 1.66 5.55
N VAL A 57 5.51 2.42 6.24
CA VAL A 57 6.95 2.22 6.20
C VAL A 57 7.39 1.19 7.26
N VAL A 58 8.20 0.22 6.85
CA VAL A 58 8.63 -0.86 7.75
C VAL A 58 10.17 -0.98 7.80
N ASP A 59 10.68 -1.31 8.97
CA ASP A 59 12.13 -1.47 9.19
C ASP A 59 12.57 -2.93 9.13
N ASP A 60 11.64 -3.85 9.42
CA ASP A 60 11.95 -5.27 9.48
C ASP A 60 10.70 -6.12 9.17
N LYS A 61 10.92 -7.34 8.67
CA LYS A 61 9.83 -8.25 8.27
C LYS A 61 8.83 -8.51 9.40
N GLU A 62 9.31 -8.56 10.65
CA GLU A 62 8.43 -8.83 11.79
C GLU A 62 7.41 -7.70 12.00
N TRP A 63 7.88 -6.45 11.92
CA TRP A 63 6.99 -5.29 11.98
C TRP A 63 6.05 -5.25 10.77
N ALA A 64 6.59 -5.57 9.59
CA ALA A 64 5.78 -5.64 8.37
C ALA A 64 4.64 -6.67 8.51
N GLU A 65 4.98 -7.85 9.02
CA GLU A 65 3.99 -8.91 9.28
C GLU A 65 2.97 -8.44 10.31
N LYS A 66 3.45 -7.84 11.40
CA LYS A 66 2.59 -7.31 12.46
C LYS A 66 1.59 -6.29 11.90
N ALA A 67 2.04 -5.46 10.97
CA ALA A 67 1.17 -4.50 10.28
C ALA A 67 0.11 -5.21 9.43
N ILE A 68 0.55 -6.14 8.59
CA ILE A 68 -0.37 -6.93 7.74
C ILE A 68 -1.38 -7.72 8.59
N ARG A 69 -0.94 -8.18 9.76
CA ARG A 69 -1.81 -8.86 10.71
C ARG A 69 -2.89 -7.91 11.24
N PHE A 70 -2.49 -6.67 11.53
CA PHE A 70 -3.43 -5.63 11.98
C PHE A 70 -4.49 -5.36 10.91
N VAL A 71 -4.05 -5.35 9.64
CA VAL A 71 -4.97 -5.17 8.51
C VAL A 71 -5.89 -6.40 8.36
N LYS A 72 -5.33 -7.60 8.54
CA LYS A 72 -6.12 -8.83 8.49
C LYS A 72 -7.16 -8.87 9.63
N SER A 73 -6.85 -8.21 10.74
CA SER A 73 -7.80 -8.08 11.85
C SER A 73 -9.10 -7.42 11.39
N LEU A 74 -8.99 -6.58 10.36
CA LEU A 74 -10.15 -5.94 9.74
C LEU A 74 -10.92 -6.95 8.87
N GLY A 75 -10.19 -7.63 7.97
CA GLY A 75 -10.82 -8.58 7.06
C GLY A 75 -11.53 -7.91 5.88
N ALA A 76 -10.76 -7.47 4.89
CA ALA A 76 -11.32 -6.75 3.74
C ALA A 76 -10.46 -6.92 2.47
N GLN A 77 -11.09 -6.75 1.32
CA GLN A 77 -10.38 -6.83 0.03
C GLN A 77 -9.72 -5.49 -0.32
N VAL A 78 -8.39 -5.46 -0.24
CA VAL A 78 -7.63 -4.24 -0.54
C VAL A 78 -6.40 -4.54 -1.43
N LEU A 79 -5.89 -3.50 -2.09
CA LEU A 79 -4.69 -3.61 -2.92
C LEU A 79 -3.44 -3.32 -2.07
N ILE A 80 -2.39 -4.13 -2.20
CA ILE A 80 -1.15 -3.91 -1.44
C ILE A 80 0.09 -3.90 -2.36
N ILE A 81 1.00 -2.97 -2.10
CA ILE A 81 2.28 -2.91 -2.83
C ILE A 81 3.46 -3.03 -1.86
N ILE A 82 4.46 -3.83 -2.21
CA ILE A 82 5.66 -3.99 -1.38
C ILE A 82 6.93 -3.52 -2.13
N TYR A 83 7.65 -2.58 -1.54
CA TYR A 83 8.92 -2.10 -2.12
C TYR A 83 10.12 -2.56 -1.28
N ASP A 84 10.94 -3.44 -1.86
CA ASP A 84 12.19 -3.88 -1.26
C ASP A 84 13.13 -4.41 -2.35
N GLN A 85 14.44 -4.33 -2.12
CA GLN A 85 15.43 -4.70 -3.15
C GLN A 85 16.12 -6.05 -2.86
N ASP A 86 15.78 -6.69 -1.75
CA ASP A 86 16.34 -8.02 -1.44
C ASP A 86 15.45 -9.12 -2.05
N GLN A 87 15.92 -9.71 -3.14
CA GLN A 87 15.12 -10.66 -3.91
C GLN A 87 14.64 -11.88 -3.08
N ASN A 88 15.35 -12.17 -1.99
CA ASN A 88 15.02 -13.31 -1.14
C ASN A 88 13.93 -12.95 -0.12
N ARG A 89 14.05 -11.77 0.49
CA ARG A 89 13.09 -11.30 1.51
C ARG A 89 11.81 -10.74 0.88
N LEU A 90 11.98 -9.96 -0.19
CA LEU A 90 10.84 -9.40 -0.94
C LEU A 90 9.82 -10.47 -1.32
N GLU A 91 10.27 -11.47 -2.07
CA GLU A 91 9.40 -12.58 -2.51
C GLU A 91 8.89 -13.40 -1.33
N GLU A 92 9.76 -13.67 -0.34
CA GLU A 92 9.36 -14.40 0.86
C GLU A 92 8.12 -13.78 1.52
N PHE A 93 8.22 -12.51 1.87
CA PHE A 93 7.13 -11.79 2.53
C PHE A 93 5.92 -11.64 1.59
N SER A 94 6.20 -11.36 0.31
CA SER A 94 5.14 -11.18 -0.71
C SER A 94 4.19 -12.38 -0.78
N ARG A 95 4.76 -13.58 -1.00
CA ARG A 95 3.95 -14.80 -1.12
C ARG A 95 3.05 -15.01 0.10
N GLU A 96 3.63 -14.84 1.30
CA GLU A 96 2.88 -15.01 2.55
C GLU A 96 1.72 -14.01 2.66
N VAL A 97 2.00 -12.73 2.45
CA VAL A 97 0.95 -11.69 2.49
C VAL A 97 -0.21 -12.04 1.54
N ARG A 98 0.13 -12.48 0.34
CA ARG A 98 -0.88 -12.87 -0.66
C ARG A 98 -1.71 -14.07 -0.17
N ARG A 99 -1.04 -15.02 0.49
CA ARG A 99 -1.69 -16.22 1.02
C ARG A 99 -2.74 -15.88 2.08
N ARG A 100 -2.53 -14.78 2.80
CA ARG A 100 -3.42 -14.36 3.88
C ARG A 100 -4.76 -13.82 3.36
N GLY A 101 -4.81 -13.53 2.06
CA GLY A 101 -6.04 -13.03 1.44
C GLY A 101 -5.92 -11.57 0.99
N PHE A 102 -4.74 -11.17 0.52
CA PHE A 102 -4.51 -9.80 0.04
C PHE A 102 -3.89 -9.79 -1.36
N GLU A 103 -4.39 -8.91 -2.23
CA GLU A 103 -3.83 -8.73 -3.58
C GLU A 103 -2.56 -7.88 -3.52
N VAL A 104 -1.41 -8.54 -3.45
CA VAL A 104 -0.12 -7.85 -3.29
C VAL A 104 0.71 -7.83 -4.59
N ARG A 105 1.34 -6.70 -4.86
CA ARG A 105 2.26 -6.54 -5.99
C ARG A 105 3.63 -6.03 -5.50
N THR A 106 4.70 -6.55 -6.08
CA THR A 106 6.07 -6.19 -5.65
C THR A 106 6.79 -5.36 -6.71
N VAL A 107 7.50 -4.33 -6.26
CA VAL A 107 8.26 -3.44 -7.15
C VAL A 107 9.72 -3.32 -6.69
N THR A 108 10.65 -3.42 -7.62
CA THR A 108 12.10 -3.36 -7.32
C THR A 108 12.70 -1.96 -7.57
N SER A 109 12.06 -1.18 -8.44
CA SER A 109 12.58 0.14 -8.81
C SER A 109 11.47 1.19 -8.92
N PRO A 110 11.81 2.49 -8.79
CA PRO A 110 10.82 3.59 -8.89
C PRO A 110 10.01 3.56 -10.20
N ASP A 111 10.67 3.31 -11.32
CA ASP A 111 10.00 3.21 -12.62
C ASP A 111 8.93 2.11 -12.62
N ASP A 112 9.30 0.92 -12.14
CA ASP A 112 8.36 -0.20 -12.00
C ASP A 112 7.16 0.18 -11.11
N PHE A 113 7.45 0.86 -10.00
CA PHE A 113 6.40 1.36 -9.10
C PHE A 113 5.44 2.29 -9.85
N LYS A 114 5.99 3.25 -10.60
CA LYS A 114 5.18 4.18 -11.39
C LYS A 114 4.26 3.44 -12.37
N LYS A 115 4.85 2.53 -13.17
CA LYS A 115 4.09 1.75 -14.16
C LYS A 115 2.99 0.89 -13.50
N SER A 116 3.35 0.18 -12.44
CA SER A 116 2.39 -0.69 -11.73
C SER A 116 1.24 0.12 -11.13
N LEU A 117 1.57 1.23 -10.48
CA LEU A 117 0.56 2.12 -9.89
C LEU A 117 -0.41 2.66 -10.97
N GLU A 118 0.14 3.11 -12.10
CA GLU A 118 -0.67 3.56 -13.24
C GLU A 118 -1.74 2.51 -13.59
N ARG A 119 -1.32 1.24 -13.67
CA ARG A 119 -2.23 0.13 -13.97
C ARG A 119 -3.21 -0.13 -12.83
N LEU A 120 -2.72 -0.05 -11.59
CA LEU A 120 -3.54 -0.33 -10.41
C LEU A 120 -4.71 0.66 -10.26
N ILE A 121 -4.46 1.93 -10.56
CA ILE A 121 -5.51 2.95 -10.50
C ILE A 121 -6.75 2.52 -11.29
N ARG A 122 -6.54 1.89 -12.44
CA ARG A 122 -7.65 1.42 -13.27
C ARG A 122 -8.18 0.05 -12.80
N GLU A 123 -7.36 -0.67 -12.04
CA GLU A 123 -7.74 -1.98 -11.47
C GLU A 123 -8.65 -1.83 -10.24
N VAL A 124 -8.34 -0.87 -9.37
CA VAL A 124 -9.05 -0.71 -8.09
C VAL A 124 -9.97 0.54 -8.07
N GLY A 125 -9.69 1.53 -8.91
CA GLY A 125 -10.46 2.78 -8.88
C GLY A 125 -11.09 3.17 -10.21
N SER A 126 -11.88 4.24 -10.19
CA SER A 126 -12.51 4.78 -11.40
C SER A 126 -12.26 6.30 -11.52
N LEU A 127 -12.84 6.93 -12.53
CA LEU A 127 -12.58 8.36 -12.79
C LEU A 127 -13.89 9.18 -12.77
N GLU A 128 -14.98 8.58 -12.30
CA GLU A 128 -16.29 9.26 -12.29
C GLU A 128 -16.49 10.07 -11.00
N HIS A 129 -16.70 11.39 -11.15
CA HIS A 129 -16.90 12.29 -10.00
C HIS A 129 -18.32 12.88 -9.96
N HIS A 130 -19.30 12.09 -10.37
CA HIS A 130 -20.71 12.53 -10.35
C HIS A 130 -21.41 12.11 -9.04
N HIS A 131 -21.46 13.03 -8.08
CA HIS A 131 -22.13 12.76 -6.79
C HIS A 131 -23.63 13.08 -6.85
N HIS A 132 -24.22 12.91 -8.04
CA HIS A 132 -25.61 13.26 -8.29
C HIS A 132 -26.58 12.39 -7.47
N HIS A 133 -27.06 12.93 -6.36
CA HIS A 133 -28.05 12.25 -5.52
C HIS A 133 -29.35 13.06 -5.46
N HIS A 134 -30.49 12.37 -5.42
CA HIS A 134 -31.80 13.03 -5.39
C HIS A 134 -32.74 12.37 -4.35
N MET A 1 -11.55 -1.54 -3.57
CA MET A 1 -12.02 -0.66 -2.46
C MET A 1 -10.93 0.31 -1.99
N ASN A 2 -9.80 -0.22 -1.52
CA ASN A 2 -8.70 0.60 -1.00
C ASN A 2 -7.34 -0.07 -1.27
N ILE A 3 -6.24 0.70 -1.20
CA ILE A 3 -4.90 0.18 -1.50
C ILE A 3 -3.87 0.55 -0.40
N VAL A 4 -3.10 -0.44 0.05
CA VAL A 4 -2.06 -0.24 1.07
C VAL A 4 -0.65 -0.47 0.49
N ILE A 5 0.29 0.41 0.81
CA ILE A 5 1.66 0.28 0.30
C ILE A 5 2.68 0.09 1.45
N VAL A 6 3.37 -1.05 1.47
CA VAL A 6 4.39 -1.35 2.49
C VAL A 6 5.80 -1.10 1.94
N VAL A 7 6.53 -0.16 2.56
CA VAL A 7 7.85 0.25 2.04
C VAL A 7 8.98 -0.03 3.04
N PHE A 8 9.88 -0.96 2.69
CA PHE A 8 11.05 -1.30 3.52
C PHE A 8 12.24 -0.35 3.30
N SER A 9 11.96 0.90 2.90
CA SER A 9 13.02 1.86 2.56
C SER A 9 13.60 2.57 3.79
N THR A 10 12.86 2.54 4.90
CA THR A 10 13.22 3.23 6.17
C THR A 10 13.20 4.76 6.04
N ASP A 11 14.00 5.32 5.13
CA ASP A 11 14.05 6.78 4.92
C ASP A 11 12.87 7.27 4.06
N GLU A 12 12.47 8.53 4.25
CA GLU A 12 11.35 9.10 3.48
C GLU A 12 11.84 9.72 2.16
N GLU A 13 13.14 9.99 2.03
CA GLU A 13 13.68 10.54 0.78
C GLU A 13 13.39 9.62 -0.42
N THR A 14 13.76 8.36 -0.30
CA THR A 14 13.46 7.35 -1.33
C THR A 14 11.95 7.19 -1.48
N LEU A 15 11.23 7.28 -0.36
CA LEU A 15 9.76 7.23 -0.36
C LEU A 15 9.15 8.46 -1.08
N ARG A 16 9.87 9.60 -1.04
CA ARG A 16 9.39 10.83 -1.69
C ARG A 16 9.19 10.61 -3.19
N LYS A 17 9.99 9.70 -3.76
CA LYS A 17 9.85 9.29 -5.16
C LYS A 17 8.49 8.61 -5.40
N PHE A 18 8.02 7.88 -4.40
CA PHE A 18 6.73 7.16 -4.48
C PHE A 18 5.55 8.12 -4.30
N LYS A 19 5.55 8.90 -3.22
CA LYS A 19 4.46 9.84 -2.93
C LYS A 19 4.34 10.90 -4.02
N ASP A 20 5.46 11.22 -4.67
CA ASP A 20 5.47 12.14 -5.83
C ASP A 20 4.56 11.60 -6.95
N ILE A 21 4.60 10.29 -7.15
CA ILE A 21 3.76 9.62 -8.17
C ILE A 21 2.28 9.60 -7.74
N ILE A 22 2.04 9.30 -6.47
CA ILE A 22 0.68 9.29 -5.91
C ILE A 22 0.00 10.67 -6.07
N LYS A 23 0.67 11.73 -5.58
CA LYS A 23 0.17 13.09 -5.70
C LYS A 23 0.11 13.54 -7.18
N LYS A 24 1.02 13.01 -8.00
CA LYS A 24 1.03 13.29 -9.43
C LYS A 24 -0.30 12.88 -10.08
N ASN A 25 -0.79 11.70 -9.69
CA ASN A 25 -2.07 11.19 -10.20
C ASN A 25 -3.28 11.84 -9.50
N GLY A 26 -3.08 12.29 -8.24
CA GLY A 26 -4.13 13.02 -7.54
C GLY A 26 -4.34 12.59 -6.09
N PHE A 27 -4.19 11.30 -5.82
CA PHE A 27 -4.47 10.73 -4.50
C PHE A 27 -3.59 11.33 -3.38
N LYS A 28 -4.11 11.34 -2.15
CA LYS A 28 -3.37 11.82 -0.98
C LYS A 28 -2.42 10.73 -0.45
N VAL A 29 -1.38 11.17 0.27
CA VAL A 29 -0.36 10.24 0.80
C VAL A 29 -0.36 10.21 2.34
N ARG A 30 -0.76 9.07 2.91
CA ARG A 30 -0.80 8.91 4.38
C ARG A 30 0.40 8.06 4.85
N THR A 31 1.46 8.72 5.29
CA THR A 31 2.69 8.03 5.70
C THR A 31 2.61 7.47 7.12
N VAL A 32 2.45 6.15 7.23
CA VAL A 32 2.46 5.48 8.54
C VAL A 32 3.91 5.19 8.99
N ARG A 33 4.21 5.52 10.24
CA ARG A 33 5.56 5.31 10.78
C ARG A 33 5.51 4.83 12.24
N SER A 34 4.31 4.73 12.80
CA SER A 34 4.12 4.32 14.19
C SER A 34 2.80 3.55 14.35
N PRO A 35 2.69 2.65 15.36
CA PRO A 35 1.46 1.86 15.60
C PRO A 35 0.19 2.73 15.67
N GLN A 36 0.32 3.96 16.18
CA GLN A 36 -0.82 4.88 16.26
C GLN A 36 -1.26 5.32 14.85
N GLU A 37 -0.28 5.63 14.00
CA GLU A 37 -0.57 6.09 12.62
C GLU A 37 -1.40 5.04 11.87
N LEU A 38 -1.02 3.77 12.00
CA LEU A 38 -1.73 2.68 11.33
C LEU A 38 -3.17 2.57 11.84
N LYS A 39 -3.33 2.48 13.16
CA LYS A 39 -4.65 2.37 13.79
C LYS A 39 -5.59 3.50 13.34
N ASP A 40 -5.10 4.73 13.42
CA ASP A 40 -5.90 5.91 13.05
C ASP A 40 -6.15 6.00 11.53
N SER A 41 -5.09 5.84 10.73
CA SER A 41 -5.19 5.95 9.26
C SER A 41 -6.31 5.06 8.69
N ILE A 42 -6.30 3.80 9.09
CA ILE A 42 -7.28 2.82 8.61
C ILE A 42 -8.73 3.24 8.92
N GLU A 43 -8.97 3.71 10.14
CA GLU A 43 -10.34 4.11 10.54
C GLU A 43 -10.72 5.47 9.91
N GLU A 44 -9.73 6.29 9.54
CA GLU A 44 -10.00 7.50 8.76
C GLU A 44 -10.54 7.13 7.37
N LEU A 45 -9.83 6.24 6.69
CA LEU A 45 -10.15 5.84 5.31
C LEU A 45 -11.58 5.30 5.16
N VAL A 46 -12.09 4.62 6.18
CA VAL A 46 -13.45 4.07 6.14
C VAL A 46 -14.51 5.17 6.35
N LYS A 47 -14.14 6.23 7.07
CA LYS A 47 -15.04 7.36 7.32
C LYS A 47 -15.01 8.34 6.14
N LYS A 48 -13.81 8.85 5.86
CA LYS A 48 -13.59 9.83 4.79
C LYS A 48 -12.22 9.58 4.12
N TYR A 49 -11.77 10.51 3.30
CA TYR A 49 -10.41 10.48 2.74
C TYR A 49 -10.10 9.19 1.97
N ASN A 50 -11.14 8.54 1.43
CA ASN A 50 -10.98 7.26 0.71
C ASN A 50 -9.99 7.41 -0.47
N ALA A 51 -9.79 8.64 -0.93
CA ALA A 51 -8.82 8.93 -1.99
C ALA A 51 -7.40 9.13 -1.44
N THR A 52 -7.17 8.66 -0.22
CA THR A 52 -5.85 8.76 0.43
C THR A 52 -5.17 7.39 0.52
N ILE A 53 -4.05 7.23 -0.19
CA ILE A 53 -3.31 5.96 -0.17
C ILE A 53 -2.47 5.85 1.12
N VAL A 54 -2.68 4.78 1.88
CA VAL A 54 -1.94 4.55 3.12
C VAL A 54 -0.59 3.85 2.86
N VAL A 55 0.50 4.54 3.13
CA VAL A 55 1.84 4.01 2.93
C VAL A 55 2.53 3.68 4.27
N VAL A 56 2.67 2.38 4.56
CA VAL A 56 3.29 1.93 5.81
C VAL A 56 4.81 1.78 5.64
N VAL A 57 5.56 2.72 6.21
CA VAL A 57 7.03 2.68 6.15
C VAL A 57 7.61 1.78 7.24
N VAL A 58 8.23 0.69 6.83
CA VAL A 58 8.73 -0.32 7.77
C VAL A 58 10.25 -0.51 7.70
N ASP A 59 10.79 -1.25 8.65
CA ASP A 59 12.21 -1.57 8.70
C ASP A 59 12.44 -2.93 9.39
N ASP A 60 11.68 -3.18 10.45
CA ASP A 60 11.71 -4.47 11.15
C ASP A 60 10.65 -5.43 10.56
N LYS A 61 10.99 -6.72 10.49
CA LYS A 61 10.11 -7.73 9.86
C LYS A 61 8.81 -7.92 10.67
N GLU A 62 8.91 -7.99 12.00
CA GLU A 62 7.73 -8.09 12.86
C GLU A 62 6.84 -6.85 12.71
N TRP A 63 7.46 -5.67 12.69
CA TRP A 63 6.75 -4.41 12.46
C TRP A 63 5.99 -4.43 11.11
N ALA A 64 6.66 -4.93 10.07
CA ALA A 64 6.04 -5.07 8.76
C ALA A 64 4.83 -6.02 8.79
N GLU A 65 5.05 -7.21 9.34
CA GLU A 65 3.99 -8.22 9.46
C GLU A 65 2.90 -7.78 10.44
N LYS A 66 3.24 -6.89 11.37
CA LYS A 66 2.27 -6.36 12.34
C LYS A 66 1.15 -5.61 11.63
N ALA A 67 1.52 -4.83 10.62
CA ALA A 67 0.56 -4.12 9.78
C ALA A 67 -0.41 -5.12 9.11
N ILE A 68 0.17 -6.08 8.38
CA ILE A 68 -0.63 -7.12 7.71
C ILE A 68 -1.49 -7.91 8.71
N ARG A 69 -0.95 -8.14 9.90
CA ARG A 69 -1.65 -8.84 10.98
C ARG A 69 -2.93 -8.09 11.37
N PHE A 70 -2.82 -6.78 11.58
CA PHE A 70 -3.95 -5.94 11.94
C PHE A 70 -4.95 -5.83 10.77
N VAL A 71 -4.43 -5.66 9.55
CA VAL A 71 -5.27 -5.62 8.35
C VAL A 71 -6.08 -6.92 8.19
N LYS A 72 -5.45 -8.05 8.51
CA LYS A 72 -6.14 -9.35 8.53
C LYS A 72 -7.32 -9.30 9.52
N SER A 73 -7.07 -8.73 10.70
CA SER A 73 -8.10 -8.57 11.73
C SER A 73 -9.29 -7.73 11.24
N LEU A 74 -9.03 -6.83 10.29
CA LEU A 74 -10.11 -6.03 9.68
C LEU A 74 -11.07 -6.92 8.90
N GLY A 75 -10.52 -7.89 8.17
CA GLY A 75 -11.34 -8.79 7.36
C GLY A 75 -11.81 -8.17 6.05
N ALA A 76 -11.23 -7.04 5.68
CA ALA A 76 -11.61 -6.34 4.45
C ALA A 76 -10.69 -6.68 3.27
N GLN A 77 -11.22 -6.52 2.06
CA GLN A 77 -10.48 -6.84 0.84
C GLN A 77 -9.80 -5.58 0.25
N VAL A 78 -8.47 -5.49 0.41
CA VAL A 78 -7.69 -4.36 -0.11
C VAL A 78 -6.51 -4.83 -0.96
N LEU A 79 -6.06 -3.98 -1.88
CA LEU A 79 -4.90 -4.28 -2.73
C LEU A 79 -3.61 -3.72 -2.09
N ILE A 80 -2.53 -4.50 -2.11
CA ILE A 80 -1.29 -4.11 -1.44
C ILE A 80 -0.08 -4.06 -2.40
N ILE A 81 0.76 -3.04 -2.25
CA ILE A 81 2.03 -2.95 -2.97
C ILE A 81 3.20 -2.94 -1.99
N ILE A 82 4.17 -3.84 -2.18
CA ILE A 82 5.32 -3.93 -1.27
C ILE A 82 6.63 -3.60 -2.00
N TYR A 83 7.48 -2.79 -1.35
CA TYR A 83 8.76 -2.37 -1.92
C TYR A 83 9.94 -2.81 -1.06
N ASP A 84 10.90 -3.50 -1.69
CA ASP A 84 12.16 -3.87 -1.05
C ASP A 84 13.28 -3.99 -2.10
N GLN A 85 14.52 -3.85 -1.65
CA GLN A 85 15.69 -3.88 -2.54
C GLN A 85 15.94 -5.26 -3.15
N ASP A 86 15.81 -6.32 -2.35
CA ASP A 86 16.11 -7.67 -2.80
C ASP A 86 14.85 -8.37 -3.34
N GLN A 87 14.93 -8.89 -4.57
CA GLN A 87 13.78 -9.52 -5.22
C GLN A 87 13.32 -10.79 -4.48
N ASN A 88 14.26 -11.62 -4.03
CA ASN A 88 13.92 -12.84 -3.30
C ASN A 88 13.33 -12.52 -1.91
N ARG A 89 13.93 -11.55 -1.23
CA ARG A 89 13.41 -11.05 0.06
C ARG A 89 11.99 -10.51 -0.11
N LEU A 90 11.79 -9.70 -1.16
CA LEU A 90 10.49 -9.13 -1.49
C LEU A 90 9.46 -10.23 -1.81
N GLU A 91 9.85 -11.18 -2.65
CA GLU A 91 9.02 -12.34 -2.98
C GLU A 91 8.60 -13.11 -1.73
N GLU A 92 9.56 -13.38 -0.84
CA GLU A 92 9.29 -14.09 0.42
C GLU A 92 8.11 -13.46 1.18
N PHE A 93 8.19 -12.17 1.45
CA PHE A 93 7.14 -11.46 2.18
C PHE A 93 5.84 -11.33 1.35
N SER A 94 6.01 -11.13 0.04
CA SER A 94 4.85 -10.98 -0.89
C SER A 94 3.99 -12.25 -0.93
N ARG A 95 4.64 -13.40 -1.09
CA ARG A 95 3.94 -14.70 -1.17
C ARG A 95 3.17 -14.98 0.13
N GLU A 96 3.78 -14.64 1.26
CA GLU A 96 3.11 -14.78 2.55
C GLU A 96 1.82 -13.94 2.59
N VAL A 97 1.94 -12.63 2.33
CA VAL A 97 0.77 -11.73 2.30
C VAL A 97 -0.34 -12.27 1.39
N ARG A 98 0.05 -12.74 0.19
CA ARG A 98 -0.90 -13.35 -0.75
C ARG A 98 -1.62 -14.55 -0.12
N ARG A 99 -0.83 -15.46 0.48
CA ARG A 99 -1.39 -16.65 1.13
C ARG A 99 -2.29 -16.28 2.32
N ARG A 100 -2.04 -15.12 2.94
CA ARG A 100 -2.88 -14.66 4.06
C ARG A 100 -4.26 -14.19 3.56
N GLY A 101 -4.39 -13.95 2.25
CA GLY A 101 -5.69 -13.64 1.66
C GLY A 101 -5.71 -12.35 0.84
N PHE A 102 -4.68 -11.52 0.96
CA PHE A 102 -4.69 -10.20 0.30
C PHE A 102 -3.95 -10.21 -1.05
N GLU A 103 -4.48 -9.44 -2.01
CA GLU A 103 -3.82 -9.26 -3.31
C GLU A 103 -2.63 -8.30 -3.17
N VAL A 104 -1.47 -8.70 -3.71
CA VAL A 104 -0.23 -7.93 -3.52
C VAL A 104 0.63 -7.88 -4.81
N ARG A 105 1.29 -6.73 -5.01
CA ARG A 105 2.28 -6.57 -6.09
C ARG A 105 3.68 -6.29 -5.54
N THR A 106 4.70 -6.54 -6.36
CA THR A 106 6.11 -6.40 -5.95
C THR A 106 6.85 -5.35 -6.79
N VAL A 107 7.55 -4.44 -6.12
CA VAL A 107 8.39 -3.44 -6.81
C VAL A 107 9.77 -3.30 -6.13
N THR A 108 10.83 -3.28 -6.93
CA THR A 108 12.20 -3.15 -6.39
C THR A 108 12.89 -1.86 -6.84
N SER A 109 12.22 -1.05 -7.64
CA SER A 109 12.74 0.26 -8.09
C SER A 109 11.61 1.29 -8.25
N PRO A 110 11.91 2.59 -8.13
CA PRO A 110 10.90 3.67 -8.24
C PRO A 110 10.09 3.61 -9.56
N ASP A 111 10.78 3.37 -10.67
CA ASP A 111 10.12 3.27 -11.98
C ASP A 111 9.13 2.09 -12.03
N ASP A 112 9.49 0.97 -11.39
CA ASP A 112 8.60 -0.18 -11.28
C ASP A 112 7.31 0.18 -10.51
N PHE A 113 7.45 1.04 -9.50
CA PHE A 113 6.29 1.50 -8.73
C PHE A 113 5.32 2.28 -9.61
N LYS A 114 5.85 3.21 -10.41
CA LYS A 114 5.05 3.95 -11.40
C LYS A 114 4.33 2.98 -12.34
N LYS A 115 5.12 2.15 -13.04
CA LYS A 115 4.60 1.17 -14.00
C LYS A 115 3.54 0.25 -13.37
N SER A 116 3.59 0.09 -12.04
CA SER A 116 2.59 -0.67 -11.29
C SER A 116 1.33 0.17 -11.00
N LEU A 117 1.53 1.30 -10.32
CA LEU A 117 0.43 2.13 -9.83
C LEU A 117 -0.44 2.68 -10.99
N GLU A 118 0.21 3.14 -12.06
CA GLU A 118 -0.50 3.68 -13.24
C GLU A 118 -1.59 2.73 -13.74
N ARG A 119 -1.31 1.43 -13.67
CA ARG A 119 -2.27 0.41 -14.12
C ARG A 119 -3.39 0.20 -13.09
N LEU A 120 -2.99 -0.06 -11.85
CA LEU A 120 -3.93 -0.37 -10.77
C LEU A 120 -5.02 0.69 -10.62
N ILE A 121 -4.63 1.97 -10.61
CA ILE A 121 -5.59 3.08 -10.50
C ILE A 121 -6.68 3.01 -11.59
N ARG A 122 -6.28 2.56 -12.78
CA ARG A 122 -7.23 2.44 -13.90
C ARG A 122 -8.15 1.22 -13.72
N GLU A 123 -7.59 0.14 -13.18
CA GLU A 123 -8.35 -1.12 -13.02
C GLU A 123 -9.35 -1.07 -11.85
N VAL A 124 -8.89 -0.62 -10.68
CA VAL A 124 -9.72 -0.60 -9.47
C VAL A 124 -10.65 0.62 -9.41
N GLY A 125 -10.22 1.74 -10.02
CA GLY A 125 -10.99 2.97 -9.96
C GLY A 125 -12.09 3.07 -11.03
N SER A 126 -12.43 1.96 -11.66
CA SER A 126 -13.47 1.95 -12.70
C SER A 126 -14.88 1.94 -12.10
N LEU A 127 -15.55 3.09 -12.14
CA LEU A 127 -16.93 3.21 -11.64
C LEU A 127 -17.96 2.84 -12.73
N GLU A 128 -17.50 2.88 -13.99
CA GLU A 128 -18.32 2.49 -15.14
C GLU A 128 -17.64 1.35 -15.91
N HIS A 129 -18.43 0.45 -16.51
CA HIS A 129 -17.90 -0.72 -17.21
C HIS A 129 -17.07 -1.60 -16.25
N HIS A 130 -17.38 -1.54 -14.96
CA HIS A 130 -16.67 -2.33 -13.95
C HIS A 130 -17.02 -3.82 -14.08
N HIS A 131 -18.21 -4.09 -14.61
CA HIS A 131 -18.62 -5.47 -14.89
C HIS A 131 -17.95 -5.98 -16.18
N HIS A 132 -16.98 -6.88 -16.03
CA HIS A 132 -16.23 -7.42 -17.17
C HIS A 132 -17.16 -8.07 -18.20
N HIS A 133 -16.64 -8.35 -19.39
CA HIS A 133 -17.41 -9.03 -20.43
C HIS A 133 -17.27 -10.56 -20.30
N HIS A 134 -18.28 -11.29 -20.79
CA HIS A 134 -18.24 -12.76 -20.79
C HIS A 134 -17.51 -13.31 -22.04
N MET A 1 -11.56 2.46 -3.01
CA MET A 1 -10.18 2.85 -3.40
C MET A 1 -9.13 2.29 -2.42
N ASN A 2 -9.44 1.17 -1.78
CA ASN A 2 -8.57 0.61 -0.74
C ASN A 2 -7.27 0.01 -1.30
N ILE A 3 -6.16 0.75 -1.16
CA ILE A 3 -4.84 0.26 -1.58
C ILE A 3 -3.74 0.68 -0.57
N VAL A 4 -2.88 -0.26 -0.21
CA VAL A 4 -1.82 -0.03 0.78
C VAL A 4 -0.42 -0.22 0.17
N ILE A 5 0.52 0.65 0.54
CA ILE A 5 1.91 0.54 0.08
C ILE A 5 2.87 0.31 1.27
N VAL A 6 3.83 -0.60 1.11
CA VAL A 6 4.81 -0.90 2.16
C VAL A 6 6.25 -0.68 1.68
N VAL A 7 7.04 0.09 2.43
CA VAL A 7 8.41 0.42 2.03
C VAL A 7 9.44 -0.24 2.97
N PHE A 8 10.15 -1.25 2.45
CA PHE A 8 11.20 -1.95 3.22
C PHE A 8 12.55 -1.20 3.17
N SER A 9 12.62 -0.16 2.35
CA SER A 9 13.85 0.64 2.22
C SER A 9 14.19 1.40 3.50
N THR A 10 13.16 1.67 4.32
CA THR A 10 13.32 2.32 5.64
C THR A 10 13.60 3.83 5.55
N ASP A 11 14.52 4.23 4.66
CA ASP A 11 14.90 5.65 4.52
C ASP A 11 13.74 6.55 4.05
N GLU A 12 13.80 7.81 4.44
CA GLU A 12 12.74 8.79 4.15
C GLU A 12 12.79 9.26 2.70
N GLU A 13 13.99 9.45 2.15
CA GLU A 13 14.15 9.93 0.77
C GLU A 13 13.46 8.97 -0.21
N THR A 14 13.52 7.67 0.07
CA THR A 14 12.86 6.67 -0.77
C THR A 14 11.34 6.90 -0.83
N LEU A 15 10.75 7.24 0.31
CA LEU A 15 9.32 7.56 0.38
C LEU A 15 9.00 8.82 -0.44
N ARG A 16 9.99 9.69 -0.60
CA ARG A 16 9.83 10.93 -1.38
C ARG A 16 9.59 10.61 -2.87
N LYS A 17 10.10 9.48 -3.34
CA LYS A 17 9.82 9.00 -4.71
C LYS A 17 8.33 8.69 -4.86
N PHE A 18 7.77 8.01 -3.86
CA PHE A 18 6.35 7.66 -3.84
C PHE A 18 5.46 8.91 -3.84
N LYS A 19 5.82 9.90 -3.03
CA LYS A 19 5.04 11.13 -2.92
C LYS A 19 4.83 11.82 -4.28
N ASP A 20 5.87 11.84 -5.11
CA ASP A 20 5.77 12.41 -6.46
C ASP A 20 4.76 11.63 -7.32
N ILE A 21 4.82 10.30 -7.22
CA ILE A 21 3.96 9.43 -8.03
C ILE A 21 2.49 9.47 -7.56
N ILE A 22 2.29 9.36 -6.25
CA ILE A 22 0.94 9.38 -5.66
C ILE A 22 0.23 10.71 -5.93
N LYS A 23 0.92 11.83 -5.65
CA LYS A 23 0.37 13.17 -5.92
C LYS A 23 0.12 13.37 -7.42
N LYS A 24 0.94 12.74 -8.25
CA LYS A 24 0.81 12.81 -9.71
C LYS A 24 -0.45 12.09 -10.21
N ASN A 25 -0.93 11.12 -9.43
CA ASN A 25 -2.20 10.44 -9.71
C ASN A 25 -3.39 11.15 -9.04
N GLY A 26 -3.11 12.25 -8.33
CA GLY A 26 -4.16 13.03 -7.69
C GLY A 26 -4.43 12.63 -6.24
N PHE A 27 -3.78 11.57 -5.78
CA PHE A 27 -4.02 11.05 -4.42
C PHE A 27 -3.10 11.72 -3.38
N LYS A 28 -3.52 11.66 -2.11
CA LYS A 28 -2.70 12.16 -1.00
C LYS A 28 -1.92 11.03 -0.31
N VAL A 29 -0.79 11.37 0.30
CA VAL A 29 0.08 10.37 0.95
C VAL A 29 -0.19 10.31 2.46
N ARG A 30 -0.69 9.15 2.93
CA ARG A 30 -0.92 8.94 4.36
C ARG A 30 0.18 8.06 4.96
N THR A 31 1.17 8.69 5.60
CA THR A 31 2.36 7.97 6.10
C THR A 31 2.12 7.26 7.43
N VAL A 32 2.54 6.00 7.50
CA VAL A 32 2.41 5.18 8.72
C VAL A 32 3.76 4.57 9.13
N ARG A 33 4.07 4.65 10.44
CA ARG A 33 5.31 4.05 10.98
C ARG A 33 5.03 3.20 12.24
N SER A 34 3.82 3.34 12.80
CA SER A 34 3.44 2.62 14.02
C SER A 34 1.95 2.22 13.97
N PRO A 35 1.52 1.18 14.73
CA PRO A 35 0.13 0.71 14.73
C PRO A 35 -0.90 1.84 14.92
N GLN A 36 -0.65 2.75 15.88
CA GLN A 36 -1.56 3.87 16.13
C GLN A 36 -1.73 4.77 14.88
N GLU A 37 -0.65 4.91 14.11
CA GLU A 37 -0.66 5.72 12.89
C GLU A 37 -1.59 5.09 11.85
N LEU A 38 -1.47 3.77 11.69
CA LEU A 38 -2.31 3.01 10.76
C LEU A 38 -3.79 3.06 11.21
N LYS A 39 -4.01 2.90 12.52
CA LYS A 39 -5.35 3.00 13.10
C LYS A 39 -5.99 4.36 12.79
N ASP A 40 -5.26 5.43 13.11
CA ASP A 40 -5.76 6.80 12.90
C ASP A 40 -6.15 7.04 11.44
N SER A 41 -5.38 6.46 10.53
CA SER A 41 -5.69 6.50 9.09
C SER A 41 -7.10 5.95 8.81
N ILE A 42 -7.38 4.77 9.34
CA ILE A 42 -8.69 4.12 9.18
C ILE A 42 -9.81 4.92 9.89
N GLU A 43 -9.53 5.36 11.13
CA GLU A 43 -10.47 6.18 11.89
C GLU A 43 -10.86 7.45 11.12
N GLU A 44 -9.97 7.89 10.23
CA GLU A 44 -10.27 8.99 9.31
C GLU A 44 -11.06 8.51 8.09
N LEU A 45 -10.54 7.50 7.39
CA LEU A 45 -11.13 7.01 6.13
C LEU A 45 -12.60 6.58 6.29
N VAL A 46 -12.98 6.14 7.50
CA VAL A 46 -14.38 5.77 7.77
C VAL A 46 -15.35 6.96 7.52
N LYS A 47 -14.83 8.18 7.67
CA LYS A 47 -15.59 9.40 7.38
C LYS A 47 -14.99 10.13 6.17
N LYS A 48 -13.70 10.44 6.27
CA LYS A 48 -12.95 11.09 5.19
C LYS A 48 -12.67 10.12 4.05
N TYR A 49 -13.60 9.94 3.12
CA TYR A 49 -13.33 9.07 1.98
C TYR A 49 -12.98 9.89 0.73
N ASN A 50 -11.68 10.13 0.55
CA ASN A 50 -11.18 10.94 -0.55
C ASN A 50 -9.90 10.29 -1.14
N ALA A 51 -9.44 10.80 -2.27
CA ALA A 51 -8.23 10.26 -2.93
C ALA A 51 -7.01 10.31 -2.01
N THR A 52 -6.78 9.24 -1.26
CA THR A 52 -5.65 9.14 -0.33
C THR A 52 -5.12 7.70 -0.22
N ILE A 53 -3.83 7.51 -0.48
CA ILE A 53 -3.19 6.20 -0.37
C ILE A 53 -2.34 6.09 0.91
N VAL A 54 -2.52 5.00 1.65
CA VAL A 54 -1.78 4.79 2.90
C VAL A 54 -0.45 4.05 2.66
N VAL A 55 0.65 4.62 3.14
CA VAL A 55 1.98 4.03 2.95
C VAL A 55 2.66 3.71 4.29
N VAL A 56 2.85 2.42 4.56
CA VAL A 56 3.50 1.95 5.79
C VAL A 56 5.02 1.77 5.58
N VAL A 57 5.81 2.63 6.22
CA VAL A 57 7.27 2.51 6.19
C VAL A 57 7.74 1.56 7.30
N VAL A 58 8.33 0.43 6.93
CA VAL A 58 8.68 -0.60 7.91
C VAL A 58 10.17 -0.61 8.28
N ASP A 59 10.44 -0.71 9.58
CA ASP A 59 11.81 -0.79 10.10
C ASP A 59 12.18 -2.25 10.46
N ASP A 60 11.18 -3.07 10.76
CA ASP A 60 11.41 -4.48 11.12
C ASP A 60 10.37 -5.40 10.46
N LYS A 61 10.75 -6.66 10.24
CA LYS A 61 9.88 -7.67 9.64
C LYS A 61 8.55 -7.82 10.41
N GLU A 62 8.63 -7.80 11.74
CA GLU A 62 7.45 -7.96 12.58
C GLU A 62 6.43 -6.83 12.33
N TRP A 63 6.90 -5.60 12.32
CA TRP A 63 6.05 -4.44 12.02
C TRP A 63 5.38 -4.60 10.64
N ALA A 64 6.14 -5.07 9.66
CA ALA A 64 5.59 -5.36 8.33
C ALA A 64 4.41 -6.33 8.42
N GLU A 65 4.60 -7.41 9.17
CA GLU A 65 3.53 -8.40 9.38
C GLU A 65 2.38 -7.83 10.20
N LYS A 66 2.69 -6.96 11.18
CA LYS A 66 1.67 -6.35 12.04
C LYS A 66 0.72 -5.46 11.25
N ALA A 67 1.25 -4.66 10.33
CA ALA A 67 0.43 -3.81 9.46
C ALA A 67 -0.53 -4.67 8.61
N ILE A 68 0.02 -5.69 7.95
CA ILE A 68 -0.79 -6.62 7.16
C ILE A 68 -1.80 -7.38 8.06
N ARG A 69 -1.36 -7.74 9.27
CA ARG A 69 -2.20 -8.47 10.22
C ARG A 69 -3.35 -7.60 10.74
N PHE A 70 -3.11 -6.29 10.86
CA PHE A 70 -4.15 -5.36 11.28
C PHE A 70 -5.26 -5.31 10.21
N VAL A 71 -4.85 -5.19 8.95
CA VAL A 71 -5.78 -5.22 7.82
C VAL A 71 -6.45 -6.61 7.69
N LYS A 72 -5.70 -7.64 8.03
CA LYS A 72 -6.22 -9.01 8.04
C LYS A 72 -7.40 -9.16 9.01
N SER A 73 -7.33 -8.47 10.14
CA SER A 73 -8.41 -8.47 11.13
C SER A 73 -9.69 -7.82 10.57
N LEU A 74 -9.51 -6.85 9.67
CA LEU A 74 -10.65 -6.18 9.02
C LEU A 74 -11.48 -7.17 8.19
N GLY A 75 -10.79 -8.08 7.50
CA GLY A 75 -11.47 -9.09 6.68
C GLY A 75 -12.03 -8.53 5.37
N ALA A 76 -11.18 -7.84 4.61
CA ALA A 76 -11.58 -7.25 3.33
C ALA A 76 -10.48 -7.40 2.27
N GLN A 77 -10.87 -7.34 1.00
CA GLN A 77 -9.91 -7.44 -0.10
C GLN A 77 -9.30 -6.07 -0.44
N VAL A 78 -7.97 -5.98 -0.35
CA VAL A 78 -7.25 -4.73 -0.66
C VAL A 78 -5.99 -5.00 -1.49
N LEU A 79 -5.58 -4.02 -2.28
CA LEU A 79 -4.37 -4.13 -3.09
C LEU A 79 -3.15 -3.68 -2.27
N ILE A 80 -2.15 -4.55 -2.12
CA ILE A 80 -0.97 -4.24 -1.32
C ILE A 80 0.32 -4.26 -2.16
N ILE A 81 1.01 -3.13 -2.24
CA ILE A 81 2.27 -3.03 -2.98
C ILE A 81 3.47 -2.98 -2.02
N ILE A 82 4.50 -3.76 -2.31
CA ILE A 82 5.72 -3.78 -1.48
C ILE A 82 6.96 -3.37 -2.29
N TYR A 83 7.73 -2.44 -1.74
CA TYR A 83 8.94 -1.93 -2.41
C TYR A 83 10.22 -2.31 -1.64
N ASP A 84 11.14 -2.97 -2.34
CA ASP A 84 12.44 -3.32 -1.78
C ASP A 84 13.51 -3.41 -2.89
N GLN A 85 14.78 -3.39 -2.51
CA GLN A 85 15.88 -3.36 -3.48
C GLN A 85 16.51 -4.75 -3.70
N ASP A 86 15.96 -5.77 -3.06
CA ASP A 86 16.42 -7.15 -3.24
C ASP A 86 15.33 -8.02 -3.90
N GLN A 87 15.72 -9.17 -4.44
CA GLN A 87 14.77 -10.10 -5.04
C GLN A 87 14.32 -11.19 -4.05
N ASN A 88 15.31 -11.84 -3.42
CA ASN A 88 15.05 -12.99 -2.55
C ASN A 88 14.13 -12.62 -1.37
N ARG A 89 14.57 -11.67 -0.54
CA ARG A 89 13.83 -11.25 0.63
C ARG A 89 12.46 -10.65 0.25
N LEU A 90 12.47 -9.80 -0.77
CA LEU A 90 11.26 -9.15 -1.28
C LEU A 90 10.19 -10.19 -1.69
N GLU A 91 10.57 -11.14 -2.54
CA GLU A 91 9.63 -12.15 -3.04
C GLU A 91 9.23 -13.16 -1.95
N GLU A 92 10.16 -13.49 -1.05
CA GLU A 92 9.88 -14.42 0.06
C GLU A 92 8.64 -13.99 0.86
N PHE A 93 8.68 -12.76 1.38
CA PHE A 93 7.57 -12.20 2.16
C PHE A 93 6.31 -12.08 1.29
N SER A 94 6.52 -11.79 0.00
CA SER A 94 5.40 -11.68 -0.96
C SER A 94 4.62 -12.99 -1.07
N ARG A 95 5.33 -14.13 -1.11
CA ARG A 95 4.70 -15.45 -1.24
C ARG A 95 3.62 -15.68 -0.17
N GLU A 96 3.96 -15.34 1.07
CA GLU A 96 3.04 -15.57 2.20
C GLU A 96 1.95 -14.50 2.29
N VAL A 97 2.30 -13.22 2.09
CA VAL A 97 1.30 -12.14 2.09
C VAL A 97 0.16 -12.46 1.12
N ARG A 98 0.52 -12.97 -0.05
CA ARG A 98 -0.46 -13.45 -1.03
C ARG A 98 -1.30 -14.59 -0.42
N ARG A 99 -0.61 -15.56 0.19
CA ARG A 99 -1.26 -16.72 0.80
C ARG A 99 -2.18 -16.33 1.98
N ARG A 100 -1.93 -15.18 2.59
CA ARG A 100 -2.77 -14.68 3.69
C ARG A 100 -4.14 -14.22 3.16
N GLY A 101 -4.20 -13.88 1.87
CA GLY A 101 -5.45 -13.44 1.26
C GLY A 101 -5.41 -11.99 0.78
N PHE A 102 -4.22 -11.52 0.39
CA PHE A 102 -4.06 -10.16 -0.14
C PHE A 102 -3.22 -10.16 -1.43
N GLU A 103 -3.65 -9.37 -2.42
CA GLU A 103 -2.90 -9.26 -3.68
C GLU A 103 -1.64 -8.39 -3.49
N VAL A 104 -0.50 -9.06 -3.27
CA VAL A 104 0.76 -8.36 -3.06
C VAL A 104 1.54 -8.16 -4.37
N ARG A 105 1.91 -6.91 -4.65
CA ARG A 105 2.65 -6.56 -5.86
C ARG A 105 4.07 -6.07 -5.49
N THR A 106 5.08 -6.71 -6.03
CA THR A 106 6.48 -6.38 -5.69
C THR A 106 7.11 -5.45 -6.74
N VAL A 107 7.64 -4.32 -6.29
CA VAL A 107 8.28 -3.34 -7.18
C VAL A 107 9.73 -3.06 -6.77
N THR A 108 10.63 -3.01 -7.75
CA THR A 108 12.06 -2.78 -7.49
C THR A 108 12.44 -1.30 -7.70
N SER A 109 12.10 -0.75 -8.87
CA SER A 109 12.44 0.66 -9.18
C SER A 109 11.21 1.56 -9.10
N PRO A 110 11.38 2.84 -8.69
CA PRO A 110 10.29 3.82 -8.63
C PRO A 110 9.62 4.06 -9.99
N ASP A 111 10.34 3.75 -11.07
CA ASP A 111 9.79 3.81 -12.43
C ASP A 111 8.83 2.64 -12.68
N ASP A 112 9.25 1.44 -12.29
CA ASP A 112 8.41 0.23 -12.39
C ASP A 112 7.16 0.38 -11.49
N PHE A 113 7.36 0.92 -10.29
CA PHE A 113 6.26 1.18 -9.36
C PHE A 113 5.16 2.04 -9.99
N LYS A 114 5.55 3.00 -10.83
CA LYS A 114 4.57 3.86 -11.51
C LYS A 114 3.60 3.04 -12.38
N LYS A 115 4.14 2.30 -13.35
CA LYS A 115 3.30 1.53 -14.27
C LYS A 115 2.53 0.41 -13.55
N SER A 116 2.97 0.08 -12.34
CA SER A 116 2.22 -0.83 -11.49
C SER A 116 1.03 -0.09 -10.83
N LEU A 117 1.34 1.01 -10.13
CA LEU A 117 0.34 1.79 -9.39
C LEU A 117 -0.77 2.34 -10.31
N GLU A 118 -0.37 3.00 -11.40
CA GLU A 118 -1.31 3.62 -12.37
C GLU A 118 -2.48 2.69 -12.72
N ARG A 119 -2.18 1.41 -12.90
CA ARG A 119 -3.18 0.43 -13.35
C ARG A 119 -3.89 -0.24 -12.16
N LEU A 120 -3.12 -0.59 -11.13
CA LEU A 120 -3.68 -1.26 -9.95
C LEU A 120 -4.81 -0.45 -9.31
N ILE A 121 -4.66 0.88 -9.24
CA ILE A 121 -5.70 1.76 -8.72
C ILE A 121 -7.03 1.57 -9.46
N ARG A 122 -6.96 1.32 -10.77
CA ARG A 122 -8.16 1.09 -11.58
C ARG A 122 -8.71 -0.32 -11.34
N GLU A 123 -7.82 -1.29 -11.19
CA GLU A 123 -8.18 -2.70 -10.99
C GLU A 123 -8.94 -2.92 -9.66
N VAL A 124 -8.51 -2.22 -8.62
CA VAL A 124 -9.15 -2.34 -7.29
C VAL A 124 -10.19 -1.24 -7.03
N GLY A 125 -10.02 -0.08 -7.70
CA GLY A 125 -10.90 1.05 -7.46
C GLY A 125 -11.98 1.25 -8.52
N SER A 126 -11.60 1.85 -9.65
CA SER A 126 -12.56 2.25 -10.68
C SER A 126 -12.97 1.08 -11.61
N LEU A 127 -13.09 -0.12 -11.05
CA LEU A 127 -13.49 -1.31 -11.83
C LEU A 127 -14.97 -1.26 -12.28
N GLU A 128 -15.78 -0.47 -11.56
CA GLU A 128 -17.22 -0.30 -11.86
C GLU A 128 -18.04 -1.57 -11.57
N HIS A 129 -17.74 -2.67 -12.28
CA HIS A 129 -18.46 -3.94 -12.13
C HIS A 129 -18.56 -4.35 -10.65
N HIS A 130 -19.79 -4.45 -10.14
CA HIS A 130 -20.03 -4.73 -8.72
C HIS A 130 -20.71 -6.10 -8.53
N HIS A 131 -19.97 -7.05 -7.98
CA HIS A 131 -20.47 -8.44 -7.81
C HIS A 131 -21.65 -8.54 -6.81
N HIS A 132 -22.05 -7.42 -6.22
CA HIS A 132 -23.20 -7.41 -5.29
C HIS A 132 -24.24 -6.35 -5.72
N HIS A 133 -25.52 -6.71 -5.66
CA HIS A 133 -26.61 -5.78 -5.97
C HIS A 133 -27.60 -5.69 -4.80
N HIS A 134 -28.13 -4.50 -4.55
CA HIS A 134 -29.07 -4.26 -3.44
C HIS A 134 -28.39 -4.52 -2.07
#